data_3IQF
#
_entry.id   3IQF
#
_cell.length_a   103.400
_cell.length_b   167.100
_cell.length_c   122.500
_cell.angle_alpha   90.00
_cell.angle_beta   113.60
_cell.angle_gamma   90.00
#
_symmetry.space_group_name_H-M   'P 1 21 1'
#
loop_
_entity.id
_entity.type
_entity.pdbx_description
1 polymer 'F420-dependent methylenetetrahydromethanopterin dehydrogenase'
2 non-polymer 1-{4-[(6S,6aR,7R)-3-amino-6,7-dimethyl-1-oxo-1,2,5,6,6a,7-hexahydro-8H-imidazo[1,5-f]pteridin-10-ium-8-yl]phenyl}-1-deoxy-5-O-{5-O-[(S)-{[(1S)-1,3-dicarboxypropyl]oxy}(hydroxy)phosphoryl]-alpha-D-ribofuranosyl}-D-ribitol
3 non-polymer 'CALCIUM ION'
4 non-polymer 'SODIUM ION'
5 water water
#
_entity_poly.entity_id   1
_entity_poly.type   'polypeptide(L)'
_entity_poly.pdbx_seq_one_letter_code
;MTVAKAIFIKCGNLGTSMMMDMLLDERADREDVEFRVVGTSVKMDPECVEAAVEMALDIAEDFEPDFIVYGGPNPAAPGP
SKAREMLADSEYPAVIIGDAPGLKVKDEMEEQGLGYILVKPDAMLGARREFLDPVEMAIYNADLMKVLAATGVFRVVQEA
FDELIEKAKEDEISENDLPKLVIDRNTLLEREEFENPYAMVKAMAALEIAENVADVSVEGCFVEQDKERYVPIVASAHEM
MRKAAELADEARELEKSNDAVLRTPHAPDGKVLSKRKFMEDPE
;
_entity_poly.pdbx_strand_id   A,B,C,D,E,F,G,H,I,J,K,L
#
loop_
_chem_comp.id
_chem_comp.type
_chem_comp.name
_chem_comp.formula
CA non-polymer 'CALCIUM ION' 'Ca 2'
E4M non-polymer 1-{4-[(6S,6aR,7R)-3-amino-6,7-dimethyl-1-oxo-1,2,5,6,6a,7-hexahydro-8H-imidazo[1,5-f]pteridin-10-ium-8-yl]phenyl}-1-deoxy-5-O-{5-O-[(S)-{[(1S)-1,3-dicarboxypropyl]oxy}(hydroxy)phosphoryl]-alpha-D-ribofuranosyl}-D-ribitol 'C31 H44 N6 O16 P 1'
NA non-polymer 'SODIUM ION' 'Na 1'
#
# COMPACT_ATOMS: atom_id res chain seq x y z
N THR A 2 -8.77 17.56 38.49
CA THR A 2 -10.19 18.01 38.69
C THR A 2 -11.13 16.89 38.23
N VAL A 3 -12.33 16.91 38.79
CA VAL A 3 -13.35 15.92 38.48
C VAL A 3 -14.41 16.66 37.68
N ALA A 4 -14.60 16.20 36.45
CA ALA A 4 -15.64 16.71 35.57
C ALA A 4 -16.96 16.05 35.96
N LYS A 5 -18.04 16.82 35.91
CA LYS A 5 -19.36 16.33 36.29
C LYS A 5 -20.34 16.56 35.16
N ALA A 6 -21.18 15.57 34.89
CA ALA A 6 -22.24 15.72 33.90
C ALA A 6 -23.49 14.98 34.32
N ILE A 7 -24.62 15.45 33.82
CA ILE A 7 -25.89 14.78 33.99
C ILE A 7 -26.36 14.29 32.63
N PHE A 8 -26.78 13.03 32.56
CA PHE A 8 -27.34 12.44 31.34
C PHE A 8 -28.81 12.26 31.55
N ILE A 9 -29.60 12.75 30.59
CA ILE A 9 -31.03 12.66 30.63
C ILE A 9 -31.42 11.72 29.49
N LYS A 10 -32.18 10.68 29.82
CA LYS A 10 -32.59 9.67 28.84
C LYS A 10 -34.13 9.60 28.75
N CYS A 11 -34.69 9.95 27.61
CA CYS A 11 -36.14 9.83 27.42
C CYS A 11 -36.37 9.17 26.08
N GLY A 12 -37.05 8.03 26.08
CA GLY A 12 -37.16 7.21 24.88
C GLY A 12 -35.89 6.40 24.84
N ASN A 13 -35.66 5.67 23.75
CA ASN A 13 -34.46 4.82 23.68
C ASN A 13 -33.84 4.84 22.32
N LEU A 14 -32.54 5.08 22.32
CA LEU A 14 -31.68 4.91 21.14
C LEU A 14 -30.52 4.05 21.60
N GLY A 15 -29.89 3.34 20.68
CA GLY A 15 -28.68 2.59 21.02
C GLY A 15 -27.62 3.51 21.63
N THR A 16 -27.46 4.68 21.05
CA THR A 16 -26.41 5.57 21.49
C THR A 16 -26.72 6.15 22.86
N SER A 17 -27.99 6.50 23.11
CA SER A 17 -28.33 7.09 24.40
C SER A 17 -28.26 6.06 25.52
N MET A 18 -28.56 4.81 25.20
CA MET A 18 -28.53 3.73 26.15
C MET A 18 -27.10 3.49 26.70
N MET A 19 -26.10 3.66 25.85
CA MET A 19 -24.72 3.35 26.20
C MET A 19 -23.88 4.56 26.52
N MET A 20 -24.36 5.76 26.20
CA MET A 20 -23.50 6.95 26.10
C MET A 20 -22.66 7.26 27.37
N ASP A 21 -23.26 7.20 28.55
CA ASP A 21 -22.49 7.42 29.77
C ASP A 21 -21.45 6.29 30.08
N MET A 22 -21.82 5.04 29.80
CA MET A 22 -20.98 3.91 30.14
C MET A 22 -19.75 3.79 29.26
N LEU A 23 -19.83 4.30 28.03
CA LEU A 23 -18.66 4.37 27.14
C LEU A 23 -17.56 5.24 27.69
N LEU A 24 -17.88 6.08 28.66
CA LEU A 24 -16.89 7.01 29.20
C LEU A 24 -16.18 6.51 30.43
N ASP A 25 -16.65 5.40 30.99
CA ASP A 25 -16.01 4.85 32.18
C ASP A 25 -16.24 3.31 32.27
N GLU A 26 -15.66 2.62 31.29
CA GLU A 26 -15.97 1.22 30.99
C GLU A 26 -15.66 0.21 32.11
N ARG A 27 -14.77 0.58 33.02
CA ARG A 27 -14.45 -0.24 34.20
C ARG A 27 -14.77 0.44 35.52
N ALA A 28 -15.45 1.58 35.47
CA ALA A 28 -15.77 2.35 36.66
C ALA A 28 -14.53 2.74 37.46
N ASP A 29 -13.38 2.90 36.82
CA ASP A 29 -12.16 3.25 37.57
C ASP A 29 -11.65 4.67 37.31
N ARG A 30 -12.39 5.46 36.55
CA ARG A 30 -12.00 6.85 36.31
C ARG A 30 -12.18 7.63 37.58
N GLU A 31 -11.16 8.38 37.95
CA GLU A 31 -11.21 9.23 39.12
C GLU A 31 -11.47 10.71 38.77
N ASP A 32 -11.64 11.00 37.49
CA ASP A 32 -11.76 12.34 37.01
C ASP A 32 -13.15 12.65 36.50
N VAL A 33 -14.12 11.76 36.73
CA VAL A 33 -15.49 12.04 36.31
C VAL A 33 -16.49 11.59 37.33
N GLU A 34 -17.64 12.26 37.37
CA GLU A 34 -18.77 11.79 38.17
C GLU A 34 -20.04 12.12 37.39
N PHE A 35 -20.91 11.12 37.24
CA PHE A 35 -22.13 11.29 36.47
C PHE A 35 -23.39 11.01 37.27
N ARG A 36 -24.45 11.70 36.88
CA ARG A 36 -25.80 11.37 37.25
C ARG A 36 -26.61 11.08 36.00
N VAL A 37 -27.51 10.13 36.13
CA VAL A 37 -28.35 9.72 35.02
C VAL A 37 -29.78 9.77 35.51
N VAL A 38 -30.64 10.51 34.79
CA VAL A 38 -32.06 10.60 35.14
C VAL A 38 -32.88 10.39 33.90
N GLY A 39 -34.13 9.99 34.06
CA GLY A 39 -35.04 9.90 32.94
C GLY A 39 -36.42 9.37 33.25
N THR A 40 -37.22 9.24 32.20
CA THR A 40 -38.61 8.80 32.31
C THR A 40 -38.79 7.51 31.50
N SER A 41 -37.73 6.72 31.39
CA SER A 41 -37.75 5.47 30.64
C SER A 41 -38.09 5.76 29.16
N VAL A 42 -38.93 4.92 28.58
CA VAL A 42 -39.26 4.98 27.16
C VAL A 42 -40.19 6.16 26.76
N LYS A 43 -40.82 6.81 27.73
CA LYS A 43 -41.79 7.85 27.36
C LYS A 43 -41.06 9.17 27.09
N MET A 44 -41.47 9.84 25.99
CA MET A 44 -40.84 11.09 25.55
C MET A 44 -41.86 12.09 24.96
N ASP A 45 -43.10 12.02 25.44
CA ASP A 45 -44.08 13.08 25.21
C ASP A 45 -43.64 14.33 26.01
N PRO A 46 -44.13 15.54 25.64
CA PRO A 46 -43.63 16.79 26.25
C PRO A 46 -43.70 16.84 27.78
N GLU A 47 -44.76 16.30 28.38
CA GLU A 47 -44.91 16.34 29.85
C GLU A 47 -43.81 15.50 30.49
N CYS A 48 -43.59 14.29 29.96
CA CYS A 48 -42.51 13.41 30.46
C CYS A 48 -41.13 14.01 30.36
N VAL A 49 -40.85 14.60 29.21
CA VAL A 49 -39.54 15.18 28.97
C VAL A 49 -39.31 16.38 29.87
N GLU A 50 -40.34 17.21 30.06
CA GLU A 50 -40.22 18.34 30.97
C GLU A 50 -39.90 17.81 32.36
N ALA A 51 -40.62 16.78 32.79
CA ALA A 51 -40.38 16.15 34.09
C ALA A 51 -38.94 15.67 34.19
N ALA A 52 -38.46 15.04 33.12
CA ALA A 52 -37.08 14.57 33.08
C ALA A 52 -36.09 15.71 33.24
N VAL A 53 -36.24 16.73 32.41
CA VAL A 53 -35.29 17.85 32.44
C VAL A 53 -35.36 18.59 33.79
N GLU A 54 -36.56 18.67 34.36
CA GLU A 54 -36.75 19.29 35.69
C GLU A 54 -36.03 18.54 36.82
N MET A 55 -36.11 17.20 36.78
CA MET A 55 -35.30 16.33 37.64
C MET A 55 -33.83 16.69 37.49
N ALA A 56 -33.36 16.80 36.26
CA ALA A 56 -31.95 17.08 35.99
C ALA A 56 -31.54 18.42 36.55
N LEU A 57 -32.36 19.44 36.31
CA LEU A 57 -32.04 20.80 36.75
C LEU A 57 -32.09 20.89 38.27
N ASP A 58 -33.03 20.17 38.88
CA ASP A 58 -33.13 20.11 40.35
C ASP A 58 -31.86 19.53 40.95
N ILE A 59 -31.43 18.40 40.40
CA ILE A 59 -30.17 17.78 40.81
C ILE A 59 -28.98 18.69 40.55
N ALA A 60 -29.02 19.41 39.41
CA ALA A 60 -27.91 20.29 39.00
C ALA A 60 -27.60 21.39 39.98
N GLU A 61 -28.62 21.89 40.68
CA GLU A 61 -28.44 22.93 41.67
C GLU A 61 -27.41 22.53 42.74
N ASP A 62 -27.48 21.28 43.21
CA ASP A 62 -26.52 20.76 44.17
C ASP A 62 -25.32 20.08 43.49
N PHE A 63 -25.57 19.41 42.36
CA PHE A 63 -24.52 18.61 41.71
C PHE A 63 -23.52 19.48 40.93
N GLU A 64 -24.00 20.60 40.40
CA GLU A 64 -23.17 21.55 39.64
C GLU A 64 -22.41 20.87 38.49
N PRO A 65 -23.15 20.27 37.54
CA PRO A 65 -22.49 19.62 36.41
C PRO A 65 -21.81 20.60 35.49
N ASP A 66 -20.75 20.15 34.81
CA ASP A 66 -20.06 20.97 33.82
C ASP A 66 -20.84 21.03 32.51
N PHE A 67 -21.58 19.95 32.21
CA PHE A 67 -22.47 19.93 31.06
C PHE A 67 -23.56 18.89 31.26
N ILE A 68 -24.58 18.97 30.41
CA ILE A 68 -25.75 18.12 30.49
C ILE A 68 -26.02 17.53 29.15
N VAL A 69 -26.33 16.23 29.13
CA VAL A 69 -26.59 15.52 27.87
C VAL A 69 -28.02 15.01 27.86
N TYR A 70 -28.74 15.33 26.80
CA TYR A 70 -30.06 14.80 26.55
C TYR A 70 -29.95 13.84 25.38
N GLY A 71 -30.42 12.61 25.61
CA GLY A 71 -30.39 11.64 24.59
C GLY A 71 -31.69 10.89 24.40
N GLY A 72 -32.03 10.70 23.15
CA GLY A 72 -33.19 9.89 22.82
C GLY A 72 -33.60 10.17 21.38
N PRO A 73 -34.64 9.49 20.90
CA PRO A 73 -35.10 9.66 19.53
C PRO A 73 -35.56 11.07 19.14
N ASN A 74 -35.33 11.38 17.88
CA ASN A 74 -35.92 12.49 17.20
C ASN A 74 -35.94 13.83 17.97
N PRO A 75 -34.81 14.56 17.92
CA PRO A 75 -34.70 15.93 18.44
C PRO A 75 -35.78 16.89 17.95
N ALA A 76 -36.36 16.60 16.79
CA ALA A 76 -37.37 17.46 16.18
C ALA A 76 -38.78 17.21 16.74
N ALA A 77 -38.98 16.12 17.47
CA ALA A 77 -40.33 15.83 17.98
C ALA A 77 -40.70 16.74 19.14
N PRO A 78 -42.00 16.77 19.54
CA PRO A 78 -42.45 17.73 20.56
C PRO A 78 -41.73 17.61 21.89
N GLY A 79 -41.58 16.39 22.37
CA GLY A 79 -40.94 16.19 23.68
C GLY A 79 -39.51 16.70 23.70
N PRO A 80 -38.67 16.12 22.81
CA PRO A 80 -37.28 16.55 22.66
C PRO A 80 -37.10 18.03 22.35
N SER A 81 -38.03 18.65 21.59
CA SER A 81 -37.96 20.08 21.31
C SER A 81 -38.12 20.88 22.61
N LYS A 82 -38.94 20.37 23.52
CA LYS A 82 -39.13 21.00 24.82
C LYS A 82 -37.85 20.90 25.65
N ALA A 83 -37.17 19.75 25.60
CA ALA A 83 -35.87 19.62 26.33
C ALA A 83 -34.82 20.59 25.80
N ARG A 84 -34.76 20.70 24.47
CA ARG A 84 -33.83 21.61 23.80
C ARG A 84 -34.05 23.04 24.27
N GLU A 85 -35.34 23.45 24.32
CA GLU A 85 -35.74 24.78 24.79
C GLU A 85 -35.33 25.05 26.26
N MET A 86 -35.64 24.09 27.13
CA MET A 86 -35.27 24.15 28.55
C MET A 86 -33.75 24.17 28.77
N LEU A 87 -33.04 23.32 28.04
CA LEU A 87 -31.58 23.21 28.21
C LEU A 87 -30.84 24.41 27.59
N ALA A 88 -31.33 24.88 26.45
CA ALA A 88 -30.78 26.08 25.81
C ALA A 88 -30.92 27.30 26.72
N ASP A 89 -32.08 27.41 27.37
CA ASP A 89 -32.38 28.46 28.34
C ASP A 89 -31.54 28.37 29.63
N SER A 90 -31.11 27.16 29.98
CA SER A 90 -30.37 26.96 31.23
C SER A 90 -28.97 27.54 31.15
N GLU A 91 -28.33 27.59 32.32
CA GLU A 91 -26.94 28.01 32.48
C GLU A 91 -25.94 26.92 32.05
N TYR A 92 -26.40 25.70 31.84
CA TYR A 92 -25.48 24.60 31.58
C TYR A 92 -25.26 24.35 30.09
N PRO A 93 -23.98 24.20 29.68
CA PRO A 93 -23.74 23.68 28.36
C PRO A 93 -24.47 22.38 28.18
N ALA A 94 -25.04 22.15 27.00
CA ALA A 94 -25.81 20.95 26.76
C ALA A 94 -25.56 20.36 25.38
N VAL A 95 -25.60 19.03 25.29
CA VAL A 95 -25.42 18.27 24.05
C VAL A 95 -26.65 17.41 23.86
N ILE A 96 -27.15 17.40 22.63
CA ILE A 96 -28.29 16.57 22.26
C ILE A 96 -27.84 15.35 21.43
N ILE A 97 -28.11 14.17 21.97
CA ILE A 97 -27.84 12.93 21.26
C ILE A 97 -29.11 12.48 20.59
N GLY A 98 -29.06 12.27 19.28
CA GLY A 98 -30.23 11.81 18.55
C GLY A 98 -29.91 10.99 17.33
N ASP A 99 -30.90 10.93 16.44
CA ASP A 99 -30.88 10.06 15.27
C ASP A 99 -31.12 10.91 14.00
N ALA A 100 -31.29 10.26 12.85
CA ALA A 100 -31.37 10.96 11.57
C ALA A 100 -32.46 12.06 11.49
N PRO A 101 -33.68 11.78 12.02
CA PRO A 101 -34.71 12.82 12.07
C PRO A 101 -34.28 14.13 12.75
N GLY A 102 -33.29 14.07 13.64
CA GLY A 102 -32.68 15.27 14.21
C GLY A 102 -32.07 16.24 13.23
N LEU A 103 -31.71 15.77 12.03
CA LEU A 103 -31.15 16.64 11.00
C LEU A 103 -32.07 17.79 10.62
N LYS A 104 -33.37 17.56 10.73
CA LYS A 104 -34.37 18.62 10.54
C LYS A 104 -34.20 19.85 11.43
N VAL A 105 -33.62 19.68 12.62
CA VAL A 105 -33.48 20.78 13.57
C VAL A 105 -32.01 21.06 13.91
N LYS A 106 -31.13 20.68 12.99
CA LYS A 106 -29.70 20.86 13.17
C LYS A 106 -29.33 22.32 13.29
N ASP A 107 -29.81 23.13 12.35
CA ASP A 107 -29.54 24.56 12.35
C ASP A 107 -30.15 25.23 13.54
N GLU A 108 -31.37 24.81 13.89
CA GLU A 108 -32.07 25.30 15.07
C GLU A 108 -31.26 25.03 16.34
N MET A 109 -30.74 23.82 16.48
CA MET A 109 -29.89 23.48 17.60
C MET A 109 -28.64 24.37 17.65
N GLU A 110 -28.02 24.64 16.51
CA GLU A 110 -26.84 25.53 16.51
C GLU A 110 -27.23 26.93 16.96
N GLU A 111 -28.38 27.41 16.51
CA GLU A 111 -28.92 28.72 16.93
C GLU A 111 -29.23 28.75 18.41
N GLN A 112 -29.69 27.61 18.93
CA GLN A 112 -29.95 27.46 20.36
C GLN A 112 -28.69 27.45 21.21
N GLY A 113 -27.52 27.29 20.60
CA GLY A 113 -26.26 27.18 21.33
C GLY A 113 -26.02 25.79 21.91
N LEU A 114 -26.66 24.77 21.32
CA LEU A 114 -26.57 23.40 21.84
C LEU A 114 -25.64 22.58 20.96
N GLY A 115 -24.93 21.64 21.56
CA GLY A 115 -24.19 20.64 20.83
C GLY A 115 -25.11 19.52 20.38
N TYR A 116 -24.62 18.70 19.45
CA TYR A 116 -25.37 17.51 19.06
C TYR A 116 -24.44 16.46 18.50
N ILE A 117 -24.89 15.20 18.67
CA ILE A 117 -24.34 14.06 18.04
C ILE A 117 -25.53 13.33 17.46
N LEU A 118 -25.65 13.36 16.13
CA LEU A 118 -26.77 12.73 15.44
C LEU A 118 -26.26 11.49 14.71
N VAL A 119 -26.79 10.34 15.11
CA VAL A 119 -26.28 9.07 14.66
C VAL A 119 -27.30 8.48 13.70
N LYS A 120 -27.00 8.56 12.42
CA LYS A 120 -27.95 8.12 11.40
C LYS A 120 -28.25 6.62 11.43
N PRO A 121 -27.23 5.76 11.63
CA PRO A 121 -27.46 4.34 11.80
C PRO A 121 -28.22 3.90 13.07
N ASP A 122 -28.44 4.81 14.02
CA ASP A 122 -29.25 4.50 15.22
C ASP A 122 -30.73 4.49 14.88
N ALA A 123 -31.14 3.46 14.16
CA ALA A 123 -32.41 3.44 13.42
C ALA A 123 -33.61 3.14 14.31
N MET A 124 -34.74 3.79 14.02
CA MET A 124 -35.98 3.40 14.69
C MET A 124 -36.35 1.95 14.35
N LEU A 125 -36.85 1.24 15.36
CA LEU A 125 -37.27 -0.14 15.21
C LEU A 125 -38.73 -0.26 14.72
N GLY A 126 -39.19 -1.50 14.56
CA GLY A 126 -40.47 -1.81 13.94
C GLY A 126 -41.57 -1.85 14.98
N ALA A 127 -41.95 -0.69 15.46
CA ALA A 127 -42.80 -0.56 16.65
C ALA A 127 -44.33 -0.68 16.32
N ARG A 128 -44.73 -1.90 15.96
CA ARG A 128 -46.12 -2.25 15.77
C ARG A 128 -46.43 -3.38 16.76
N ARG A 129 -47.56 -3.28 17.46
CA ARG A 129 -47.90 -4.23 18.54
C ARG A 129 -47.88 -5.71 18.11
N GLU A 130 -48.25 -5.96 16.85
CA GLU A 130 -48.37 -7.33 16.34
C GLU A 130 -47.00 -8.01 16.20
N PHE A 131 -45.93 -7.21 16.19
CA PHE A 131 -44.58 -7.73 16.01
C PHE A 131 -43.67 -7.43 17.19
N LEU A 132 -43.67 -6.17 17.66
CA LEU A 132 -42.74 -5.75 18.72
C LEU A 132 -43.26 -5.97 20.14
N ASP A 133 -42.79 -7.06 20.75
CA ASP A 133 -42.93 -7.28 22.18
C ASP A 133 -41.60 -6.96 22.88
N PRO A 134 -41.58 -7.03 24.20
CA PRO A 134 -40.31 -6.72 24.89
C PRO A 134 -39.08 -7.49 24.41
N VAL A 135 -39.22 -8.79 24.19
CA VAL A 135 -38.13 -9.61 23.70
C VAL A 135 -37.58 -9.15 22.34
N GLU A 136 -38.49 -8.91 21.40
CA GLU A 136 -38.10 -8.47 20.08
C GLU A 136 -37.43 -7.09 20.13
N MET A 137 -37.99 -6.23 20.96
CA MET A 137 -37.36 -4.93 21.22
C MET A 137 -35.87 -5.10 21.71
N ALA A 138 -35.67 -6.04 22.63
CA ALA A 138 -34.34 -6.30 23.20
C ALA A 138 -33.38 -6.94 22.20
N ILE A 139 -33.90 -7.88 21.42
CA ILE A 139 -33.13 -8.49 20.33
C ILE A 139 -32.65 -7.43 19.33
N TYR A 140 -33.54 -6.57 18.88
CA TYR A 140 -33.13 -5.50 17.97
C TYR A 140 -32.06 -4.62 18.59
N ASN A 141 -32.26 -4.23 19.84
CA ASN A 141 -31.28 -3.42 20.54
C ASN A 141 -29.95 -4.14 20.66
N ALA A 142 -29.96 -5.45 20.81
CA ALA A 142 -28.70 -6.19 20.85
C ALA A 142 -27.97 -6.09 19.52
N ASP A 143 -28.70 -6.31 18.42
CA ASP A 143 -28.13 -6.21 17.06
C ASP A 143 -27.61 -4.79 16.79
N LEU A 144 -28.42 -3.79 17.10
CA LEU A 144 -27.98 -2.42 16.90
C LEU A 144 -26.73 -2.06 17.71
N MET A 145 -26.69 -2.48 18.97
CA MET A 145 -25.55 -2.23 19.82
C MET A 145 -24.27 -2.86 19.25
N LYS A 146 -24.39 -4.06 18.73
CA LYS A 146 -23.28 -4.73 18.06
C LYS A 146 -22.79 -3.94 16.85
N VAL A 147 -23.73 -3.45 16.04
CA VAL A 147 -23.38 -2.62 14.91
C VAL A 147 -22.66 -1.34 15.39
N LEU A 148 -23.25 -0.63 16.36
CA LEU A 148 -22.69 0.65 16.73
C LEU A 148 -21.34 0.49 17.43
N ALA A 149 -21.17 -0.62 18.12
CA ALA A 149 -19.93 -0.89 18.82
C ALA A 149 -18.85 -1.39 17.85
N ALA A 150 -19.13 -2.47 17.14
CA ALA A 150 -18.12 -3.11 16.31
C ALA A 150 -17.74 -2.33 15.05
N THR A 151 -18.57 -1.41 14.58
CA THR A 151 -18.19 -0.55 13.43
C THR A 151 -17.31 0.62 13.84
N GLY A 152 -17.25 0.90 15.14
CA GLY A 152 -16.49 2.04 15.61
C GLY A 152 -17.29 3.29 15.89
N VAL A 153 -18.62 3.26 15.68
CA VAL A 153 -19.45 4.44 15.94
C VAL A 153 -19.36 4.85 17.40
N PHE A 154 -19.42 3.88 18.29
CA PHE A 154 -19.30 4.21 19.70
C PHE A 154 -17.97 4.87 20.05
N ARG A 155 -16.90 4.54 19.34
CA ARG A 155 -15.62 5.16 19.59
C ARG A 155 -15.62 6.63 19.21
N VAL A 156 -16.37 6.96 18.18
CA VAL A 156 -16.56 8.34 17.76
C VAL A 156 -17.27 9.13 18.85
N VAL A 157 -18.32 8.53 19.42
CA VAL A 157 -19.05 9.13 20.54
C VAL A 157 -18.18 9.24 21.81
N GLN A 158 -17.43 8.19 22.11
CA GLN A 158 -16.50 8.22 23.25
C GLN A 158 -15.55 9.40 23.11
N GLU A 159 -14.93 9.52 21.94
CA GLU A 159 -13.95 10.59 21.73
C GLU A 159 -14.54 12.00 21.84
N ALA A 160 -15.74 12.19 21.33
CA ALA A 160 -16.38 13.48 21.38
C ALA A 160 -16.58 13.91 22.84
N PHE A 161 -17.04 12.98 23.68
CA PHE A 161 -17.25 13.29 25.10
C PHE A 161 -15.98 13.43 25.90
N ASP A 162 -14.98 12.62 25.59
CA ASP A 162 -13.70 12.69 26.25
C ASP A 162 -13.04 14.03 25.97
N GLU A 163 -13.19 14.54 24.74
CA GLU A 163 -12.72 15.90 24.42
C GLU A 163 -13.45 16.96 25.24
N LEU A 164 -14.77 16.84 25.31
CA LEU A 164 -15.60 17.80 26.05
C LEU A 164 -15.26 17.76 27.54
N ILE A 165 -15.04 16.57 28.05
CA ILE A 165 -14.66 16.39 29.47
C ILE A 165 -13.34 17.09 29.76
N GLU A 166 -12.34 16.89 28.89
CA GLU A 166 -11.05 17.56 29.11
C GLU A 166 -11.20 19.09 29.12
N LYS A 167 -12.04 19.64 28.24
CA LYS A 167 -12.32 21.09 28.25
C LYS A 167 -13.04 21.50 29.53
N ALA A 168 -13.97 20.66 30.02
CA ALA A 168 -14.63 20.88 31.32
C ALA A 168 -13.62 21.00 32.45
N LYS A 169 -12.53 20.25 32.36
CA LYS A 169 -11.51 20.28 33.42
C LYS A 169 -10.64 21.53 33.43
N GLU A 170 -10.69 22.33 32.35
CA GLU A 170 -10.08 23.67 32.30
C GLU A 170 -11.14 24.79 32.26
N ASP A 171 -12.14 24.69 33.15
CA ASP A 171 -13.34 25.56 33.24
C ASP A 171 -14.08 25.91 31.92
N GLU A 172 -13.36 26.43 30.94
CA GLU A 172 -14.03 27.05 29.79
C GLU A 172 -14.70 26.05 28.84
N ILE A 173 -15.88 25.53 29.23
CA ILE A 173 -16.77 25.02 28.19
C ILE A 173 -17.53 26.18 27.54
N SER A 174 -17.14 26.52 26.32
CA SER A 174 -17.84 27.52 25.53
C SER A 174 -18.68 26.81 24.47
N GLU A 175 -19.57 27.56 23.80
CA GLU A 175 -20.37 27.02 22.67
C GLU A 175 -19.50 26.39 21.57
N ASN A 176 -18.31 26.97 21.34
CA ASN A 176 -17.35 26.45 20.36
C ASN A 176 -16.81 25.07 20.69
N ASP A 177 -16.82 24.72 21.98
CA ASP A 177 -16.33 23.42 22.42
C ASP A 177 -17.35 22.30 22.23
N LEU A 178 -18.62 22.65 22.07
CA LEU A 178 -19.68 21.67 22.07
C LEU A 178 -19.61 20.84 20.79
N PRO A 179 -19.79 19.51 20.88
CA PRO A 179 -19.73 18.69 19.67
C PRO A 179 -20.83 19.05 18.69
N LYS A 180 -20.54 18.95 17.40
CA LYS A 180 -21.54 19.11 16.37
C LYS A 180 -21.29 18.03 15.31
N LEU A 181 -21.73 16.81 15.61
CA LEU A 181 -21.40 15.65 14.80
C LEU A 181 -22.62 15.03 14.20
N VAL A 182 -22.50 14.63 12.93
CA VAL A 182 -23.47 13.76 12.26
C VAL A 182 -22.72 12.50 11.78
N ILE A 183 -23.10 11.34 12.33
CA ILE A 183 -22.39 10.12 12.12
C ILE A 183 -23.17 9.24 11.15
N ASP A 184 -22.47 8.70 10.17
CA ASP A 184 -23.06 7.74 9.26
C ASP A 184 -21.99 6.87 8.65
N ARG A 185 -22.37 6.00 7.72
CA ARG A 185 -21.44 5.13 6.98
C ARG A 185 -20.11 5.81 6.61
N ASN A 186 -20.19 7.01 6.04
CA ASN A 186 -19.04 7.73 5.51
C ASN A 186 -18.12 8.29 6.59
N THR A 187 -18.58 8.31 7.83
CA THR A 187 -17.74 8.70 8.98
C THR A 187 -16.49 7.84 9.11
N LEU A 188 -16.62 6.58 8.75
CA LEU A 188 -15.48 5.66 8.79
C LEU A 188 -14.36 6.01 7.86
N LEU A 189 -14.66 6.72 6.79
CA LEU A 189 -13.65 7.08 5.82
C LEU A 189 -12.64 8.08 6.39
N GLU A 190 -13.01 8.82 7.43
CA GLU A 190 -12.11 9.81 7.98
C GLU A 190 -11.41 9.28 9.23
N ARG A 191 -11.59 7.99 9.52
CA ARG A 191 -11.01 7.41 10.73
C ARG A 191 -9.99 6.36 10.37
N GLU A 192 -9.27 5.89 11.38
CA GLU A 192 -8.28 4.84 11.21
C GLU A 192 -8.70 3.68 12.13
N GLU A 193 -9.99 3.43 12.21
CA GLU A 193 -10.50 2.40 13.08
C GLU A 193 -9.90 1.02 12.72
N PHE A 194 -9.96 0.66 11.45
CA PHE A 194 -9.72 -0.68 10.99
C PHE A 194 -8.37 -0.76 10.29
N GLU A 195 -7.51 -1.67 10.70
CA GLU A 195 -6.27 -1.97 10.01
C GLU A 195 -6.57 -2.62 8.66
N ASN A 196 -7.59 -3.48 8.60
CA ASN A 196 -7.91 -4.19 7.35
C ASN A 196 -8.96 -3.42 6.55
N PRO A 197 -8.68 -3.15 5.30
CA PRO A 197 -9.62 -2.35 4.50
C PRO A 197 -10.97 -3.06 4.25
N TYR A 198 -10.99 -4.39 4.22
CA TYR A 198 -12.25 -5.13 4.05
C TYR A 198 -13.12 -5.11 5.32
N ALA A 199 -12.45 -5.06 6.51
CA ALA A 199 -13.12 -4.84 7.77
C ALA A 199 -13.81 -3.49 7.73
N MET A 200 -13.11 -2.48 7.23
CA MET A 200 -13.73 -1.15 7.07
C MET A 200 -14.94 -1.16 6.15
N VAL A 201 -14.83 -1.79 4.99
CA VAL A 201 -15.91 -1.77 4.05
C VAL A 201 -17.07 -2.61 4.49
N LYS A 202 -16.78 -3.71 5.21
CA LYS A 202 -17.86 -4.49 5.83
C LYS A 202 -18.55 -3.66 6.89
N ALA A 203 -17.79 -2.93 7.69
CA ALA A 203 -18.38 -2.03 8.68
C ALA A 203 -19.22 -0.93 8.05
N MET A 204 -18.73 -0.37 6.94
CA MET A 204 -19.50 0.65 6.17
C MET A 204 -20.81 0.07 5.68
N ALA A 205 -20.77 -1.16 5.15
CA ALA A 205 -21.97 -1.84 4.73
C ALA A 205 -22.98 -2.03 5.87
N ALA A 206 -22.50 -2.43 7.06
CA ALA A 206 -23.33 -2.57 8.22
C ALA A 206 -24.04 -1.24 8.55
N LEU A 207 -23.29 -0.15 8.53
CA LEU A 207 -23.84 1.14 8.86
C LEU A 207 -24.85 1.60 7.82
N GLU A 208 -24.58 1.29 6.54
CA GLU A 208 -25.53 1.64 5.48
C GLU A 208 -26.85 0.88 5.70
N ILE A 209 -26.76 -0.42 5.96
CA ILE A 209 -27.93 -1.22 6.15
C ILE A 209 -28.72 -0.68 7.38
N ALA A 210 -28.00 -0.47 8.48
CA ALA A 210 -28.60 0.07 9.72
C ALA A 210 -29.35 1.38 9.45
N GLU A 211 -28.73 2.28 8.70
CA GLU A 211 -29.38 3.53 8.33
C GLU A 211 -30.65 3.33 7.46
N ASN A 212 -30.57 2.36 6.56
CA ASN A 212 -31.69 1.99 5.72
C ASN A 212 -32.84 1.38 6.51
N VAL A 213 -32.54 0.76 7.65
CA VAL A 213 -33.58 0.18 8.52
C VAL A 213 -34.63 1.24 8.87
N ALA A 214 -34.20 2.47 9.13
CA ALA A 214 -35.07 3.49 9.59
C ALA A 214 -36.20 3.79 8.62
N ASP A 215 -35.89 3.83 7.32
CA ASP A 215 -36.93 4.10 6.32
C ASP A 215 -37.96 2.98 6.24
N VAL A 216 -37.52 1.75 6.48
CA VAL A 216 -38.44 0.64 6.42
C VAL A 216 -39.37 0.70 7.64
N SER A 217 -38.78 0.91 8.81
CA SER A 217 -39.54 1.07 10.04
C SER A 217 -40.56 2.20 9.95
N VAL A 218 -40.12 3.34 9.44
CA VAL A 218 -40.99 4.49 9.21
C VAL A 218 -42.14 4.16 8.25
N GLU A 219 -41.82 3.50 7.13
CA GLU A 219 -42.89 3.05 6.25
C GLU A 219 -43.88 2.14 7.00
N GLY A 220 -43.36 1.14 7.71
CA GLY A 220 -44.22 0.19 8.40
C GLY A 220 -45.01 0.78 9.58
N CYS A 221 -44.44 1.77 10.25
CA CYS A 221 -45.12 2.33 11.44
C CYS A 221 -45.99 3.52 11.17
N PHE A 222 -45.64 4.33 10.16
CA PHE A 222 -46.31 5.62 9.93
C PHE A 222 -46.99 5.78 8.58
N VAL A 223 -46.68 4.95 7.59
CA VAL A 223 -47.26 5.15 6.26
C VAL A 223 -48.23 4.04 5.93
N GLU A 224 -47.75 2.80 5.97
CA GLU A 224 -48.57 1.66 5.66
C GLU A 224 -49.62 1.50 6.76
N GLN A 225 -50.87 1.32 6.36
CA GLN A 225 -51.98 1.20 7.29
C GLN A 225 -52.62 -0.18 7.32
N ASP A 226 -52.30 -1.05 6.36
CA ASP A 226 -52.86 -2.41 6.33
C ASP A 226 -51.90 -3.38 7.01
N LYS A 227 -52.34 -3.99 8.12
CA LYS A 227 -51.47 -4.89 8.90
C LYS A 227 -50.92 -6.10 8.12
N GLU A 228 -51.65 -6.57 7.11
CA GLU A 228 -51.15 -7.65 6.26
C GLU A 228 -49.89 -7.22 5.56
N ARG A 229 -49.72 -5.90 5.43
CA ARG A 229 -48.54 -5.33 4.81
C ARG A 229 -47.55 -4.81 5.84
N TYR A 230 -48.02 -4.08 6.86
CA TYR A 230 -47.08 -3.44 7.78
C TYR A 230 -46.38 -4.39 8.71
N VAL A 231 -47.00 -5.52 9.05
CA VAL A 231 -46.31 -6.47 9.95
C VAL A 231 -45.08 -7.06 9.23
N PRO A 232 -45.26 -7.60 8.01
CA PRO A 232 -44.06 -8.03 7.25
C PRO A 232 -43.02 -6.93 7.05
N ILE A 233 -43.47 -5.71 6.73
CA ILE A 233 -42.56 -4.60 6.52
C ILE A 233 -41.69 -4.34 7.79
N VAL A 234 -42.30 -4.20 8.96
CA VAL A 234 -41.50 -3.95 10.17
C VAL A 234 -40.59 -5.12 10.54
N ALA A 235 -41.06 -6.35 10.35
CA ALA A 235 -40.23 -7.52 10.57
C ALA A 235 -39.05 -7.58 9.65
N SER A 236 -39.19 -7.13 8.40
CA SER A 236 -38.09 -7.15 7.46
C SER A 236 -36.99 -6.17 7.89
N ALA A 237 -37.38 -5.07 8.53
CA ALA A 237 -36.41 -4.10 9.08
C ALA A 237 -35.52 -4.75 10.14
N HIS A 238 -36.14 -5.58 10.97
CA HIS A 238 -35.43 -6.31 12.00
C HIS A 238 -34.50 -7.36 11.41
N GLU A 239 -34.94 -8.05 10.35
CA GLU A 239 -34.02 -8.99 9.64
C GLU A 239 -32.77 -8.29 9.06
N MET A 240 -32.96 -7.10 8.52
CA MET A 240 -31.89 -6.29 8.03
C MET A 240 -30.91 -5.91 9.15
N MET A 241 -31.42 -5.48 10.29
CA MET A 241 -30.51 -5.12 11.41
C MET A 241 -29.71 -6.32 11.89
N ARG A 242 -30.34 -7.49 11.87
CA ARG A 242 -29.63 -8.70 12.23
C ARG A 242 -28.47 -8.96 11.33
N LYS A 243 -28.61 -8.74 10.02
CA LYS A 243 -27.49 -8.91 9.10
C LYS A 243 -26.47 -7.82 9.22
N ALA A 244 -26.89 -6.58 9.51
CA ALA A 244 -25.93 -5.52 9.76
C ALA A 244 -25.00 -5.92 10.90
N ALA A 245 -25.58 -6.52 11.96
CA ALA A 245 -24.79 -6.98 13.11
C ALA A 245 -23.81 -8.07 12.72
N GLU A 246 -24.22 -8.97 11.83
CA GLU A 246 -23.34 -10.01 11.36
C GLU A 246 -22.16 -9.48 10.54
N LEU A 247 -22.40 -8.48 9.71
CA LEU A 247 -21.35 -7.77 9.02
C LEU A 247 -20.37 -7.07 9.95
N ALA A 248 -20.89 -6.43 10.97
CA ALA A 248 -20.08 -5.83 12.01
C ALA A 248 -19.23 -6.91 12.71
N ASP A 249 -19.82 -8.05 12.97
CA ASP A 249 -19.08 -9.15 13.56
C ASP A 249 -17.97 -9.62 12.65
N GLU A 250 -18.26 -9.78 11.38
CA GLU A 250 -17.25 -10.25 10.41
C GLU A 250 -16.10 -9.28 10.34
N ALA A 251 -16.40 -8.00 10.38
CA ALA A 251 -15.37 -6.95 10.35
C ALA A 251 -14.44 -7.11 11.56
N ARG A 252 -15.03 -7.27 12.73
CA ARG A 252 -14.22 -7.42 13.94
C ARG A 252 -13.36 -8.68 13.90
N GLU A 253 -13.89 -9.79 13.40
CA GLU A 253 -13.14 -11.01 13.28
C GLU A 253 -11.97 -10.87 12.31
N LEU A 254 -12.10 -10.09 11.25
CA LEU A 254 -10.97 -9.84 10.37
C LEU A 254 -9.87 -9.10 11.12
N GLU A 255 -10.23 -8.12 11.92
CA GLU A 255 -9.25 -7.44 12.77
C GLU A 255 -8.54 -8.41 13.72
N LYS A 256 -9.28 -9.35 14.32
CA LYS A 256 -8.69 -10.44 15.13
C LYS A 256 -7.73 -11.25 14.34
N SER A 257 -8.08 -11.57 13.08
CA SER A 257 -7.19 -12.44 12.29
C SER A 257 -5.84 -11.81 12.06
N ASN A 258 -5.74 -10.48 12.14
CA ASN A 258 -4.42 -9.80 11.98
C ASN A 258 -3.86 -9.32 13.31
N ASP A 259 -4.48 -9.68 14.41
CA ASP A 259 -4.11 -9.19 15.75
C ASP A 259 -4.01 -7.66 15.71
N ALA A 260 -5.08 -7.02 15.26
CA ALA A 260 -5.08 -5.60 15.01
C ALA A 260 -6.36 -4.91 15.51
N VAL A 261 -6.99 -5.48 16.53
CA VAL A 261 -8.18 -4.89 17.13
C VAL A 261 -7.82 -3.64 17.92
N LEU A 262 -8.30 -2.50 17.43
CA LEU A 262 -8.14 -1.25 18.16
C LEU A 262 -8.84 -1.30 19.48
N ARG A 263 -8.10 -0.96 20.54
CA ARG A 263 -8.67 -0.77 21.87
C ARG A 263 -8.19 0.56 22.41
N THR A 264 -9.12 1.32 22.95
CA THR A 264 -8.81 2.63 23.54
C THR A 264 -9.43 2.75 24.93
N PRO A 265 -8.86 2.06 25.92
CA PRO A 265 -9.37 2.16 27.30
C PRO A 265 -8.94 3.45 28.00
N HIS A 266 -9.70 3.83 29.03
CA HIS A 266 -9.34 4.94 29.88
C HIS A 266 -8.38 4.49 30.97
N ALA A 267 -7.41 5.35 31.26
CA ALA A 267 -6.61 5.22 32.46
C ALA A 267 -7.39 5.85 33.66
N PRO A 268 -6.98 5.57 34.90
CA PRO A 268 -7.70 6.11 36.06
C PRO A 268 -7.80 7.64 36.11
N ASP A 269 -6.83 8.33 35.51
CA ASP A 269 -6.86 9.78 35.41
C ASP A 269 -7.65 10.29 34.20
N GLY A 270 -8.22 9.37 33.42
CA GLY A 270 -9.10 9.70 32.30
C GLY A 270 -8.44 9.78 30.94
N LYS A 271 -7.12 9.71 30.93
CA LYS A 271 -6.36 9.66 29.70
C LYS A 271 -6.79 8.46 28.85
N VAL A 272 -7.05 8.69 27.56
CA VAL A 272 -7.49 7.64 26.67
C VAL A 272 -6.26 6.97 26.10
N LEU A 273 -6.11 5.69 26.39
CA LEU A 273 -4.94 4.95 25.96
C LEU A 273 -5.28 4.29 24.62
N SER A 274 -4.29 3.61 24.06
CA SER A 274 -4.47 2.99 22.77
C SER A 274 -3.59 1.76 22.68
N LYS A 275 -4.07 0.74 21.99
CA LYS A 275 -3.29 -0.42 21.54
C LYS A 275 -3.94 -1.11 20.35
N ARG A 276 -3.17 -1.96 19.65
CA ARG A 276 -3.68 -2.85 18.60
C ARG A 276 -3.40 -4.33 18.87
N LYS A 277 -2.20 -4.65 19.29
CA LYS A 277 -1.82 -6.03 19.50
C LYS A 277 -2.37 -6.53 20.83
N PHE A 278 -2.89 -7.75 20.80
CA PHE A 278 -3.60 -8.30 21.94
C PHE A 278 -2.76 -8.25 23.22
N MET A 279 -1.49 -8.59 23.11
CA MET A 279 -0.65 -8.62 24.30
C MET A 279 0.11 -7.33 24.59
N GLU A 280 -0.07 -6.28 23.81
CA GLU A 280 0.59 -5.04 24.11
C GLU A 280 -0.21 -4.23 25.14
N ASP A 281 0.52 -3.63 26.09
CA ASP A 281 -0.09 -2.74 27.06
C ASP A 281 -0.66 -1.50 26.37
N PRO A 282 -1.86 -1.03 26.80
CA PRO A 282 -2.36 0.18 26.20
C PRO A 282 -1.55 1.37 26.73
N GLU A 283 -1.27 2.33 25.86
CA GLU A 283 -0.49 3.48 26.21
C GLU A 283 -1.04 4.73 25.52
N THR B 2 16.43 -48.86 18.03
CA THR B 2 15.75 -49.49 19.20
C THR B 2 14.24 -49.17 19.04
N VAL B 3 13.42 -50.18 19.29
CA VAL B 3 11.98 -50.11 19.08
C VAL B 3 11.32 -50.12 20.44
N ALA B 4 10.57 -49.06 20.73
CA ALA B 4 9.78 -49.00 21.95
C ALA B 4 8.47 -49.77 21.79
N LYS B 5 8.09 -50.51 22.82
CA LYS B 5 6.89 -51.31 22.79
C LYS B 5 5.95 -50.87 23.91
N ALA B 6 4.66 -50.81 23.60
CA ALA B 6 3.67 -50.51 24.62
C ALA B 6 2.37 -51.21 24.33
N ILE B 7 1.64 -51.48 25.39
CA ILE B 7 0.27 -51.97 25.28
C ILE B 7 -0.66 -50.90 25.78
N PHE B 8 -1.73 -50.65 25.02
CA PHE B 8 -2.77 -49.73 25.38
C PHE B 8 -4.01 -50.57 25.76
N ILE B 9 -4.61 -50.26 26.90
CA ILE B 9 -5.81 -50.90 27.36
C ILE B 9 -6.94 -49.86 27.36
N LYS B 10 -8.03 -50.19 26.68
CA LYS B 10 -9.16 -49.30 26.53
C LYS B 10 -10.41 -49.93 27.09
N CYS B 11 -10.94 -49.36 28.15
CA CYS B 11 -12.21 -49.78 28.75
C CYS B 11 -13.07 -48.56 28.97
N GLY B 12 -14.26 -48.55 28.40
CA GLY B 12 -15.08 -47.36 28.41
C GLY B 12 -14.56 -46.49 27.25
N ASN B 13 -15.06 -45.27 27.13
CA ASN B 13 -14.57 -44.40 26.05
C ASN B 13 -14.36 -43.00 26.54
N LEU B 14 -13.21 -42.47 26.19
CA LEU B 14 -12.92 -41.05 26.28
C LEU B 14 -12.41 -40.61 24.91
N GLY B 15 -12.56 -39.32 24.58
CA GLY B 15 -11.94 -38.79 23.34
C GLY B 15 -10.44 -39.07 23.28
N THR B 16 -9.77 -38.90 24.42
CA THR B 16 -8.34 -39.10 24.48
C THR B 16 -7.95 -40.55 24.38
N SER B 17 -8.71 -41.43 25.01
CA SER B 17 -8.36 -42.84 25.01
C SER B 17 -8.60 -43.47 23.66
N MET B 18 -9.58 -42.94 22.96
CA MET B 18 -9.90 -43.43 21.61
C MET B 18 -8.77 -43.16 20.62
N MET B 19 -8.12 -42.01 20.75
CA MET B 19 -7.11 -41.58 19.80
C MET B 19 -5.69 -41.79 20.27
N MET B 20 -5.48 -42.07 21.56
CA MET B 20 -4.15 -41.95 22.16
C MET B 20 -3.03 -42.70 21.42
N ASP B 21 -3.22 -43.96 21.05
CA ASP B 21 -2.17 -44.70 20.32
C ASP B 21 -1.92 -44.14 18.90
N MET B 22 -2.99 -43.67 18.24
CA MET B 22 -2.88 -43.25 16.87
C MET B 22 -2.20 -41.91 16.69
N LEU B 23 -2.27 -41.07 17.72
CA LEU B 23 -1.55 -39.81 17.77
C LEU B 23 -0.03 -40.00 17.72
N LEU B 24 0.44 -41.20 18.00
CA LEU B 24 1.85 -41.46 18.04
C LEU B 24 2.43 -41.99 16.73
N ASP B 25 1.59 -42.36 15.79
CA ASP B 25 2.08 -42.94 14.54
C ASP B 25 1.05 -42.68 13.41
N GLU B 26 0.87 -41.40 13.11
CA GLU B 26 -0.24 -40.91 12.30
C GLU B 26 -0.26 -41.38 10.84
N ARG B 27 0.88 -41.82 10.33
CA ARG B 27 0.94 -42.37 8.99
C ARG B 27 1.46 -43.82 8.99
N ALA B 28 1.53 -44.43 10.18
CA ALA B 28 1.97 -45.82 10.34
C ALA B 28 3.36 -46.06 9.76
N ASP B 29 4.19 -45.02 9.74
CA ASP B 29 5.54 -45.15 9.14
C ASP B 29 6.66 -45.08 10.16
N ARG B 30 6.33 -45.00 11.44
CA ARG B 30 7.37 -45.06 12.48
C ARG B 30 7.97 -46.47 12.57
N GLU B 31 9.29 -46.52 12.57
CA GLU B 31 10.03 -47.74 12.68
C GLU B 31 10.51 -48.00 14.11
N ASP B 32 10.30 -47.05 15.00
CA ASP B 32 10.86 -47.12 16.35
C ASP B 32 9.78 -47.46 17.39
N VAL B 33 8.57 -47.82 16.96
CA VAL B 33 7.52 -48.20 17.90
C VAL B 33 6.75 -49.42 17.44
N GLU B 34 6.24 -50.18 18.39
CA GLU B 34 5.29 -51.23 18.12
C GLU B 34 4.28 -51.31 19.24
N PHE B 35 2.98 -51.30 18.90
CA PHE B 35 1.92 -51.27 19.90
C PHE B 35 0.98 -52.42 19.77
N ARG B 36 0.43 -52.82 20.92
CA ARG B 36 -0.70 -53.67 20.99
C ARG B 36 -1.82 -52.91 21.71
N VAL B 37 -3.04 -53.14 21.28
CA VAL B 37 -4.22 -52.50 21.87
C VAL B 37 -5.20 -53.62 22.25
N VAL B 38 -5.67 -53.59 23.48
CA VAL B 38 -6.67 -54.52 23.95
C VAL B 38 -7.75 -53.83 24.79
N GLY B 39 -8.90 -54.45 24.88
CA GLY B 39 -9.94 -53.90 25.69
C GLY B 39 -11.25 -54.63 25.67
N THR B 40 -12.20 -54.08 26.40
CA THR B 40 -13.53 -54.68 26.57
C THR B 40 -14.59 -53.70 26.01
N SER B 41 -14.20 -52.89 25.04
CA SER B 41 -15.11 -51.93 24.45
C SER B 41 -15.62 -50.93 25.51
N VAL B 42 -16.93 -50.64 25.49
CA VAL B 42 -17.50 -49.63 26.39
C VAL B 42 -17.60 -50.04 27.86
N LYS B 43 -17.47 -51.33 28.12
CA LYS B 43 -17.72 -51.82 29.47
C LYS B 43 -16.52 -51.60 30.41
N MET B 44 -16.77 -51.01 31.57
CA MET B 44 -15.67 -50.71 32.50
C MET B 44 -16.06 -51.02 33.97
N ASP B 45 -16.95 -51.98 34.16
CA ASP B 45 -17.16 -52.58 35.50
C ASP B 45 -15.86 -53.36 35.88
N PRO B 46 -15.63 -53.61 37.20
CA PRO B 46 -14.43 -54.29 37.67
C PRO B 46 -14.11 -55.61 36.98
N GLU B 47 -15.14 -56.42 36.72
CA GLU B 47 -14.93 -57.73 36.09
C GLU B 47 -14.37 -57.55 34.67
N CYS B 48 -14.98 -56.63 33.90
CA CYS B 48 -14.51 -56.34 32.53
C CYS B 48 -13.12 -55.76 32.54
N VAL B 49 -12.87 -54.82 33.46
CA VAL B 49 -11.56 -54.18 33.53
C VAL B 49 -10.48 -55.19 33.89
N GLU B 50 -10.75 -56.10 34.83
CA GLU B 50 -9.79 -57.12 35.20
C GLU B 50 -9.48 -58.02 34.01
N ALA B 51 -10.53 -58.39 33.26
CA ALA B 51 -10.36 -59.19 32.05
C ALA B 51 -9.48 -58.45 31.05
N ALA B 52 -9.71 -57.15 30.90
CA ALA B 52 -8.89 -56.34 30.01
C ALA B 52 -7.42 -56.34 30.43
N VAL B 53 -7.18 -56.05 31.71
CA VAL B 53 -5.81 -55.97 32.20
C VAL B 53 -5.10 -57.33 32.10
N GLU B 54 -5.85 -58.39 32.35
CA GLU B 54 -5.36 -59.75 32.21
C GLU B 54 -4.94 -60.09 30.78
N MET B 55 -5.75 -59.70 29.80
CA MET B 55 -5.38 -59.82 28.38
C MET B 55 -4.05 -59.13 28.11
N ALA B 56 -3.93 -57.91 28.62
CA ALA B 56 -2.73 -57.10 28.46
C ALA B 56 -1.52 -57.81 29.03
N LEU B 57 -1.63 -58.30 30.27
CA LEU B 57 -0.51 -58.95 30.97
C LEU B 57 -0.17 -60.29 30.37
N ASP B 58 -1.19 -61.02 29.91
CA ASP B 58 -0.96 -62.22 29.12
C ASP B 58 -0.12 -61.91 27.90
N ILE B 59 -0.54 -60.93 27.10
CA ILE B 59 0.25 -60.53 25.93
C ILE B 59 1.64 -60.07 26.29
N ALA B 60 1.75 -59.31 27.39
CA ALA B 60 3.02 -58.75 27.87
C ALA B 60 4.12 -59.80 28.08
N GLU B 61 3.74 -60.98 28.52
CA GLU B 61 4.71 -62.06 28.78
C GLU B 61 5.60 -62.29 27.56
N ASP B 62 4.97 -62.38 26.39
CA ASP B 62 5.69 -62.53 25.12
C ASP B 62 6.08 -61.19 24.48
N PHE B 63 5.21 -60.17 24.59
CA PHE B 63 5.45 -58.93 23.87
C PHE B 63 6.54 -58.05 24.54
N GLU B 64 6.63 -58.11 25.86
CA GLU B 64 7.62 -57.37 26.66
C GLU B 64 7.58 -55.86 26.49
N PRO B 65 6.41 -55.24 26.76
CA PRO B 65 6.25 -53.82 26.55
C PRO B 65 7.16 -53.03 27.46
N ASP B 66 7.58 -51.85 27.03
CA ASP B 66 8.31 -50.95 27.92
C ASP B 66 7.37 -50.21 28.88
N PHE B 67 6.14 -49.98 28.46
CA PHE B 67 5.14 -49.47 29.37
C PHE B 67 3.76 -49.92 28.92
N ILE B 68 2.77 -49.70 29.79
CA ILE B 68 1.40 -50.02 29.55
C ILE B 68 0.57 -48.78 29.86
N VAL B 69 -0.40 -48.49 28.96
CA VAL B 69 -1.32 -47.39 29.13
C VAL B 69 -2.72 -47.94 29.36
N TYR B 70 -3.38 -47.47 30.42
CA TYR B 70 -4.80 -47.70 30.60
C TYR B 70 -5.54 -46.39 30.37
N GLY B 71 -6.55 -46.44 29.52
CA GLY B 71 -7.34 -45.28 29.19
C GLY B 71 -8.83 -45.51 29.26
N GLY B 72 -9.49 -44.55 29.91
CA GLY B 72 -10.94 -44.58 29.94
C GLY B 72 -11.46 -43.64 30.98
N PRO B 73 -12.78 -43.54 31.07
CA PRO B 73 -13.40 -42.66 32.05
C PRO B 73 -13.07 -42.97 33.51
N ASN B 74 -13.03 -41.90 34.29
CA ASN B 74 -13.03 -41.93 35.73
C ASN B 74 -12.12 -42.96 36.41
N PRO B 75 -10.82 -42.62 36.52
CA PRO B 75 -9.84 -43.41 37.27
C PRO B 75 -10.25 -43.76 38.73
N ALA B 76 -11.17 -42.98 39.30
CA ALA B 76 -11.64 -43.16 40.68
C ALA B 76 -12.76 -44.18 40.77
N ALA B 77 -13.33 -44.58 39.65
CA ALA B 77 -14.45 -45.54 39.65
C ALA B 77 -13.93 -46.96 39.94
N PRO B 78 -14.84 -47.89 40.37
CA PRO B 78 -14.43 -49.26 40.78
C PRO B 78 -13.64 -50.04 39.72
N GLY B 79 -14.06 -50.01 38.45
CA GLY B 79 -13.32 -50.73 37.42
C GLY B 79 -11.92 -50.15 37.23
N PRO B 80 -11.82 -48.86 36.86
CA PRO B 80 -10.51 -48.26 36.75
C PRO B 80 -9.61 -48.38 37.98
N SER B 81 -10.19 -48.36 39.18
CA SER B 81 -9.40 -48.52 40.40
C SER B 81 -8.74 -49.89 40.43
N LYS B 82 -9.44 -50.90 39.95
CA LYS B 82 -8.88 -52.25 39.86
C LYS B 82 -7.73 -52.25 38.86
N ALA B 83 -7.90 -51.62 37.70
CA ALA B 83 -6.81 -51.56 36.74
C ALA B 83 -5.55 -50.88 37.37
N ARG B 84 -5.78 -49.76 38.07
CA ARG B 84 -4.65 -48.98 38.67
C ARG B 84 -3.87 -49.88 39.62
N GLU B 85 -4.56 -50.57 40.49
CA GLU B 85 -3.84 -51.44 41.40
C GLU B 85 -3.14 -52.59 40.65
N MET B 86 -3.85 -53.27 39.76
CA MET B 86 -3.21 -54.37 39.01
C MET B 86 -2.00 -53.86 38.23
N LEU B 87 -2.13 -52.73 37.55
CA LEU B 87 -0.99 -52.14 36.85
C LEU B 87 0.11 -51.68 37.78
N ALA B 88 -0.27 -51.01 38.88
CA ALA B 88 0.74 -50.55 39.85
C ALA B 88 1.55 -51.73 40.46
N ASP B 89 0.89 -52.88 40.59
CA ASP B 89 1.51 -54.05 41.18
C ASP B 89 2.29 -54.87 40.16
N SER B 90 2.11 -54.63 38.88
CA SER B 90 2.87 -55.32 37.86
C SER B 90 4.30 -54.81 37.77
N GLU B 91 5.12 -55.49 36.98
CA GLU B 91 6.51 -55.07 36.78
C GLU B 91 6.61 -53.99 35.68
N TYR B 92 5.50 -53.64 35.04
CA TYR B 92 5.53 -52.67 33.94
C TYR B 92 5.20 -51.26 34.42
N PRO B 93 6.02 -50.27 34.01
CA PRO B 93 5.61 -48.87 34.18
C PRO B 93 4.28 -48.63 33.47
N ALA B 94 3.42 -47.86 34.11
CA ALA B 94 2.06 -47.64 33.56
C ALA B 94 1.60 -46.19 33.69
N VAL B 95 0.78 -45.75 32.73
CA VAL B 95 0.19 -44.43 32.65
C VAL B 95 -1.32 -44.59 32.58
N ILE B 96 -2.03 -43.79 33.35
CA ILE B 96 -3.49 -43.74 33.35
C ILE B 96 -3.98 -42.48 32.60
N ILE B 97 -4.71 -42.69 31.51
CA ILE B 97 -5.41 -41.62 30.82
C ILE B 97 -6.84 -41.53 31.35
N GLY B 98 -7.23 -40.36 31.81
CA GLY B 98 -8.56 -40.18 32.35
C GLY B 98 -9.06 -38.78 32.20
N ASP B 99 -10.12 -38.47 32.93
CA ASP B 99 -10.87 -37.24 32.83
C ASP B 99 -10.87 -36.50 34.20
N ALA B 100 -11.67 -35.44 34.34
CA ALA B 100 -11.68 -34.63 35.56
C ALA B 100 -11.95 -35.41 36.84
N PRO B 101 -12.93 -36.35 36.85
CA PRO B 101 -13.15 -37.19 38.02
C PRO B 101 -11.91 -37.92 38.54
N GLY B 102 -10.94 -38.17 37.68
CA GLY B 102 -9.65 -38.72 38.06
C GLY B 102 -8.80 -37.89 39.04
N LEU B 103 -9.10 -36.61 39.18
CA LEU B 103 -8.40 -35.76 40.12
C LEU B 103 -8.59 -36.21 41.56
N LYS B 104 -9.74 -36.79 41.87
CA LYS B 104 -9.99 -37.35 43.20
C LYS B 104 -8.97 -38.45 43.64
N VAL B 105 -8.31 -39.11 42.69
CA VAL B 105 -7.33 -40.16 43.03
C VAL B 105 -5.94 -39.84 42.51
N LYS B 106 -5.69 -38.56 42.28
CA LYS B 106 -4.41 -38.12 41.75
C LYS B 106 -3.28 -38.47 42.73
N ASP B 107 -3.45 -38.14 44.00
CA ASP B 107 -2.43 -38.44 45.01
C ASP B 107 -2.24 -39.94 45.20
N GLU B 108 -3.35 -40.68 45.14
CA GLU B 108 -3.32 -42.13 45.20
C GLU B 108 -2.51 -42.72 44.05
N MET B 109 -2.74 -42.21 42.83
CA MET B 109 -1.97 -42.66 41.68
C MET B 109 -0.48 -42.40 41.84
N GLU B 110 -0.12 -41.23 42.38
CA GLU B 110 1.28 -40.93 42.63
C GLU B 110 1.88 -41.89 43.64
N GLU B 111 1.12 -42.23 44.68
CA GLU B 111 1.54 -43.17 45.70
C GLU B 111 1.66 -44.58 45.11
N GLN B 112 0.78 -44.91 44.15
CA GLN B 112 0.85 -46.19 43.45
C GLN B 112 2.02 -46.26 42.45
N GLY B 113 2.69 -45.15 42.20
CA GLY B 113 3.81 -45.11 41.27
C GLY B 113 3.38 -45.13 39.82
N LEU B 114 2.17 -44.67 39.57
CA LEU B 114 1.60 -44.59 38.21
C LEU B 114 1.80 -43.21 37.64
N GLY B 115 1.99 -43.12 36.33
CA GLY B 115 1.78 -41.86 35.62
C GLY B 115 0.29 -41.60 35.31
N TYR B 116 -0.02 -40.36 34.98
CA TYR B 116 -1.37 -40.01 34.54
C TYR B 116 -1.37 -38.82 33.62
N ILE B 117 -2.37 -38.79 32.76
CA ILE B 117 -2.76 -37.64 31.97
C ILE B 117 -4.25 -37.52 32.16
N LEU B 118 -4.65 -36.49 32.89
CA LEU B 118 -6.04 -36.24 33.15
C LEU B 118 -6.51 -35.06 32.32
N VAL B 119 -7.48 -35.31 31.45
CA VAL B 119 -7.93 -34.34 30.49
C VAL B 119 -9.31 -33.83 30.90
N LYS B 120 -9.32 -32.66 31.53
CA LYS B 120 -10.56 -32.11 32.07
C LYS B 120 -11.65 -31.76 31.00
N PRO B 121 -11.26 -31.22 29.82
CA PRO B 121 -12.24 -31.06 28.73
C PRO B 121 -12.74 -32.34 28.09
N ASP B 122 -12.22 -33.51 28.44
CA ASP B 122 -12.68 -34.82 27.90
C ASP B 122 -13.95 -35.26 28.63
N ALA B 123 -15.04 -34.56 28.33
CA ALA B 123 -16.20 -34.49 29.18
C ALA B 123 -17.13 -35.67 28.96
N MET B 124 -17.74 -36.15 30.03
CA MET B 124 -18.76 -37.17 29.93
C MET B 124 -19.95 -36.65 29.11
N LEU B 125 -20.49 -37.52 28.29
CA LEU B 125 -21.64 -37.17 27.47
C LEU B 125 -22.97 -37.43 28.20
N GLY B 126 -24.06 -37.12 27.50
CA GLY B 126 -25.40 -37.13 28.06
C GLY B 126 -26.06 -38.47 27.97
N ALA B 127 -25.61 -39.39 28.83
CA ALA B 127 -25.92 -40.82 28.69
C ALA B 127 -27.26 -41.20 29.32
N ARG B 128 -28.35 -40.74 28.70
CA ARG B 128 -29.71 -41.18 29.03
C ARG B 128 -30.34 -41.78 27.78
N ARG B 129 -31.01 -42.91 27.97
CA ARG B 129 -31.57 -43.68 26.82
C ARG B 129 -32.48 -42.91 25.88
N GLU B 130 -33.20 -41.93 26.43
CA GLU B 130 -34.18 -41.18 25.69
C GLU B 130 -33.53 -40.25 24.68
N PHE B 131 -32.24 -39.96 24.93
CA PHE B 131 -31.48 -39.05 24.13
C PHE B 131 -30.31 -39.72 23.39
N LEU B 132 -29.52 -40.49 24.10
CA LEU B 132 -28.27 -41.02 23.56
C LEU B 132 -28.45 -42.36 22.88
N ASP B 133 -28.55 -42.34 21.56
CA ASP B 133 -28.43 -43.54 20.78
C ASP B 133 -27.03 -43.62 20.20
N PRO B 134 -26.75 -44.67 19.41
CA PRO B 134 -25.42 -44.76 18.83
C PRO B 134 -25.01 -43.56 17.97
N VAL B 135 -25.89 -43.07 17.13
CA VAL B 135 -25.60 -41.90 16.26
C VAL B 135 -25.26 -40.66 17.08
N GLU B 136 -26.07 -40.38 18.11
CA GLU B 136 -25.80 -39.21 18.96
C GLU B 136 -24.47 -39.33 19.67
N MET B 137 -24.20 -40.55 20.14
CA MET B 137 -22.92 -40.86 20.77
C MET B 137 -21.76 -40.57 19.83
N ALA B 138 -21.89 -40.97 18.59
CA ALA B 138 -20.83 -40.71 17.59
C ALA B 138 -20.72 -39.24 17.21
N ILE B 139 -21.85 -38.55 17.10
CA ILE B 139 -21.86 -37.11 16.81
C ILE B 139 -21.12 -36.37 17.97
N TYR B 140 -21.45 -36.68 19.22
CA TYR B 140 -20.76 -36.06 20.33
C TYR B 140 -19.25 -36.30 20.28
N ASN B 141 -18.86 -37.56 20.02
CA ASN B 141 -17.46 -37.90 19.91
C ASN B 141 -16.75 -37.15 18.79
N ALA B 142 -17.45 -36.93 17.68
CA ALA B 142 -16.91 -36.13 16.58
C ALA B 142 -16.61 -34.69 17.03
N ASP B 143 -17.57 -34.07 17.69
CA ASP B 143 -17.37 -32.72 18.23
C ASP B 143 -16.24 -32.66 19.25
N LEU B 144 -16.21 -33.60 20.15
CA LEU B 144 -15.17 -33.62 21.15
C LEU B 144 -13.80 -33.81 20.53
N MET B 145 -13.70 -34.71 19.58
CA MET B 145 -12.42 -34.96 18.92
C MET B 145 -11.89 -33.71 18.22
N LYS B 146 -12.80 -33.00 17.58
CA LYS B 146 -12.48 -31.75 16.98
C LYS B 146 -11.95 -30.75 18.00
N VAL B 147 -12.62 -30.62 19.13
CA VAL B 147 -12.16 -29.78 20.20
C VAL B 147 -10.74 -30.19 20.69
N LEU B 148 -10.56 -31.46 21.02
CA LEU B 148 -9.30 -31.88 21.62
C LEU B 148 -8.15 -31.80 20.63
N ALA B 149 -8.46 -31.95 19.36
CA ALA B 149 -7.47 -31.84 18.29
C ALA B 149 -7.12 -30.41 17.96
N ALA B 150 -8.13 -29.62 17.58
CA ALA B 150 -7.87 -28.26 17.05
C ALA B 150 -7.46 -27.28 18.15
N THR B 151 -7.71 -27.61 19.42
CA THR B 151 -7.24 -26.72 20.52
C THR B 151 -5.77 -26.99 20.89
N GLY B 152 -5.23 -28.10 20.43
CA GLY B 152 -3.91 -28.48 20.76
C GLY B 152 -3.78 -29.45 21.91
N VAL B 153 -4.88 -29.87 22.52
CA VAL B 153 -4.81 -30.85 23.62
C VAL B 153 -4.12 -32.13 23.19
N PHE B 154 -4.46 -32.62 22.00
CA PHE B 154 -3.86 -33.87 21.52
C PHE B 154 -2.37 -33.74 21.31
N ARG B 155 -1.88 -32.52 21.00
CA ARG B 155 -0.45 -32.32 20.86
C ARG B 155 0.25 -32.40 22.21
N VAL B 156 -0.43 -31.96 23.28
CA VAL B 156 0.10 -32.11 24.60
C VAL B 156 0.27 -33.58 24.96
N VAL B 157 -0.73 -34.38 24.59
CA VAL B 157 -0.71 -35.81 24.84
C VAL B 157 0.37 -36.48 24.00
N GLN B 158 0.42 -36.15 22.72
CA GLN B 158 1.42 -36.68 21.81
C GLN B 158 2.82 -36.47 22.39
N GLU B 159 3.10 -35.24 22.79
CA GLU B 159 4.40 -34.91 23.37
C GLU B 159 4.74 -35.68 24.64
N ALA B 160 3.78 -35.89 25.53
CA ALA B 160 4.03 -36.61 26.77
C ALA B 160 4.46 -38.03 26.45
N PHE B 161 3.75 -38.67 25.50
CA PHE B 161 4.09 -40.04 25.14
C PHE B 161 5.36 -40.14 24.34
N ASP B 162 5.62 -39.18 23.46
CA ASP B 162 6.87 -39.20 22.71
C ASP B 162 8.06 -39.05 23.62
N GLU B 163 7.95 -38.22 24.66
CA GLU B 163 9.02 -38.12 25.64
C GLU B 163 9.23 -39.43 26.39
N LEU B 164 8.13 -40.10 26.77
CA LEU B 164 8.20 -41.38 27.43
C LEU B 164 8.80 -42.47 26.51
N ILE B 165 8.42 -42.44 25.24
CA ILE B 165 8.96 -43.39 24.29
C ILE B 165 10.49 -43.23 24.15
N GLU B 166 10.96 -41.99 24.09
CA GLU B 166 12.39 -41.75 24.05
C GLU B 166 13.13 -42.30 25.26
N LYS B 167 12.55 -42.14 26.45
CA LYS B 167 13.11 -42.73 27.66
C LYS B 167 13.12 -44.25 27.58
N ALA B 168 12.03 -44.82 27.07
CA ALA B 168 11.94 -46.28 26.90
C ALA B 168 13.08 -46.81 26.03
N LYS B 169 13.49 -46.04 25.04
CA LYS B 169 14.56 -46.45 24.16
C LYS B 169 15.97 -46.45 24.77
N GLU B 170 16.19 -45.68 25.84
CA GLU B 170 17.48 -45.68 26.61
C GLU B 170 17.14 -46.27 27.97
N ASP B 171 15.99 -46.84 27.90
CA ASP B 171 15.70 -48.00 28.62
C ASP B 171 15.19 -47.87 30.03
N GLU B 172 15.86 -47.14 30.90
CA GLU B 172 15.55 -47.28 32.34
C GLU B 172 14.25 -46.50 32.73
N ILE B 173 13.08 -46.71 32.10
CA ILE B 173 11.89 -45.90 32.51
C ILE B 173 11.71 -46.03 34.01
N SER B 174 11.93 -44.94 34.73
CA SER B 174 11.69 -44.89 36.17
C SER B 174 10.39 -44.13 36.47
N GLU B 175 9.93 -44.20 37.71
CA GLU B 175 8.76 -43.44 38.16
C GLU B 175 8.85 -41.97 37.86
N ASN B 176 10.04 -41.40 37.95
CA ASN B 176 10.27 -39.98 37.66
C ASN B 176 10.01 -39.60 36.22
N ASP B 177 10.11 -40.58 35.33
CA ASP B 177 9.90 -40.37 33.93
C ASP B 177 8.43 -40.38 33.55
N LEU B 178 7.57 -40.91 34.42
CA LEU B 178 6.17 -41.08 34.06
C LEU B 178 5.45 -39.74 34.05
N PRO B 179 4.61 -39.50 33.03
CA PRO B 179 3.88 -38.23 32.95
C PRO B 179 2.95 -38.06 34.13
N LYS B 180 2.79 -36.82 34.56
CA LYS B 180 1.86 -36.48 35.60
C LYS B 180 1.20 -35.16 35.20
N LEU B 181 0.26 -35.26 34.26
CA LEU B 181 -0.34 -34.08 33.64
C LEU B 181 -1.82 -33.94 33.90
N VAL B 182 -2.24 -32.71 34.14
CA VAL B 182 -3.65 -32.32 34.23
C VAL B 182 -3.87 -31.28 33.14
N ILE B 183 -4.70 -31.58 32.16
CA ILE B 183 -4.88 -30.67 31.03
C ILE B 183 -6.22 -29.95 31.16
N ASP B 184 -6.19 -28.62 31.03
CA ASP B 184 -7.41 -27.86 30.95
C ASP B 184 -7.24 -26.60 30.09
N ARG B 185 -8.24 -25.72 30.09
CA ARG B 185 -8.19 -24.43 29.41
C ARG B 185 -6.80 -23.75 29.58
N ASN B 186 -6.35 -23.67 30.83
CA ASN B 186 -5.15 -22.91 31.16
C ASN B 186 -3.87 -23.54 30.68
N THR B 187 -3.91 -24.80 30.29
CA THR B 187 -2.74 -25.46 29.69
C THR B 187 -2.22 -24.66 28.49
N LEU B 188 -3.13 -24.06 27.75
CA LEU B 188 -2.73 -23.35 26.54
C LEU B 188 -1.84 -22.16 26.84
N LEU B 189 -1.96 -21.62 28.04
CA LEU B 189 -1.19 -20.46 28.48
C LEU B 189 0.30 -20.76 28.59
N GLU B 190 0.66 -22.03 28.73
CA GLU B 190 2.08 -22.35 28.85
C GLU B 190 2.62 -22.93 27.54
N ARG B 191 1.85 -22.89 26.47
CA ARG B 191 2.27 -23.41 25.22
C ARG B 191 2.41 -22.32 24.16
N GLU B 192 2.90 -22.73 23.03
CA GLU B 192 3.07 -21.84 21.93
C GLU B 192 2.32 -22.40 20.73
N GLU B 193 1.16 -22.99 20.95
CA GLU B 193 0.39 -23.65 19.90
C GLU B 193 0.00 -22.69 18.77
N PHE B 194 -0.53 -21.52 19.17
CA PHE B 194 -1.20 -20.62 18.28
C PHE B 194 -0.33 -19.42 18.05
N GLU B 195 -0.05 -19.09 16.79
CA GLU B 195 0.61 -17.85 16.41
C GLU B 195 -0.33 -16.66 16.68
N ASN B 196 -1.63 -16.85 16.47
CA ASN B 196 -2.59 -15.75 16.64
C ASN B 196 -3.21 -15.79 18.06
N PRO B 197 -3.18 -14.65 18.78
CA PRO B 197 -3.71 -14.71 20.15
C PRO B 197 -5.23 -14.93 20.23
N TYR B 198 -6.00 -14.50 19.23
CA TYR B 198 -7.41 -14.78 19.25
C TYR B 198 -7.74 -16.22 18.99
N ALA B 199 -6.91 -16.89 18.20
CA ALA B 199 -7.03 -18.29 18.00
C ALA B 199 -6.86 -18.98 19.37
N MET B 200 -5.86 -18.57 20.13
CA MET B 200 -5.62 -19.15 21.42
C MET B 200 -6.79 -18.92 22.37
N VAL B 201 -7.35 -17.71 22.41
CA VAL B 201 -8.42 -17.46 23.33
C VAL B 201 -9.73 -18.13 22.94
N LYS B 202 -9.93 -18.30 21.62
CA LYS B 202 -11.03 -19.11 21.11
C LYS B 202 -10.88 -20.55 21.52
N ALA B 203 -9.69 -21.07 21.36
CA ALA B 203 -9.39 -22.42 21.82
C ALA B 203 -9.58 -22.59 23.32
N MET B 204 -9.17 -21.60 24.12
CA MET B 204 -9.36 -21.64 25.58
C MET B 204 -10.85 -21.64 25.88
N ALA B 205 -11.63 -20.85 25.14
CA ALA B 205 -13.10 -20.86 25.29
C ALA B 205 -13.70 -22.22 24.96
N ALA B 206 -13.21 -22.84 23.91
CA ALA B 206 -13.67 -24.16 23.54
C ALA B 206 -13.42 -25.17 24.64
N LEU B 207 -12.23 -25.12 25.24
CA LEU B 207 -11.87 -26.04 26.31
C LEU B 207 -12.64 -25.77 27.59
N GLU B 208 -12.92 -24.50 27.87
CA GLU B 208 -13.71 -24.16 29.02
C GLU B 208 -15.13 -24.68 28.84
N ILE B 209 -15.71 -24.49 27.66
CA ILE B 209 -17.05 -24.97 27.41
C ILE B 209 -17.12 -26.49 27.52
N ALA B 210 -16.22 -27.19 26.88
CA ALA B 210 -16.08 -28.66 26.96
C ALA B 210 -15.98 -29.12 28.38
N GLU B 211 -15.12 -28.47 29.15
CA GLU B 211 -15.03 -28.82 30.56
C GLU B 211 -16.38 -28.64 31.32
N ASN B 212 -17.09 -27.55 31.01
CA ASN B 212 -18.36 -27.29 31.66
C ASN B 212 -19.42 -28.29 31.25
N VAL B 213 -19.29 -28.89 30.06
CA VAL B 213 -20.18 -29.95 29.61
C VAL B 213 -20.36 -31.06 30.63
N ALA B 214 -19.25 -31.47 31.25
CA ALA B 214 -19.26 -32.59 32.21
C ALA B 214 -20.24 -32.36 33.35
N ASP B 215 -20.29 -31.14 33.88
CA ASP B 215 -21.16 -30.85 35.00
C ASP B 215 -22.63 -30.93 34.57
N VAL B 216 -22.92 -30.57 33.32
CA VAL B 216 -24.29 -30.63 32.80
C VAL B 216 -24.71 -32.09 32.64
N SER B 217 -23.85 -32.85 31.99
CA SER B 217 -24.06 -34.30 31.86
C SER B 217 -24.22 -35.01 33.18
N VAL B 218 -23.35 -34.70 34.14
CA VAL B 218 -23.45 -35.29 35.48
C VAL B 218 -24.81 -34.93 36.11
N GLU B 219 -25.23 -33.66 36.04
CA GLU B 219 -26.53 -33.27 36.59
C GLU B 219 -27.62 -34.06 35.90
N GLY B 220 -27.54 -34.14 34.59
CA GLY B 220 -28.59 -34.82 33.84
C GLY B 220 -28.64 -36.33 34.04
N CYS B 221 -27.48 -36.94 34.20
CA CYS B 221 -27.41 -38.41 34.30
C CYS B 221 -27.49 -38.95 35.73
N PHE B 222 -27.02 -38.20 36.73
CA PHE B 222 -26.87 -38.71 38.07
C PHE B 222 -27.67 -37.95 39.14
N VAL B 223 -28.18 -36.75 38.85
CA VAL B 223 -28.81 -35.96 39.92
C VAL B 223 -30.28 -35.79 39.64
N GLU B 224 -30.58 -35.21 38.47
CA GLU B 224 -31.95 -35.01 38.07
C GLU B 224 -32.59 -36.35 37.77
N GLN B 225 -33.76 -36.58 38.35
CA GLN B 225 -34.47 -37.84 38.22
C GLN B 225 -35.78 -37.75 37.42
N ASP B 226 -36.25 -36.55 37.09
CA ASP B 226 -37.47 -36.36 36.26
C ASP B 226 -37.07 -36.23 34.78
N LYS B 227 -37.52 -37.15 33.93
CA LYS B 227 -37.15 -37.13 32.50
C LYS B 227 -37.56 -35.89 31.75
N GLU B 228 -38.65 -35.25 32.17
CA GLU B 228 -39.06 -33.98 31.54
C GLU B 228 -38.01 -32.91 31.80
N ARG B 229 -37.19 -33.10 32.84
CA ARG B 229 -36.06 -32.22 33.08
C ARG B 229 -34.76 -32.79 32.55
N TYR B 230 -34.49 -34.08 32.79
CA TYR B 230 -33.14 -34.56 32.45
C TYR B 230 -32.88 -34.74 31.00
N VAL B 231 -33.91 -34.99 30.20
CA VAL B 231 -33.68 -35.14 28.73
C VAL B 231 -33.22 -33.79 28.10
N PRO B 232 -33.96 -32.72 28.37
CA PRO B 232 -33.46 -31.42 27.97
C PRO B 232 -32.08 -31.04 28.51
N ILE B 233 -31.82 -31.37 29.77
CA ILE B 233 -30.49 -31.11 30.34
C ILE B 233 -29.34 -31.82 29.58
N VAL B 234 -29.45 -33.14 29.40
CA VAL B 234 -28.37 -33.84 28.67
C VAL B 234 -28.25 -33.36 27.22
N ALA B 235 -29.39 -33.07 26.57
CA ALA B 235 -29.36 -32.56 25.22
C ALA B 235 -28.63 -31.20 25.14
N SER B 236 -28.81 -30.37 26.16
CA SER B 236 -28.16 -29.09 26.18
C SER B 236 -26.62 -29.21 26.29
N ALA B 237 -26.14 -30.25 26.96
CA ALA B 237 -24.72 -30.52 27.07
C ALA B 237 -24.15 -30.78 25.70
N HIS B 238 -24.89 -31.52 24.90
CA HIS B 238 -24.47 -31.82 23.52
C HIS B 238 -24.48 -30.60 22.63
N GLU B 239 -25.46 -29.72 22.79
CA GLU B 239 -25.45 -28.46 22.05
C GLU B 239 -24.23 -27.60 22.43
N MET B 240 -23.84 -27.63 23.72
CA MET B 240 -22.65 -26.91 24.17
C MET B 240 -21.40 -27.47 23.50
N MET B 241 -21.29 -28.79 23.45
CA MET B 241 -20.10 -29.38 22.86
C MET B 241 -19.99 -29.05 21.36
N ARG B 242 -21.11 -29.06 20.68
CA ARG B 242 -21.15 -28.68 19.27
C ARG B 242 -20.58 -27.25 19.09
N LYS B 243 -20.92 -26.33 19.99
CA LYS B 243 -20.40 -24.98 19.86
C LYS B 243 -18.94 -24.89 20.29
N ALA B 244 -18.50 -25.71 21.24
CA ALA B 244 -17.09 -25.82 21.55
C ALA B 244 -16.28 -26.22 20.30
N ALA B 245 -16.82 -27.18 19.55
CA ALA B 245 -16.15 -27.65 18.30
C ALA B 245 -16.10 -26.54 17.23
N GLU B 246 -17.18 -25.75 17.13
CA GLU B 246 -17.21 -24.63 16.22
C GLU B 246 -16.13 -23.58 16.58
N LEU B 247 -15.93 -23.31 17.87
CA LEU B 247 -14.90 -22.37 18.30
C LEU B 247 -13.52 -22.92 18.00
N ALA B 248 -13.34 -24.22 18.20
CA ALA B 248 -12.09 -24.86 17.87
C ALA B 248 -11.80 -24.75 16.39
N ASP B 249 -12.81 -24.97 15.56
CA ASP B 249 -12.69 -24.79 14.12
C ASP B 249 -12.33 -23.36 13.77
N GLU B 250 -12.97 -22.37 14.42
CA GLU B 250 -12.73 -20.97 14.17
C GLU B 250 -11.28 -20.61 14.45
N ALA B 251 -10.76 -21.13 15.54
CA ALA B 251 -9.37 -20.93 15.93
C ALA B 251 -8.42 -21.46 14.86
N ARG B 252 -8.70 -22.67 14.39
CA ARG B 252 -7.87 -23.30 13.35
C ARG B 252 -7.91 -22.48 12.01
N GLU B 253 -9.07 -21.96 11.64
CA GLU B 253 -9.17 -21.14 10.46
C GLU B 253 -8.39 -19.81 10.59
N LEU B 254 -8.33 -19.24 11.80
CA LEU B 254 -7.49 -18.08 12.05
C LEU B 254 -6.04 -18.39 11.77
N GLU B 255 -5.56 -19.51 12.26
CA GLU B 255 -4.18 -19.92 11.97
C GLU B 255 -3.93 -20.12 10.47
N LYS B 256 -4.91 -20.72 9.77
CA LYS B 256 -4.87 -20.82 8.31
C LYS B 256 -4.75 -19.47 7.69
N SER B 257 -5.48 -18.45 8.19
CA SER B 257 -5.47 -17.15 7.54
C SER B 257 -4.10 -16.47 7.61
N ASN B 258 -3.28 -16.90 8.55
CA ASN B 258 -1.92 -16.37 8.68
C ASN B 258 -0.88 -17.33 8.16
N ASP B 259 -1.31 -18.44 7.55
CA ASP B 259 -0.40 -19.50 7.11
C ASP B 259 0.53 -19.90 8.27
N ALA B 260 -0.08 -20.19 9.42
CA ALA B 260 0.70 -20.42 10.63
C ALA B 260 0.25 -21.63 11.38
N VAL B 261 -0.35 -22.61 10.68
CA VAL B 261 -0.86 -23.79 11.38
C VAL B 261 0.30 -24.65 11.78
N LEU B 262 0.45 -24.85 13.08
CA LEU B 262 1.51 -25.71 13.59
C LEU B 262 1.22 -27.18 13.21
N ARG B 263 2.23 -27.82 12.65
CA ARG B 263 2.19 -29.23 12.35
C ARG B 263 3.47 -29.86 12.90
N THR B 264 3.31 -30.96 13.61
CA THR B 264 4.43 -31.65 14.24
C THR B 264 4.40 -33.14 13.94
N PRO B 265 4.67 -33.52 12.69
CA PRO B 265 4.66 -34.92 12.28
C PRO B 265 5.87 -35.69 12.77
N HIS B 266 5.73 -37.01 12.80
CA HIS B 266 6.88 -37.88 13.14
C HIS B 266 7.66 -38.23 11.89
N ALA B 267 8.97 -38.28 12.03
CA ALA B 267 9.86 -38.90 11.05
C ALA B 267 9.80 -40.41 11.24
N PRO B 268 10.26 -41.20 10.23
CA PRO B 268 10.28 -42.66 10.37
C PRO B 268 11.06 -43.17 11.55
N ASP B 269 12.10 -42.43 11.96
CA ASP B 269 12.88 -42.79 13.15
C ASP B 269 12.23 -42.26 14.44
N GLY B 270 11.07 -41.62 14.30
CA GLY B 270 10.29 -41.20 15.47
C GLY B 270 10.55 -39.80 15.96
N LYS B 271 11.55 -39.13 15.39
CA LYS B 271 11.81 -37.72 15.71
C LYS B 271 10.55 -36.88 15.41
N VAL B 272 10.21 -36.00 16.32
CA VAL B 272 9.08 -35.14 16.12
C VAL B 272 9.55 -33.91 15.33
N LEU B 273 8.97 -33.68 14.16
CA LEU B 273 9.35 -32.57 13.35
C LEU B 273 8.39 -31.42 13.62
N SER B 274 8.68 -30.27 13.01
CA SER B 274 7.91 -29.06 13.24
C SER B 274 7.90 -28.18 12.00
N LYS B 275 6.75 -27.58 11.74
CA LYS B 275 6.61 -26.57 10.72
C LYS B 275 5.41 -25.68 11.07
N ARG B 276 5.37 -24.49 10.48
CA ARG B 276 4.25 -23.58 10.51
C ARG B 276 3.68 -23.22 9.13
N LYS B 277 4.53 -22.95 8.16
CA LYS B 277 4.07 -22.55 6.84
C LYS B 277 3.65 -23.79 6.05
N PHE B 278 2.56 -23.64 5.29
CA PHE B 278 1.97 -24.74 4.55
C PHE B 278 3.00 -25.44 3.65
N MET B 279 3.78 -24.68 2.89
CA MET B 279 4.81 -25.28 1.99
C MET B 279 6.19 -25.54 2.60
N GLU B 280 6.36 -25.27 3.87
CA GLU B 280 7.61 -25.53 4.58
C GLU B 280 7.72 -27.02 4.86
N ASP B 281 8.88 -27.59 4.58
CA ASP B 281 9.19 -28.94 5.00
C ASP B 281 9.26 -29.05 6.50
N PRO B 282 8.67 -30.11 7.08
CA PRO B 282 8.82 -30.25 8.52
C PRO B 282 10.23 -30.64 8.88
N GLU B 283 10.79 -30.02 9.93
CA GLU B 283 12.12 -30.39 10.44
C GLU B 283 12.24 -30.36 11.94
N THR C 2 -5.79 -0.29 -32.81
CA THR C 2 -6.60 -1.30 -33.52
C THR C 2 -7.74 -1.78 -32.64
N VAL C 3 -8.88 -2.05 -33.24
CA VAL C 3 -10.03 -2.58 -32.54
C VAL C 3 -10.18 -4.03 -32.96
N ALA C 4 -10.04 -4.95 -32.02
CA ALA C 4 -10.32 -6.36 -32.27
C ALA C 4 -11.84 -6.60 -32.24
N LYS C 5 -12.30 -7.47 -33.14
CA LYS C 5 -13.71 -7.78 -33.26
C LYS C 5 -13.93 -9.29 -33.15
N ALA C 6 -14.97 -9.69 -32.41
CA ALA C 6 -15.34 -11.11 -32.30
C ALA C 6 -16.83 -11.25 -32.21
N ILE C 7 -17.30 -12.41 -32.67
CA ILE C 7 -18.69 -12.81 -32.51
C ILE C 7 -18.70 -13.97 -31.51
N PHE C 8 -19.61 -13.90 -30.55
CA PHE C 8 -19.81 -14.96 -29.56
C PHE C 8 -21.14 -15.62 -29.86
N ILE C 9 -21.15 -16.94 -29.96
CA ILE C 9 -22.36 -17.73 -30.24
C ILE C 9 -22.68 -18.58 -29.03
N LYS C 10 -23.90 -18.40 -28.52
CA LYS C 10 -24.32 -19.06 -27.27
C LYS C 10 -25.54 -19.93 -27.50
N CYS C 11 -25.33 -21.23 -27.44
CA CYS C 11 -26.40 -22.23 -27.59
C CYS C 11 -26.37 -23.18 -26.41
N GLY C 12 -27.44 -23.20 -25.62
CA GLY C 12 -27.43 -23.93 -24.39
C GLY C 12 -26.83 -23.01 -23.35
N ASN C 13 -26.58 -23.51 -22.16
CA ASN C 13 -25.97 -22.65 -21.16
C ASN C 13 -24.94 -23.37 -20.36
N LEU C 14 -23.82 -22.69 -20.19
CA LEU C 14 -22.76 -23.13 -19.29
C LEU C 14 -22.39 -21.87 -18.47
N GLY C 15 -21.85 -22.02 -17.27
CA GLY C 15 -21.41 -20.82 -16.53
C GLY C 15 -20.40 -20.00 -17.33
N THR C 16 -19.46 -20.69 -17.95
CA THR C 16 -18.41 -20.00 -18.68
C THR C 16 -18.96 -19.31 -19.93
N SER C 17 -19.90 -19.93 -20.62
CA SER C 17 -20.39 -19.34 -21.85
C SER C 17 -21.34 -18.17 -21.55
N MET C 18 -22.01 -18.22 -20.40
CA MET C 18 -22.83 -17.10 -19.96
C MET C 18 -21.99 -15.80 -19.79
N MET C 19 -20.81 -15.94 -19.22
CA MET C 19 -20.02 -14.79 -18.77
C MET C 19 -18.87 -14.43 -19.74
N MET C 20 -18.54 -15.33 -20.66
CA MET C 20 -17.26 -15.25 -21.39
C MET C 20 -17.01 -13.87 -22.03
N ASP C 21 -17.99 -13.31 -22.74
CA ASP C 21 -17.77 -11.98 -23.36
C ASP C 21 -17.61 -10.86 -22.31
N MET C 22 -18.39 -10.92 -21.25
CA MET C 22 -18.42 -9.83 -20.27
C MET C 22 -17.16 -9.77 -19.42
N LEU C 23 -16.46 -10.91 -19.29
CA LEU C 23 -15.18 -11.00 -18.62
C LEU C 23 -14.06 -10.23 -19.30
N LEU C 24 -14.30 -9.85 -20.56
CA LEU C 24 -13.32 -9.16 -21.36
C LEU C 24 -13.53 -7.66 -21.35
N ASP C 25 -14.64 -7.15 -20.83
CA ASP C 25 -14.91 -5.71 -20.78
C ASP C 25 -15.82 -5.33 -19.62
N GLU C 26 -15.32 -5.57 -18.43
CA GLU C 26 -16.13 -5.58 -17.21
C GLU C 26 -16.79 -4.23 -16.84
N ARG C 27 -16.25 -3.13 -17.35
CA ARG C 27 -16.84 -1.81 -17.15
C ARG C 27 -17.24 -1.16 -18.46
N ALA C 28 -17.22 -1.92 -19.56
CA ALA C 28 -17.61 -1.41 -20.87
C ALA C 28 -16.78 -0.21 -21.32
N ASP C 29 -15.54 -0.09 -20.84
CA ASP C 29 -14.71 1.08 -21.20
C ASP C 29 -13.51 0.76 -22.11
N ARG C 30 -13.42 -0.48 -22.57
CA ARG C 30 -12.38 -0.85 -23.53
C ARG C 30 -12.66 -0.21 -24.88
N GLU C 31 -11.65 0.42 -25.45
CA GLU C 31 -11.77 1.07 -26.75
C GLU C 31 -11.17 0.20 -27.84
N ASP C 32 -10.59 -0.93 -27.47
CA ASP C 32 -9.87 -1.77 -28.42
C ASP C 32 -10.63 -3.06 -28.77
N VAL C 33 -11.89 -3.16 -28.38
CA VAL C 33 -12.70 -4.34 -28.73
C VAL C 33 -14.10 -3.94 -29.14
N GLU C 34 -14.71 -4.79 -29.98
CA GLU C 34 -16.10 -4.68 -30.30
C GLU C 34 -16.66 -6.09 -30.50
N PHE C 35 -17.75 -6.40 -29.81
CA PHE C 35 -18.32 -7.75 -29.89
C PHE C 35 -19.75 -7.75 -30.34
N ARG C 36 -20.12 -8.84 -30.98
CA ARG C 36 -21.51 -9.19 -31.21
C ARG C 36 -21.78 -10.56 -30.59
N VAL C 37 -22.97 -10.69 -30.06
CA VAL C 37 -23.39 -11.89 -29.37
C VAL C 37 -24.71 -12.35 -29.97
N VAL C 38 -24.74 -13.60 -30.39
CA VAL C 38 -25.94 -14.18 -30.96
C VAL C 38 -26.18 -15.57 -30.43
N GLY C 39 -27.44 -16.02 -30.46
CA GLY C 39 -27.72 -17.38 -30.08
C GLY C 39 -29.18 -17.75 -30.14
N THR C 40 -29.44 -18.96 -29.67
CA THR C 40 -30.77 -19.56 -29.71
C THR C 40 -31.21 -19.91 -28.28
N SER C 41 -30.72 -19.15 -27.33
CA SER C 41 -31.01 -19.35 -25.93
C SER C 41 -30.55 -20.77 -25.53
N VAL C 42 -31.38 -21.45 -24.75
CA VAL C 42 -31.02 -22.77 -24.15
C VAL C 42 -31.00 -23.95 -25.14
N LYS C 43 -31.58 -23.76 -26.33
CA LYS C 43 -31.75 -24.85 -27.30
C LYS C 43 -30.45 -25.09 -28.08
N MET C 44 -30.00 -26.34 -28.11
CA MET C 44 -28.75 -26.69 -28.78
C MET C 44 -28.87 -28.00 -29.59
N ASP C 45 -30.07 -28.27 -30.10
CA ASP C 45 -30.28 -29.28 -31.14
C ASP C 45 -29.57 -28.79 -32.42
N PRO C 46 -29.17 -29.73 -33.31
CA PRO C 46 -28.52 -29.36 -34.60
C PRO C 46 -29.18 -28.24 -35.40
N GLU C 47 -30.50 -28.25 -35.47
CA GLU C 47 -31.27 -27.26 -36.21
C GLU C 47 -31.05 -25.86 -35.63
N CYS C 48 -31.23 -25.74 -34.32
CA CYS C 48 -31.01 -24.47 -33.63
C CYS C 48 -29.57 -23.99 -33.74
N VAL C 49 -28.62 -24.91 -33.56
CA VAL C 49 -27.22 -24.54 -33.58
C VAL C 49 -26.83 -24.05 -34.94
N GLU C 50 -27.30 -24.72 -36.00
CA GLU C 50 -27.06 -24.28 -37.38
C GLU C 50 -27.62 -22.89 -37.62
N ALA C 51 -28.84 -22.66 -37.12
CA ALA C 51 -29.47 -21.33 -37.18
C ALA C 51 -28.62 -20.28 -36.48
N ALA C 52 -28.09 -20.64 -35.32
CA ALA C 52 -27.23 -19.73 -34.54
C ALA C 52 -25.94 -19.39 -35.31
N VAL C 53 -25.25 -20.42 -35.80
CA VAL C 53 -24.01 -20.19 -36.51
C VAL C 53 -24.25 -19.40 -37.79
N GLU C 54 -25.37 -19.67 -38.46
CA GLU C 54 -25.73 -18.92 -39.67
C GLU C 54 -25.98 -17.43 -39.43
N MET C 55 -26.67 -17.11 -38.33
CA MET C 55 -26.79 -15.72 -37.84
C MET C 55 -25.43 -15.08 -37.70
N ALA C 56 -24.52 -15.80 -37.06
CA ALA C 56 -23.16 -15.34 -36.85
C ALA C 56 -22.46 -15.05 -38.17
N LEU C 57 -22.49 -16.01 -39.08
CA LEU C 57 -21.78 -15.90 -40.36
C LEU C 57 -22.40 -14.83 -41.26
N ASP C 58 -23.71 -14.67 -41.17
CA ASP C 58 -24.42 -13.60 -41.87
C ASP C 58 -23.97 -12.21 -41.34
N ILE C 59 -23.91 -12.06 -40.02
CA ILE C 59 -23.39 -10.84 -39.41
C ILE C 59 -21.91 -10.65 -39.75
N ALA C 60 -21.13 -11.73 -39.73
CA ALA C 60 -19.67 -11.70 -40.02
C ALA C 60 -19.33 -11.05 -41.36
N GLU C 61 -20.19 -11.23 -42.34
CA GLU C 61 -19.97 -10.66 -43.68
C GLU C 61 -19.68 -9.17 -43.60
N ASP C 62 -20.53 -8.44 -42.87
CA ASP C 62 -20.37 -7.01 -42.67
C ASP C 62 -19.53 -6.66 -41.44
N PHE C 63 -19.59 -7.49 -40.40
CA PHE C 63 -18.84 -7.19 -39.17
C PHE C 63 -17.34 -7.45 -39.29
N GLU C 64 -16.98 -8.50 -40.04
CA GLU C 64 -15.59 -8.88 -40.23
C GLU C 64 -14.86 -9.12 -38.90
N PRO C 65 -15.30 -10.14 -38.12
CA PRO C 65 -14.68 -10.45 -36.83
C PRO C 65 -13.31 -11.10 -37.03
N ASP C 66 -12.41 -10.89 -36.08
CA ASP C 66 -11.10 -11.52 -36.10
C ASP C 66 -11.17 -12.96 -35.67
N PHE C 67 -12.13 -13.27 -34.82
CA PHE C 67 -12.41 -14.64 -34.43
C PHE C 67 -13.85 -14.79 -33.97
N ILE C 68 -14.30 -16.04 -33.90
CA ILE C 68 -15.66 -16.36 -33.48
C ILE C 68 -15.56 -17.40 -32.35
N VAL C 69 -16.40 -17.21 -31.32
CA VAL C 69 -16.43 -18.09 -30.17
C VAL C 69 -17.80 -18.78 -30.16
N TYR C 70 -17.79 -20.10 -30.09
CA TYR C 70 -19.00 -20.87 -29.83
C TYR C 70 -18.89 -21.42 -28.41
N GLY C 71 -19.91 -21.12 -27.59
CA GLY C 71 -19.94 -21.60 -26.23
C GLY C 71 -21.22 -22.32 -25.86
N GLY C 72 -21.07 -23.41 -25.13
CA GLY C 72 -22.20 -24.10 -24.57
C GLY C 72 -21.83 -25.49 -24.21
N PRO C 73 -22.79 -26.26 -23.70
CA PRO C 73 -22.54 -27.62 -23.25
C PRO C 73 -22.06 -28.56 -24.33
N ASN C 74 -21.24 -29.51 -23.91
CA ASN C 74 -20.88 -30.70 -24.66
C ASN C 74 -20.57 -30.53 -26.13
N PRO C 75 -19.33 -30.14 -26.44
CA PRO C 75 -18.83 -30.08 -27.81
C PRO C 75 -19.02 -31.35 -28.63
N ALA C 76 -19.14 -32.51 -27.97
CA ALA C 76 -19.30 -33.80 -28.66
C ALA C 76 -20.74 -34.10 -29.06
N ALA C 77 -21.70 -33.37 -28.51
CA ALA C 77 -23.11 -33.59 -28.81
C ALA C 77 -23.41 -33.17 -30.26
N PRO C 78 -24.53 -33.69 -30.83
CA PRO C 78 -24.92 -33.41 -32.21
C PRO C 78 -24.94 -31.93 -32.60
N GLY C 79 -25.59 -31.08 -31.80
CA GLY C 79 -25.70 -29.66 -32.13
C GLY C 79 -24.37 -28.94 -32.18
N PRO C 80 -23.60 -29.04 -31.09
CA PRO C 80 -22.25 -28.47 -31.06
C PRO C 80 -21.31 -29.06 -32.11
N SER C 81 -21.48 -30.33 -32.46
CA SER C 81 -20.65 -30.96 -33.47
C SER C 81 -20.88 -30.29 -34.84
N LYS C 82 -22.13 -29.89 -35.10
CA LYS C 82 -22.47 -29.14 -36.31
C LYS C 82 -21.83 -27.77 -36.27
N ALA C 83 -21.86 -27.09 -35.11
CA ALA C 83 -21.20 -25.78 -35.04
C ALA C 83 -19.69 -25.88 -35.28
N ARG C 84 -19.05 -26.92 -34.76
CA ARG C 84 -17.62 -27.12 -34.98
C ARG C 84 -17.32 -27.32 -36.46
N GLU C 85 -18.17 -28.14 -37.10
CA GLU C 85 -18.09 -28.43 -38.55
C GLU C 85 -18.22 -27.13 -39.38
N MET C 86 -19.26 -26.36 -39.13
CA MET C 86 -19.46 -25.07 -39.80
C MET C 86 -18.31 -24.06 -39.55
N LEU C 87 -17.87 -23.94 -38.30
CA LEU C 87 -16.81 -22.98 -37.94
C LEU C 87 -15.44 -23.42 -38.47
N ALA C 88 -15.17 -24.71 -38.42
CA ALA C 88 -13.92 -25.25 -38.96
C ALA C 88 -13.84 -25.01 -40.47
N ASP C 89 -14.99 -25.11 -41.14
CA ASP C 89 -15.13 -24.82 -42.58
C ASP C 89 -14.98 -23.35 -42.94
N SER C 90 -15.32 -22.45 -42.02
CA SER C 90 -15.36 -21.02 -42.31
C SER C 90 -13.95 -20.44 -42.40
N GLU C 91 -13.87 -19.20 -42.86
CA GLU C 91 -12.61 -18.46 -42.95
C GLU C 91 -12.16 -17.90 -41.59
N TYR C 92 -13.04 -17.93 -40.59
CA TYR C 92 -12.75 -17.28 -39.34
C TYR C 92 -12.11 -18.25 -38.33
N PRO C 93 -11.02 -17.81 -37.67
CA PRO C 93 -10.51 -18.53 -36.53
C PRO C 93 -11.60 -18.66 -35.48
N ALA C 94 -11.70 -19.82 -34.87
CA ALA C 94 -12.77 -20.08 -33.93
C ALA C 94 -12.32 -20.87 -32.70
N VAL C 95 -12.98 -20.58 -31.59
CA VAL C 95 -12.69 -21.18 -30.29
C VAL C 95 -13.98 -21.77 -29.74
N ILE C 96 -13.87 -23.01 -29.26
CA ILE C 96 -14.99 -23.72 -28.65
C ILE C 96 -14.89 -23.71 -27.11
N ILE C 97 -15.90 -23.12 -26.46
CA ILE C 97 -15.98 -23.13 -25.01
C ILE C 97 -16.94 -24.26 -24.65
N GLY C 98 -16.47 -25.18 -23.82
CA GLY C 98 -17.30 -26.28 -23.37
C GLY C 98 -16.91 -26.78 -22.01
N ASP C 99 -17.36 -28.01 -21.73
CA ASP C 99 -17.31 -28.65 -20.42
C ASP C 99 -16.53 -29.98 -20.57
N ALA C 100 -16.54 -30.80 -19.52
CA ALA C 100 -15.77 -32.05 -19.51
C ALA C 100 -16.14 -33.08 -20.61
N PRO C 101 -17.43 -33.30 -20.91
CA PRO C 101 -17.78 -34.14 -22.05
C PRO C 101 -17.09 -33.73 -23.39
N GLY C 102 -16.68 -32.46 -23.51
CA GLY C 102 -15.88 -32.01 -24.63
C GLY C 102 -14.53 -32.68 -24.81
N LEU C 103 -14.02 -33.30 -23.75
CA LEU C 103 -12.76 -34.04 -23.83
C LEU C 103 -12.79 -35.16 -24.86
N LYS C 104 -13.96 -35.77 -25.05
CA LYS C 104 -14.11 -36.83 -26.07
C LYS C 104 -13.77 -36.39 -27.50
N VAL C 105 -13.92 -35.10 -27.83
CA VAL C 105 -13.68 -34.59 -29.17
C VAL C 105 -12.52 -33.61 -29.22
N LYS C 106 -11.62 -33.70 -28.26
CA LYS C 106 -10.48 -32.80 -28.14
C LYS C 106 -9.53 -32.95 -29.32
N ASP C 107 -9.20 -34.18 -29.64
CA ASP C 107 -8.29 -34.46 -30.75
C ASP C 107 -8.91 -34.08 -32.10
N GLU C 108 -10.21 -34.35 -32.21
CA GLU C 108 -11.03 -33.96 -33.35
C GLU C 108 -11.01 -32.45 -33.56
N MET C 109 -11.24 -31.68 -32.49
CA MET C 109 -11.15 -30.23 -32.52
C MET C 109 -9.78 -29.73 -32.97
N GLU C 110 -8.70 -30.35 -32.48
CA GLU C 110 -7.37 -29.97 -32.95
C GLU C 110 -7.20 -30.23 -34.44
N GLU C 111 -7.70 -31.38 -34.90
CA GLU C 111 -7.64 -31.75 -36.30
C GLU C 111 -8.48 -30.78 -37.13
N GLN C 112 -9.60 -30.33 -36.59
CA GLN C 112 -10.44 -29.31 -37.26
C GLN C 112 -9.82 -27.90 -37.28
N GLY C 113 -8.70 -27.69 -36.59
CA GLY C 113 -8.07 -26.37 -36.55
C GLY C 113 -8.81 -25.38 -35.65
N LEU C 114 -9.52 -25.91 -34.66
CA LEU C 114 -10.29 -25.09 -33.73
C LEU C 114 -9.55 -24.95 -32.41
N GLY C 115 -9.69 -23.79 -31.77
CA GLY C 115 -9.32 -23.68 -30.37
C GLY C 115 -10.42 -24.18 -29.45
N TYR C 116 -10.03 -24.42 -28.19
CA TYR C 116 -10.95 -24.86 -27.16
C TYR C 116 -10.54 -24.44 -25.78
N ILE C 117 -11.55 -24.21 -24.96
CA ILE C 117 -11.38 -24.08 -23.53
C ILE C 117 -12.46 -24.92 -22.89
N LEU C 118 -12.01 -26.03 -22.30
CA LEU C 118 -12.89 -27.02 -21.70
C LEU C 118 -12.78 -26.89 -20.20
N VAL C 119 -13.91 -26.56 -19.57
CA VAL C 119 -13.95 -26.20 -18.17
C VAL C 119 -14.66 -27.34 -17.43
N LYS C 120 -13.85 -28.23 -16.88
CA LYS C 120 -14.36 -29.42 -16.20
C LYS C 120 -15.34 -29.14 -15.05
N PRO C 121 -15.04 -28.14 -14.20
CA PRO C 121 -15.95 -27.71 -13.12
C PRO C 121 -17.25 -27.07 -13.57
N ASP C 122 -17.40 -26.75 -14.87
CA ASP C 122 -18.64 -26.15 -15.42
C ASP C 122 -19.71 -27.26 -15.59
N ALA C 123 -20.22 -27.73 -14.45
CA ALA C 123 -20.94 -29.00 -14.37
C ALA C 123 -22.37 -28.91 -14.84
N MET C 124 -22.84 -29.92 -15.56
CA MET C 124 -24.26 -30.03 -15.87
C MET C 124 -25.08 -30.08 -14.59
N LEU C 125 -26.21 -29.38 -14.59
CA LEU C 125 -27.14 -29.33 -13.47
C LEU C 125 -28.17 -30.48 -13.53
N GLY C 126 -29.05 -30.49 -12.53
CA GLY C 126 -29.95 -31.60 -12.27
C GLY C 126 -31.24 -31.44 -13.02
N ALA C 127 -31.18 -31.65 -14.33
CA ALA C 127 -32.27 -31.25 -15.23
C ALA C 127 -33.41 -32.28 -15.31
N ARG C 128 -34.17 -32.40 -14.22
CA ARG C 128 -35.36 -33.23 -14.14
C ARG C 128 -36.52 -32.31 -13.78
N ARG C 129 -37.62 -32.41 -14.52
CA ARG C 129 -38.76 -31.49 -14.35
C ARG C 129 -39.29 -31.39 -12.92
N GLU C 130 -39.20 -32.47 -12.18
CA GLU C 130 -39.73 -32.57 -10.81
C GLU C 130 -38.91 -31.69 -9.85
N PHE C 131 -37.70 -31.37 -10.25
CA PHE C 131 -36.79 -30.61 -9.41
C PHE C 131 -36.43 -29.27 -10.00
N LEU C 132 -36.00 -29.28 -11.25
CA LEU C 132 -35.49 -28.09 -11.88
C LEU C 132 -36.56 -27.17 -12.53
N ASP C 133 -36.97 -26.15 -11.78
CA ASP C 133 -37.74 -25.06 -12.33
C ASP C 133 -36.82 -23.87 -12.64
N PRO C 134 -37.36 -22.83 -13.25
CA PRO C 134 -36.50 -21.68 -13.53
C PRO C 134 -35.72 -21.12 -12.34
N VAL C 135 -36.38 -20.98 -11.21
CA VAL C 135 -35.71 -20.46 -10.03
C VAL C 135 -34.55 -21.35 -9.57
N GLU C 136 -34.78 -22.68 -9.53
CA GLU C 136 -33.69 -23.59 -9.16
C GLU C 136 -32.53 -23.50 -10.17
N MET C 137 -32.86 -23.46 -11.45
CA MET C 137 -31.87 -23.26 -12.50
CA MET C 137 -31.83 -23.28 -12.49
C MET C 137 -30.98 -22.04 -12.23
N ALA C 138 -31.62 -20.92 -11.88
CA ALA C 138 -30.94 -19.67 -11.60
C ALA C 138 -30.12 -19.76 -10.33
N ILE C 139 -30.66 -20.40 -9.31
CA ILE C 139 -29.90 -20.65 -8.08
C ILE C 139 -28.61 -21.42 -8.31
N TYR C 140 -28.72 -22.51 -9.03
CA TYR C 140 -27.53 -23.32 -9.38
C TYR C 140 -26.53 -22.49 -10.13
N ASN C 141 -27.01 -21.70 -11.11
CA ASN C 141 -26.11 -20.85 -11.88
C ASN C 141 -25.40 -19.82 -11.02
N ALA C 142 -26.10 -19.29 -10.02
CA ALA C 142 -25.53 -18.33 -9.09
C ALA C 142 -24.40 -18.97 -8.32
N ASP C 143 -24.63 -20.18 -7.78
CA ASP C 143 -23.59 -20.95 -7.08
C ASP C 143 -22.42 -21.27 -7.98
N LEU C 144 -22.70 -21.73 -9.18
CA LEU C 144 -21.62 -22.09 -10.11
C LEU C 144 -20.78 -20.87 -10.52
N MET C 145 -21.41 -19.74 -10.77
CA MET C 145 -20.73 -18.52 -11.17
C MET C 145 -19.82 -18.05 -10.05
N LYS C 146 -20.30 -18.16 -8.81
CA LYS C 146 -19.44 -17.90 -7.63
C LYS C 146 -18.20 -18.79 -7.61
N VAL C 147 -18.41 -20.07 -7.81
CA VAL C 147 -17.28 -21.00 -7.83
C VAL C 147 -16.29 -20.59 -8.93
N LEU C 148 -16.77 -20.46 -10.16
CA LEU C 148 -15.86 -20.24 -11.27
C LEU C 148 -15.15 -18.88 -11.16
N ALA C 149 -15.83 -17.90 -10.56
CA ALA C 149 -15.24 -16.60 -10.34
C ALA C 149 -14.23 -16.59 -9.21
N ALA C 150 -14.68 -16.96 -8.01
CA ALA C 150 -13.87 -16.79 -6.80
C ALA C 150 -12.71 -17.79 -6.73
N THR C 151 -12.74 -18.87 -7.51
CA THR C 151 -11.61 -19.82 -7.52
C THR C 151 -10.52 -19.37 -8.50
N GLY C 152 -10.82 -18.41 -9.35
CA GLY C 152 -9.87 -18.02 -10.35
C GLY C 152 -10.03 -18.58 -11.75
N VAL C 153 -11.03 -19.45 -11.95
CA VAL C 153 -11.26 -20.03 -13.27
C VAL C 153 -11.52 -18.95 -14.31
N PHE C 154 -12.38 -18.00 -14.00
CA PHE C 154 -12.74 -16.97 -14.95
C PHE C 154 -11.52 -16.09 -15.28
N ARG C 155 -10.58 -15.96 -14.36
CA ARG C 155 -9.32 -15.26 -14.67
C ARG C 155 -8.48 -16.04 -15.74
N VAL C 156 -8.50 -17.36 -15.68
CA VAL C 156 -7.83 -18.18 -16.70
C VAL C 156 -8.48 -17.97 -18.09
N VAL C 157 -9.81 -17.92 -18.12
CA VAL C 157 -10.54 -17.68 -19.35
C VAL C 157 -10.28 -16.26 -19.90
N GLN C 158 -10.31 -15.29 -19.01
CA GLN C 158 -10.06 -13.92 -19.33
C GLN C 158 -8.71 -13.80 -20.00
N GLU C 159 -7.71 -14.36 -19.36
CA GLU C 159 -6.35 -14.33 -19.89
C GLU C 159 -6.20 -14.93 -21.26
N ALA C 160 -6.85 -16.07 -21.49
CA ALA C 160 -6.72 -16.77 -22.76
C ALA C 160 -7.27 -15.89 -23.89
N PHE C 161 -8.43 -15.26 -23.66
CA PHE C 161 -9.02 -14.39 -24.65
C PHE C 161 -8.25 -13.07 -24.82
N ASP C 162 -7.78 -12.48 -23.73
CA ASP C 162 -6.97 -11.28 -23.83
C ASP C 162 -5.71 -11.51 -24.67
N GLU C 163 -5.09 -12.67 -24.52
CA GLU C 163 -3.94 -13.01 -25.36
C GLU C 163 -4.34 -13.15 -26.82
N LEU C 164 -5.47 -13.81 -27.07
CA LEU C 164 -5.96 -13.98 -28.42
C LEU C 164 -6.31 -12.62 -29.04
N ILE C 165 -6.94 -11.76 -28.26
CA ILE C 165 -7.27 -10.41 -28.71
C ILE C 165 -6.01 -9.63 -29.12
N GLU C 166 -4.95 -9.73 -28.32
CA GLU C 166 -3.69 -9.06 -28.68
C GLU C 166 -3.09 -9.55 -29.98
N LYS C 167 -3.19 -10.86 -30.23
CA LYS C 167 -2.73 -11.42 -31.48
C LYS C 167 -3.60 -10.95 -32.64
N ALA C 168 -4.91 -10.84 -32.41
CA ALA C 168 -5.85 -10.29 -33.40
C ALA C 168 -5.43 -8.90 -33.82
N LYS C 169 -4.92 -8.14 -32.85
CA LYS C 169 -4.52 -6.77 -33.09
C LYS C 169 -3.21 -6.61 -33.91
N GLU C 170 -2.42 -7.69 -34.07
CA GLU C 170 -1.31 -7.79 -35.09
C GLU C 170 -1.67 -8.82 -36.20
N ASP C 171 -2.94 -8.80 -36.61
CA ASP C 171 -3.54 -9.49 -37.77
C ASP C 171 -3.44 -11.04 -37.83
N GLU C 172 -2.25 -11.60 -37.65
CA GLU C 172 -2.06 -13.00 -38.00
C GLU C 172 -2.62 -13.93 -36.93
N ILE C 173 -3.92 -13.98 -36.66
CA ILE C 173 -4.35 -15.12 -35.82
C ILE C 173 -4.16 -16.38 -36.66
N SER C 174 -3.17 -17.19 -36.28
CA SER C 174 -2.95 -18.51 -36.86
C SER C 174 -3.51 -19.59 -35.93
N GLU C 175 -3.61 -20.82 -36.45
CA GLU C 175 -4.06 -21.98 -35.67
C GLU C 175 -3.18 -22.21 -34.40
N ASN C 176 -1.91 -21.84 -34.46
CA ASN C 176 -1.00 -21.91 -33.29
C ASN C 176 -1.33 -20.94 -32.16
N ASP C 177 -2.05 -19.87 -32.50
CA ASP C 177 -2.41 -18.86 -31.52
C ASP C 177 -3.70 -19.24 -30.74
N LEU C 178 -4.47 -20.21 -31.27
CA LEU C 178 -5.76 -20.51 -30.68
C LEU C 178 -5.55 -21.22 -29.34
N PRO C 179 -6.34 -20.85 -28.35
CA PRO C 179 -6.19 -21.52 -27.06
C PRO C 179 -6.53 -22.99 -27.15
N LYS C 180 -5.83 -23.80 -26.34
CA LYS C 180 -6.13 -25.19 -26.18
C LYS C 180 -6.03 -25.54 -24.70
N LEU C 181 -7.08 -25.19 -23.96
CA LEU C 181 -7.05 -25.30 -22.53
C LEU C 181 -8.05 -26.31 -22.02
N VAL C 182 -7.63 -27.05 -20.99
CA VAL C 182 -8.50 -27.88 -20.17
C VAL C 182 -8.34 -27.39 -18.74
N ILE C 183 -9.42 -26.90 -18.13
CA ILE C 183 -9.36 -26.29 -16.82
C ILE C 183 -10.00 -27.23 -15.80
N ASP C 184 -9.29 -27.46 -14.71
CA ASP C 184 -9.85 -28.22 -13.59
C ASP C 184 -9.16 -27.80 -12.29
N ARG C 185 -9.48 -28.53 -11.22
CA ARG C 185 -8.89 -28.30 -9.92
C ARG C 185 -7.38 -28.02 -9.99
N ASN C 186 -6.66 -28.88 -10.69
CA ASN C 186 -5.20 -28.80 -10.74
C ASN C 186 -4.65 -27.63 -11.55
N THR C 187 -5.50 -26.94 -12.28
CA THR C 187 -5.10 -25.71 -12.94
C THR C 187 -4.57 -24.71 -11.94
N LEU C 188 -5.14 -24.69 -10.72
CA LEU C 188 -4.69 -23.71 -9.73
C LEU C 188 -3.24 -23.90 -9.31
N LEU C 189 -2.72 -25.11 -9.44
CA LEU C 189 -1.36 -25.41 -9.03
C LEU C 189 -0.31 -24.73 -9.89
N GLU C 190 -0.68 -24.31 -11.10
CA GLU C 190 0.27 -23.65 -12.00
C GLU C 190 0.12 -22.16 -11.97
N ARG C 191 -0.76 -21.64 -11.13
CA ARG C 191 -1.04 -20.22 -11.10
C ARG C 191 -0.59 -19.61 -9.78
N GLU C 192 -0.67 -18.30 -9.69
CA GLU C 192 -0.36 -17.60 -8.44
C GLU C 192 -1.58 -16.73 -8.06
N GLU C 193 -2.76 -17.30 -8.19
CA GLU C 193 -4.00 -16.64 -7.91
C GLU C 193 -4.07 -16.20 -6.45
N PHE C 194 -3.71 -17.11 -5.53
CA PHE C 194 -3.94 -16.93 -4.12
C PHE C 194 -2.65 -16.66 -3.38
N GLU C 195 -2.61 -15.57 -2.61
CA GLU C 195 -1.49 -15.28 -1.70
C GLU C 195 -1.47 -16.33 -0.56
N ASN C 196 -2.63 -16.73 -0.09
CA ASN C 196 -2.72 -17.65 1.04
C ASN C 196 -2.92 -19.10 0.56
N PRO C 197 -2.09 -20.05 1.04
CA PRO C 197 -2.15 -21.41 0.53
C PRO C 197 -3.43 -22.15 0.91
N TYR C 198 -4.06 -21.75 2.01
CA TYR C 198 -5.34 -22.36 2.37
C TYR C 198 -6.48 -21.88 1.52
N ALA C 199 -6.42 -20.63 1.07
CA ALA C 199 -7.37 -20.11 0.09
C ALA C 199 -7.27 -20.92 -1.21
N MET C 200 -6.06 -21.23 -1.63
CA MET C 200 -5.85 -22.03 -2.82
C MET C 200 -6.44 -23.43 -2.66
N VAL C 201 -6.18 -24.09 -1.54
CA VAL C 201 -6.65 -25.44 -1.39
C VAL C 201 -8.13 -25.51 -1.14
N LYS C 202 -8.71 -24.50 -0.48
CA LYS C 202 -10.16 -24.37 -0.45
C LYS C 202 -10.74 -24.21 -1.86
N ALA C 203 -10.11 -23.35 -2.66
CA ALA C 203 -10.55 -23.15 -4.04
C ALA C 203 -10.42 -24.45 -4.89
N MET C 204 -9.36 -25.23 -4.64
CA MET C 204 -9.18 -26.52 -5.30
C MET C 204 -10.30 -27.47 -4.91
N ALA C 205 -10.62 -27.47 -3.63
CA ALA C 205 -11.71 -28.30 -3.13
C ALA C 205 -13.05 -27.93 -3.78
N ALA C 206 -13.28 -26.64 -3.92
CA ALA C 206 -14.49 -26.13 -4.61
C ALA C 206 -14.59 -26.65 -6.03
N LEU C 207 -13.48 -26.61 -6.74
CA LEU C 207 -13.42 -27.07 -8.14
C LEU C 207 -13.57 -28.57 -8.24
N GLU C 208 -12.99 -29.28 -7.28
CA GLU C 208 -13.15 -30.71 -7.23
C GLU C 208 -14.62 -31.08 -7.01
N ILE C 209 -15.26 -30.44 -6.06
CA ILE C 209 -16.65 -30.71 -5.81
C ILE C 209 -17.51 -30.37 -7.04
N ALA C 210 -17.29 -29.18 -7.62
CA ALA C 210 -18.04 -28.74 -8.82
C ALA C 210 -17.89 -29.73 -9.98
N GLU C 211 -16.68 -30.22 -10.18
CA GLU C 211 -16.46 -31.25 -11.17
C GLU C 211 -17.22 -32.57 -10.88
N ASN C 212 -17.21 -32.98 -9.63
CA ASN C 212 -17.92 -34.15 -9.19
C ASN C 212 -19.44 -33.96 -9.34
N VAL C 213 -19.95 -32.73 -9.26
CA VAL C 213 -21.39 -32.49 -9.48
C VAL C 213 -21.88 -33.08 -10.80
N ALA C 214 -21.07 -32.97 -11.85
CA ALA C 214 -21.43 -33.44 -13.19
C ALA C 214 -21.82 -34.90 -13.23
N ASP C 215 -21.06 -35.74 -12.54
CA ASP C 215 -21.36 -37.18 -12.49
C ASP C 215 -22.68 -37.48 -11.78
N VAL C 216 -22.99 -36.72 -10.76
CA VAL C 216 -24.20 -36.94 -10.00
C VAL C 216 -25.40 -36.55 -10.89
N SER C 217 -25.29 -35.39 -11.52
CA SER C 217 -26.31 -34.91 -12.49
C SER C 217 -26.53 -35.90 -13.61
N VAL C 218 -25.44 -36.39 -14.18
CA VAL C 218 -25.49 -37.38 -15.25
C VAL C 218 -26.19 -38.64 -14.79
N GLU C 219 -25.80 -39.17 -13.64
CA GLU C 219 -26.50 -40.32 -13.09
C GLU C 219 -27.98 -40.03 -12.95
N GLY C 220 -28.33 -38.89 -12.36
CA GLY C 220 -29.72 -38.57 -12.10
C GLY C 220 -30.55 -38.28 -13.35
N CYS C 221 -29.91 -37.74 -14.39
CA CYS C 221 -30.61 -37.33 -15.60
C CYS C 221 -30.66 -38.44 -16.68
N PHE C 222 -29.62 -39.27 -16.76
CA PHE C 222 -29.47 -40.19 -17.87
C PHE C 222 -29.43 -41.65 -17.52
N VAL C 223 -29.17 -42.02 -16.28
CA VAL C 223 -28.98 -43.44 -15.94
C VAL C 223 -30.13 -43.92 -15.06
N GLU C 224 -30.33 -43.22 -13.94
CA GLU C 224 -31.40 -43.54 -13.01
C GLU C 224 -32.75 -43.22 -13.62
N GLN C 225 -33.65 -44.21 -13.64
CA GLN C 225 -34.95 -44.11 -14.26
C GLN C 225 -36.12 -44.03 -13.28
N ASP C 226 -35.87 -44.36 -12.02
CA ASP C 226 -36.87 -44.32 -10.99
C ASP C 226 -36.91 -42.92 -10.34
N LYS C 227 -38.01 -42.18 -10.52
CA LYS C 227 -38.10 -40.84 -9.92
C LYS C 227 -37.91 -40.77 -8.38
N GLU C 228 -38.29 -41.82 -7.65
CA GLU C 228 -38.06 -41.87 -6.19
C GLU C 228 -36.57 -41.80 -5.88
N ARG C 229 -35.75 -42.18 -6.86
CA ARG C 229 -34.30 -42.13 -6.78
C ARG C 229 -33.71 -40.91 -7.44
N TYR C 230 -34.13 -40.63 -8.68
CA TYR C 230 -33.45 -39.61 -9.44
C TYR C 230 -33.75 -38.20 -8.96
N VAL C 231 -34.90 -37.96 -8.36
CA VAL C 231 -35.17 -36.62 -7.84
C VAL C 231 -34.22 -36.26 -6.67
N PRO C 232 -34.11 -37.13 -5.61
CA PRO C 232 -33.09 -36.91 -4.63
C PRO C 232 -31.69 -36.81 -5.17
N ILE C 233 -31.34 -37.67 -6.13
CA ILE C 233 -29.97 -37.59 -6.70
C ILE C 233 -29.65 -36.24 -7.34
N VAL C 234 -30.49 -35.76 -8.24
CA VAL C 234 -30.22 -34.46 -8.85
C VAL C 234 -30.22 -33.30 -7.84
N ALA C 235 -31.07 -33.40 -6.81
CA ALA C 235 -31.12 -32.39 -5.75
C ALA C 235 -29.83 -32.35 -4.99
N SER C 236 -29.26 -33.55 -4.78
CA SER C 236 -28.02 -33.67 -3.99
C SER C 236 -26.88 -33.03 -4.75
N ALA C 237 -26.93 -33.10 -6.07
CA ALA C 237 -25.91 -32.40 -6.92
C ALA C 237 -25.95 -30.89 -6.71
N HIS C 238 -27.16 -30.35 -6.56
CA HIS C 238 -27.31 -28.92 -6.26
C HIS C 238 -26.84 -28.57 -4.86
N GLU C 239 -27.13 -29.41 -3.89
CA GLU C 239 -26.57 -29.19 -2.54
C GLU C 239 -25.01 -29.15 -2.55
N MET C 240 -24.38 -30.02 -3.32
CA MET C 240 -22.93 -30.00 -3.46
C MET C 240 -22.41 -28.69 -4.08
N MET C 241 -23.07 -28.21 -5.14
CA MET C 241 -22.69 -26.99 -5.75
C MET C 241 -22.80 -25.80 -4.82
N ARG C 242 -23.86 -25.80 -4.00
CA ARG C 242 -24.01 -24.79 -2.98
C ARG C 242 -22.82 -24.76 -2.02
N LYS C 243 -22.30 -25.93 -1.64
CA LYS C 243 -21.17 -25.98 -0.75
C LYS C 243 -19.84 -25.65 -1.44
N ALA C 244 -19.73 -26.00 -2.72
CA ALA C 244 -18.59 -25.57 -3.52
C ALA C 244 -18.50 -24.03 -3.54
N ALA C 245 -19.65 -23.37 -3.66
CA ALA C 245 -19.72 -21.92 -3.64
C ALA C 245 -19.33 -21.33 -2.30
N GLU C 246 -19.74 -22.00 -1.21
CA GLU C 246 -19.29 -21.60 0.13
C GLU C 246 -17.79 -21.68 0.32
N LEU C 247 -17.20 -22.76 -0.15
CA LEU C 247 -15.78 -22.89 -0.16
C LEU C 247 -15.03 -21.81 -0.91
N ALA C 248 -15.55 -21.48 -2.10
CA ALA C 248 -14.96 -20.44 -2.93
C ALA C 248 -15.08 -19.09 -2.19
N ASP C 249 -16.22 -18.85 -1.55
CA ASP C 249 -16.42 -17.67 -0.71
C ASP C 249 -15.40 -17.64 0.39
N GLU C 250 -15.20 -18.77 1.05
CA GLU C 250 -14.26 -18.86 2.19
C GLU C 250 -12.85 -18.49 1.74
N ALA C 251 -12.48 -19.02 0.58
CA ALA C 251 -11.19 -18.75 0.02
C ALA C 251 -11.01 -17.25 -0.21
N ARG C 252 -12.00 -16.60 -0.81
CA ARG C 252 -11.90 -15.19 -1.10
C ARG C 252 -11.82 -14.36 0.19
N GLU C 253 -12.58 -14.73 1.20
CA GLU C 253 -12.52 -14.05 2.49
C GLU C 253 -11.13 -14.17 3.16
N LEU C 254 -10.47 -15.33 3.00
CA LEU C 254 -9.08 -15.46 3.44
C LEU C 254 -8.17 -14.47 2.77
N GLU C 255 -8.28 -14.32 1.46
CA GLU C 255 -7.53 -13.28 0.74
C GLU C 255 -7.83 -11.86 1.26
N LYS C 256 -9.10 -11.55 1.51
CA LYS C 256 -9.49 -10.31 2.17
C LYS C 256 -8.79 -10.09 3.50
N SER C 257 -8.65 -11.15 4.28
CA SER C 257 -8.08 -11.03 5.59
C SER C 257 -6.60 -10.64 5.56
N ASN C 258 -5.93 -10.90 4.43
CA ASN C 258 -4.53 -10.51 4.25
C ASN C 258 -4.41 -9.34 3.27
N ASP C 259 -5.55 -8.73 2.90
CA ASP C 259 -5.53 -7.59 1.96
C ASP C 259 -4.71 -7.98 0.71
N ALA C 260 -5.08 -9.12 0.12
CA ALA C 260 -4.29 -9.71 -0.97
C ALA C 260 -5.17 -10.25 -2.07
N VAL C 261 -6.36 -9.68 -2.23
CA VAL C 261 -7.27 -10.09 -3.27
C VAL C 261 -6.71 -9.59 -4.61
N LEU C 262 -6.37 -10.55 -5.49
CA LEU C 262 -5.89 -10.26 -6.83
C LEU C 262 -7.00 -9.60 -7.62
N ARG C 263 -6.70 -8.47 -8.21
CA ARG C 263 -7.60 -7.87 -9.19
C ARG C 263 -6.84 -7.55 -10.47
N THR C 264 -7.41 -7.93 -11.60
CA THR C 264 -6.79 -7.70 -12.90
C THR C 264 -7.73 -6.99 -13.88
N PRO C 265 -7.99 -5.71 -13.63
CA PRO C 265 -8.91 -4.98 -14.52
C PRO C 265 -8.25 -4.56 -15.83
N HIS C 266 -9.08 -4.27 -16.82
CA HIS C 266 -8.63 -3.78 -18.09
C HIS C 266 -8.50 -2.27 -18.05
N ALA C 267 -7.43 -1.73 -18.65
CA ALA C 267 -7.36 -0.29 -19.01
C ALA C 267 -8.22 -0.01 -20.26
N PRO C 268 -8.52 1.29 -20.57
CA PRO C 268 -9.31 1.59 -21.78
C PRO C 268 -8.68 1.13 -23.07
N ASP C 269 -7.35 1.01 -23.10
CA ASP C 269 -6.65 0.49 -24.27
C ASP C 269 -6.52 -1.03 -24.27
N GLY C 270 -7.13 -1.68 -23.28
CA GLY C 270 -7.18 -3.14 -23.21
C GLY C 270 -6.08 -3.80 -22.39
N LYS C 271 -5.06 -3.05 -22.02
CA LYS C 271 -4.01 -3.64 -21.21
C LYS C 271 -4.59 -4.19 -19.91
N VAL C 272 -4.12 -5.36 -19.53
CA VAL C 272 -4.61 -5.98 -18.32
C VAL C 272 -3.72 -5.53 -17.17
N LEU C 273 -4.33 -4.84 -16.21
CA LEU C 273 -3.62 -4.30 -15.06
C LEU C 273 -3.65 -5.34 -13.94
N SER C 274 -2.95 -5.02 -12.86
CA SER C 274 -2.84 -5.91 -11.73
C SER C 274 -2.71 -5.15 -10.43
N LYS C 275 -3.29 -5.71 -9.38
CA LYS C 275 -3.10 -5.23 -8.03
C LYS C 275 -3.45 -6.35 -7.04
N ARG C 276 -2.95 -6.20 -5.82
CA ARG C 276 -3.34 -7.03 -4.68
C ARG C 276 -3.93 -6.22 -3.52
N LYS C 277 -3.36 -5.07 -3.22
CA LYS C 277 -3.79 -4.33 -2.05
C LYS C 277 -5.00 -3.46 -2.36
N PHE C 278 -5.95 -3.43 -1.44
CA PHE C 278 -7.24 -2.77 -1.67
C PHE C 278 -7.06 -1.34 -2.17
N MET C 279 -6.17 -0.57 -1.53
CA MET C 279 -5.95 0.82 -1.91
C MET C 279 -4.85 1.04 -2.97
N GLU C 280 -4.20 -0.01 -3.46
CA GLU C 280 -3.18 0.08 -4.51
C GLU C 280 -3.85 0.31 -5.88
N ASP C 281 -3.36 1.29 -6.65
CA ASP C 281 -3.81 1.46 -8.04
C ASP C 281 -3.45 0.25 -8.86
N PRO C 282 -4.36 -0.22 -9.70
CA PRO C 282 -3.92 -1.30 -10.57
C PRO C 282 -2.97 -0.77 -11.65
N GLU C 283 -1.93 -1.54 -11.94
CA GLU C 283 -0.95 -1.14 -12.90
C GLU C 283 -0.44 -2.34 -13.71
N THR D 2 -56.20 2.85 37.03
CA THR D 2 -55.07 3.28 37.92
C THR D 2 -53.73 3.21 37.19
N VAL D 3 -52.87 4.15 37.52
CA VAL D 3 -51.52 4.26 36.95
C VAL D 3 -50.56 3.85 38.04
N ALA D 4 -49.82 2.77 37.77
CA ALA D 4 -48.80 2.31 38.69
C ALA D 4 -47.52 3.14 38.46
N LYS D 5 -46.83 3.45 39.55
CA LYS D 5 -45.64 4.29 39.45
C LYS D 5 -44.47 3.59 40.11
N ALA D 6 -43.30 3.67 39.49
CA ALA D 6 -42.09 3.06 40.04
C ALA D 6 -40.86 3.88 39.67
N ILE D 7 -39.90 3.83 40.58
CA ILE D 7 -38.59 4.41 40.33
C ILE D 7 -37.57 3.26 40.17
N PHE D 8 -36.75 3.36 39.14
CA PHE D 8 -35.68 2.38 38.88
C PHE D 8 -34.34 3.08 39.18
N ILE D 9 -33.51 2.46 40.01
CA ILE D 9 -32.23 3.01 40.37
C ILE D 9 -31.18 2.10 39.71
N LYS D 10 -30.27 2.67 38.93
CA LYS D 10 -29.24 1.90 38.21
C LYS D 10 -27.85 2.36 38.63
N CYS D 11 -27.14 1.50 39.35
CA CYS D 11 -25.74 1.75 39.70
C CYS D 11 -24.91 0.56 39.24
N GLY D 12 -23.88 0.80 38.44
CA GLY D 12 -23.15 -0.29 37.84
C GLY D 12 -23.99 -0.71 36.64
N ASN D 13 -23.58 -1.78 35.99
CA ASN D 13 -24.34 -2.26 34.83
C ASN D 13 -24.45 -3.76 34.81
N LEU D 14 -25.67 -4.23 34.56
CA LEU D 14 -25.94 -5.64 34.26
C LEU D 14 -26.83 -5.60 33.04
N GLY D 15 -26.89 -6.69 32.28
CA GLY D 15 -27.81 -6.76 31.14
C GLY D 15 -29.24 -6.54 31.55
N THR D 16 -29.62 -7.11 32.68
CA THR D 16 -31.00 -7.03 33.14
C THR D 16 -31.34 -5.64 33.63
N SER D 17 -30.42 -4.99 34.33
CA SER D 17 -30.70 -3.67 34.89
C SER D 17 -30.78 -2.62 33.78
N MET D 18 -30.00 -2.83 32.75
CA MET D 18 -29.97 -1.94 31.63
C MET D 18 -31.32 -1.90 30.89
N MET D 19 -31.98 -3.03 30.80
CA MET D 19 -33.22 -3.18 30.03
C MET D 19 -34.49 -3.20 30.87
N MET D 20 -34.36 -3.39 32.18
CA MET D 20 -35.51 -3.75 33.04
C MET D 20 -36.75 -2.87 32.85
N ASP D 21 -36.59 -1.55 32.88
CA ASP D 21 -37.73 -0.64 32.72
C ASP D 21 -38.34 -0.72 31.31
N MET D 22 -37.48 -0.86 30.31
CA MET D 22 -37.95 -0.83 28.92
C MET D 22 -38.76 -2.04 28.52
N LEU D 23 -38.46 -3.17 29.16
CA LEU D 23 -39.19 -4.41 28.95
C LEU D 23 -40.65 -4.30 29.35
N LEU D 24 -40.99 -3.28 30.14
CA LEU D 24 -42.34 -3.09 30.62
C LEU D 24 -43.21 -2.19 29.75
N ASP D 25 -42.61 -1.46 28.81
CA ASP D 25 -43.37 -0.53 27.99
C ASP D 25 -42.67 -0.35 26.63
N GLU D 26 -42.62 -1.45 25.88
CA GLU D 26 -41.76 -1.59 24.69
C GLU D 26 -42.07 -0.68 23.51
N ARG D 27 -43.29 -0.13 23.48
CA ARG D 27 -43.63 0.89 22.48
C ARG D 27 -44.06 2.21 23.09
N ALA D 28 -43.83 2.38 24.40
CA ALA D 28 -44.18 3.60 25.09
C ALA D 28 -45.67 3.93 25.05
N ASP D 29 -46.53 2.95 24.84
CA ASP D 29 -47.99 3.25 24.69
C ASP D 29 -48.82 2.78 25.88
N ARG D 30 -48.18 2.30 26.94
CA ARG D 30 -48.93 1.95 28.15
C ARG D 30 -49.44 3.21 28.83
N GLU D 31 -50.72 3.18 29.17
CA GLU D 31 -51.37 4.27 29.86
C GLU D 31 -51.49 4.00 31.34
N ASP D 32 -51.04 2.84 31.79
CA ASP D 32 -51.24 2.44 33.18
C ASP D 32 -49.93 2.41 34.00
N VAL D 33 -48.83 2.92 33.44
CA VAL D 33 -47.57 3.01 34.16
C VAL D 33 -46.87 4.34 33.94
N GLU D 34 -46.11 4.77 34.93
CA GLU D 34 -45.26 5.93 34.81
C GLU D 34 -44.02 5.62 35.61
N PHE D 35 -42.84 5.75 35.00
CA PHE D 35 -41.58 5.43 35.68
C PHE D 35 -40.65 6.63 35.72
N ARG D 36 -39.81 6.64 36.75
CA ARG D 36 -38.61 7.47 36.75
C ARG D 36 -37.40 6.57 36.88
N VAL D 37 -36.32 6.99 36.25
CA VAL D 37 -35.05 6.26 36.28
C VAL D 37 -33.99 7.22 36.74
N VAL D 38 -33.23 6.79 37.74
CA VAL D 38 -32.10 7.57 38.26
C VAL D 38 -30.90 6.65 38.45
N GLY D 39 -29.71 7.24 38.44
CA GLY D 39 -28.51 6.48 38.74
C GLY D 39 -27.24 7.28 38.68
N THR D 40 -26.15 6.59 38.96
CA THR D 40 -24.81 7.17 39.00
C THR D 40 -23.93 6.50 37.92
N SER D 41 -24.59 6.03 36.86
CA SER D 41 -23.92 5.36 35.73
C SER D 41 -23.22 4.07 36.21
N VAL D 42 -21.98 3.87 35.81
CA VAL D 42 -21.23 2.64 36.15
C VAL D 42 -20.71 2.53 37.58
N LYS D 43 -20.69 3.63 38.33
CA LYS D 43 -20.07 3.62 39.64
C LYS D 43 -21.05 3.12 40.70
N MET D 44 -20.58 2.18 41.52
CA MET D 44 -21.41 1.52 42.51
C MET D 44 -20.68 1.34 43.87
N ASP D 45 -19.72 2.22 44.16
CA ASP D 45 -19.15 2.33 45.51
C ASP D 45 -20.24 2.89 46.46
N PRO D 46 -20.11 2.68 47.78
CA PRO D 46 -21.12 3.11 48.76
C PRO D 46 -21.59 4.57 48.63
N GLU D 47 -20.64 5.46 48.41
CA GLU D 47 -20.90 6.89 48.32
C GLU D 47 -21.82 7.18 47.14
N CYS D 48 -21.49 6.58 45.99
CA CYS D 48 -22.29 6.74 44.77
C CYS D 48 -23.67 6.12 44.89
N VAL D 49 -23.73 4.94 45.47
CA VAL D 49 -24.99 4.25 45.62
C VAL D 49 -25.92 5.00 46.61
N GLU D 50 -25.37 5.52 47.71
CA GLU D 50 -26.17 6.32 48.64
C GLU D 50 -26.71 7.58 47.94
N ALA D 51 -25.87 8.22 47.15
CA ALA D 51 -26.28 9.36 46.35
C ALA D 51 -27.42 8.99 45.40
N ALA D 52 -27.34 7.83 44.77
CA ALA D 52 -28.39 7.40 43.85
C ALA D 52 -29.70 7.14 44.56
N VAL D 53 -29.62 6.45 45.68
CA VAL D 53 -30.82 6.12 46.45
C VAL D 53 -31.46 7.38 47.02
N GLU D 54 -30.63 8.35 47.40
CA GLU D 54 -31.12 9.63 47.92
C GLU D 54 -31.82 10.44 46.83
N MET D 55 -31.28 10.43 45.61
CA MET D 55 -31.99 10.99 44.44
C MET D 55 -33.37 10.34 44.30
N ALA D 56 -33.43 9.00 44.39
CA ALA D 56 -34.69 8.27 44.27
C ALA D 56 -35.69 8.69 45.32
N LEU D 57 -35.26 8.73 46.57
CA LEU D 57 -36.18 9.04 47.69
C LEU D 57 -36.61 10.50 47.71
N ASP D 58 -35.72 11.37 47.25
CA ASP D 58 -35.99 12.77 47.06
C ASP D 58 -37.11 12.95 46.00
N ILE D 59 -36.98 12.26 44.86
CA ILE D 59 -38.04 12.24 43.85
C ILE D 59 -39.32 11.56 44.36
N ALA D 60 -39.16 10.49 45.13
CA ALA D 60 -40.30 9.70 45.64
C ALA D 60 -41.28 10.52 46.51
N GLU D 61 -40.76 11.54 47.19
CA GLU D 61 -41.58 12.42 48.02
C GLU D 61 -42.73 13.03 47.22
N ASP D 62 -42.42 13.56 46.05
CA ASP D 62 -43.45 14.09 45.17
C ASP D 62 -44.03 13.07 44.20
N PHE D 63 -43.21 12.13 43.73
CA PHE D 63 -43.65 11.19 42.72
C PHE D 63 -44.58 10.13 43.32
N GLU D 64 -44.31 9.73 44.56
CA GLU D 64 -45.14 8.72 45.25
C GLU D 64 -45.21 7.38 44.51
N PRO D 65 -44.06 6.72 44.32
CA PRO D 65 -44.02 5.45 43.61
C PRO D 65 -44.66 4.32 44.42
N ASP D 66 -45.21 3.34 43.72
CA ASP D 66 -45.75 2.14 44.36
C ASP D 66 -44.64 1.17 44.78
N PHE D 67 -43.57 1.13 44.00
CA PHE D 67 -42.38 0.42 44.43
C PHE D 67 -41.17 1.04 43.79
N ILE D 68 -40.01 0.60 44.26
CA ILE D 68 -38.71 1.06 43.80
C ILE D 68 -37.87 -0.14 43.47
N VAL D 69 -37.15 -0.06 42.35
CA VAL D 69 -36.26 -1.13 41.91
C VAL D 69 -34.82 -0.62 41.89
N TYR D 70 -33.94 -1.36 42.56
CA TYR D 70 -32.49 -1.15 42.49
C TYR D 70 -31.90 -2.27 41.65
N GLY D 71 -31.16 -1.90 40.61
CA GLY D 71 -30.53 -2.87 39.74
C GLY D 71 -29.06 -2.58 39.49
N GLY D 72 -28.27 -3.63 39.57
CA GLY D 72 -26.86 -3.55 39.22
C GLY D 72 -26.17 -4.77 39.76
N PRO D 73 -24.84 -4.88 39.54
CA PRO D 73 -24.11 -6.06 39.98
C PRO D 73 -24.00 -6.23 41.49
N ASN D 74 -23.91 -7.49 41.87
CA ASN D 74 -23.54 -7.94 43.16
C ASN D 74 -24.21 -7.27 44.36
N PRO D 75 -25.45 -7.68 44.67
CA PRO D 75 -26.16 -7.23 45.88
C PRO D 75 -25.38 -7.33 47.18
N ALA D 76 -24.39 -8.23 47.21
CA ALA D 76 -23.63 -8.49 48.42
C ALA D 76 -22.45 -7.53 48.57
N ALA D 77 -22.17 -6.73 47.54
CA ALA D 77 -21.06 -5.78 47.60
C ALA D 77 -21.42 -4.58 48.49
N PRO D 78 -20.40 -3.83 48.96
CA PRO D 78 -20.63 -2.69 49.87
C PRO D 78 -21.64 -1.63 49.37
N GLY D 79 -21.54 -1.22 48.12
CA GLY D 79 -22.46 -0.22 47.55
C GLY D 79 -23.91 -0.70 47.57
N PRO D 80 -24.19 -1.78 46.84
CA PRO D 80 -25.50 -2.43 46.88
C PRO D 80 -26.05 -2.79 48.26
N SER D 81 -25.18 -3.20 49.18
CA SER D 81 -25.63 -3.49 50.54
C SER D 81 -26.22 -2.26 51.21
N LYS D 82 -25.59 -1.12 50.97
CA LYS D 82 -26.06 0.17 51.45
C LYS D 82 -27.43 0.53 50.81
N ALA D 83 -27.60 0.25 49.52
CA ALA D 83 -28.89 0.46 48.87
C ALA D 83 -29.97 -0.43 49.51
N ARG D 84 -29.65 -1.69 49.79
CA ARG D 84 -30.61 -2.62 50.38
C ARG D 84 -31.08 -2.14 51.75
N GLU D 85 -30.11 -1.77 52.58
CA GLU D 85 -30.36 -1.25 53.93
C GLU D 85 -31.27 0.01 53.87
N MET D 86 -30.89 0.97 53.04
CA MET D 86 -31.68 2.18 52.84
C MET D 86 -33.09 1.88 52.33
N LEU D 87 -33.21 0.99 51.36
CA LEU D 87 -34.53 0.71 50.80
C LEU D 87 -35.41 -0.13 51.73
N ALA D 88 -34.80 -1.06 52.43
CA ALA D 88 -35.53 -1.85 53.42
C ALA D 88 -36.12 -0.93 54.51
N ASP D 89 -35.32 0.06 54.91
CA ASP D 89 -35.73 1.05 55.91
C ASP D 89 -36.83 1.98 55.44
N SER D 90 -36.92 2.21 54.13
CA SER D 90 -37.87 3.18 53.60
C SER D 90 -39.31 2.66 53.69
N GLU D 91 -40.26 3.54 53.38
CA GLU D 91 -41.68 3.18 53.33
C GLU D 91 -42.08 2.45 52.04
N TYR D 92 -41.17 2.37 51.05
CA TYR D 92 -41.52 1.85 49.72
C TYR D 92 -41.13 0.40 49.55
N PRO D 93 -42.07 -0.43 49.05
CA PRO D 93 -41.68 -1.78 48.64
C PRO D 93 -40.57 -1.70 47.60
N ALA D 94 -39.60 -2.60 47.71
CA ALA D 94 -38.46 -2.52 46.81
C ALA D 94 -38.01 -3.90 46.37
N VAL D 95 -37.49 -3.94 45.14
CA VAL D 95 -36.98 -5.14 44.47
C VAL D 95 -35.52 -4.92 44.07
N ILE D 96 -34.68 -5.90 44.38
CA ILE D 96 -33.27 -5.87 44.01
C ILE D 96 -33.00 -6.73 42.77
N ILE D 97 -32.56 -6.11 41.68
CA ILE D 97 -32.13 -6.85 40.48
C ILE D 97 -30.61 -7.08 40.60
N GLY D 98 -30.18 -8.31 40.51
CA GLY D 98 -28.75 -8.58 40.54
C GLY D 98 -28.40 -9.87 39.84
N ASP D 99 -27.20 -10.36 40.14
CA ASP D 99 -26.53 -11.47 39.44
C ASP D 99 -26.24 -12.61 40.44
N ALA D 100 -25.49 -13.61 40.03
CA ALA D 100 -25.24 -14.79 40.87
C ALA D 100 -24.58 -14.50 42.25
N PRO D 101 -23.59 -13.59 42.30
CA PRO D 101 -23.04 -13.19 43.59
C PRO D 101 -24.08 -12.69 44.63
N GLY D 102 -25.23 -12.24 44.16
CA GLY D 102 -26.35 -11.91 45.05
C GLY D 102 -26.94 -13.07 45.84
N LEU D 103 -26.68 -14.31 45.43
CA LEU D 103 -27.13 -15.48 46.17
C LEU D 103 -26.57 -15.53 47.59
N LYS D 104 -25.37 -14.99 47.78
CA LYS D 104 -24.79 -14.91 49.10
C LYS D 104 -25.62 -14.08 50.12
N VAL D 105 -26.49 -13.18 49.67
CA VAL D 105 -27.29 -12.33 50.57
C VAL D 105 -28.80 -12.51 50.36
N LYS D 106 -29.15 -13.67 49.81
CA LYS D 106 -30.53 -13.99 49.46
C LYS D 106 -31.41 -14.06 50.72
N ASP D 107 -30.94 -14.77 51.73
CA ASP D 107 -31.67 -14.89 52.98
C ASP D 107 -31.74 -13.55 53.71
N GLU D 108 -30.65 -12.81 53.65
CA GLU D 108 -30.59 -11.45 54.19
C GLU D 108 -31.63 -10.54 53.56
N MET D 109 -31.74 -10.59 52.23
CA MET D 109 -32.74 -9.82 51.50
C MET D 109 -34.15 -10.19 51.95
N GLU D 110 -34.44 -11.47 52.13
CA GLU D 110 -35.78 -11.88 52.61
C GLU D 110 -36.06 -11.29 53.96
N GLU D 111 -35.05 -11.38 54.82
CA GLU D 111 -35.09 -10.85 56.17
C GLU D 111 -35.33 -9.34 56.16
N GLN D 112 -34.71 -8.66 55.20
CA GLN D 112 -34.91 -7.21 55.02
C GLN D 112 -36.30 -6.84 54.44
N GLY D 113 -37.08 -7.84 54.01
CA GLY D 113 -38.40 -7.60 53.43
C GLY D 113 -38.29 -7.09 52.00
N LEU D 114 -37.19 -7.40 51.33
CA LEU D 114 -36.96 -6.97 49.94
C LEU D 114 -37.28 -8.10 49.00
N GLY D 115 -37.77 -7.75 47.81
CA GLY D 115 -37.83 -8.67 46.71
C GLY D 115 -36.48 -8.73 45.98
N TYR D 116 -36.31 -9.77 45.17
CA TYR D 116 -35.14 -9.87 44.35
C TYR D 116 -35.42 -10.67 43.10
N ILE D 117 -34.68 -10.33 42.04
CA ILE D 117 -34.53 -11.14 40.85
C ILE D 117 -33.03 -11.29 40.57
N LEU D 118 -32.53 -12.50 40.79
CA LEU D 118 -31.12 -12.77 40.62
C LEU D 118 -30.95 -13.57 39.35
N VAL D 119 -30.18 -13.00 38.43
CA VAL D 119 -30.01 -13.56 37.09
C VAL D 119 -28.62 -14.10 36.94
N LYS D 120 -28.49 -15.40 37.11
CA LYS D 120 -27.21 -16.04 37.10
C LYS D 120 -26.43 -15.88 35.76
N PRO D 121 -27.10 -16.08 34.61
CA PRO D 121 -26.44 -15.83 33.32
C PRO D 121 -26.06 -14.35 33.02
N ASP D 122 -26.43 -13.41 33.88
CA ASP D 122 -26.05 -11.99 33.70
C ASP D 122 -24.62 -11.85 34.24
N ALA D 123 -23.66 -12.37 33.46
CA ALA D 123 -22.31 -12.65 33.95
C ALA D 123 -21.43 -11.39 33.91
N MET D 124 -20.57 -11.25 34.92
CA MET D 124 -19.55 -10.18 34.92
C MET D 124 -18.63 -10.34 33.70
N LEU D 125 -18.28 -9.22 33.08
CA LEU D 125 -17.36 -9.21 31.93
C LEU D 125 -15.88 -9.16 32.36
N GLY D 126 -15.00 -9.20 31.36
CA GLY D 126 -13.57 -9.33 31.53
C GLY D 126 -12.91 -7.99 31.74
N ALA D 127 -13.13 -7.39 32.91
CA ALA D 127 -12.78 -6.00 33.19
C ALA D 127 -11.32 -5.80 33.58
N ARG D 128 -10.46 -5.94 32.60
CA ARG D 128 -9.06 -5.61 32.73
C ARG D 128 -8.73 -4.57 31.68
N ARG D 129 -8.02 -3.52 32.08
CA ARG D 129 -7.71 -2.38 31.20
C ARG D 129 -7.08 -2.79 29.87
N GLU D 130 -6.29 -3.87 29.87
CA GLU D 130 -5.53 -4.27 28.70
C GLU D 130 -6.42 -4.86 27.62
N PHE D 131 -7.64 -5.21 28.02
CA PHE D 131 -8.62 -5.87 27.14
C PHE D 131 -9.91 -5.05 27.01
N LEU D 132 -10.50 -4.65 28.13
CA LEU D 132 -11.79 -3.98 28.09
C LEU D 132 -11.74 -2.47 27.88
N ASP D 133 -11.99 -2.05 26.64
CA ASP D 133 -12.24 -0.66 26.34
C ASP D 133 -13.74 -0.44 26.14
N PRO D 134 -14.17 0.81 25.94
CA PRO D 134 -15.59 1.03 25.75
C PRO D 134 -16.26 0.15 24.68
N VAL D 135 -15.63 0.01 23.54
CA VAL D 135 -16.16 -0.81 22.43
C VAL D 135 -16.32 -2.27 22.83
N GLU D 136 -15.29 -2.86 23.44
CA GLU D 136 -15.38 -4.24 23.89
C GLU D 136 -16.48 -4.43 24.91
N MET D 137 -16.57 -3.52 25.87
CA MET D 137 -17.66 -3.52 26.83
C MET D 137 -19.03 -3.52 26.14
N ALA D 138 -19.21 -2.66 25.14
CA ALA D 138 -20.46 -2.61 24.41
C ALA D 138 -20.75 -3.86 23.60
N ILE D 139 -19.71 -4.41 22.97
CA ILE D 139 -19.86 -5.70 22.21
C ILE D 139 -20.34 -6.82 23.15
N TYR D 140 -19.72 -6.90 24.32
CA TYR D 140 -20.09 -7.92 25.30
C TYR D 140 -21.55 -7.73 25.70
N ASN D 141 -21.93 -6.48 25.99
CA ASN D 141 -23.30 -6.17 26.34
C ASN D 141 -24.29 -6.54 25.23
N ALA D 142 -23.90 -6.33 23.96
CA ALA D 142 -24.76 -6.71 22.84
C ALA D 142 -24.99 -8.23 22.79
N ASP D 143 -23.93 -9.01 22.93
CA ASP D 143 -24.01 -10.48 23.03
C ASP D 143 -24.84 -10.95 24.25
N LEU D 144 -24.56 -10.38 25.42
CA LEU D 144 -25.33 -10.73 26.59
C LEU D 144 -26.83 -10.42 26.41
N MET D 145 -27.13 -9.26 25.85
CA MET D 145 -28.51 -8.81 25.67
C MET D 145 -29.22 -9.77 24.76
N LYS D 146 -28.53 -10.24 23.73
CA LYS D 146 -29.06 -11.25 22.82
C LYS D 146 -29.38 -12.51 23.54
N VAL D 147 -28.46 -12.94 24.38
CA VAL D 147 -28.67 -14.13 25.20
C VAL D 147 -29.89 -13.99 26.11
N LEU D 148 -29.95 -12.93 26.91
CA LEU D 148 -31.05 -12.79 27.86
C LEU D 148 -32.38 -12.59 27.17
N ALA D 149 -32.38 -11.98 25.98
CA ALA D 149 -33.61 -11.75 25.28
C ALA D 149 -34.07 -13.02 24.58
N ALA D 150 -33.23 -13.58 23.73
CA ALA D 150 -33.65 -14.66 22.85
C ALA D 150 -33.85 -15.97 23.56
N THR D 151 -33.28 -16.14 24.75
CA THR D 151 -33.51 -17.34 25.57
C THR D 151 -34.81 -17.29 26.35
N GLY D 152 -35.41 -16.11 26.46
CA GLY D 152 -36.64 -15.96 27.26
C GLY D 152 -36.43 -15.43 28.67
N VAL D 153 -35.19 -15.20 29.08
CA VAL D 153 -34.93 -14.66 30.43
C VAL D 153 -35.61 -13.30 30.62
N PHE D 154 -35.51 -12.41 29.63
CA PHE D 154 -36.20 -11.13 29.73
C PHE D 154 -37.73 -11.27 29.88
N ARG D 155 -38.29 -12.35 29.31
CA ARG D 155 -39.72 -12.57 29.42
C ARG D 155 -40.09 -12.91 30.86
N VAL D 156 -39.20 -13.67 31.52
CA VAL D 156 -39.38 -14.00 32.95
C VAL D 156 -39.38 -12.74 33.83
N VAL D 157 -38.45 -11.84 33.53
CA VAL D 157 -38.35 -10.56 34.23
C VAL D 157 -39.58 -9.66 33.95
N GLN D 158 -39.99 -9.58 32.68
CA GLN D 158 -41.18 -8.83 32.28
C GLN D 158 -42.37 -9.31 33.08
N GLU D 159 -42.59 -10.62 33.08
CA GLU D 159 -43.70 -11.21 33.81
C GLU D 159 -43.72 -10.89 35.30
N ALA D 160 -42.55 -10.94 35.92
CA ALA D 160 -42.45 -10.71 37.36
C ALA D 160 -42.88 -9.29 37.65
N PHE D 161 -42.40 -8.33 36.86
CA PHE D 161 -42.76 -6.92 37.09
C PHE D 161 -44.23 -6.63 36.74
N ASP D 162 -44.74 -7.22 35.66
CA ASP D 162 -46.14 -7.03 35.28
C ASP D 162 -47.10 -7.54 36.35
N GLU D 163 -46.76 -8.66 36.99
CA GLU D 163 -47.53 -9.12 38.15
C GLU D 163 -47.49 -8.17 39.33
N LEU D 164 -46.31 -7.66 39.62
CA LEU D 164 -46.15 -6.68 40.70
C LEU D 164 -46.90 -5.37 40.39
N ILE D 165 -46.87 -4.94 39.13
CA ILE D 165 -47.59 -3.72 38.72
C ILE D 165 -49.10 -3.88 38.89
N GLU D 166 -49.62 -5.04 38.51
CA GLU D 166 -51.03 -5.35 38.70
C GLU D 166 -51.45 -5.29 40.17
N LYS D 167 -50.62 -5.81 41.06
CA LYS D 167 -50.87 -5.71 42.50
C LYS D 167 -50.79 -4.25 42.98
N ALA D 168 -49.84 -3.48 42.42
CA ALA D 168 -49.76 -2.05 42.73
C ALA D 168 -51.08 -1.34 42.42
N LYS D 169 -51.71 -1.77 41.33
CA LYS D 169 -52.96 -1.15 40.90
C LYS D 169 -54.17 -1.47 41.80
N GLU D 170 -54.05 -2.52 42.64
CA GLU D 170 -55.08 -2.89 43.69
C GLU D 170 -54.63 -2.53 45.10
N ASP D 171 -54.75 -1.25 45.31
CA ASP D 171 -53.92 -0.45 46.20
C ASP D 171 -52.74 -1.19 46.86
N GLU D 172 -52.98 -2.26 47.62
CA GLU D 172 -51.91 -2.79 48.51
C GLU D 172 -50.79 -3.72 47.93
N ILE D 173 -49.54 -3.30 47.70
CA ILE D 173 -48.37 -4.26 47.62
C ILE D 173 -47.85 -4.63 49.02
N SER D 174 -47.88 -5.93 49.34
CA SER D 174 -47.30 -6.47 50.57
C SER D 174 -45.98 -7.17 50.28
N GLU D 175 -45.25 -7.49 51.33
CA GLU D 175 -43.99 -8.26 51.28
C GLU D 175 -44.16 -9.62 50.55
N ASN D 176 -45.33 -10.24 50.68
CA ASN D 176 -45.64 -11.52 49.99
C ASN D 176 -45.84 -11.38 48.50
N ASP D 177 -46.09 -10.17 48.01
CA ASP D 177 -46.26 -9.90 46.58
C ASP D 177 -44.91 -9.67 45.88
N LEU D 178 -43.85 -9.41 46.64
CA LEU D 178 -42.57 -9.05 46.07
C LEU D 178 -41.93 -10.27 45.41
N PRO D 179 -41.38 -10.08 44.21
CA PRO D 179 -40.76 -11.24 43.53
C PRO D 179 -39.55 -11.78 44.29
N LYS D 180 -39.36 -13.09 44.25
CA LYS D 180 -38.21 -13.70 44.84
C LYS D 180 -37.70 -14.79 43.87
N LEU D 181 -37.02 -14.33 42.82
CA LEU D 181 -36.64 -15.18 41.70
C LEU D 181 -35.13 -15.34 41.55
N VAL D 182 -34.72 -16.56 41.22
CA VAL D 182 -33.35 -16.86 40.83
C VAL D 182 -33.41 -17.54 39.46
N ILE D 183 -32.82 -16.91 38.46
CA ILE D 183 -32.99 -17.33 37.08
C ILE D 183 -31.70 -17.95 36.56
N ASP D 184 -31.81 -19.15 35.99
CA ASP D 184 -30.69 -19.76 35.35
C ASP D 184 -31.19 -20.66 34.22
N ARG D 185 -30.27 -21.42 33.66
CA ARG D 185 -30.53 -22.41 32.64
C ARG D 185 -31.85 -23.18 32.89
N ASN D 186 -32.00 -23.72 34.10
CA ASN D 186 -33.11 -24.59 34.43
C ASN D 186 -34.45 -23.88 34.57
N THR D 187 -34.43 -22.56 34.64
CA THR D 187 -35.64 -21.78 34.63
C THR D 187 -36.49 -22.13 33.41
N LEU D 188 -35.85 -22.45 32.30
CA LEU D 188 -36.56 -22.71 31.06
C LEU D 188 -37.38 -24.00 31.10
N LEU D 189 -36.97 -24.91 31.98
CA LEU D 189 -37.65 -26.19 32.13
C LEU D 189 -39.08 -26.04 32.69
N GLU D 190 -39.37 -24.92 33.35
CA GLU D 190 -40.68 -24.68 33.92
C GLU D 190 -41.55 -23.78 33.04
N ARG D 191 -41.05 -23.42 31.87
CA ARG D 191 -41.75 -22.50 31.02
C ARG D 191 -42.19 -23.17 29.72
N GLU D 192 -42.97 -22.45 28.96
CA GLU D 192 -43.38 -22.90 27.63
C GLU D 192 -42.95 -21.88 26.59
N GLU D 193 -41.76 -21.34 26.76
CA GLU D 193 -41.20 -20.34 25.88
C GLU D 193 -41.12 -20.85 24.43
N PHE D 194 -40.57 -22.06 24.27
CA PHE D 194 -40.23 -22.58 22.97
C PHE D 194 -41.18 -23.69 22.53
N GLU D 195 -41.77 -23.54 21.35
CA GLU D 195 -42.52 -24.61 20.72
C GLU D 195 -41.58 -25.80 20.35
N ASN D 196 -40.38 -25.49 19.90
CA ASN D 196 -39.46 -26.51 19.42
C ASN D 196 -38.53 -26.89 20.54
N PRO D 197 -38.37 -28.21 20.82
CA PRO D 197 -37.56 -28.61 21.98
C PRO D 197 -36.06 -28.38 21.82
N TYR D 198 -35.58 -28.38 20.58
CA TYR D 198 -34.18 -28.08 20.32
C TYR D 198 -33.88 -26.59 20.46
N ALA D 199 -34.85 -25.73 20.16
CA ALA D 199 -34.71 -24.32 20.48
C ALA D 199 -34.56 -24.15 21.99
N MET D 200 -35.35 -24.90 22.75
CA MET D 200 -35.22 -24.83 24.20
C MET D 200 -33.86 -25.30 24.69
N VAL D 201 -33.36 -26.43 24.22
CA VAL D 201 -32.12 -26.91 24.74
C VAL D 201 -30.91 -26.11 24.25
N LYS D 202 -31.03 -25.49 23.06
CA LYS D 202 -30.02 -24.53 22.60
C LYS D 202 -30.02 -23.27 23.47
N ALA D 203 -31.20 -22.80 23.84
CA ALA D 203 -31.30 -21.69 24.77
C ALA D 203 -30.74 -22.02 26.15
N MET D 204 -30.97 -23.24 26.63
CA MET D 204 -30.39 -23.72 27.87
C MET D 204 -28.88 -23.74 27.79
N ALA D 205 -28.35 -24.25 26.68
CA ALA D 205 -26.89 -24.24 26.48
C ALA D 205 -26.30 -22.82 26.51
N ALA D 206 -26.98 -21.91 25.84
CA ALA D 206 -26.58 -20.52 25.86
C ALA D 206 -26.54 -19.95 27.29
N LEU D 207 -27.56 -20.24 28.07
CA LEU D 207 -27.62 -19.76 29.44
C LEU D 207 -26.56 -20.41 30.34
N GLU D 208 -26.28 -21.69 30.08
CA GLU D 208 -25.24 -22.35 30.80
C GLU D 208 -23.88 -21.69 30.49
N ILE D 209 -23.59 -21.46 29.22
CA ILE D 209 -22.31 -20.89 28.83
C ILE D 209 -22.23 -19.48 29.45
N ALA D 210 -23.31 -18.71 29.38
CA ALA D 210 -23.36 -17.37 29.92
C ALA D 210 -23.05 -17.35 31.41
N GLU D 211 -23.66 -18.28 32.14
CA GLU D 211 -23.36 -18.42 33.55
C GLU D 211 -21.90 -18.82 33.83
N ASN D 212 -21.37 -19.72 33.02
CA ASN D 212 -19.97 -20.12 33.16
C ASN D 212 -18.99 -18.95 32.85
N VAL D 213 -19.40 -18.00 32.03
CA VAL D 213 -18.55 -16.82 31.75
C VAL D 213 -18.11 -16.13 33.05
N ALA D 214 -19.01 -16.03 34.03
CA ALA D 214 -18.73 -15.28 35.23
C ALA D 214 -17.54 -15.82 35.98
N ASP D 215 -17.40 -17.14 36.02
CA ASP D 215 -16.29 -17.76 36.69
C ASP D 215 -14.96 -17.46 36.01
N VAL D 216 -14.97 -17.39 34.68
CA VAL D 216 -13.76 -17.10 33.92
C VAL D 216 -13.37 -15.64 34.15
N SER D 217 -14.36 -14.72 34.02
CA SER D 217 -14.12 -13.30 34.34
C SER D 217 -13.58 -13.07 35.74
N VAL D 218 -14.22 -13.71 36.71
CA VAL D 218 -13.76 -13.64 38.13
C VAL D 218 -12.32 -14.14 38.30
N GLU D 219 -12.01 -15.30 37.71
CA GLU D 219 -10.65 -15.78 37.74
C GLU D 219 -9.70 -14.74 37.09
N GLY D 220 -10.06 -14.19 35.92
CA GLY D 220 -9.21 -13.25 35.26
C GLY D 220 -9.06 -11.89 35.93
N CYS D 221 -10.10 -11.44 36.59
CA CYS D 221 -10.12 -10.14 37.24
C CYS D 221 -9.64 -10.14 38.68
N PHE D 222 -9.95 -11.19 39.41
CA PHE D 222 -9.72 -11.20 40.85
C PHE D 222 -8.73 -12.21 41.36
N VAL D 223 -8.35 -13.22 40.57
CA VAL D 223 -7.46 -14.29 41.10
C VAL D 223 -6.10 -14.25 40.38
N GLU D 224 -6.15 -14.35 39.06
CA GLU D 224 -4.91 -14.35 38.28
C GLU D 224 -4.30 -12.96 38.30
N GLN D 225 -3.01 -12.91 38.64
CA GLN D 225 -2.30 -11.64 38.79
C GLN D 225 -1.24 -11.39 37.70
N ASP D 226 -0.88 -12.41 36.93
CA ASP D 226 0.04 -12.26 35.80
C ASP D 226 -0.72 -11.89 34.53
N LYS D 227 -0.47 -10.70 33.98
CA LYS D 227 -1.15 -10.24 32.76
C LYS D 227 -1.01 -11.18 31.55
N GLU D 228 0.12 -11.88 31.43
CA GLU D 228 0.32 -12.83 30.36
C GLU D 228 -0.70 -13.92 30.43
N ARG D 229 -1.27 -14.10 31.61
CA ARG D 229 -2.30 -15.08 31.81
C ARG D 229 -3.68 -14.47 31.86
N TYR D 230 -3.85 -13.36 32.56
CA TYR D 230 -5.21 -12.84 32.78
C TYR D 230 -5.81 -12.18 31.56
N VAL D 231 -4.99 -11.62 30.68
CA VAL D 231 -5.54 -11.02 29.47
C VAL D 231 -6.21 -12.07 28.57
N PRO D 232 -5.48 -13.15 28.24
CA PRO D 232 -6.15 -14.25 27.52
C PRO D 232 -7.38 -14.80 28.23
N ILE D 233 -7.28 -14.98 29.54
CA ILE D 233 -8.40 -15.50 30.33
C ILE D 233 -9.66 -14.61 30.19
N VAL D 234 -9.55 -13.33 30.45
CA VAL D 234 -10.73 -12.45 30.27
C VAL D 234 -11.24 -12.40 28.81
N ALA D 235 -10.33 -12.44 27.86
CA ALA D 235 -10.71 -12.46 26.45
C ALA D 235 -11.51 -13.71 26.12
N SER D 236 -11.10 -14.85 26.69
CA SER D 236 -11.76 -16.12 26.42
C SER D 236 -13.20 -16.13 26.94
N ALA D 237 -13.45 -15.40 28.02
CA ALA D 237 -14.79 -15.20 28.56
C ALA D 237 -15.70 -14.52 27.53
N HIS D 238 -15.15 -13.53 26.82
CA HIS D 238 -15.92 -12.80 25.82
C HIS D 238 -16.16 -13.66 24.62
N GLU D 239 -15.20 -14.52 24.25
CA GLU D 239 -15.44 -15.48 23.14
C GLU D 239 -16.57 -16.46 23.49
N MET D 240 -16.61 -16.92 24.73
CA MET D 240 -17.71 -17.72 25.22
C MET D 240 -19.06 -17.03 25.13
N MET D 241 -19.16 -15.76 25.53
CA MET D 241 -20.45 -15.03 25.43
C MET D 241 -20.89 -14.78 24.00
N ARG D 242 -19.93 -14.55 23.12
CA ARG D 242 -20.24 -14.45 21.69
C ARG D 242 -20.89 -15.73 21.16
N LYS D 243 -20.39 -16.90 21.54
CA LYS D 243 -21.03 -18.12 21.09
C LYS D 243 -22.32 -18.41 21.81
N ALA D 244 -22.49 -17.97 23.06
CA ALA D 244 -23.77 -18.12 23.74
C ALA D 244 -24.83 -17.37 22.94
N ALA D 245 -24.48 -16.18 22.45
CA ALA D 245 -25.37 -15.35 21.66
C ALA D 245 -25.70 -16.02 20.34
N GLU D 246 -24.73 -16.72 19.75
CA GLU D 246 -25.02 -17.47 18.54
C GLU D 246 -25.99 -18.58 18.75
N LEU D 247 -25.85 -19.31 19.86
CA LEU D 247 -26.82 -20.33 20.20
C LEU D 247 -28.22 -19.82 20.42
N ALA D 248 -28.30 -18.68 21.08
CA ALA D 248 -29.56 -18.00 21.34
C ALA D 248 -30.21 -17.61 20.03
N ASP D 249 -29.38 -17.09 19.12
CA ASP D 249 -29.85 -16.77 17.79
C ASP D 249 -30.36 -18.01 17.06
N GLU D 250 -29.60 -19.09 17.13
CA GLU D 250 -29.99 -20.34 16.48
C GLU D 250 -31.37 -20.84 17.01
N ALA D 251 -31.59 -20.73 18.31
CA ALA D 251 -32.82 -21.15 18.90
C ALA D 251 -33.99 -20.33 18.31
N ARG D 252 -33.81 -19.02 18.25
CA ARG D 252 -34.85 -18.16 17.75
C ARG D 252 -35.16 -18.46 16.27
N GLU D 253 -34.15 -18.73 15.46
CA GLU D 253 -34.36 -19.11 14.08
C GLU D 253 -35.12 -20.40 13.94
N LEU D 254 -34.94 -21.35 14.88
CA LEU D 254 -35.74 -22.59 14.87
C LEU D 254 -37.21 -22.31 15.08
N GLU D 255 -37.51 -21.40 16.01
CA GLU D 255 -38.87 -20.94 16.22
C GLU D 255 -39.46 -20.27 14.95
N LYS D 256 -38.65 -19.46 14.27
CA LYS D 256 -39.05 -18.87 13.01
C LYS D 256 -39.40 -19.94 12.00
N SER D 257 -38.65 -21.03 11.97
CA SER D 257 -38.85 -22.05 10.96
C SER D 257 -40.17 -22.77 11.10
N ASN D 258 -40.77 -22.69 12.27
CA ASN D 258 -42.08 -23.27 12.53
C ASN D 258 -43.15 -22.22 12.71
N ASP D 259 -42.83 -20.97 12.42
CA ASP D 259 -43.79 -19.86 12.62
C ASP D 259 -44.42 -19.93 14.04
N ALA D 260 -43.53 -19.99 15.02
CA ALA D 260 -43.88 -20.31 16.42
C ALA D 260 -43.21 -19.39 17.45
N VAL D 261 -42.76 -18.22 17.00
CA VAL D 261 -42.08 -17.27 17.84
C VAL D 261 -43.07 -16.64 18.78
N LEU D 262 -42.89 -16.93 20.08
CA LEU D 262 -43.71 -16.33 21.10
C LEU D 262 -43.54 -14.82 21.15
N ARG D 263 -44.64 -14.10 21.09
CA ARG D 263 -44.63 -12.64 21.32
C ARG D 263 -45.68 -12.30 22.41
N THR D 264 -45.28 -11.52 23.40
CA THR D 264 -46.16 -11.12 24.47
C THR D 264 -46.14 -9.59 24.69
N PRO D 265 -46.72 -8.85 23.74
CA PRO D 265 -46.75 -7.40 23.85
C PRO D 265 -47.78 -6.89 24.84
N HIS D 266 -47.55 -5.68 25.35
CA HIS D 266 -48.53 -5.02 26.19
C HIS D 266 -49.59 -4.29 25.34
N ALA D 267 -50.86 -4.36 25.76
CA ALA D 267 -51.92 -3.50 25.29
C ALA D 267 -51.80 -2.12 25.99
N PRO D 268 -52.45 -1.08 25.46
CA PRO D 268 -52.39 0.25 26.08
C PRO D 268 -52.79 0.30 27.56
N ASP D 269 -53.72 -0.57 27.96
CA ASP D 269 -54.16 -0.68 29.35
C ASP D 269 -53.23 -1.58 30.18
N GLY D 270 -52.15 -2.09 29.56
CA GLY D 270 -51.13 -2.83 30.31
C GLY D 270 -51.27 -4.34 30.25
N LYS D 271 -52.43 -4.82 29.84
CA LYS D 271 -52.68 -6.25 29.70
C LYS D 271 -51.61 -6.89 28.80
N VAL D 272 -51.08 -8.03 29.21
CA VAL D 272 -50.05 -8.70 28.43
C VAL D 272 -50.74 -9.63 27.47
N LEU D 273 -50.55 -9.39 26.19
CA LEU D 273 -51.16 -10.19 25.16
C LEU D 273 -50.19 -11.31 24.77
N SER D 274 -50.64 -12.20 23.88
CA SER D 274 -49.86 -13.37 23.47
C SER D 274 -50.21 -13.75 22.05
N LYS D 275 -49.19 -14.19 21.33
CA LYS D 275 -49.36 -14.77 20.00
C LYS D 275 -48.16 -15.66 19.71
N ARG D 276 -48.32 -16.58 18.76
CA ARG D 276 -47.22 -17.43 18.19
C ARG D 276 -47.07 -17.24 16.69
N LYS D 277 -48.18 -17.26 15.95
CA LYS D 277 -48.11 -17.15 14.48
C LYS D 277 -47.81 -15.72 14.07
N PHE D 278 -46.95 -15.57 13.07
CA PHE D 278 -46.51 -14.24 12.64
C PHE D 278 -47.67 -13.33 12.33
N MET D 279 -48.65 -13.83 11.60
CA MET D 279 -49.80 -12.99 11.19
C MET D 279 -51.00 -13.03 12.14
N GLU D 280 -50.89 -13.76 13.24
CA GLU D 280 -51.92 -13.82 14.29
C GLU D 280 -51.89 -12.52 15.12
N ASP D 281 -53.05 -11.88 15.32
CA ASP D 281 -53.16 -10.72 16.22
C ASP D 281 -52.90 -11.17 17.64
N PRO D 282 -52.08 -10.40 18.41
CA PRO D 282 -51.90 -10.73 19.82
C PRO D 282 -53.17 -10.55 20.63
N GLU D 283 -53.47 -11.50 21.49
CA GLU D 283 -54.67 -11.43 22.33
C GLU D 283 -54.40 -12.01 23.72
N THR E 2 -48.62 -24.86 -31.79
CA THR E 2 -48.55 -23.38 -31.88
C THR E 2 -47.28 -22.92 -31.16
N VAL E 3 -46.35 -22.34 -31.91
CA VAL E 3 -45.05 -22.03 -31.39
C VAL E 3 -44.88 -20.50 -31.32
N ALA E 4 -44.69 -19.98 -30.12
CA ALA E 4 -44.48 -18.57 -29.93
C ALA E 4 -43.00 -18.28 -30.22
N LYS E 5 -42.73 -17.18 -30.92
CA LYS E 5 -41.36 -16.79 -31.24
C LYS E 5 -41.04 -15.41 -30.66
N ALA E 6 -39.84 -15.23 -30.11
CA ALA E 6 -39.44 -13.93 -29.60
C ALA E 6 -37.96 -13.76 -29.85
N ILE E 7 -37.58 -12.49 -30.02
CA ILE E 7 -36.19 -12.09 -30.04
C ILE E 7 -35.91 -11.28 -28.79
N PHE E 8 -34.80 -11.63 -28.15
CA PHE E 8 -34.26 -10.95 -27.01
C PHE E 8 -33.02 -10.16 -27.40
N ILE E 9 -32.99 -8.89 -27.02
CA ILE E 9 -31.86 -8.02 -27.30
C ILE E 9 -31.25 -7.66 -25.96
N LYS E 10 -29.95 -7.86 -25.88
CA LYS E 10 -29.19 -7.67 -24.63
C LYS E 10 -28.00 -6.75 -24.90
N CYS E 11 -28.10 -5.54 -24.35
CA CYS E 11 -27.01 -4.56 -24.38
C CYS E 11 -26.74 -4.08 -22.96
N GLY E 12 -25.49 -4.18 -22.54
CA GLY E 12 -25.16 -3.96 -21.15
C GLY E 12 -25.62 -5.18 -20.38
N ASN E 13 -25.57 -5.13 -19.06
CA ASN E 13 -25.92 -6.29 -18.25
C ASN E 13 -26.68 -5.95 -17.00
N LEU E 14 -27.80 -6.64 -16.86
CA LEU E 14 -28.58 -6.65 -15.64
C LEU E 14 -28.70 -8.10 -15.26
N GLY E 15 -28.88 -8.38 -13.97
CA GLY E 15 -29.18 -9.75 -13.53
C GLY E 15 -30.39 -10.31 -14.23
N THR E 16 -31.42 -9.47 -14.39
CA THR E 16 -32.66 -9.91 -15.02
C THR E 16 -32.51 -10.13 -16.54
N SER E 17 -31.77 -9.26 -17.22
CA SER E 17 -31.59 -9.41 -18.67
C SER E 17 -30.72 -10.61 -19.00
N MET E 18 -29.80 -10.93 -18.12
CA MET E 18 -28.90 -12.06 -18.32
C MET E 18 -29.66 -13.39 -18.34
N MET E 19 -30.70 -13.49 -17.50
CA MET E 19 -31.39 -14.74 -17.30
C MET E 19 -32.75 -14.83 -17.98
N MET E 20 -33.25 -13.72 -18.48
CA MET E 20 -34.66 -13.57 -18.91
C MET E 20 -35.18 -14.63 -19.87
N ASP E 21 -34.44 -14.88 -20.97
CA ASP E 21 -34.83 -15.93 -21.93
C ASP E 21 -34.76 -17.33 -21.29
N MET E 22 -33.76 -17.57 -20.45
CA MET E 22 -33.56 -18.92 -19.85
C MET E 22 -34.59 -19.32 -18.83
N LEU E 23 -35.15 -18.34 -18.14
CA LEU E 23 -36.20 -18.58 -17.16
C LEU E 23 -37.45 -19.12 -17.80
N LEU E 24 -37.53 -18.98 -19.12
CA LEU E 24 -38.69 -19.44 -19.90
C LEU E 24 -38.60 -20.84 -20.47
N ASP E 25 -37.42 -21.44 -20.43
CA ASP E 25 -37.28 -22.83 -20.93
C ASP E 25 -36.10 -23.54 -20.23
N GLU E 26 -36.28 -23.73 -18.94
CA GLU E 26 -35.20 -24.12 -18.02
C GLU E 26 -34.55 -25.48 -18.34
N ARG E 27 -35.23 -26.35 -19.06
CA ARG E 27 -34.63 -27.63 -19.46
C ARG E 27 -34.58 -27.80 -20.99
N ALA E 28 -34.87 -26.71 -21.73
CA ALA E 28 -34.87 -26.73 -23.18
C ALA E 28 -35.80 -27.79 -23.77
N ASP E 29 -36.89 -28.10 -23.09
CA ASP E 29 -37.83 -29.11 -23.59
C ASP E 29 -39.18 -28.48 -23.99
N ARG E 30 -39.32 -27.15 -23.91
CA ARG E 30 -40.54 -26.52 -24.41
C ARG E 30 -40.60 -26.65 -25.91
N GLU E 31 -41.73 -27.17 -26.39
CA GLU E 31 -41.95 -27.34 -27.82
C GLU E 31 -42.82 -26.19 -28.37
N ASP E 32 -43.26 -25.29 -27.48
CA ASP E 32 -44.20 -24.21 -27.90
C ASP E 32 -43.49 -22.87 -28.00
N VAL E 33 -42.17 -22.87 -27.82
CA VAL E 33 -41.37 -21.62 -27.97
C VAL E 33 -40.14 -21.79 -28.85
N GLU E 34 -39.73 -20.68 -29.47
CA GLU E 34 -38.43 -20.61 -30.11
C GLU E 34 -37.88 -19.20 -30.00
N PHE E 35 -36.63 -19.08 -29.57
CA PHE E 35 -36.04 -17.78 -29.31
C PHE E 35 -34.77 -17.57 -30.10
N ARG E 36 -34.54 -16.29 -30.41
CA ARG E 36 -33.24 -15.80 -30.84
C ARG E 36 -32.82 -14.73 -29.83
N VAL E 37 -31.52 -14.66 -29.63
CA VAL E 37 -30.92 -13.70 -28.71
C VAL E 37 -29.81 -13.04 -29.48
N VAL E 38 -29.82 -11.70 -29.47
CA VAL E 38 -28.76 -10.94 -30.08
C VAL E 38 -28.37 -9.79 -29.12
N GLY E 39 -27.18 -9.26 -29.31
CA GLY E 39 -26.72 -8.16 -28.51
C GLY E 39 -25.30 -7.76 -28.80
N THR E 40 -24.89 -6.72 -28.09
CA THR E 40 -23.55 -6.14 -28.27
C THR E 40 -22.73 -6.28 -26.99
N SER E 41 -23.00 -7.33 -26.24
CA SER E 41 -22.30 -7.55 -24.96
C SER E 41 -22.55 -6.39 -24.00
N VAL E 42 -21.51 -5.91 -23.32
CA VAL E 42 -21.65 -4.91 -22.25
C VAL E 42 -21.87 -3.49 -22.76
N LYS E 43 -21.61 -3.27 -24.04
CA LYS E 43 -21.67 -1.96 -24.58
C LYS E 43 -23.10 -1.52 -24.94
N MET E 44 -23.49 -0.36 -24.41
CA MET E 44 -24.85 0.14 -24.56
C MET E 44 -24.97 1.63 -24.89
N ASP E 45 -23.93 2.20 -25.51
CA ASP E 45 -23.99 3.52 -26.14
C ASP E 45 -24.96 3.43 -27.32
N PRO E 46 -25.52 4.59 -27.77
CA PRO E 46 -26.49 4.60 -28.87
C PRO E 46 -26.12 3.78 -30.12
N GLU E 47 -24.89 3.90 -30.57
CA GLU E 47 -24.48 3.24 -31.82
C GLU E 47 -24.48 1.70 -31.64
N CYS E 48 -24.04 1.22 -30.47
CA CYS E 48 -24.12 -0.22 -30.12
C CYS E 48 -25.55 -0.74 -30.01
N VAL E 49 -26.40 0.00 -29.29
CA VAL E 49 -27.77 -0.45 -29.11
C VAL E 49 -28.50 -0.50 -30.45
N GLU E 50 -28.26 0.52 -31.26
CA GLU E 50 -28.78 0.59 -32.60
C GLU E 50 -28.38 -0.64 -33.42
N ALA E 51 -27.08 -0.93 -33.43
CA ALA E 51 -26.56 -2.11 -34.10
C ALA E 51 -27.30 -3.34 -33.60
N ALA E 52 -27.55 -3.39 -32.29
CA ALA E 52 -28.22 -4.51 -31.68
C ALA E 52 -29.66 -4.64 -32.17
N VAL E 53 -30.41 -3.53 -32.11
CA VAL E 53 -31.77 -3.53 -32.59
C VAL E 53 -31.83 -3.87 -34.08
N GLU E 54 -30.86 -3.39 -34.86
CA GLU E 54 -30.77 -3.74 -36.29
C GLU E 54 -30.63 -5.22 -36.57
N MET E 55 -29.75 -5.88 -35.80
CA MET E 55 -29.56 -7.32 -35.90
C MET E 55 -30.87 -8.06 -35.65
N ALA E 56 -31.60 -7.60 -34.64
CA ALA E 56 -32.88 -8.11 -34.29
C ALA E 56 -33.88 -7.98 -35.43
N LEU E 57 -34.01 -6.76 -35.96
CA LEU E 57 -35.00 -6.48 -37.00
C LEU E 57 -34.67 -7.23 -38.30
N ASP E 58 -33.40 -7.23 -38.64
CA ASP E 58 -32.80 -8.07 -39.66
C ASP E 58 -33.27 -9.53 -39.57
N ILE E 59 -33.04 -10.16 -38.42
CA ILE E 59 -33.46 -11.54 -38.20
C ILE E 59 -34.98 -11.70 -38.21
N ALA E 60 -35.69 -10.70 -37.67
CA ALA E 60 -37.17 -10.68 -37.63
C ALA E 60 -37.82 -10.90 -38.97
N GLU E 61 -37.23 -10.35 -40.02
CA GLU E 61 -37.86 -10.46 -41.33
C GLU E 61 -38.13 -11.93 -41.69
N ASP E 62 -37.13 -12.79 -41.53
CA ASP E 62 -37.32 -14.26 -41.71
C ASP E 62 -37.94 -14.98 -40.49
N PHE E 63 -37.59 -14.55 -39.28
CA PHE E 63 -37.94 -15.29 -38.06
C PHE E 63 -39.40 -15.13 -37.62
N GLU E 64 -39.95 -13.93 -37.88
CA GLU E 64 -41.35 -13.60 -37.59
C GLU E 64 -41.66 -13.70 -36.11
N PRO E 65 -41.01 -12.90 -35.27
CA PRO E 65 -41.28 -13.08 -33.85
C PRO E 65 -42.64 -12.50 -33.50
N ASP E 66 -43.22 -13.01 -32.43
CA ASP E 66 -44.43 -12.44 -31.89
C ASP E 66 -44.20 -11.21 -31.06
N PHE E 67 -43.06 -11.15 -30.40
CA PHE E 67 -42.66 -9.93 -29.74
C PHE E 67 -41.15 -9.86 -29.63
N ILE E 68 -40.66 -8.68 -29.26
CA ILE E 68 -39.23 -8.44 -29.09
C ILE E 68 -39.00 -7.91 -27.69
N VAL E 69 -37.96 -8.40 -27.03
CA VAL E 69 -37.63 -7.96 -25.68
C VAL E 69 -36.29 -7.27 -25.75
N TYR E 70 -36.20 -6.07 -25.20
CA TYR E 70 -34.92 -5.41 -25.03
C TYR E 70 -34.62 -5.39 -23.52
N GLY E 71 -33.42 -5.86 -23.14
CA GLY E 71 -33.02 -5.90 -21.75
C GLY E 71 -31.66 -5.27 -21.48
N GLY E 72 -31.62 -4.41 -20.47
CA GLY E 72 -30.36 -3.91 -19.99
C GLY E 72 -30.56 -2.77 -19.06
N PRO E 73 -29.44 -2.19 -18.60
CA PRO E 73 -29.47 -1.07 -17.68
C PRO E 73 -30.14 0.20 -18.23
N ASN E 74 -30.80 0.90 -17.33
CA ASN E 74 -31.28 2.26 -17.50
C ASN E 74 -32.00 2.60 -18.82
N PRO E 75 -33.27 2.18 -18.93
CA PRO E 75 -34.12 2.57 -20.05
C PRO E 75 -34.15 4.07 -20.38
N ALA E 76 -33.78 4.96 -19.45
CA ALA E 76 -33.76 6.39 -19.68
C ALA E 76 -32.43 6.87 -20.30
N ALA E 77 -31.40 6.02 -20.29
CA ALA E 77 -30.08 6.39 -20.87
C ALA E 77 -30.12 6.51 -22.39
N PRO E 78 -29.15 7.20 -23.00
CA PRO E 78 -29.21 7.47 -24.44
C PRO E 78 -29.36 6.23 -25.32
N GLY E 79 -28.58 5.19 -25.05
CA GLY E 79 -28.59 3.98 -25.85
C GLY E 79 -29.94 3.29 -25.76
N PRO E 80 -30.33 2.85 -24.56
CA PRO E 80 -31.65 2.27 -24.38
C PRO E 80 -32.80 3.16 -24.92
N SER E 81 -32.65 4.48 -24.86
CA SER E 81 -33.70 5.35 -25.36
C SER E 81 -33.87 5.19 -26.88
N LYS E 82 -32.75 4.98 -27.57
CA LYS E 82 -32.74 4.70 -28.99
C LYS E 82 -33.44 3.36 -29.29
N ALA E 83 -33.16 2.34 -28.48
CA ALA E 83 -33.86 1.05 -28.62
C ALA E 83 -35.36 1.26 -28.46
N ARG E 84 -35.78 2.01 -27.44
CA ARG E 84 -37.19 2.21 -27.19
C ARG E 84 -37.88 2.89 -28.40
N GLU E 85 -37.21 3.88 -28.93
CA GLU E 85 -37.64 4.62 -30.11
C GLU E 85 -37.80 3.72 -31.34
N MET E 86 -36.76 2.94 -31.63
CA MET E 86 -36.78 1.98 -32.75
C MET E 86 -37.82 0.87 -32.58
N LEU E 87 -37.91 0.34 -31.37
CA LEU E 87 -38.86 -0.75 -31.12
C LEU E 87 -40.32 -0.26 -31.16
N ALA E 88 -40.56 0.91 -30.56
CA ALA E 88 -41.88 1.52 -30.58
C ALA E 88 -42.32 1.78 -32.02
N ASP E 89 -41.39 2.24 -32.84
CA ASP E 89 -41.64 2.48 -34.26
C ASP E 89 -41.85 1.22 -35.10
N SER E 90 -41.31 0.08 -34.66
CA SER E 90 -41.41 -1.15 -35.45
C SER E 90 -42.82 -1.73 -35.40
N GLU E 91 -43.06 -2.78 -36.20
CA GLU E 91 -44.35 -3.46 -36.22
C GLU E 91 -44.49 -4.51 -35.12
N TYR E 92 -43.42 -4.73 -34.36
CA TYR E 92 -43.37 -5.79 -33.32
C TYR E 92 -43.74 -5.24 -31.96
N PRO E 93 -44.68 -5.91 -31.27
CA PRO E 93 -44.86 -5.70 -29.84
C PRO E 93 -43.52 -5.86 -29.12
N ALA E 94 -43.24 -4.99 -28.15
CA ALA E 94 -41.95 -5.05 -27.44
C ALA E 94 -42.04 -4.69 -25.97
N VAL E 95 -41.16 -5.30 -25.17
CA VAL E 95 -41.11 -5.17 -23.73
C VAL E 95 -39.68 -4.76 -23.34
N ILE E 96 -39.60 -3.72 -22.51
CA ILE E 96 -38.32 -3.21 -22.01
C ILE E 96 -38.09 -3.76 -20.61
N ILE E 97 -37.02 -4.54 -20.44
CA ILE E 97 -36.56 -4.99 -19.14
C ILE E 97 -35.47 -4.03 -18.68
N GLY E 98 -35.67 -3.41 -17.52
CA GLY E 98 -34.70 -2.49 -16.95
C GLY E 98 -34.71 -2.48 -15.44
N ASP E 99 -34.12 -1.42 -14.90
CA ASP E 99 -33.82 -1.23 -13.45
C ASP E 99 -34.53 0.03 -12.91
N ALA E 100 -34.21 0.45 -11.68
CA ALA E 100 -34.92 1.55 -11.05
C ALA E 100 -34.82 2.84 -11.81
N PRO E 101 -33.64 3.16 -12.37
CA PRO E 101 -33.54 4.37 -13.23
C PRO E 101 -34.57 4.46 -14.39
N GLY E 102 -35.08 3.32 -14.82
CA GLY E 102 -36.14 3.25 -15.82
C GLY E 102 -37.43 3.96 -15.43
N LEU E 103 -37.67 4.09 -14.13
CA LEU E 103 -38.91 4.71 -13.63
C LEU E 103 -39.10 6.13 -14.16
N LYS E 104 -37.98 6.82 -14.41
CA LYS E 104 -37.97 8.14 -14.99
C LYS E 104 -38.63 8.23 -16.38
N VAL E 105 -38.68 7.13 -17.13
CA VAL E 105 -39.29 7.09 -18.48
C VAL E 105 -40.46 6.10 -18.57
N LYS E 106 -41.04 5.80 -17.42
CA LYS E 106 -42.16 4.88 -17.33
C LYS E 106 -43.38 5.38 -18.11
N ASP E 107 -43.75 6.65 -17.91
CA ASP E 107 -44.88 7.21 -18.63
C ASP E 107 -44.59 7.33 -20.12
N GLU E 108 -43.35 7.66 -20.44
CA GLU E 108 -42.90 7.75 -21.81
C GLU E 108 -43.05 6.40 -22.50
N MET E 109 -42.62 5.34 -21.84
CA MET E 109 -42.75 4.01 -22.43
C MET E 109 -44.20 3.65 -22.67
N GLU E 110 -45.07 4.01 -21.73
CA GLU E 110 -46.53 3.83 -21.92
C GLU E 110 -47.02 4.54 -23.19
N GLU E 111 -46.58 5.79 -23.35
CA GLU E 111 -46.95 6.61 -24.48
C GLU E 111 -46.38 6.03 -25.77
N GLN E 112 -45.21 5.38 -25.68
CA GLN E 112 -44.59 4.72 -26.83
C GLN E 112 -45.27 3.41 -27.15
N GLY E 113 -46.14 2.92 -26.27
CA GLY E 113 -46.82 1.64 -26.48
C GLY E 113 -45.92 0.44 -26.25
N LEU E 114 -44.94 0.63 -25.38
CA LEU E 114 -44.06 -0.46 -24.94
C LEU E 114 -44.51 -1.10 -23.62
N GLY E 115 -44.28 -2.40 -23.47
CA GLY E 115 -44.30 -3.02 -22.16
C GLY E 115 -43.01 -2.73 -21.40
N TYR E 116 -43.06 -2.96 -20.09
CA TYR E 116 -41.87 -2.89 -19.28
C TYR E 116 -41.93 -3.75 -18.04
N ILE E 117 -40.76 -4.20 -17.65
CA ILE E 117 -40.52 -4.85 -16.33
C ILE E 117 -39.29 -4.19 -15.72
N LEU E 118 -39.56 -3.32 -14.75
CA LEU E 118 -38.52 -2.56 -14.09
C LEU E 118 -38.25 -3.22 -12.74
N VAL E 119 -37.03 -3.71 -12.59
CA VAL E 119 -36.62 -4.49 -11.43
C VAL E 119 -35.71 -3.64 -10.51
N LYS E 120 -36.29 -3.08 -9.46
CA LYS E 120 -35.56 -2.14 -8.60
C LYS E 120 -34.40 -2.76 -7.83
N PRO E 121 -34.55 -3.99 -7.35
CA PRO E 121 -33.37 -4.61 -6.73
C PRO E 121 -32.28 -5.07 -7.72
N ASP E 122 -32.49 -4.84 -9.01
CA ASP E 122 -31.48 -5.16 -10.00
C ASP E 122 -30.42 -4.04 -10.07
N ALA E 123 -29.59 -3.99 -9.03
CA ALA E 123 -28.80 -2.83 -8.69
C ALA E 123 -27.50 -2.74 -9.51
N MET E 124 -27.17 -1.52 -9.90
CA MET E 124 -25.88 -1.25 -10.47
C MET E 124 -24.78 -1.60 -9.51
N LEU E 125 -23.73 -2.19 -10.05
CA LEU E 125 -22.56 -2.60 -9.30
C LEU E 125 -21.52 -1.46 -9.22
N GLY E 126 -20.43 -1.76 -8.52
CA GLY E 126 -19.45 -0.75 -8.11
C GLY E 126 -18.40 -0.60 -9.19
N ALA E 127 -18.77 0.06 -10.28
CA ALA E 127 -17.98 0.02 -11.52
C ALA E 127 -16.83 1.06 -11.52
N ARG E 128 -15.86 0.85 -10.62
CA ARG E 128 -14.60 1.64 -10.57
C ARG E 128 -13.42 0.73 -10.85
N ARG E 129 -12.54 1.12 -11.77
CA ARG E 129 -11.43 0.26 -12.20
C ARG E 129 -10.61 -0.32 -11.07
N GLU E 130 -10.43 0.43 -9.99
CA GLU E 130 -9.56 0.04 -8.86
C GLU E 130 -10.14 -1.09 -8.05
N PHE E 131 -11.43 -1.34 -8.24
CA PHE E 131 -12.18 -2.38 -7.52
C PHE E 131 -12.73 -3.45 -8.46
N LEU E 132 -13.38 -3.01 -9.55
CA LEU E 132 -14.12 -3.97 -10.37
C LEU E 132 -13.25 -4.57 -11.49
N ASP E 133 -12.76 -5.78 -11.27
CA ASP E 133 -12.21 -6.55 -12.36
C ASP E 133 -13.26 -7.56 -12.82
N PRO E 134 -12.93 -8.37 -13.84
CA PRO E 134 -13.89 -9.36 -14.30
C PRO E 134 -14.33 -10.34 -13.21
N VAL E 135 -13.41 -10.79 -12.37
CA VAL E 135 -13.75 -11.68 -11.29
C VAL E 135 -14.74 -11.02 -10.32
N GLU E 136 -14.46 -9.81 -9.86
CA GLU E 136 -15.40 -9.14 -8.96
C GLU E 136 -16.78 -8.92 -9.57
N MET E 137 -16.79 -8.54 -10.84
CA MET E 137 -18.00 -8.35 -11.59
C MET E 137 -18.81 -9.65 -11.61
N ALA E 138 -18.11 -10.78 -11.81
CA ALA E 138 -18.77 -12.10 -11.83
C ALA E 138 -19.29 -12.51 -10.45
N ILE E 139 -18.54 -12.22 -9.41
CA ILE E 139 -18.95 -12.50 -8.02
C ILE E 139 -20.18 -11.65 -7.69
N TYR E 140 -20.17 -10.37 -8.03
CA TYR E 140 -21.38 -9.55 -7.76
C TYR E 140 -22.60 -10.17 -8.48
N ASN E 141 -22.40 -10.54 -9.74
CA ASN E 141 -23.48 -11.15 -10.53
C ASN E 141 -24.02 -12.43 -9.92
N ALA E 142 -23.11 -13.26 -9.38
CA ALA E 142 -23.50 -14.45 -8.64
C ALA E 142 -24.41 -14.18 -7.43
N ASP E 143 -24.03 -13.20 -6.61
CA ASP E 143 -24.82 -12.78 -5.47
C ASP E 143 -26.16 -12.18 -5.89
N LEU E 144 -26.19 -11.32 -6.93
CA LEU E 144 -27.43 -10.74 -7.37
C LEU E 144 -28.38 -11.80 -7.92
N MET E 145 -27.82 -12.73 -8.69
CA MET E 145 -28.64 -13.78 -9.29
C MET E 145 -29.31 -14.62 -8.19
N LYS E 146 -28.55 -14.92 -7.17
CA LYS E 146 -29.07 -15.57 -6.00
C LYS E 146 -30.21 -14.79 -5.36
N VAL E 147 -29.99 -13.51 -5.19
CA VAL E 147 -31.04 -12.66 -4.60
C VAL E 147 -32.31 -12.68 -5.44
N LEU E 148 -32.19 -12.37 -6.74
CA LEU E 148 -33.37 -12.30 -7.60
C LEU E 148 -34.08 -13.65 -7.79
N ALA E 149 -33.31 -14.72 -7.77
CA ALA E 149 -33.87 -16.05 -7.87
C ALA E 149 -34.56 -16.55 -6.57
N ALA E 150 -33.83 -16.57 -5.45
CA ALA E 150 -34.35 -17.10 -4.18
C ALA E 150 -35.39 -16.20 -3.52
N THR E 151 -35.44 -14.92 -3.89
CA THR E 151 -36.54 -14.08 -3.36
C THR E 151 -37.89 -14.28 -4.10
N GLY E 152 -37.85 -14.92 -5.27
CA GLY E 152 -38.98 -15.05 -6.14
C GLY E 152 -39.15 -13.97 -7.20
N VAL E 153 -38.22 -13.02 -7.29
CA VAL E 153 -38.31 -12.02 -8.33
C VAL E 153 -38.33 -12.67 -9.74
N PHE E 154 -37.48 -13.67 -9.96
CA PHE E 154 -37.43 -14.32 -11.27
C PHE E 154 -38.73 -15.05 -11.61
N ARG E 155 -39.45 -15.49 -10.59
CA ARG E 155 -40.73 -16.10 -10.82
C ARG E 155 -41.75 -15.05 -11.25
N VAL E 156 -41.67 -13.84 -10.71
CA VAL E 156 -42.57 -12.75 -11.19
C VAL E 156 -42.29 -12.46 -12.67
N VAL E 157 -41.02 -12.51 -13.04
CA VAL E 157 -40.60 -12.28 -14.43
C VAL E 157 -41.02 -13.42 -15.37
N GLN E 158 -40.76 -14.66 -14.96
CA GLN E 158 -41.23 -15.86 -15.69
C GLN E 158 -42.73 -15.76 -16.00
N GLU E 159 -43.52 -15.44 -14.98
CA GLU E 159 -44.97 -15.37 -15.11
C GLU E 159 -45.43 -14.33 -16.09
N ALA E 160 -44.79 -13.16 -16.07
CA ALA E 160 -45.16 -12.04 -16.96
C ALA E 160 -45.00 -12.52 -18.39
N PHE E 161 -43.85 -13.13 -18.66
CA PHE E 161 -43.55 -13.61 -19.99
C PHE E 161 -44.39 -14.78 -20.40
N ASP E 162 -44.60 -15.72 -19.50
CA ASP E 162 -45.45 -16.86 -19.83
C ASP E 162 -46.89 -16.39 -20.19
N GLU E 163 -47.42 -15.40 -19.48
CA GLU E 163 -48.74 -14.84 -19.82
C GLU E 163 -48.72 -14.23 -21.23
N LEU E 164 -47.64 -13.51 -21.52
CA LEU E 164 -47.44 -12.91 -22.82
C LEU E 164 -47.34 -13.97 -23.92
N ILE E 165 -46.60 -15.05 -23.66
CA ILE E 165 -46.43 -16.12 -24.63
C ILE E 165 -47.78 -16.76 -24.93
N GLU E 166 -48.58 -17.01 -23.90
CA GLU E 166 -49.93 -17.55 -24.11
C GLU E 166 -50.81 -16.64 -24.97
N LYS E 167 -50.74 -15.33 -24.74
CA LYS E 167 -51.45 -14.38 -25.60
C LYS E 167 -50.94 -14.43 -27.04
N ALA E 168 -49.62 -14.52 -27.23
CA ALA E 168 -49.01 -14.65 -28.57
C ALA E 168 -49.56 -15.89 -29.31
N LYS E 169 -49.81 -16.98 -28.59
CA LYS E 169 -50.29 -18.20 -29.22
C LYS E 169 -51.74 -18.12 -29.77
N GLU E 170 -52.51 -17.13 -29.32
CA GLU E 170 -53.77 -16.77 -30.00
C GLU E 170 -53.58 -15.49 -30.81
N ASP E 171 -52.38 -15.30 -31.39
CA ASP E 171 -52.05 -14.12 -32.20
C ASP E 171 -52.26 -12.76 -31.51
N GLU E 172 -53.38 -12.57 -30.82
CA GLU E 172 -53.76 -11.22 -30.38
C GLU E 172 -52.95 -10.68 -29.17
N ILE E 173 -51.67 -10.35 -29.38
CA ILE E 173 -50.95 -9.44 -28.46
C ILE E 173 -51.26 -8.00 -28.82
N SER E 174 -52.03 -7.32 -27.99
CA SER E 174 -52.22 -5.88 -28.11
C SER E 174 -51.40 -5.17 -27.04
N GLU E 175 -51.36 -3.83 -27.11
CA GLU E 175 -50.66 -3.02 -26.11
C GLU E 175 -51.17 -3.25 -24.69
N ASN E 176 -52.46 -3.60 -24.59
CA ASN E 176 -53.12 -3.95 -23.31
C ASN E 176 -52.63 -5.28 -22.71
N ASP E 177 -52.01 -6.10 -23.55
CA ASP E 177 -51.47 -7.37 -23.10
C ASP E 177 -50.00 -7.26 -22.71
N LEU E 178 -49.37 -6.13 -23.04
CA LEU E 178 -47.97 -5.94 -22.67
C LEU E 178 -47.80 -5.75 -21.15
N PRO E 179 -46.84 -6.48 -20.54
CA PRO E 179 -46.54 -6.25 -19.10
C PRO E 179 -46.18 -4.81 -18.74
N LYS E 180 -46.61 -4.36 -17.57
CA LYS E 180 -46.24 -3.05 -17.06
C LYS E 180 -46.01 -3.21 -15.59
N LEU E 181 -44.87 -3.82 -15.26
CA LEU E 181 -44.48 -4.18 -13.88
C LEU E 181 -43.31 -3.34 -13.31
N VAL E 182 -43.44 -2.97 -12.06
CA VAL E 182 -42.36 -2.43 -11.31
C VAL E 182 -42.22 -3.32 -10.11
N ILE E 183 -41.05 -3.93 -9.97
CA ILE E 183 -40.82 -4.98 -8.97
C ILE E 183 -39.84 -4.42 -7.90
N ASP E 184 -40.24 -4.59 -6.64
CA ASP E 184 -39.38 -4.25 -5.53
C ASP E 184 -39.73 -5.12 -4.33
N ARG E 185 -39.24 -4.74 -3.13
CA ARG E 185 -39.46 -5.52 -1.91
C ARG E 185 -40.96 -5.81 -1.70
N ASN E 186 -41.79 -4.77 -1.82
CA ASN E 186 -43.21 -4.89 -1.51
C ASN E 186 -43.97 -5.78 -2.46
N THR E 187 -43.35 -6.11 -3.61
CA THR E 187 -43.91 -7.02 -4.60
C THR E 187 -44.25 -8.36 -3.95
N LEU E 188 -43.41 -8.77 -3.00
CA LEU E 188 -43.64 -10.04 -2.29
C LEU E 188 -44.92 -10.10 -1.47
N LEU E 189 -45.39 -8.95 -1.00
CA LEU E 189 -46.64 -8.87 -0.22
C LEU E 189 -47.89 -9.25 -1.01
N GLU E 190 -47.86 -9.06 -2.33
CA GLU E 190 -49.00 -9.43 -3.16
C GLU E 190 -48.86 -10.87 -3.71
N ARG E 191 -47.86 -11.63 -3.24
CA ARG E 191 -47.55 -12.94 -3.82
C ARG E 191 -47.75 -14.06 -2.80
N GLU E 192 -47.68 -15.29 -3.30
CA GLU E 192 -47.89 -16.45 -2.49
C GLU E 192 -46.62 -17.29 -2.46
N GLU E 193 -45.47 -16.67 -2.60
CA GLU E 193 -44.24 -17.37 -2.89
C GLU E 193 -43.75 -18.26 -1.70
N PHE E 194 -43.85 -17.70 -0.51
CA PHE E 194 -43.30 -18.31 0.67
C PHE E 194 -44.36 -18.87 1.60
N GLU E 195 -44.22 -20.14 1.93
CA GLU E 195 -45.08 -20.77 2.90
C GLU E 195 -44.78 -20.23 4.31
N ASN E 196 -43.51 -19.90 4.58
CA ASN E 196 -43.08 -19.46 5.90
C ASN E 196 -43.00 -17.92 5.92
N PRO E 197 -43.65 -17.26 6.91
CA PRO E 197 -43.65 -15.78 6.90
C PRO E 197 -42.24 -15.15 7.12
N TYR E 198 -41.41 -15.85 7.87
CA TYR E 198 -40.06 -15.40 8.14
C TYR E 198 -39.15 -15.47 6.89
N ALA E 199 -39.35 -16.51 6.09
CA ALA E 199 -38.72 -16.61 4.75
C ALA E 199 -39.14 -15.41 3.92
N MET E 200 -40.43 -15.07 3.97
CA MET E 200 -40.92 -13.92 3.21
C MET E 200 -40.22 -12.66 3.70
N VAL E 201 -40.16 -12.43 5.01
CA VAL E 201 -39.58 -11.16 5.47
C VAL E 201 -38.08 -11.08 5.25
N LYS E 202 -37.42 -12.23 5.25
CA LYS E 202 -36.01 -12.29 4.97
C LYS E 202 -35.80 -11.94 3.50
N ALA E 203 -36.65 -12.49 2.65
CA ALA E 203 -36.59 -12.20 1.22
C ALA E 203 -36.85 -10.72 1.00
N MET E 204 -37.83 -10.18 1.72
CA MET E 204 -38.07 -8.75 1.67
C MET E 204 -36.84 -7.90 2.09
N ALA E 205 -36.20 -8.33 3.16
CA ALA E 205 -34.99 -7.67 3.64
C ALA E 205 -33.87 -7.72 2.58
N ALA E 206 -33.66 -8.89 2.01
CA ALA E 206 -32.72 -9.05 0.90
C ALA E 206 -32.98 -8.07 -0.27
N LEU E 207 -34.22 -7.95 -0.70
CA LEU E 207 -34.58 -7.09 -1.83
C LEU E 207 -34.44 -5.64 -1.45
N GLU E 208 -34.69 -5.31 -0.18
CA GLU E 208 -34.46 -3.98 0.32
C GLU E 208 -32.97 -3.67 0.25
N ILE E 209 -32.13 -4.55 0.76
CA ILE E 209 -30.70 -4.33 0.72
C ILE E 209 -30.22 -4.20 -0.73
N ALA E 210 -30.69 -5.07 -1.62
CA ALA E 210 -30.30 -5.02 -3.03
C ALA E 210 -30.67 -3.70 -3.68
N GLU E 211 -31.86 -3.22 -3.39
CA GLU E 211 -32.26 -1.95 -3.91
C GLU E 211 -31.33 -0.83 -3.40
N ASN E 212 -31.02 -0.85 -2.11
CA ASN E 212 -30.18 0.18 -1.49
C ASN E 212 -28.73 0.14 -2.02
N VAL E 213 -28.28 -1.02 -2.48
CA VAL E 213 -26.97 -1.14 -3.14
C VAL E 213 -26.86 -0.11 -4.27
N ALA E 214 -27.90 0.03 -5.08
CA ALA E 214 -27.86 0.96 -6.20
C ALA E 214 -27.44 2.36 -5.79
N ASP E 215 -27.98 2.85 -4.68
CA ASP E 215 -27.66 4.19 -4.22
C ASP E 215 -26.19 4.31 -3.86
N VAL E 216 -25.64 3.26 -3.27
CA VAL E 216 -24.25 3.28 -2.85
C VAL E 216 -23.33 3.26 -4.09
N SER E 217 -23.64 2.37 -5.04
CA SER E 217 -22.92 2.33 -6.32
C SER E 217 -22.97 3.69 -7.04
N VAL E 218 -24.16 4.25 -7.17
CA VAL E 218 -24.29 5.51 -7.86
C VAL E 218 -23.42 6.56 -7.15
N GLU E 219 -23.50 6.61 -5.83
CA GLU E 219 -22.69 7.55 -5.09
C GLU E 219 -21.19 7.39 -5.40
N GLY E 220 -20.74 6.15 -5.33
CA GLY E 220 -19.36 5.80 -5.51
C GLY E 220 -18.87 6.00 -6.93
N CYS E 221 -19.75 5.82 -7.91
CA CYS E 221 -19.36 5.89 -9.32
C CYS E 221 -19.59 7.27 -9.94
N PHE E 222 -20.58 8.01 -9.47
CA PHE E 222 -21.00 9.23 -10.14
C PHE E 222 -20.92 10.49 -9.32
N VAL E 223 -20.86 10.39 -8.00
CA VAL E 223 -20.85 11.56 -7.15
C VAL E 223 -19.48 11.74 -6.50
N GLU E 224 -19.03 10.73 -5.77
CA GLU E 224 -17.74 10.82 -5.09
C GLU E 224 -16.58 10.79 -6.10
N GLN E 225 -15.66 11.73 -5.98
CA GLN E 225 -14.56 11.90 -6.93
C GLN E 225 -13.18 11.60 -6.35
N ASP E 226 -13.08 11.39 -5.06
CA ASP E 226 -11.80 11.06 -4.43
C ASP E 226 -11.73 9.54 -4.25
N LYS E 227 -10.74 8.87 -4.86
CA LYS E 227 -10.62 7.40 -4.80
C LYS E 227 -10.42 6.83 -3.41
N GLU E 228 -9.85 7.62 -2.49
CA GLU E 228 -9.72 7.20 -1.09
C GLU E 228 -11.10 7.02 -0.46
N ARG E 229 -12.10 7.67 -1.05
CA ARG E 229 -13.44 7.50 -0.59
C ARG E 229 -14.24 6.59 -1.52
N TYR E 230 -14.11 6.75 -2.83
CA TYR E 230 -15.00 5.99 -3.73
C TYR E 230 -14.68 4.53 -3.81
N VAL E 231 -13.42 4.14 -3.61
CA VAL E 231 -13.11 2.70 -3.66
C VAL E 231 -13.77 1.94 -2.47
N PRO E 232 -13.58 2.41 -1.24
CA PRO E 232 -14.32 1.80 -0.16
C PRO E 232 -15.82 1.85 -0.33
N ILE E 233 -16.35 2.95 -0.90
CA ILE E 233 -17.80 3.05 -1.06
C ILE E 233 -18.28 1.95 -1.99
N VAL E 234 -17.70 1.84 -3.19
CA VAL E 234 -18.17 0.79 -4.10
C VAL E 234 -17.97 -0.63 -3.56
N ALA E 235 -16.86 -0.86 -2.86
CA ALA E 235 -16.68 -2.17 -2.16
C ALA E 235 -17.75 -2.43 -1.13
N SER E 236 -18.18 -1.39 -0.40
CA SER E 236 -19.19 -1.61 0.65
C SER E 236 -20.50 -2.08 0.03
N ALA E 237 -20.80 -1.56 -1.14
CA ALA E 237 -21.98 -1.96 -1.91
C ALA E 237 -21.98 -3.46 -2.27
N HIS E 238 -20.81 -3.95 -2.64
CA HIS E 238 -20.65 -5.40 -2.90
C HIS E 238 -20.78 -6.25 -1.65
N GLU E 239 -20.25 -5.78 -0.52
CA GLU E 239 -20.45 -6.52 0.74
C GLU E 239 -21.94 -6.55 1.12
N MET E 240 -22.70 -5.48 0.80
CA MET E 240 -24.15 -5.46 1.05
C MET E 240 -24.81 -6.53 0.19
N MET E 241 -24.43 -6.61 -1.08
CA MET E 241 -25.08 -7.55 -1.98
C MET E 241 -24.80 -8.99 -1.58
N ARG E 242 -23.57 -9.24 -1.19
CA ARG E 242 -23.19 -10.55 -0.60
C ARG E 242 -24.07 -10.91 0.61
N LYS E 243 -24.36 -9.96 1.51
CA LYS E 243 -25.24 -10.27 2.63
C LYS E 243 -26.71 -10.39 2.18
N ALA E 244 -27.14 -9.62 1.17
CA ALA E 244 -28.50 -9.81 0.63
C ALA E 244 -28.65 -11.23 0.11
N ALA E 245 -27.62 -11.74 -0.56
CA ALA E 245 -27.61 -13.12 -1.06
C ALA E 245 -27.70 -14.15 0.05
N GLU E 246 -27.01 -13.91 1.16
CA GLU E 246 -27.09 -14.78 2.31
C GLU E 246 -28.51 -14.79 2.90
N LEU E 247 -29.17 -13.62 2.99
CA LEU E 247 -30.53 -13.55 3.42
C LEU E 247 -31.48 -14.32 2.53
N ALA E 248 -31.30 -14.23 1.22
CA ALA E 248 -32.13 -14.97 0.27
C ALA E 248 -31.90 -16.48 0.43
N ASP E 249 -30.66 -16.89 0.55
CA ASP E 249 -30.33 -18.31 0.87
C ASP E 249 -30.97 -18.79 2.19
N GLU E 250 -30.89 -17.98 3.25
CA GLU E 250 -31.55 -18.30 4.53
C GLU E 250 -33.06 -18.54 4.39
N ALA E 251 -33.69 -17.70 3.60
CA ALA E 251 -35.13 -17.81 3.31
C ALA E 251 -35.43 -19.10 2.57
N ARG E 252 -34.64 -19.40 1.56
CA ARG E 252 -34.79 -20.66 0.85
C ARG E 252 -34.59 -21.86 1.76
N GLU E 253 -33.56 -21.85 2.61
CA GLU E 253 -33.39 -22.89 3.64
C GLU E 253 -34.57 -23.03 4.62
N LEU E 254 -35.18 -21.93 5.03
CA LEU E 254 -36.45 -22.01 5.80
C LEU E 254 -37.58 -22.71 5.04
N GLU E 255 -37.70 -22.47 3.75
CA GLU E 255 -38.71 -23.21 2.95
C GLU E 255 -38.37 -24.72 2.88
N LYS E 256 -37.10 -25.07 2.76
CA LYS E 256 -36.67 -26.47 2.74
C LYS E 256 -36.96 -27.15 4.10
N SER E 257 -36.81 -26.42 5.23
CA SER E 257 -37.14 -27.02 6.50
C SER E 257 -38.60 -27.39 6.63
N ASN E 258 -39.44 -26.77 5.83
CA ASN E 258 -40.87 -27.10 5.91
C ASN E 258 -41.30 -27.96 4.74
N ASP E 259 -40.32 -28.46 3.98
CA ASP E 259 -40.61 -29.12 2.71
C ASP E 259 -41.70 -28.33 1.90
N ALA E 260 -41.51 -27.02 1.72
CA ALA E 260 -42.50 -26.15 1.10
C ALA E 260 -41.93 -25.26 0.00
N VAL E 261 -40.84 -25.72 -0.63
CA VAL E 261 -40.17 -24.90 -1.65
C VAL E 261 -41.05 -24.93 -2.90
N LEU E 262 -41.59 -23.78 -3.27
CA LEU E 262 -42.37 -23.65 -4.49
C LEU E 262 -41.50 -23.93 -5.70
N ARG E 263 -42.01 -24.75 -6.60
CA ARG E 263 -41.39 -24.95 -7.90
C ARG E 263 -42.46 -24.84 -8.92
N THR E 264 -42.17 -24.09 -9.98
CA THR E 264 -43.11 -23.91 -11.07
C THR E 264 -42.40 -24.15 -12.41
N PRO E 265 -42.12 -25.43 -12.73
CA PRO E 265 -41.49 -25.77 -14.02
C PRO E 265 -42.52 -25.78 -15.19
N HIS E 266 -42.01 -25.66 -16.40
CA HIS E 266 -42.84 -25.72 -17.61
C HIS E 266 -42.92 -27.17 -18.04
N ALA E 267 -44.09 -27.55 -18.55
CA ALA E 267 -44.26 -28.79 -19.26
C ALA E 267 -43.77 -28.63 -20.70
N PRO E 268 -43.56 -29.77 -21.44
CA PRO E 268 -43.15 -29.65 -22.85
C PRO E 268 -44.09 -28.78 -23.73
N ASP E 269 -45.37 -28.75 -23.39
CA ASP E 269 -46.34 -27.94 -24.11
C ASP E 269 -46.36 -26.49 -23.65
N GLY E 270 -45.55 -26.21 -22.62
CA GLY E 270 -45.41 -24.88 -22.11
C GLY E 270 -46.29 -24.52 -20.92
N LYS E 271 -47.27 -25.36 -20.58
CA LYS E 271 -48.04 -25.13 -19.35
C LYS E 271 -47.13 -25.03 -18.12
N VAL E 272 -47.41 -24.03 -17.29
CA VAL E 272 -46.68 -23.79 -16.07
C VAL E 272 -47.25 -24.65 -14.95
N LEU E 273 -46.44 -25.60 -14.48
CA LEU E 273 -46.81 -26.52 -13.45
C LEU E 273 -46.44 -25.95 -12.08
N SER E 274 -46.89 -26.64 -11.03
CA SER E 274 -46.64 -26.15 -9.70
C SER E 274 -46.56 -27.25 -8.68
N LYS E 275 -45.71 -27.08 -7.68
CA LYS E 275 -45.62 -28.04 -6.57
C LYS E 275 -44.99 -27.31 -5.36
N ARG E 276 -45.11 -27.93 -4.21
CA ARG E 276 -44.43 -27.53 -2.98
C ARG E 276 -43.64 -28.68 -2.39
N LYS E 277 -44.24 -29.84 -2.20
CA LYS E 277 -43.49 -30.94 -1.56
C LYS E 277 -42.45 -31.53 -2.49
N PHE E 278 -41.30 -31.85 -1.94
CA PHE E 278 -40.14 -32.31 -2.69
C PHE E 278 -40.44 -33.46 -3.64
N MET E 279 -41.15 -34.44 -3.10
CA MET E 279 -41.37 -35.68 -3.82
C MET E 279 -42.62 -35.69 -4.64
N GLU E 280 -43.34 -34.56 -4.70
CA GLU E 280 -44.61 -34.53 -5.38
C GLU E 280 -44.38 -34.12 -6.81
N ASP E 281 -45.16 -34.67 -7.72
CA ASP E 281 -45.08 -34.29 -9.12
C ASP E 281 -45.66 -32.90 -9.30
N PRO E 282 -45.02 -32.14 -10.18
CA PRO E 282 -45.56 -30.84 -10.52
C PRO E 282 -46.80 -31.01 -11.40
N GLU E 283 -47.83 -30.21 -11.13
CA GLU E 283 -49.09 -30.31 -11.88
C GLU E 283 -49.75 -28.93 -12.06
N THR F 2 -29.67 -64.89 26.75
CA THR F 2 -28.41 -65.34 26.09
C THR F 2 -27.52 -64.11 25.89
N VAL F 3 -26.20 -64.29 26.10
CA VAL F 3 -25.23 -63.23 25.92
C VAL F 3 -24.45 -63.58 24.68
N ALA F 4 -24.56 -62.72 23.65
CA ALA F 4 -23.77 -62.83 22.44
C ALA F 4 -22.33 -62.34 22.70
N LYS F 5 -21.35 -63.05 22.13
CA LYS F 5 -19.96 -62.67 22.31
C LYS F 5 -19.28 -62.41 20.99
N ALA F 6 -18.45 -61.38 20.91
CA ALA F 6 -17.71 -61.09 19.70
C ALA F 6 -16.35 -60.54 20.03
N ILE F 7 -15.41 -60.83 19.13
CA ILE F 7 -14.11 -60.17 19.14
C ILE F 7 -14.02 -59.21 17.94
N PHE F 8 -13.56 -57.98 18.22
CA PHE F 8 -13.28 -57.00 17.18
C PHE F 8 -11.78 -56.87 17.05
N ILE F 9 -11.27 -56.92 15.82
CA ILE F 9 -9.84 -56.78 15.55
C ILE F 9 -9.69 -55.51 14.72
N LYS F 10 -8.83 -54.60 15.21
CA LYS F 10 -8.63 -53.33 14.57
C LYS F 10 -7.15 -53.18 14.14
N CYS F 11 -6.91 -53.12 12.85
CA CYS F 11 -5.56 -52.86 12.32
C CYS F 11 -5.65 -51.75 11.27
N GLY F 12 -4.92 -50.66 11.49
CA GLY F 12 -5.07 -49.47 10.65
C GLY F 12 -6.26 -48.75 11.22
N ASN F 13 -6.75 -47.72 10.53
CA ASN F 13 -7.88 -46.98 11.03
C ASN F 13 -8.82 -46.56 9.92
N LEU F 14 -10.10 -46.81 10.16
CA LEU F 14 -11.19 -46.22 9.38
C LEU F 14 -12.14 -45.58 10.35
N GLY F 15 -12.95 -44.65 9.90
CA GLY F 15 -14.04 -44.13 10.76
C GLY F 15 -14.98 -45.22 11.30
N THR F 16 -15.32 -46.16 10.44
CA THR F 16 -16.25 -47.24 10.81
C THR F 16 -15.62 -48.23 11.78
N SER F 17 -14.37 -48.60 11.55
CA SER F 17 -13.73 -49.57 12.39
C SER F 17 -13.44 -48.96 13.76
N MET F 18 -13.22 -47.66 13.82
CA MET F 18 -12.96 -46.98 15.06
C MET F 18 -14.16 -47.03 16.00
N MET F 19 -15.35 -46.92 15.43
CA MET F 19 -16.59 -46.80 16.21
C MET F 19 -17.40 -48.10 16.31
N MET F 20 -17.06 -49.08 15.50
CA MET F 20 -18.00 -50.18 15.22
C MET F 20 -18.54 -50.90 16.46
N ASP F 21 -17.68 -51.25 17.39
CA ASP F 21 -18.11 -51.92 18.63
C ASP F 21 -18.97 -50.99 19.53
N MET F 22 -18.60 -49.73 19.63
CA MET F 22 -19.28 -48.80 20.51
C MET F 22 -20.68 -48.45 20.05
N LEU F 23 -20.92 -48.49 18.74
CA LEU F 23 -22.25 -48.29 18.16
C LEU F 23 -23.27 -49.36 18.62
N LEU F 24 -22.78 -50.48 19.13
CA LEU F 24 -23.62 -51.57 19.59
C LEU F 24 -23.99 -51.51 21.07
N ASP F 25 -23.35 -50.64 21.85
CA ASP F 25 -23.63 -50.53 23.28
C ASP F 25 -23.31 -49.11 23.82
N GLU F 26 -24.07 -48.16 23.28
CA GLU F 26 -23.78 -46.74 23.42
C GLU F 26 -23.78 -46.20 24.88
N ARG F 27 -24.47 -46.89 25.78
CA ARG F 27 -24.47 -46.53 27.18
C ARG F 27 -23.90 -47.61 28.07
N ALA F 28 -23.26 -48.63 27.47
CA ALA F 28 -22.67 -49.75 28.22
C ALA F 28 -23.67 -50.46 29.13
N ASP F 29 -24.96 -50.44 28.79
CA ASP F 29 -25.98 -51.04 29.65
C ASP F 29 -26.66 -52.28 29.06
N ARG F 30 -26.16 -52.75 27.92
CA ARG F 30 -26.64 -54.02 27.35
C ARG F 30 -26.14 -55.19 28.15
N GLU F 31 -27.09 -56.05 28.52
CA GLU F 31 -26.81 -57.25 29.30
C GLU F 31 -26.68 -58.47 28.40
N ASP F 32 -26.90 -58.29 27.11
CA ASP F 32 -26.97 -59.44 26.18
C ASP F 32 -25.75 -59.50 25.26
N VAL F 33 -24.72 -58.73 25.54
CA VAL F 33 -23.48 -58.76 24.74
C VAL F 33 -22.24 -58.65 25.61
N GLU F 34 -21.16 -59.24 25.13
CA GLU F 34 -19.84 -59.06 25.74
C GLU F 34 -18.82 -59.05 24.60
N PHE F 35 -17.97 -58.02 24.56
CA PHE F 35 -17.00 -57.88 23.48
C PHE F 35 -15.57 -57.86 24.04
N ARG F 36 -14.65 -58.31 23.20
CA ARG F 36 -13.23 -58.08 23.34
C ARG F 36 -12.71 -57.37 22.09
N VAL F 37 -11.79 -56.44 22.29
CA VAL F 37 -11.25 -55.65 21.18
C VAL F 37 -9.72 -55.80 21.26
N VAL F 38 -9.11 -56.19 20.14
CA VAL F 38 -7.65 -56.30 20.09
C VAL F 38 -7.16 -55.68 18.78
N GLY F 39 -5.89 -55.30 18.74
CA GLY F 39 -5.29 -54.83 17.53
C GLY F 39 -3.86 -54.36 17.71
N THR F 40 -3.33 -53.83 16.61
CA THR F 40 -1.95 -53.42 16.49
C THR F 40 -1.90 -51.94 16.17
N SER F 41 -2.94 -51.21 16.58
CA SER F 41 -3.02 -49.81 16.33
C SER F 41 -3.07 -49.56 14.81
N VAL F 42 -2.35 -48.54 14.34
CA VAL F 42 -2.41 -48.10 12.96
C VAL F 42 -1.67 -49.01 11.98
N LYS F 43 -0.83 -49.91 12.47
CA LYS F 43 -0.04 -50.75 11.57
C LYS F 43 -0.86 -51.91 11.01
N MET F 44 -0.76 -52.11 9.69
CA MET F 44 -1.54 -53.12 8.99
C MET F 44 -0.75 -53.87 7.92
N ASP F 45 0.57 -53.94 8.09
CA ASP F 45 1.44 -54.85 7.32
C ASP F 45 1.05 -56.28 7.70
N PRO F 46 1.37 -57.28 6.82
CA PRO F 46 1.06 -58.69 7.09
C PRO F 46 1.52 -59.26 8.44
N GLU F 47 2.72 -58.88 8.89
CA GLU F 47 3.26 -59.38 10.16
C GLU F 47 2.36 -58.89 11.30
N CYS F 48 2.09 -57.59 11.34
CA CYS F 48 1.22 -57.03 12.37
C CYS F 48 -0.19 -57.58 12.34
N VAL F 49 -0.73 -57.74 11.15
CA VAL F 49 -2.09 -58.26 11.05
C VAL F 49 -2.15 -59.69 11.54
N GLU F 50 -1.15 -60.49 11.20
CA GLU F 50 -1.09 -61.85 11.68
C GLU F 50 -1.07 -61.86 13.21
N ALA F 51 -0.22 -61.00 13.77
CA ALA F 51 -0.10 -60.87 15.24
C ALA F 51 -1.47 -60.53 15.83
N ALA F 52 -2.17 -59.58 15.20
CA ALA F 52 -3.49 -59.17 15.65
C ALA F 52 -4.50 -60.31 15.65
N VAL F 53 -4.55 -61.02 14.54
CA VAL F 53 -5.50 -62.14 14.41
C VAL F 53 -5.16 -63.26 15.40
N GLU F 54 -3.86 -63.51 15.58
CA GLU F 54 -3.36 -64.50 16.52
C GLU F 54 -3.80 -64.21 17.95
N MET F 55 -3.65 -62.96 18.36
CA MET F 55 -4.17 -62.48 19.63
C MET F 55 -5.65 -62.82 19.76
N ALA F 56 -6.41 -62.51 18.70
CA ALA F 56 -7.86 -62.74 18.70
C ALA F 56 -8.17 -64.21 18.92
N LEU F 57 -7.49 -65.06 18.14
CA LEU F 57 -7.75 -66.48 18.15
C LEU F 57 -7.32 -67.10 19.47
N ASP F 58 -6.23 -66.60 20.04
CA ASP F 58 -5.80 -67.01 21.37
C ASP F 58 -6.86 -66.70 22.39
N ILE F 59 -7.31 -65.45 22.44
CA ILE F 59 -8.41 -65.08 23.33
C ILE F 59 -9.69 -65.92 23.04
N ALA F 60 -9.96 -66.22 21.77
CA ALA F 60 -11.19 -66.95 21.39
C ALA F 60 -11.29 -68.34 21.99
N GLU F 61 -10.14 -68.97 22.23
CA GLU F 61 -10.09 -70.32 22.82
C GLU F 61 -10.87 -70.34 24.12
N ASP F 62 -10.62 -69.36 24.99
CA ASP F 62 -11.34 -69.27 26.24
C ASP F 62 -12.59 -68.38 26.20
N PHE F 63 -12.58 -67.35 25.32
CA PHE F 63 -13.72 -66.43 25.25
C PHE F 63 -14.91 -67.04 24.48
N GLU F 64 -14.62 -67.89 23.49
CA GLU F 64 -15.65 -68.50 22.65
C GLU F 64 -16.62 -67.51 22.03
N PRO F 65 -16.10 -66.63 21.16
CA PRO F 65 -16.98 -65.66 20.50
C PRO F 65 -17.92 -66.30 19.48
N ASP F 66 -19.10 -65.69 19.30
CA ASP F 66 -20.07 -66.14 18.29
C ASP F 66 -19.63 -65.71 16.90
N PHE F 67 -18.94 -64.56 16.84
CA PHE F 67 -18.35 -64.12 15.59
C PHE F 67 -17.20 -63.19 15.87
N ILE F 68 -16.41 -62.97 14.83
CA ILE F 68 -15.23 -62.12 14.88
C ILE F 68 -15.29 -61.10 13.77
N VAL F 69 -14.96 -59.85 14.09
CA VAL F 69 -14.96 -58.77 13.17
C VAL F 69 -13.56 -58.25 12.99
N TYR F 70 -13.13 -58.16 11.75
CA TYR F 70 -11.88 -57.53 11.40
C TYR F 70 -12.21 -56.20 10.69
N GLY F 71 -11.64 -55.11 11.18
CA GLY F 71 -11.92 -53.81 10.61
C GLY F 71 -10.67 -52.99 10.35
N GLY F 72 -10.63 -52.38 9.17
CA GLY F 72 -9.57 -51.46 8.84
C GLY F 72 -9.53 -51.21 7.36
N PRO F 73 -8.58 -50.39 6.94
CA PRO F 73 -8.56 -50.03 5.51
C PRO F 73 -8.21 -51.20 4.59
N ASN F 74 -8.74 -51.09 3.37
CA ASN F 74 -8.40 -51.92 2.22
C ASN F 74 -8.23 -53.43 2.43
N PRO F 75 -9.36 -54.14 2.46
CA PRO F 75 -9.41 -55.60 2.49
C PRO F 75 -8.58 -56.31 1.41
N ALA F 76 -8.28 -55.62 0.31
CA ALA F 76 -7.48 -56.18 -0.76
C ALA F 76 -5.99 -56.12 -0.50
N ALA F 77 -5.57 -55.32 0.49
CA ALA F 77 -4.13 -55.11 0.72
C ALA F 77 -3.52 -56.36 1.36
N PRO F 78 -2.18 -56.48 1.33
CA PRO F 78 -1.53 -57.68 1.86
C PRO F 78 -1.86 -58.04 3.32
N GLY F 79 -1.85 -57.04 4.22
CA GLY F 79 -2.16 -57.32 5.61
C GLY F 79 -3.56 -57.86 5.80
N PRO F 80 -4.57 -57.07 5.40
CA PRO F 80 -5.96 -57.54 5.41
C PRO F 80 -6.25 -58.84 4.70
N SER F 81 -5.56 -59.11 3.59
CA SER F 81 -5.78 -60.37 2.87
C SER F 81 -5.36 -61.56 3.75
N LYS F 82 -4.29 -61.37 4.51
CA LYS F 82 -3.83 -62.40 5.44
C LYS F 82 -4.87 -62.56 6.57
N ALA F 83 -5.47 -61.47 7.06
CA ALA F 83 -6.55 -61.61 8.04
C ALA F 83 -7.75 -62.40 7.48
N ARG F 84 -8.13 -62.09 6.24
CA ARG F 84 -9.26 -62.76 5.58
C ARG F 84 -8.97 -64.27 5.48
N GLU F 85 -7.73 -64.61 5.14
CA GLU F 85 -7.31 -66.00 5.00
C GLU F 85 -7.41 -66.75 6.35
N MET F 86 -6.82 -66.18 7.38
CA MET F 86 -6.84 -66.77 8.71
C MET F 86 -8.26 -66.92 9.25
N LEU F 87 -9.07 -65.88 9.11
CA LEU F 87 -10.45 -65.89 9.64
C LEU F 87 -11.37 -66.82 8.83
N ALA F 88 -11.21 -66.84 7.52
CA ALA F 88 -11.98 -67.78 6.68
C ALA F 88 -11.67 -69.24 7.07
N ASP F 89 -10.39 -69.52 7.35
CA ASP F 89 -9.93 -70.85 7.79
C ASP F 89 -10.43 -71.23 9.19
N SER F 90 -10.64 -70.24 10.04
CA SER F 90 -11.00 -70.48 11.43
C SER F 90 -12.41 -71.05 11.53
N GLU F 91 -12.74 -71.52 12.72
CA GLU F 91 -14.07 -72.02 13.03
C GLU F 91 -15.11 -70.92 13.27
N TYR F 92 -14.68 -69.65 13.40
CA TYR F 92 -15.58 -68.59 13.78
C TYR F 92 -16.12 -67.88 12.55
N PRO F 93 -17.45 -67.65 12.51
CA PRO F 93 -18.00 -66.68 11.55
C PRO F 93 -17.30 -65.34 11.66
N ALA F 94 -16.99 -64.74 10.52
CA ALA F 94 -16.26 -63.47 10.49
C ALA F 94 -16.83 -62.46 9.51
N VAL F 95 -16.72 -61.17 9.89
CA VAL F 95 -17.14 -60.03 9.09
C VAL F 95 -15.96 -59.10 8.87
N ILE F 96 -15.78 -58.66 7.63
CA ILE F 96 -14.74 -57.71 7.27
C ILE F 96 -15.33 -56.30 7.08
N ILE F 97 -14.89 -55.35 7.91
CA ILE F 97 -15.24 -53.95 7.77
C ILE F 97 -14.13 -53.26 7.00
N GLY F 98 -14.51 -52.61 5.89
CA GLY F 98 -13.56 -51.89 5.04
C GLY F 98 -14.19 -50.77 4.26
N ASP F 99 -13.44 -50.34 3.25
CA ASP F 99 -13.68 -49.12 2.50
C ASP F 99 -13.83 -49.51 1.01
N ALA F 100 -13.85 -48.52 0.11
CA ALA F 100 -14.09 -48.76 -1.32
C ALA F 100 -13.06 -49.67 -2.02
N PRO F 101 -11.75 -49.53 -1.72
CA PRO F 101 -10.78 -50.51 -2.28
C PRO F 101 -11.11 -51.98 -2.01
N GLY F 102 -11.87 -52.26 -0.95
CA GLY F 102 -12.34 -53.62 -0.68
C GLY F 102 -13.28 -54.23 -1.72
N LEU F 103 -13.88 -53.40 -2.56
CA LEU F 103 -14.72 -53.88 -3.63
C LEU F 103 -13.95 -54.81 -4.60
N LYS F 104 -12.64 -54.59 -4.73
CA LYS F 104 -11.78 -55.46 -5.54
C LYS F 104 -11.81 -56.92 -5.14
N VAL F 105 -12.07 -57.20 -3.86
CA VAL F 105 -12.04 -58.61 -3.38
C VAL F 105 -13.37 -59.05 -2.79
N LYS F 106 -14.44 -58.42 -3.24
CA LYS F 106 -15.81 -58.67 -2.75
C LYS F 106 -16.25 -60.10 -3.10
N ASP F 107 -16.01 -60.51 -4.35
CA ASP F 107 -16.34 -61.88 -4.77
C ASP F 107 -15.49 -62.89 -4.01
N GLU F 108 -14.22 -62.56 -3.84
CA GLU F 108 -13.30 -63.43 -3.13
C GLU F 108 -13.73 -63.62 -1.68
N MET F 109 -14.13 -62.52 -1.02
CA MET F 109 -14.66 -62.61 0.35
C MET F 109 -15.89 -63.54 0.40
N GLU F 110 -16.80 -63.43 -0.57
CA GLU F 110 -17.98 -64.30 -0.61
C GLU F 110 -17.55 -65.75 -0.75
N GLU F 111 -16.57 -65.97 -1.62
CA GLU F 111 -15.99 -67.31 -1.83
C GLU F 111 -15.36 -67.86 -0.56
N GLN F 112 -14.71 -66.98 0.20
CA GLN F 112 -14.10 -67.35 1.47
C GLN F 112 -15.13 -67.63 2.60
N GLY F 113 -16.41 -67.34 2.34
CA GLY F 113 -17.45 -67.50 3.38
C GLY F 113 -17.44 -66.40 4.43
N LEU F 114 -16.92 -65.23 4.08
CA LEU F 114 -16.84 -64.11 5.01
C LEU F 114 -17.95 -63.09 4.73
N GLY F 115 -18.41 -62.42 5.79
CA GLY F 115 -19.24 -61.23 5.65
C GLY F 115 -18.40 -59.99 5.40
N TYR F 116 -19.07 -58.95 4.90
CA TYR F 116 -18.42 -57.68 4.74
C TYR F 116 -19.39 -56.53 4.85
N ILE F 117 -18.83 -55.41 5.32
CA ILE F 117 -19.46 -54.08 5.24
C ILE F 117 -18.43 -53.15 4.70
N LEU F 118 -18.62 -52.74 3.44
CA LEU F 118 -17.72 -51.85 2.77
C LEU F 118 -18.37 -50.49 2.71
N VAL F 119 -17.68 -49.53 3.33
CA VAL F 119 -18.18 -48.19 3.46
C VAL F 119 -17.43 -47.28 2.51
N LYS F 120 -18.05 -46.99 1.35
CA LYS F 120 -17.37 -46.17 0.32
C LYS F 120 -16.98 -44.75 0.81
N PRO F 121 -17.87 -44.04 1.52
CA PRO F 121 -17.51 -42.74 2.09
C PRO F 121 -16.42 -42.75 3.20
N ASP F 122 -15.97 -43.92 3.63
CA ASP F 122 -14.93 -44.01 4.69
C ASP F 122 -13.57 -43.81 4.00
N ALA F 123 -13.32 -42.57 3.60
CA ALA F 123 -12.27 -42.27 2.65
C ALA F 123 -10.91 -42.17 3.28
N MET F 124 -9.91 -42.63 2.54
CA MET F 124 -8.53 -42.46 2.97
C MET F 124 -8.16 -40.98 3.09
N LEU F 125 -7.41 -40.65 4.14
CA LEU F 125 -6.93 -39.27 4.33
C LEU F 125 -5.63 -38.93 3.58
N GLY F 126 -5.23 -37.68 3.71
CA GLY F 126 -4.12 -37.13 2.95
C GLY F 126 -2.79 -37.40 3.64
N ALA F 127 -2.37 -38.65 3.57
CA ALA F 127 -1.23 -39.12 4.39
C ALA F 127 0.14 -38.83 3.79
N ARG F 128 0.50 -37.55 3.80
CA ARG F 128 1.84 -37.08 3.42
C ARG F 128 2.39 -36.36 4.64
N ARG F 129 3.64 -36.63 4.96
CA ARG F 129 4.28 -36.07 6.14
C ARG F 129 4.25 -34.55 6.28
N GLU F 130 4.33 -33.87 5.14
CA GLU F 130 4.37 -32.41 5.11
C GLU F 130 3.03 -31.78 5.54
N PHE F 131 1.97 -32.57 5.49
CA PHE F 131 0.64 -32.13 5.84
C PHE F 131 0.07 -32.86 7.06
N LEU F 132 0.15 -34.18 7.08
CA LEU F 132 -0.55 -34.95 8.08
C LEU F 132 0.28 -35.20 9.33
N ASP F 133 0.02 -34.40 10.37
CA ASP F 133 0.56 -34.67 11.67
C ASP F 133 -0.58 -35.27 12.52
N PRO F 134 -0.29 -35.64 13.78
CA PRO F 134 -1.33 -36.22 14.61
C PRO F 134 -2.61 -35.38 14.73
N VAL F 135 -2.46 -34.08 14.96
CA VAL F 135 -3.61 -33.20 15.05
C VAL F 135 -4.47 -33.17 13.78
N GLU F 136 -3.84 -33.03 12.62
CA GLU F 136 -4.57 -33.01 11.37
C GLU F 136 -5.32 -34.36 11.16
N MET F 137 -4.63 -35.45 11.47
CA MET F 137 -5.21 -36.79 11.41
C MET F 137 -6.48 -36.87 12.27
N ALA F 138 -6.43 -36.28 13.48
CA ALA F 138 -7.56 -36.31 14.37
C ALA F 138 -8.71 -35.39 13.91
N ILE F 139 -8.36 -34.20 13.42
CA ILE F 139 -9.30 -33.28 12.79
C ILE F 139 -10.09 -33.98 11.65
N TYR F 140 -9.38 -34.68 10.80
CA TYR F 140 -10.02 -35.39 9.68
C TYR F 140 -10.97 -36.43 10.20
N ASN F 141 -10.51 -37.20 11.16
CA ASN F 141 -11.35 -38.22 11.78
C ASN F 141 -12.59 -37.65 12.44
N ALA F 142 -12.49 -36.46 13.03
CA ALA F 142 -13.65 -35.82 13.62
C ALA F 142 -14.68 -35.49 12.56
N ASP F 143 -14.21 -34.91 11.44
CA ASP F 143 -15.10 -34.54 10.33
C ASP F 143 -15.73 -35.78 9.71
N LEU F 144 -14.93 -36.83 9.51
CA LEU F 144 -15.43 -38.05 9.00
C LEU F 144 -16.47 -38.71 9.87
N MET F 145 -16.23 -38.70 11.18
CA MET F 145 -17.11 -39.32 12.10
C MET F 145 -18.45 -38.61 12.12
N LYS F 146 -18.39 -37.29 12.03
CA LYS F 146 -19.64 -36.49 11.88
C LYS F 146 -20.40 -36.87 10.62
N VAL F 147 -19.68 -36.98 9.51
CA VAL F 147 -20.31 -37.44 8.28
C VAL F 147 -20.98 -38.82 8.41
N LEU F 148 -20.23 -39.82 8.90
CA LEU F 148 -20.75 -41.17 9.01
C LEU F 148 -21.88 -41.28 10.02
N ALA F 149 -21.83 -40.49 11.07
CA ALA F 149 -22.88 -40.53 12.06
C ALA F 149 -24.13 -39.76 11.58
N ALA F 150 -23.96 -38.49 11.24
CA ALA F 150 -25.13 -37.64 11.01
C ALA F 150 -25.87 -37.97 9.69
N THR F 151 -25.22 -38.70 8.79
CA THR F 151 -25.85 -39.07 7.54
C THR F 151 -26.67 -40.32 7.71
N GLY F 152 -26.46 -41.04 8.80
CA GLY F 152 -27.12 -42.32 9.00
C GLY F 152 -26.31 -43.55 8.66
N VAL F 153 -25.09 -43.39 8.15
CA VAL F 153 -24.28 -44.56 7.80
C VAL F 153 -24.01 -45.46 9.02
N PHE F 154 -23.70 -44.86 10.17
CA PHE F 154 -23.44 -45.67 11.37
C PHE F 154 -24.69 -46.43 11.83
N ARG F 155 -25.89 -45.92 11.51
CA ARG F 155 -27.11 -46.61 11.88
C ARG F 155 -27.30 -47.82 11.00
N VAL F 156 -26.89 -47.74 9.73
CA VAL F 156 -26.82 -48.90 8.83
C VAL F 156 -25.91 -50.00 9.39
N VAL F 157 -24.73 -49.63 9.87
CA VAL F 157 -23.77 -50.57 10.46
C VAL F 157 -24.30 -51.14 11.79
N GLN F 158 -24.88 -50.29 12.63
CA GLN F 158 -25.48 -50.70 13.90
C GLN F 158 -26.51 -51.79 13.59
N GLU F 159 -27.43 -51.51 12.67
CA GLU F 159 -28.50 -52.47 12.32
C GLU F 159 -27.97 -53.80 11.82
N ALA F 160 -26.93 -53.79 11.00
CA ALA F 160 -26.37 -55.03 10.46
C ALA F 160 -25.83 -55.90 11.58
N PHE F 161 -25.11 -55.29 12.52
CA PHE F 161 -24.55 -56.06 13.63
C PHE F 161 -25.61 -56.49 14.65
N ASP F 162 -26.61 -55.66 14.88
CA ASP F 162 -27.71 -56.02 15.75
C ASP F 162 -28.51 -57.19 15.20
N GLU F 163 -28.71 -57.23 13.89
CA GLU F 163 -29.31 -58.42 13.28
C GLU F 163 -28.42 -59.66 13.47
N LEU F 164 -27.11 -59.50 13.26
CA LEU F 164 -26.19 -60.62 13.43
C LEU F 164 -26.18 -61.10 14.87
N ILE F 165 -26.16 -60.16 15.80
CA ILE F 165 -26.17 -60.51 17.23
C ILE F 165 -27.42 -61.34 17.59
N GLU F 166 -28.57 -60.92 17.08
CA GLU F 166 -29.80 -61.67 17.37
C GLU F 166 -29.74 -63.10 16.85
N LYS F 167 -29.14 -63.30 15.68
CA LYS F 167 -28.92 -64.63 15.14
C LYS F 167 -27.95 -65.42 16.01
N ALA F 168 -26.91 -64.76 16.48
CA ALA F 168 -25.94 -65.36 17.39
C ALA F 168 -26.63 -65.92 18.64
N LYS F 169 -27.65 -65.22 19.11
CA LYS F 169 -28.40 -65.58 20.28
C LYS F 169 -29.28 -66.84 20.10
N GLU F 170 -29.53 -67.28 18.86
CA GLU F 170 -30.16 -68.62 18.56
C GLU F 170 -29.21 -69.58 17.70
N ASP F 171 -28.29 -70.36 18.30
CA ASP F 171 -26.81 -70.20 18.08
C ASP F 171 -26.40 -70.06 16.62
N GLU F 172 -26.19 -71.11 15.82
CA GLU F 172 -25.07 -71.15 14.85
C GLU F 172 -25.50 -70.33 13.61
N ILE F 173 -25.15 -69.07 13.75
CA ILE F 173 -24.90 -68.17 12.65
C ILE F 173 -24.34 -68.99 11.49
N SER F 174 -25.02 -68.91 10.35
CA SER F 174 -24.59 -69.54 9.11
C SER F 174 -24.04 -68.48 8.16
N GLU F 175 -23.36 -68.93 7.10
CA GLU F 175 -22.83 -68.05 6.06
C GLU F 175 -23.90 -67.10 5.48
N ASN F 176 -25.13 -67.60 5.38
CA ASN F 176 -26.24 -66.80 4.86
C ASN F 176 -26.65 -65.64 5.76
N ASP F 177 -26.32 -65.71 7.04
CA ASP F 177 -26.63 -64.66 8.02
C ASP F 177 -25.60 -63.52 8.02
N LEU F 178 -24.45 -63.77 7.40
CA LEU F 178 -23.36 -62.81 7.45
C LEU F 178 -23.70 -61.58 6.58
N PRO F 179 -23.48 -60.38 7.14
CA PRO F 179 -23.75 -59.18 6.31
C PRO F 179 -22.94 -59.18 5.01
N LYS F 180 -23.56 -58.68 3.94
CA LYS F 180 -22.85 -58.42 2.70
C LYS F 180 -23.29 -57.04 2.17
N LEU F 181 -22.75 -55.97 2.76
CA LEU F 181 -23.19 -54.62 2.47
C LEU F 181 -22.11 -53.78 1.84
N VAL F 182 -22.53 -52.94 0.93
CA VAL F 182 -21.73 -51.91 0.34
C VAL F 182 -22.54 -50.61 0.57
N ILE F 183 -21.94 -49.68 1.30
CA ILE F 183 -22.63 -48.46 1.69
C ILE F 183 -22.07 -47.29 0.90
N ASP F 184 -22.97 -46.47 0.36
CA ASP F 184 -22.56 -45.26 -0.31
C ASP F 184 -23.70 -44.25 -0.27
N ARG F 185 -23.52 -43.14 -0.98
CA ARG F 185 -24.55 -42.09 -1.09
C ARG F 185 -25.96 -42.70 -1.30
N ASN F 186 -26.09 -43.60 -2.26
CA ASN F 186 -27.40 -44.15 -2.64
C ASN F 186 -28.05 -45.08 -1.63
N THR F 187 -27.30 -45.52 -0.64
CA THR F 187 -27.82 -46.28 0.46
C THR F 187 -28.97 -45.50 1.13
N LEU F 188 -28.86 -44.20 1.19
CA LEU F 188 -29.91 -43.42 1.87
C LEU F 188 -31.26 -43.49 1.17
N LEU F 189 -31.25 -43.75 -0.14
CA LEU F 189 -32.48 -43.87 -0.91
C LEU F 189 -33.37 -45.03 -0.49
N GLU F 190 -32.81 -46.04 0.15
CA GLU F 190 -33.60 -47.22 0.53
C GLU F 190 -33.96 -47.16 2.01
N ARG F 191 -33.63 -46.06 2.68
CA ARG F 191 -33.92 -45.96 4.10
C ARG F 191 -34.93 -44.86 4.40
N GLU F 192 -35.35 -44.80 5.65
CA GLU F 192 -36.28 -43.78 6.10
C GLU F 192 -35.60 -43.02 7.26
N GLU F 193 -34.31 -42.74 7.11
CA GLU F 193 -33.54 -42.04 8.12
C GLU F 193 -34.14 -40.62 8.39
N PHE F 194 -34.41 -39.87 7.31
CA PHE F 194 -34.79 -38.48 7.42
C PHE F 194 -36.27 -38.24 7.17
N GLU F 195 -36.92 -37.52 8.08
CA GLU F 195 -38.28 -37.06 7.88
C GLU F 195 -38.30 -35.97 6.79
N ASN F 196 -37.26 -35.12 6.74
CA ASN F 196 -37.21 -34.01 5.77
C ASN F 196 -36.40 -34.41 4.53
N PRO F 197 -36.98 -34.26 3.30
CA PRO F 197 -36.28 -34.68 2.09
C PRO F 197 -34.99 -33.90 1.81
N TYR F 198 -34.92 -32.63 2.20
CA TYR F 198 -33.69 -31.85 2.02
C TYR F 198 -32.58 -32.28 3.00
N ALA F 199 -32.95 -32.72 4.19
CA ALA F 199 -31.96 -33.33 5.09
C ALA F 199 -31.38 -34.58 4.42
N MET F 200 -32.21 -35.40 3.79
CA MET F 200 -31.69 -36.57 3.11
C MET F 200 -30.78 -36.23 1.93
N VAL F 201 -31.13 -35.22 1.14
CA VAL F 201 -30.32 -34.90 -0.03
C VAL F 201 -29.02 -34.19 0.39
N LYS F 202 -29.08 -33.39 1.45
CA LYS F 202 -27.83 -32.79 2.04
C LYS F 202 -26.93 -33.92 2.57
N ALA F 203 -27.52 -34.92 3.24
CA ALA F 203 -26.75 -36.11 3.69
C ALA F 203 -26.15 -36.91 2.52
N MET F 204 -26.90 -37.03 1.42
CA MET F 204 -26.40 -37.70 0.20
C MET F 204 -25.23 -36.90 -0.39
N ALA F 205 -25.37 -35.58 -0.41
CA ALA F 205 -24.28 -34.72 -0.89
C ALA F 205 -23.05 -34.90 -0.05
N ALA F 206 -23.24 -34.98 1.28
CA ALA F 206 -22.13 -35.22 2.18
C ALA F 206 -21.38 -36.50 1.90
N LEU F 207 -22.14 -37.55 1.67
CA LEU F 207 -21.58 -38.87 1.39
C LEU F 207 -20.89 -38.94 0.05
N GLU F 208 -21.45 -38.23 -0.95
CA GLU F 208 -20.81 -38.14 -2.25
C GLU F 208 -19.46 -37.43 -2.12
N ILE F 209 -19.46 -36.29 -1.43
CA ILE F 209 -18.21 -35.57 -1.26
C ILE F 209 -17.19 -36.45 -0.53
N ALA F 210 -17.60 -37.08 0.58
CA ALA F 210 -16.74 -37.95 1.37
C ALA F 210 -16.12 -39.05 0.53
N GLU F 211 -16.95 -39.70 -0.30
CA GLU F 211 -16.43 -40.71 -1.24
C GLU F 211 -15.44 -40.14 -2.29
N ASN F 212 -15.76 -38.96 -2.79
CA ASN F 212 -14.86 -38.28 -3.69
C ASN F 212 -13.50 -37.90 -3.03
N VAL F 213 -13.49 -37.66 -1.73
CA VAL F 213 -12.22 -37.38 -1.01
C VAL F 213 -11.17 -38.46 -1.25
N ALA F 214 -11.60 -39.72 -1.27
CA ALA F 214 -10.67 -40.85 -1.42
C ALA F 214 -9.82 -40.76 -2.68
N ASP F 215 -10.43 -40.35 -3.80
CA ASP F 215 -9.69 -40.25 -5.05
C ASP F 215 -8.66 -39.11 -5.02
N VAL F 216 -8.98 -38.04 -4.29
CA VAL F 216 -8.08 -36.92 -4.19
C VAL F 216 -6.88 -37.34 -3.34
N SER F 217 -7.15 -37.99 -2.22
CA SER F 217 -6.09 -38.55 -1.33
C SER F 217 -5.19 -39.51 -2.07
N VAL F 218 -5.79 -40.45 -2.79
CA VAL F 218 -5.04 -41.42 -3.57
C VAL F 218 -4.15 -40.75 -4.62
N GLU F 219 -4.70 -39.79 -5.37
CA GLU F 219 -3.90 -39.01 -6.27
C GLU F 219 -2.73 -38.35 -5.54
N GLY F 220 -3.01 -37.67 -4.43
CA GLY F 220 -1.96 -36.98 -3.72
C GLY F 220 -0.93 -37.90 -3.04
N CYS F 221 -1.35 -39.08 -2.63
CA CYS F 221 -0.45 -39.98 -1.89
C CYS F 221 0.32 -40.93 -2.78
N PHE F 222 -0.31 -41.42 -3.84
CA PHE F 222 0.23 -42.52 -4.65
C PHE F 222 0.59 -42.15 -6.08
N VAL F 223 0.09 -41.04 -6.61
CA VAL F 223 0.28 -40.78 -8.06
C VAL F 223 1.19 -39.60 -8.24
N GLU F 224 0.77 -38.47 -7.68
CA GLU F 224 1.54 -37.26 -7.73
C GLU F 224 2.83 -37.38 -6.90
N GLN F 225 3.96 -37.09 -7.52
CA GLN F 225 5.29 -37.22 -6.92
C GLN F 225 5.97 -35.88 -6.58
N ASP F 226 5.44 -34.77 -7.11
CA ASP F 226 6.02 -33.44 -6.85
C ASP F 226 5.33 -32.80 -5.64
N LYS F 227 6.08 -32.58 -4.54
CA LYS F 227 5.48 -32.04 -3.29
C LYS F 227 4.80 -30.70 -3.44
N GLU F 228 5.27 -29.89 -4.39
CA GLU F 228 4.64 -28.61 -4.68
C GLU F 228 3.23 -28.83 -5.20
N ARG F 229 2.96 -30.02 -5.70
CA ARG F 229 1.63 -30.41 -6.16
C ARG F 229 0.92 -31.27 -5.12
N TYR F 230 1.59 -32.26 -4.55
CA TYR F 230 0.86 -33.21 -3.68
C TYR F 230 0.45 -32.68 -2.32
N VAL F 231 1.19 -31.73 -1.76
CA VAL F 231 0.77 -31.13 -0.49
C VAL F 231 -0.56 -30.35 -0.61
N PRO F 232 -0.67 -29.42 -1.59
CA PRO F 232 -1.96 -28.84 -1.87
C PRO F 232 -3.06 -29.84 -2.19
N ILE F 233 -2.73 -30.88 -2.97
CA ILE F 233 -3.76 -31.90 -3.30
C ILE F 233 -4.33 -32.59 -2.05
N VAL F 234 -3.48 -33.12 -1.20
CA VAL F 234 -3.97 -33.78 0.03
C VAL F 234 -4.69 -32.84 1.00
N ALA F 235 -4.19 -31.63 1.14
CA ALA F 235 -4.87 -30.64 1.92
C ALA F 235 -6.25 -30.28 1.38
N SER F 236 -6.42 -30.29 0.04
CA SER F 236 -7.74 -30.01 -0.55
C SER F 236 -8.74 -31.12 -0.22
N ALA F 237 -8.26 -32.36 -0.11
CA ALA F 237 -9.12 -33.49 0.27
C ALA F 237 -9.70 -33.27 1.68
N HIS F 238 -8.88 -32.71 2.58
CA HIS F 238 -9.30 -32.41 3.94
C HIS F 238 -10.27 -31.26 4.01
N GLU F 239 -10.07 -30.23 3.17
CA GLU F 239 -11.08 -29.18 3.06
C GLU F 239 -12.44 -29.73 2.56
N MET F 240 -12.42 -30.65 1.60
CA MET F 240 -13.64 -31.33 1.15
C MET F 240 -14.37 -32.07 2.28
N MET F 241 -13.62 -32.83 3.08
CA MET F 241 -14.17 -33.55 4.20
C MET F 241 -14.78 -32.64 5.26
N ARG F 242 -14.12 -31.51 5.52
CA ARG F 242 -14.68 -30.52 6.42
C ARG F 242 -16.06 -30.02 5.96
N LYS F 243 -16.21 -29.75 4.64
CA LYS F 243 -17.51 -29.31 4.17
C LYS F 243 -18.54 -30.45 4.11
N ALA F 244 -18.10 -31.69 3.86
CA ALA F 244 -19.02 -32.82 3.94
C ALA F 244 -19.65 -32.88 5.37
N ALA F 245 -18.82 -32.60 6.37
CA ALA F 245 -19.26 -32.63 7.76
C ALA F 245 -20.25 -31.51 8.03
N GLU F 246 -20.03 -30.33 7.47
CA GLU F 246 -20.94 -29.22 7.61
C GLU F 246 -22.30 -29.55 6.95
N LEU F 247 -22.29 -30.26 5.84
CA LEU F 247 -23.55 -30.68 5.21
C LEU F 247 -24.33 -31.66 6.06
N ALA F 248 -23.62 -32.64 6.61
CA ALA F 248 -24.18 -33.60 7.59
C ALA F 248 -24.75 -32.84 8.81
N ASP F 249 -24.03 -31.87 9.32
CA ASP F 249 -24.55 -31.06 10.40
C ASP F 249 -25.83 -30.28 9.96
N GLU F 250 -25.84 -29.72 8.73
CA GLU F 250 -27.00 -28.99 8.24
C GLU F 250 -28.23 -29.89 8.16
N ALA F 251 -28.01 -31.11 7.66
CA ALA F 251 -29.03 -32.11 7.58
C ALA F 251 -29.68 -32.40 8.96
N ARG F 252 -28.83 -32.60 9.97
CA ARG F 252 -29.29 -32.90 11.30
C ARG F 252 -30.04 -31.71 11.91
N GLU F 253 -29.56 -30.49 11.67
CA GLU F 253 -30.27 -29.33 12.19
C GLU F 253 -31.67 -29.24 11.54
N LEU F 254 -31.80 -29.63 10.27
CA LEU F 254 -33.11 -29.64 9.61
C LEU F 254 -34.07 -30.53 10.35
N GLU F 255 -33.60 -31.71 10.69
CA GLU F 255 -34.41 -32.66 11.46
C GLU F 255 -34.83 -32.09 12.82
N LYS F 256 -33.92 -31.43 13.50
CA LYS F 256 -34.19 -30.74 14.75
C LYS F 256 -35.31 -29.74 14.53
N SER F 257 -35.27 -29.00 13.41
CA SER F 257 -36.27 -27.95 13.16
C SER F 257 -37.68 -28.51 13.09
N ASN F 258 -37.81 -29.78 12.76
CA ASN F 258 -39.12 -30.44 12.70
C ASN F 258 -39.35 -31.37 13.90
N ASP F 259 -38.44 -31.34 14.88
CA ASP F 259 -38.48 -32.24 16.03
C ASP F 259 -38.65 -33.69 15.55
N ALA F 260 -37.80 -34.09 14.61
CA ALA F 260 -37.93 -35.38 13.91
C ALA F 260 -36.62 -36.16 13.81
N VAL F 261 -35.69 -35.89 14.72
CA VAL F 261 -34.41 -36.61 14.79
C VAL F 261 -34.61 -38.06 15.22
N LEU F 262 -34.31 -38.96 14.29
CA LEU F 262 -34.41 -40.37 14.56
C LEU F 262 -33.42 -40.78 15.59
N ARG F 263 -33.88 -41.41 16.63
CA ARG F 263 -32.97 -42.05 17.62
C ARG F 263 -33.39 -43.53 17.76
N THR F 264 -32.38 -44.41 17.75
CA THR F 264 -32.60 -45.84 17.87
C THR F 264 -31.67 -46.46 18.95
N PRO F 265 -31.98 -46.17 20.23
CA PRO F 265 -31.17 -46.68 21.31
C PRO F 265 -31.48 -48.11 21.63
N HIS F 266 -30.51 -48.78 22.26
CA HIS F 266 -30.74 -50.13 22.76
C HIS F 266 -31.35 -50.11 24.16
N ALA F 267 -32.28 -51.04 24.38
CA ALA F 267 -32.71 -51.38 25.73
C ALA F 267 -31.66 -52.35 26.38
N PRO F 268 -31.73 -52.49 27.71
CA PRO F 268 -30.76 -53.38 28.40
C PRO F 268 -30.74 -54.81 27.89
N ASP F 269 -31.89 -55.29 27.37
CA ASP F 269 -31.98 -56.63 26.80
C ASP F 269 -31.57 -56.66 25.31
N GLY F 270 -31.11 -55.54 24.80
CA GLY F 270 -30.54 -55.48 23.44
C GLY F 270 -31.52 -55.03 22.37
N LYS F 271 -32.79 -55.04 22.71
CA LYS F 271 -33.83 -54.60 21.77
C LYS F 271 -33.56 -53.18 21.27
N VAL F 272 -33.65 -52.99 19.96
CA VAL F 272 -33.40 -51.70 19.37
C VAL F 272 -34.70 -50.95 19.45
N LEU F 273 -34.69 -49.82 20.14
CA LEU F 273 -35.89 -48.99 20.28
C LEU F 273 -35.84 -47.93 19.20
N SER F 274 -36.92 -47.14 19.13
CA SER F 274 -37.05 -46.10 18.13
C SER F 274 -37.82 -44.91 18.68
N LYS F 275 -37.43 -43.73 18.23
CA LYS F 275 -38.22 -42.51 18.44
C LYS F 275 -37.87 -41.44 17.41
N ARG F 276 -38.75 -40.45 17.27
CA ARG F 276 -38.49 -39.24 16.50
C ARG F 276 -38.69 -37.93 17.30
N LYS F 277 -39.72 -37.84 18.12
CA LYS F 277 -39.95 -36.61 18.88
C LYS F 277 -39.01 -36.55 20.07
N PHE F 278 -38.52 -35.35 20.36
CA PHE F 278 -37.55 -35.17 21.43
C PHE F 278 -38.05 -35.76 22.75
N MET F 279 -39.28 -35.45 23.13
CA MET F 279 -39.84 -35.89 24.39
C MET F 279 -40.60 -37.24 24.33
N GLU F 280 -40.63 -37.88 23.16
CA GLU F 280 -41.21 -39.24 23.01
C GLU F 280 -40.25 -40.28 23.62
N ASP F 281 -40.76 -41.17 24.47
CA ASP F 281 -39.97 -42.29 24.97
C ASP F 281 -39.64 -43.30 23.88
N PRO F 282 -38.39 -43.78 23.85
CA PRO F 282 -38.04 -44.72 22.79
C PRO F 282 -38.73 -46.03 23.02
N GLU F 283 -39.32 -46.63 21.99
CA GLU F 283 -40.03 -47.91 22.15
C GLU F 283 -39.84 -48.86 20.95
N THR G 2 -13.05 40.63 17.47
CA THR G 2 -12.11 41.34 18.38
C THR G 2 -10.70 41.28 17.82
N VAL G 3 -9.88 42.25 18.24
CA VAL G 3 -8.51 42.37 17.80
C VAL G 3 -7.61 41.93 18.92
N ALA G 4 -6.82 40.89 18.65
CA ALA G 4 -5.76 40.47 19.56
C ALA G 4 -4.54 41.34 19.36
N LYS G 5 -3.89 41.69 20.46
CA LYS G 5 -2.71 42.55 20.47
C LYS G 5 -1.53 41.83 21.13
N ALA G 6 -0.35 42.01 20.57
CA ALA G 6 0.86 41.42 21.11
C ALA G 6 2.08 42.25 20.76
N ILE G 7 3.03 42.25 21.68
CA ILE G 7 4.32 42.88 21.46
C ILE G 7 5.36 41.77 21.29
N PHE G 8 6.20 41.93 20.28
CA PHE G 8 7.32 41.04 20.05
C PHE G 8 8.58 41.76 20.40
N ILE G 9 9.40 41.12 21.22
CA ILE G 9 10.69 41.67 21.60
C ILE G 9 11.79 40.83 20.99
N LYS G 10 12.68 41.47 20.27
CA LYS G 10 13.71 40.76 19.55
C LYS G 10 15.11 41.23 19.99
N CYS G 11 15.84 40.34 20.67
CA CYS G 11 17.23 40.62 21.02
C CYS G 11 18.12 39.45 20.60
N GLY G 12 19.18 39.76 19.86
CA GLY G 12 19.96 38.72 19.22
C GLY G 12 19.18 38.27 18.00
N ASN G 13 19.64 37.20 17.35
CA ASN G 13 18.92 36.69 16.20
C ASN G 13 18.86 35.19 16.15
N LEU G 14 17.66 34.69 15.87
CA LEU G 14 17.36 33.31 15.61
C LEU G 14 16.51 33.31 14.33
N GLY G 15 16.56 32.23 13.54
CA GLY G 15 15.66 32.12 12.39
C GLY G 15 14.20 32.29 12.80
N THR G 16 13.84 31.72 13.95
CA THR G 16 12.44 31.75 14.35
C THR G 16 12.03 33.13 14.84
N SER G 17 12.90 33.82 15.57
CA SER G 17 12.51 35.11 16.15
C SER G 17 12.50 36.15 15.05
N MET G 18 13.33 35.93 14.05
CA MET G 18 13.32 36.82 12.88
C MET G 18 11.96 36.83 12.14
N MET G 19 11.34 35.64 12.02
CA MET G 19 10.13 35.47 11.24
C MET G 19 8.84 35.38 12.05
N MET G 20 8.93 35.22 13.37
CA MET G 20 7.77 34.82 14.19
C MET G 20 6.48 35.67 14.00
N ASP G 21 6.60 37.01 13.99
CA ASP G 21 5.45 37.90 13.84
C ASP G 21 4.87 37.84 12.38
N MET G 22 5.75 37.74 11.39
CA MET G 22 5.32 37.74 10.00
C MET G 22 4.61 36.45 9.59
N LEU G 23 4.88 35.37 10.29
CA LEU G 23 4.21 34.11 10.02
C LEU G 23 2.72 34.20 10.38
N LEU G 24 2.36 35.19 11.19
CA LEU G 24 1.00 35.32 11.64
C LEU G 24 0.10 36.16 10.73
N ASP G 25 0.68 36.91 9.80
CA ASP G 25 -0.07 37.81 8.93
C ASP G 25 0.66 38.02 7.59
N GLU G 26 0.74 36.94 6.84
CA GLU G 26 1.62 36.83 5.71
C GLU G 26 1.33 37.76 4.53
N ARG G 27 0.09 38.24 4.45
CA ARG G 27 -0.26 39.21 3.42
C ARG G 27 -0.75 40.54 4.04
N ALA G 28 -0.56 40.73 5.35
CA ALA G 28 -1.01 41.95 6.06
C ALA G 28 -2.51 42.23 5.97
N ASP G 29 -3.31 41.19 5.72
CA ASP G 29 -4.77 41.40 5.53
C ASP G 29 -5.62 40.90 6.71
N ARG G 30 -4.98 40.46 7.80
CA ARG G 30 -5.73 40.09 8.99
C ARG G 30 -6.25 41.34 9.68
N GLU G 31 -7.54 41.29 10.01
CA GLU G 31 -8.25 42.37 10.69
C GLU G 31 -8.35 42.08 12.19
N ASP G 32 -7.87 40.90 12.63
CA ASP G 32 -8.05 40.45 14.00
C ASP G 32 -6.79 40.52 14.83
N VAL G 33 -5.72 41.11 14.29
CA VAL G 33 -4.46 41.22 15.03
C VAL G 33 -3.82 42.59 14.85
N GLU G 34 -3.10 43.02 15.86
CA GLU G 34 -2.27 44.20 15.77
C GLU G 34 -1.01 43.94 16.61
N PHE G 35 0.15 44.13 15.99
CA PHE G 35 1.40 43.84 16.65
C PHE G 35 2.28 45.07 16.76
N ARG G 36 3.11 45.07 17.79
CA ARG G 36 4.25 45.98 17.91
C ARG G 36 5.51 45.12 18.07
N VAL G 37 6.58 45.57 17.44
CA VAL G 37 7.88 44.87 17.45
C VAL G 37 8.92 45.85 17.96
N VAL G 38 9.67 45.44 18.97
CA VAL G 38 10.77 46.28 19.49
C VAL G 38 11.98 45.43 19.79
N GLY G 39 13.12 46.07 19.79
CA GLY G 39 14.33 45.31 19.99
C GLY G 39 15.58 46.14 20.04
N THR G 40 16.68 45.46 20.31
CA THR G 40 18.00 46.09 20.40
C THR G 40 18.90 45.46 19.34
N SER G 41 18.29 44.95 18.26
CA SER G 41 19.02 44.33 17.17
C SER G 41 19.79 43.09 17.69
N VAL G 42 21.04 42.93 17.29
CA VAL G 42 21.81 41.71 17.59
C VAL G 42 22.29 41.61 19.05
N LYS G 43 22.27 42.72 19.78
CA LYS G 43 22.81 42.77 21.13
C LYS G 43 21.83 42.21 22.19
N MET G 44 22.33 41.24 22.99
CA MET G 44 21.54 40.52 23.98
C MET G 44 22.23 40.36 25.35
N ASP G 45 23.14 41.28 25.67
CA ASP G 45 23.69 41.41 27.01
C ASP G 45 22.57 41.94 27.92
N PRO G 46 22.69 41.71 29.25
CA PRO G 46 21.65 42.12 30.20
C PRO G 46 21.19 43.58 30.08
N GLU G 47 22.12 44.49 29.82
CA GLU G 47 21.78 45.92 29.77
C GLU G 47 20.88 46.18 28.54
N CYS G 48 21.24 45.60 27.41
CA CYS G 48 20.46 45.75 26.20
C CYS G 48 19.10 45.10 26.30
N VAL G 49 19.06 43.88 26.82
CA VAL G 49 17.80 43.16 26.94
C VAL G 49 16.86 43.87 27.93
N GLU G 50 17.40 44.36 29.05
CA GLU G 50 16.59 45.16 29.97
C GLU G 50 15.97 46.39 29.29
N ALA G 51 16.77 47.07 28.47
CA ALA G 51 16.30 48.21 27.70
C ALA G 51 15.23 47.79 26.67
N ALA G 52 15.41 46.64 26.03
CA ALA G 52 14.40 46.12 25.09
C ALA G 52 13.08 45.84 25.79
N VAL G 53 13.15 45.18 26.94
CA VAL G 53 11.96 44.78 27.68
C VAL G 53 11.28 45.99 28.29
N GLU G 54 12.06 46.98 28.71
CA GLU G 54 11.50 48.27 29.16
C GLU G 54 10.76 49.03 28.05
N MET G 55 11.34 49.06 26.85
CA MET G 55 10.62 49.65 25.72
C MET G 55 9.25 48.99 25.58
N ALA G 56 9.25 47.66 25.61
CA ALA G 56 8.03 46.87 25.47
C ALA G 56 7.01 47.23 26.52
N LEU G 57 7.45 47.24 27.78
CA LEU G 57 6.53 47.52 28.89
C LEU G 57 6.06 48.95 28.86
N ASP G 58 6.92 49.86 28.40
CA ASP G 58 6.51 51.27 28.26
C ASP G 58 5.40 51.36 27.22
N ILE G 59 5.58 50.73 26.07
CA ILE G 59 4.55 50.71 25.03
C ILE G 59 3.27 50.02 25.51
N ALA G 60 3.44 48.96 26.32
CA ALA G 60 2.33 48.13 26.77
C ALA G 60 1.31 48.91 27.58
N GLU G 61 1.78 49.92 28.32
CA GLU G 61 0.91 50.78 29.14
C GLU G 61 -0.26 51.31 28.30
N ASP G 62 0.03 51.82 27.12
CA ASP G 62 -0.99 52.39 26.24
C ASP G 62 -1.53 51.36 25.23
N PHE G 63 -0.68 50.44 24.78
CA PHE G 63 -1.09 49.47 23.77
C PHE G 63 -2.05 48.42 24.36
N GLU G 64 -1.76 47.94 25.56
CA GLU G 64 -2.59 46.91 26.20
C GLU G 64 -2.56 45.57 25.46
N PRO G 65 -1.37 44.98 25.30
CA PRO G 65 -1.25 43.71 24.60
C PRO G 65 -1.85 42.58 25.40
N ASP G 66 -2.38 41.58 24.71
CA ASP G 66 -2.88 40.36 25.35
C ASP G 66 -1.75 39.42 25.77
N PHE G 67 -0.65 39.45 25.01
CA PHE G 67 0.55 38.76 25.43
C PHE G 67 1.78 39.42 24.83
N ILE G 68 2.93 39.01 25.34
CA ILE G 68 4.23 39.50 24.92
C ILE G 68 5.11 38.30 24.58
N VAL G 69 5.86 38.41 23.50
CA VAL G 69 6.77 37.37 23.04
C VAL G 69 8.19 37.92 23.09
N TYR G 70 9.10 37.13 23.67
CA TYR G 70 10.51 37.46 23.64
C TYR G 70 11.19 36.38 22.86
N GLY G 71 11.91 36.79 21.83
CA GLY G 71 12.57 35.87 20.94
C GLY G 71 14.03 36.20 20.80
N GLY G 72 14.85 35.19 20.96
CA GLY G 72 16.28 35.32 20.74
C GLY G 72 17.04 34.09 21.17
N PRO G 73 18.36 34.08 20.90
CA PRO G 73 19.13 32.91 21.31
C PRO G 73 19.21 32.73 22.83
N ASN G 74 19.39 31.45 23.20
CA ASN G 74 19.70 30.98 24.56
C ASN G 74 18.98 31.68 25.72
N PRO G 75 17.72 31.28 25.97
CA PRO G 75 16.97 31.74 27.17
C PRO G 75 17.69 31.60 28.51
N ALA G 76 18.67 30.70 28.60
CA ALA G 76 19.45 30.51 29.84
C ALA G 76 20.63 31.46 29.98
N ALA G 77 20.96 32.22 28.95
CA ALA G 77 22.04 33.20 29.03
C ALA G 77 21.61 34.39 29.92
N PRO G 78 22.58 35.21 30.39
CA PRO G 78 22.31 36.33 31.30
C PRO G 78 21.23 37.35 30.85
N GLY G 79 21.33 37.84 29.63
CA GLY G 79 20.38 38.81 29.10
C GLY G 79 18.97 38.27 28.97
N PRO G 80 18.78 37.16 28.21
CA PRO G 80 17.47 36.48 28.21
C PRO G 80 16.92 36.06 29.60
N SER G 81 17.78 35.70 30.54
CA SER G 81 17.30 35.40 31.90
C SER G 81 16.71 36.63 32.56
N LYS G 82 17.31 37.79 32.31
CA LYS G 82 16.77 39.04 32.83
C LYS G 82 15.40 39.31 32.20
N ALA G 83 15.26 39.06 30.89
CA ALA G 83 13.96 39.23 30.24
C ALA G 83 12.89 38.32 30.86
N ARG G 84 13.26 37.08 31.12
CA ARG G 84 12.34 36.09 31.67
C ARG G 84 11.87 36.58 33.02
N GLU G 85 12.82 37.06 33.81
CA GLU G 85 12.56 37.66 35.11
C GLU G 85 11.55 38.80 35.03
N MET G 86 11.83 39.76 34.16
CA MET G 86 10.97 40.95 34.02
C MET G 86 9.61 40.58 33.48
N LEU G 87 9.57 39.68 32.50
CA LEU G 87 8.30 39.32 31.85
C LEU G 87 7.44 38.46 32.78
N ALA G 88 8.09 37.56 33.54
CA ALA G 88 7.39 36.73 34.55
C ALA G 88 6.75 37.61 35.61
N ASP G 89 7.48 38.62 36.04
CA ASP G 89 7.05 39.57 37.08
C ASP G 89 5.94 40.50 36.63
N SER G 90 5.81 40.71 35.32
CA SER G 90 4.83 41.65 34.80
C SER G 90 3.41 41.05 34.89
N GLU G 91 2.44 41.88 34.51
CA GLU G 91 1.05 41.44 34.41
C GLU G 91 0.66 40.81 33.05
N TYR G 92 1.62 40.68 32.12
CA TYR G 92 1.31 40.24 30.77
C TYR G 92 1.72 38.76 30.56
N PRO G 93 0.81 37.94 30.05
CA PRO G 93 1.23 36.63 29.64
C PRO G 93 2.37 36.72 28.62
N ALA G 94 3.35 35.85 28.76
CA ALA G 94 4.54 35.92 27.90
C ALA G 94 5.01 34.55 27.46
N VAL G 95 5.62 34.55 26.28
CA VAL G 95 6.14 33.37 25.61
C VAL G 95 7.59 33.65 25.23
N ILE G 96 8.44 32.70 25.53
CA ILE G 96 9.86 32.80 25.21
C ILE G 96 10.14 31.91 24.02
N ILE G 97 10.63 32.51 22.93
CA ILE G 97 11.10 31.79 21.75
C ILE G 97 12.61 31.63 21.83
N GLY G 98 13.10 30.39 21.77
CA GLY G 98 14.53 30.15 21.83
C GLY G 98 14.96 28.91 21.08
N ASP G 99 16.17 28.50 21.39
CA ASP G 99 16.89 27.39 20.73
C ASP G 99 17.18 26.25 21.74
N ALA G 100 17.99 25.26 21.34
CA ALA G 100 18.25 24.10 22.22
C ALA G 100 18.86 24.42 23.60
N PRO G 101 19.79 25.39 23.68
CA PRO G 101 20.29 25.81 24.98
C PRO G 101 19.20 26.21 26.00
N GLY G 102 18.05 26.65 25.51
CA GLY G 102 16.91 26.95 26.39
C GLY G 102 16.38 25.77 27.19
N LEU G 103 16.69 24.54 26.74
CA LEU G 103 16.23 23.36 27.44
C LEU G 103 16.76 23.31 28.87
N LYS G 104 17.93 23.93 29.10
CA LYS G 104 18.50 24.04 30.45
C LYS G 104 17.60 24.78 31.44
N VAL G 105 16.76 25.69 30.94
CA VAL G 105 15.90 26.50 31.78
C VAL G 105 14.42 26.26 31.52
N LYS G 106 14.10 25.09 30.98
CA LYS G 106 12.73 24.75 30.65
C LYS G 106 11.86 24.67 31.92
N ASP G 107 12.32 23.96 32.94
CA ASP G 107 11.56 23.83 34.18
C ASP G 107 11.50 25.16 34.95
N GLU G 108 12.58 25.93 34.87
CA GLU G 108 12.59 27.28 35.40
C GLU G 108 11.50 28.14 34.74
N MET G 109 11.38 28.09 33.41
CA MET G 109 10.33 28.84 32.70
C MET G 109 8.93 28.42 33.12
N GLU G 110 8.74 27.11 33.27
CA GLU G 110 7.44 26.58 33.70
C GLU G 110 7.05 27.12 35.07
N GLU G 111 8.01 27.21 35.99
CA GLU G 111 7.75 27.73 37.34
C GLU G 111 7.75 29.25 37.39
N GLN G 112 8.35 29.91 36.41
CA GLN G 112 8.10 31.33 36.16
C GLN G 112 6.70 31.67 35.55
N GLY G 113 5.95 30.67 35.08
CA GLY G 113 4.64 30.91 34.46
C GLY G 113 4.73 31.43 33.02
N LEU G 114 5.86 31.15 32.36
CA LEU G 114 6.09 31.60 30.99
C LEU G 114 5.83 30.47 30.06
N GLY G 115 5.38 30.80 28.84
CA GLY G 115 5.33 29.87 27.74
C GLY G 115 6.68 29.82 27.05
N TYR G 116 6.89 28.78 26.28
CA TYR G 116 8.10 28.71 25.46
C TYR G 116 7.86 27.92 24.21
N ILE G 117 8.64 28.26 23.19
CA ILE G 117 8.81 27.47 22.00
C ILE G 117 10.32 27.39 21.77
N LEU G 118 10.88 26.21 21.96
CA LEU G 118 12.31 25.99 21.78
C LEU G 118 12.53 25.16 20.53
N VAL G 119 13.31 25.74 19.60
CA VAL G 119 13.48 25.23 18.27
C VAL G 119 14.91 24.69 18.17
N LYS G 120 15.05 23.40 18.36
CA LYS G 120 16.38 22.77 18.39
C LYS G 120 17.15 22.95 17.07
N PRO G 121 16.47 22.82 15.91
CA PRO G 121 17.15 23.07 14.63
C PRO G 121 17.50 24.54 14.32
N ASP G 122 17.08 25.50 15.16
CA ASP G 122 17.47 26.91 14.96
C ASP G 122 18.88 27.12 15.50
N ALA G 123 19.86 26.65 14.74
CA ALA G 123 21.21 26.43 15.29
C ALA G 123 22.05 27.70 15.30
N MET G 124 22.92 27.85 16.30
CA MET G 124 23.89 28.96 16.32
C MET G 124 24.84 28.86 15.13
N LEU G 125 25.17 30.00 14.53
CA LEU G 125 26.05 30.01 13.38
C LEU G 125 27.53 30.07 13.83
N GLY G 126 28.43 30.15 12.85
CA GLY G 126 29.87 30.04 13.05
C GLY G 126 30.52 31.39 13.29
N ALA G 127 30.24 31.98 14.44
CA ALA G 127 30.55 33.39 14.74
C ALA G 127 31.99 33.60 15.21
N ARG G 128 32.92 33.46 14.28
CA ARG G 128 34.31 33.85 14.43
C ARG G 128 34.57 34.93 13.40
N ARG G 129 35.26 35.99 13.78
CA ARG G 129 35.51 37.12 12.85
C ARG G 129 36.21 36.74 11.54
N GLU G 130 37.08 35.74 11.59
CA GLU G 130 37.85 35.35 10.41
C GLU G 130 36.96 34.72 9.34
N PHE G 131 35.78 34.28 9.74
CA PHE G 131 34.83 33.63 8.81
C PHE G 131 33.55 34.40 8.63
N LEU G 132 32.95 34.83 9.73
CA LEU G 132 31.60 35.38 9.67
C LEU G 132 31.62 36.91 9.48
N ASP G 133 31.41 37.36 8.24
CA ASP G 133 31.12 38.76 7.96
C ASP G 133 29.64 38.87 7.74
N PRO G 134 29.14 40.10 7.49
CA PRO G 134 27.70 40.29 7.29
C PRO G 134 27.08 39.44 6.20
N VAL G 135 27.77 39.30 5.06
CA VAL G 135 27.28 38.48 3.94
C VAL G 135 27.13 37.01 4.31
N GLU G 136 28.17 36.43 4.93
CA GLU G 136 28.11 35.04 5.37
C GLU G 136 26.97 34.85 6.39
N MET G 137 26.81 35.80 7.28
CA MET G 137 25.76 35.76 8.29
CA MET G 137 25.75 35.73 8.30
C MET G 137 24.37 35.68 7.64
N ALA G 138 24.18 36.48 6.59
CA ALA G 138 22.95 36.49 5.84
C ALA G 138 22.75 35.23 5.01
N ILE G 139 23.81 34.69 4.41
CA ILE G 139 23.75 33.42 3.65
C ILE G 139 23.31 32.32 4.59
N TYR G 140 23.91 32.27 5.78
CA TYR G 140 23.52 31.27 6.74
C TYR G 140 22.03 31.38 7.13
N ASN G 141 21.59 32.59 7.38
CA ASN G 141 20.20 32.81 7.70
C ASN G 141 19.23 32.41 6.60
N ALA G 142 19.62 32.64 5.34
CA ALA G 142 18.80 32.26 4.21
C ALA G 142 18.60 30.75 4.16
N ASP G 143 19.72 30.05 4.31
CA ASP G 143 19.71 28.60 4.38
C ASP G 143 18.89 28.09 5.58
N LEU G 144 19.06 28.71 6.72
CA LEU G 144 18.30 28.32 7.90
C LEU G 144 16.79 28.53 7.76
N MET G 145 16.41 29.69 7.24
CA MET G 145 15.04 30.02 6.98
C MET G 145 14.41 29.04 5.98
N LYS G 146 15.14 28.68 4.95
CA LYS G 146 14.64 27.68 4.05
C LYS G 146 14.37 26.34 4.75
N VAL G 147 15.30 25.92 5.60
CA VAL G 147 15.10 24.71 6.38
C VAL G 147 13.83 24.80 7.23
N LEU G 148 13.73 25.87 8.01
CA LEU G 148 12.67 25.98 8.97
C LEU G 148 11.33 26.09 8.28
N ALA G 149 11.30 26.77 7.13
CA ALA G 149 10.06 26.95 6.37
C ALA G 149 9.67 25.66 5.64
N ALA G 150 10.54 25.15 4.81
CA ALA G 150 10.17 24.01 3.93
C ALA G 150 10.00 22.66 4.66
N THR G 151 10.59 22.50 5.85
CA THR G 151 10.35 21.31 6.65
C THR G 151 9.03 21.36 7.42
N GLY G 152 8.40 22.53 7.54
CA GLY G 152 7.17 22.65 8.27
C GLY G 152 7.31 23.18 9.69
N VAL G 153 8.54 23.46 10.12
CA VAL G 153 8.73 23.94 11.48
C VAL G 153 7.99 25.26 11.72
N PHE G 154 8.05 26.16 10.76
CA PHE G 154 7.36 27.45 10.86
C PHE G 154 5.84 27.28 10.95
N ARG G 155 5.29 26.22 10.36
CA ARG G 155 3.86 25.94 10.47
C ARG G 155 3.51 25.55 11.90
N VAL G 156 4.37 24.79 12.56
CA VAL G 156 4.16 24.45 13.96
C VAL G 156 4.15 25.73 14.84
N VAL G 157 5.06 26.66 14.55
CA VAL G 157 5.13 27.92 15.27
C VAL G 157 3.91 28.77 14.97
N GLN G 158 3.54 28.85 13.70
CA GLN G 158 2.33 29.55 13.27
C GLN G 158 1.13 29.06 14.07
N GLU G 159 0.94 27.74 14.09
CA GLU G 159 -0.23 27.15 14.71
C GLU G 159 -0.25 27.39 16.21
N ALA G 160 0.92 27.39 16.85
CA ALA G 160 0.99 27.61 18.28
C ALA G 160 0.50 29.03 18.63
N PHE G 161 1.00 30.04 17.90
CA PHE G 161 0.57 31.41 18.10
C PHE G 161 -0.87 31.66 17.70
N ASP G 162 -1.33 31.04 16.61
CA ASP G 162 -2.72 31.21 16.17
C ASP G 162 -3.70 30.68 17.24
N GLU G 163 -3.35 29.57 17.90
CA GLU G 163 -4.11 29.04 19.05
C GLU G 163 -4.14 30.03 20.20
N LEU G 164 -2.96 30.58 20.51
CA LEU G 164 -2.87 31.57 21.57
C LEU G 164 -3.69 32.81 21.28
N ILE G 165 -3.65 33.26 20.02
CA ILE G 165 -4.41 34.43 19.60
C ILE G 165 -5.93 34.23 19.75
N GLU G 166 -6.40 33.04 19.37
CA GLU G 166 -7.81 32.72 19.55
C GLU G 166 -8.24 32.75 21.03
N LYS G 167 -7.39 32.27 21.94
CA LYS G 167 -7.64 32.39 23.38
C LYS G 167 -7.60 33.85 23.86
N ALA G 168 -6.71 34.66 23.30
CA ALA G 168 -6.65 36.08 23.60
C ALA G 168 -7.95 36.78 23.23
N LYS G 169 -8.59 36.32 22.17
CA LYS G 169 -9.81 36.94 21.69
C LYS G 169 -11.03 36.70 22.61
N GLU G 170 -10.93 35.75 23.56
CA GLU G 170 -11.89 35.71 24.69
C GLU G 170 -11.21 35.91 26.04
N ASP G 171 -10.46 36.99 26.20
CA ASP G 171 -9.90 37.31 27.51
C ASP G 171 -9.05 36.21 28.16
N GLU G 172 -9.52 34.96 28.16
CA GLU G 172 -8.92 33.95 29.04
C GLU G 172 -7.59 33.43 28.54
N ILE G 173 -6.53 34.27 28.58
CA ILE G 173 -5.18 33.71 28.51
C ILE G 173 -4.69 33.38 29.94
N SER G 174 -4.80 32.11 30.29
CA SER G 174 -4.21 31.59 31.51
C SER G 174 -2.88 30.91 31.21
N GLU G 175 -2.13 30.59 32.26
CA GLU G 175 -0.87 29.87 32.13
C GLU G 175 -1.05 28.56 31.37
N ASN G 176 -2.18 27.88 31.58
CA ASN G 176 -2.51 26.63 30.86
C ASN G 176 -2.59 26.78 29.36
N ASP G 177 -2.88 27.98 28.88
CA ASP G 177 -3.00 28.23 27.44
C ASP G 177 -1.64 28.53 26.77
N LEU G 178 -0.63 28.83 27.56
CA LEU G 178 0.64 29.26 27.00
C LEU G 178 1.36 28.08 26.34
N PRO G 179 1.87 28.26 25.12
CA PRO G 179 2.64 27.18 24.50
C PRO G 179 3.82 26.67 25.34
N LYS G 180 4.06 25.36 25.29
CA LYS G 180 5.23 24.76 25.87
C LYS G 180 5.78 23.70 24.91
N LEU G 181 6.44 24.20 23.87
CA LEU G 181 6.85 23.39 22.73
C LEU G 181 8.36 23.26 22.63
N VAL G 182 8.79 22.05 22.31
CA VAL G 182 10.15 21.78 21.92
C VAL G 182 10.07 21.09 20.57
N ILE G 183 10.69 21.74 19.59
CA ILE G 183 10.57 21.32 18.20
C ILE G 183 11.91 20.75 17.75
N ASP G 184 11.86 19.57 17.15
CA ASP G 184 13.03 18.97 16.53
C ASP G 184 12.64 18.02 15.38
N ARG G 185 13.62 17.26 14.90
CA ARG G 185 13.38 16.31 13.84
C ARG G 185 12.10 15.47 14.06
N ASN G 186 11.97 14.87 15.24
CA ASN G 186 10.87 13.97 15.54
C ASN G 186 9.48 14.64 15.63
N THR G 187 9.44 15.96 15.75
CA THR G 187 8.18 16.72 15.68
C THR G 187 7.39 16.37 14.40
N LEU G 188 8.12 16.14 13.32
CA LEU G 188 7.44 15.82 12.07
C LEU G 188 6.66 14.53 12.12
N LEU G 189 7.05 13.62 13.01
CA LEU G 189 6.38 12.34 13.12
C LEU G 189 4.95 12.46 13.67
N GLU G 190 4.61 13.59 14.31
CA GLU G 190 3.30 13.80 14.90
C GLU G 190 2.41 14.61 13.99
N ARG G 191 2.90 14.96 12.80
CA ARG G 191 2.19 15.88 11.96
C ARG G 191 1.85 15.25 10.64
N GLU G 192 1.12 15.99 9.84
CA GLU G 192 0.70 15.50 8.57
C GLU G 192 1.07 16.48 7.47
N GLU G 193 2.25 17.07 7.64
CA GLU G 193 2.78 18.09 6.79
C GLU G 193 2.91 17.58 5.35
N PHE G 194 3.48 16.39 5.22
CA PHE G 194 3.91 15.89 3.91
C PHE G 194 3.02 14.78 3.43
N GLU G 195 2.50 14.88 2.21
CA GLU G 195 1.78 13.74 1.65
C GLU G 195 2.71 12.61 1.19
N ASN G 196 3.93 12.96 0.81
CA ASN G 196 4.86 11.95 0.35
C ASN G 196 5.79 11.59 1.53
N PRO G 197 5.89 10.29 1.87
CA PRO G 197 6.74 9.86 3.00
C PRO G 197 8.25 10.15 2.80
N TYR G 198 8.73 10.14 1.57
CA TYR G 198 10.13 10.50 1.35
C TYR G 198 10.40 12.01 1.54
N ALA G 199 9.39 12.83 1.25
CA ALA G 199 9.50 14.26 1.52
C ALA G 199 9.63 14.46 3.01
N MET G 200 8.81 13.77 3.80
CA MET G 200 8.94 13.82 5.26
C MET G 200 10.30 13.41 5.77
N VAL G 201 10.81 12.32 5.23
CA VAL G 201 12.07 11.76 5.67
C VAL G 201 13.27 12.63 5.27
N LYS G 202 13.18 13.27 4.11
CA LYS G 202 14.18 14.25 3.69
C LYS G 202 14.15 15.48 4.59
N ALA G 203 12.96 15.91 4.96
CA ALA G 203 12.75 16.98 5.92
C ALA G 203 13.27 16.66 7.33
N MET G 204 13.07 15.44 7.79
CA MET G 204 13.63 15.01 9.07
C MET G 204 15.15 15.08 9.00
N ALA G 205 15.72 14.59 7.90
CA ALA G 205 17.15 14.63 7.72
C ALA G 205 17.68 16.04 7.74
N ALA G 206 17.00 16.97 7.08
CA ALA G 206 17.38 18.40 7.10
C ALA G 206 17.40 18.94 8.51
N LEU G 207 16.38 18.60 9.28
CA LEU G 207 16.28 19.05 10.69
C LEU G 207 17.30 18.41 11.59
N GLU G 208 17.65 17.15 11.33
CA GLU G 208 18.71 16.55 12.07
C GLU G 208 20.02 17.26 11.78
N ILE G 209 20.31 17.50 10.50
CA ILE G 209 21.56 18.18 10.10
C ILE G 209 21.63 19.59 10.72
N ALA G 210 20.53 20.32 10.69
CA ALA G 210 20.47 21.67 11.26
C ALA G 210 20.71 21.64 12.76
N GLU G 211 20.08 20.70 13.45
CA GLU G 211 20.35 20.53 14.88
C GLU G 211 21.83 20.21 15.17
N ASN G 212 22.42 19.30 14.39
CA ASN G 212 23.82 18.97 14.50
C ASN G 212 24.77 20.18 14.23
N VAL G 213 24.32 21.16 13.44
CA VAL G 213 25.12 22.36 13.18
C VAL G 213 25.51 23.08 14.49
N ALA G 214 24.58 23.16 15.44
CA ALA G 214 24.82 23.88 16.71
C ALA G 214 26.05 23.38 17.43
N ASP G 215 26.22 22.06 17.47
CA ASP G 215 27.34 21.46 18.16
C ASP G 215 28.67 21.78 17.46
N VAL G 216 28.66 21.86 16.14
CA VAL G 216 29.86 22.24 15.39
C VAL G 216 30.22 23.69 15.67
N SER G 217 29.25 24.57 15.55
CA SER G 217 29.43 26.00 15.88
C SER G 217 29.93 26.21 17.29
N VAL G 218 29.32 25.52 18.24
CA VAL G 218 29.75 25.65 19.64
C VAL G 218 31.22 25.20 19.81
N GLU G 219 31.57 24.09 19.19
CA GLU G 219 32.94 23.61 19.29
C GLU G 219 33.88 24.66 18.72
N GLY G 220 33.54 25.18 17.55
CA GLY G 220 34.34 26.18 16.85
C GLY G 220 34.45 27.52 17.51
N CYS G 221 33.41 27.95 18.20
CA CYS G 221 33.33 29.29 18.81
C CYS G 221 33.75 29.32 20.27
N PHE G 222 33.48 28.25 21.02
CA PHE G 222 33.70 28.24 22.47
C PHE G 222 34.70 27.21 23.01
N VAL G 223 35.06 26.19 22.23
CA VAL G 223 35.97 25.17 22.76
C VAL G 223 37.32 25.28 22.07
N GLU G 224 37.34 25.16 20.74
CA GLU G 224 38.60 25.22 20.00
C GLU G 224 39.17 26.64 20.03
N GLN G 225 40.44 26.74 20.36
CA GLN G 225 41.12 28.04 20.53
C GLN G 225 42.17 28.34 19.45
N ASP G 226 42.53 27.33 18.66
CA ASP G 226 43.51 27.51 17.59
C ASP G 226 42.77 27.82 16.29
N LYS G 227 42.99 29.03 15.76
CA LYS G 227 42.29 29.48 14.55
C LYS G 227 42.50 28.60 13.31
N GLU G 228 43.65 27.92 13.25
CA GLU G 228 43.91 26.98 12.15
C GLU G 228 42.93 25.82 12.17
N ARG G 229 42.30 25.63 13.31
CA ARG G 229 41.32 24.59 13.52
C ARG G 229 39.93 25.17 13.57
N TYR G 230 39.74 26.27 14.30
CA TYR G 230 38.36 26.75 14.46
C TYR G 230 37.73 27.37 13.22
N VAL G 231 38.55 27.99 12.39
CA VAL G 231 38.01 28.60 11.19
C VAL G 231 37.42 27.52 10.28
N PRO G 232 38.18 26.49 9.93
CA PRO G 232 37.58 25.37 9.20
C PRO G 232 36.35 24.73 9.91
N ILE G 233 36.40 24.62 11.23
CA ILE G 233 35.31 24.02 11.97
C ILE G 233 34.02 24.83 11.80
N VAL G 234 34.07 26.14 12.05
CA VAL G 234 32.86 26.98 11.85
C VAL G 234 32.37 27.00 10.37
N ALA G 235 33.28 26.98 9.43
CA ALA G 235 32.92 26.96 8.02
C ALA G 235 32.26 25.64 7.63
N SER G 236 32.67 24.55 8.24
CA SER G 236 32.03 23.26 8.00
C SER G 236 30.58 23.24 8.51
N ALA G 237 30.29 23.99 9.56
CA ALA G 237 28.93 24.10 10.06
C ALA G 237 28.02 24.76 9.01
N HIS G 238 28.54 25.79 8.38
CA HIS G 238 27.80 26.48 7.34
C HIS G 238 27.61 25.63 6.10
N GLU G 239 28.56 24.80 5.74
CA GLU G 239 28.36 23.87 4.62
C GLU G 239 27.25 22.85 4.93
N MET G 240 27.19 22.41 6.19
CA MET G 240 26.14 21.51 6.66
C MET G 240 24.78 22.13 6.53
N MET G 241 24.63 23.37 6.96
CA MET G 241 23.37 24.06 6.85
C MET G 241 22.90 24.28 5.40
N ARG G 242 23.86 24.56 4.53
CA ARG G 242 23.57 24.70 3.11
C ARG G 242 22.98 23.40 2.55
N LYS G 243 23.52 22.25 2.95
CA LYS G 243 22.95 20.98 2.51
C LYS G 243 21.63 20.67 3.18
N ALA G 244 21.45 21.04 4.44
CA ALA G 244 20.16 20.86 5.08
C ALA G 244 19.09 21.61 4.26
N ALA G 245 19.41 22.85 3.83
CA ALA G 245 18.50 23.66 2.99
C ALA G 245 18.19 22.99 1.64
N GLU G 246 19.19 22.33 1.05
CA GLU G 246 18.96 21.55 -0.17
C GLU G 246 18.02 20.37 0.06
N LEU G 247 18.15 19.66 1.18
CA LEU G 247 17.24 18.58 1.53
C LEU G 247 15.82 19.08 1.69
N ALA G 248 15.68 20.19 2.40
CA ALA G 248 14.38 20.82 2.56
C ALA G 248 13.75 21.20 1.20
N ASP G 249 14.55 21.76 0.31
CA ASP G 249 14.10 22.07 -1.04
C ASP G 249 13.68 20.82 -1.79
N GLU G 250 14.48 19.76 -1.70
CA GLU G 250 14.19 18.48 -2.30
C GLU G 250 12.83 17.93 -1.80
N ALA G 251 12.58 18.00 -0.51
CA ALA G 251 11.34 17.60 0.06
C ALA G 251 10.16 18.36 -0.51
N ARG G 252 10.28 19.69 -0.57
CA ARG G 252 9.21 20.49 -1.09
C ARG G 252 8.95 20.22 -2.63
N GLU G 253 10.00 19.94 -3.41
CA GLU G 253 9.81 19.60 -4.80
C GLU G 253 9.10 18.25 -4.95
N LEU G 254 9.31 17.30 -4.04
CA LEU G 254 8.54 16.05 -4.06
C LEU G 254 7.06 16.35 -3.89
N GLU G 255 6.74 17.24 -2.98
CA GLU G 255 5.35 17.64 -2.76
C GLU G 255 4.73 18.26 -4.03
N LYS G 256 5.48 19.13 -4.70
CA LYS G 256 5.07 19.68 -5.99
C LYS G 256 4.85 18.59 -7.02
N SER G 257 5.69 17.56 -7.06
CA SER G 257 5.51 16.54 -8.09
C SER G 257 4.17 15.78 -7.94
N ASN G 258 3.60 15.83 -6.74
CA ASN G 258 2.31 15.19 -6.47
C ASN G 258 1.17 16.20 -6.34
N ASP G 259 1.47 17.46 -6.64
CA ASP G 259 0.52 18.53 -6.45
C ASP G 259 -0.16 18.39 -5.08
N ALA G 260 0.67 18.38 -4.05
CA ALA G 260 0.18 18.14 -2.68
C ALA G 260 0.87 19.03 -1.66
N VAL G 261 1.29 20.21 -2.07
CA VAL G 261 1.97 21.17 -1.21
C VAL G 261 0.89 21.70 -0.31
N LEU G 262 1.01 21.45 0.99
CA LEU G 262 0.14 22.06 2.01
C LEU G 262 0.31 23.58 2.07
N ARG G 263 -0.81 24.27 2.03
CA ARG G 263 -0.84 25.69 2.26
C ARG G 263 -1.91 26.00 3.27
N THR G 264 -1.54 26.77 4.29
CA THR G 264 -2.46 27.14 5.34
C THR G 264 -2.44 28.66 5.55
N PRO G 265 -3.04 29.37 4.60
CA PRO G 265 -3.13 30.84 4.68
C PRO G 265 -4.17 31.32 5.65
N HIS G 266 -3.99 32.54 6.16
CA HIS G 266 -5.04 33.18 7.01
C HIS G 266 -6.09 33.85 6.19
N ALA G 267 -7.35 33.73 6.60
CA ALA G 267 -8.41 34.58 6.11
C ALA G 267 -8.34 35.96 6.81
N PRO G 268 -9.01 36.98 6.26
CA PRO G 268 -9.09 38.32 6.91
C PRO G 268 -9.53 38.31 8.36
N ASP G 269 -10.44 37.40 8.71
CA ASP G 269 -10.90 37.26 10.11
C ASP G 269 -9.97 36.39 10.96
N GLY G 270 -8.82 36.00 10.42
CA GLY G 270 -7.83 35.27 11.19
C GLY G 270 -7.90 33.76 11.06
N LYS G 271 -9.02 33.25 10.58
CA LYS G 271 -9.20 31.81 10.40
C LYS G 271 -8.10 31.22 9.54
N VAL G 272 -7.56 30.10 9.98
CA VAL G 272 -6.49 29.46 9.27
C VAL G 272 -7.13 28.50 8.26
N LEU G 273 -6.90 28.76 6.97
CA LEU G 273 -7.46 27.95 5.93
C LEU G 273 -6.50 26.84 5.53
N SER G 274 -6.92 25.97 4.62
CA SER G 274 -6.10 24.83 4.23
C SER G 274 -6.38 24.41 2.80
N LYS G 275 -5.33 24.01 2.10
CA LYS G 275 -5.44 23.39 0.80
C LYS G 275 -4.19 22.53 0.53
N ARG G 276 -4.32 21.66 -0.47
CA ARG G 276 -3.21 20.85 -1.01
C ARG G 276 -2.99 21.03 -2.52
N LYS G 277 -4.07 20.95 -3.28
CA LYS G 277 -3.98 21.08 -4.74
C LYS G 277 -3.77 22.54 -5.17
N PHE G 278 -2.85 22.73 -6.12
CA PHE G 278 -2.43 24.07 -6.52
C PHE G 278 -3.63 24.96 -6.85
N MET G 279 -4.56 24.40 -7.61
CA MET G 279 -5.72 25.17 -8.11
C MET G 279 -6.94 25.10 -7.18
N GLU G 280 -6.87 24.44 -6.03
CA GLU G 280 -8.00 24.44 -5.11
C GLU G 280 -7.97 25.67 -4.16
N ASP G 281 -9.15 26.24 -3.95
CA ASP G 281 -9.31 27.39 -3.04
C ASP G 281 -9.06 26.93 -1.62
N PRO G 282 -8.31 27.73 -0.85
CA PRO G 282 -8.13 27.36 0.57
C PRO G 282 -9.45 27.47 1.34
N GLU G 283 -9.72 26.50 2.21
CA GLU G 283 -10.96 26.49 2.98
C GLU G 283 -10.68 26.09 4.42
N THR H 2 -4.09 16.39 -51.81
CA THR H 2 -3.35 15.42 -51.04
C THR H 2 -2.06 15.94 -50.39
N VAL H 3 -1.17 16.57 -51.15
CA VAL H 3 0.11 16.99 -50.61
C VAL H 3 0.18 18.50 -50.52
N ALA H 4 0.34 19.02 -49.30
CA ALA H 4 0.55 20.45 -49.11
C ALA H 4 2.01 20.78 -49.35
N LYS H 5 2.23 21.90 -50.02
CA LYS H 5 3.59 22.36 -50.27
C LYS H 5 3.82 23.73 -49.65
N ALA H 6 5.02 23.92 -49.10
CA ALA H 6 5.43 25.22 -48.59
C ALA H 6 6.90 25.47 -48.76
N ILE H 7 7.25 26.73 -48.92
CA ILE H 7 8.65 27.13 -48.95
C ILE H 7 8.95 27.93 -47.69
N PHE H 8 10.03 27.56 -47.02
CA PHE H 8 10.49 28.26 -45.82
C PHE H 8 11.71 29.09 -46.19
N ILE H 9 11.69 30.35 -45.82
CA ILE H 9 12.81 31.26 -46.03
C ILE H 9 13.44 31.65 -44.69
N LYS H 10 14.74 31.45 -44.58
CA LYS H 10 15.45 31.65 -43.31
C LYS H 10 16.58 32.65 -43.49
N CYS H 11 16.41 33.84 -42.90
CA CYS H 11 17.45 34.88 -42.90
C CYS H 11 17.66 35.35 -41.47
N GLY H 12 18.90 35.30 -41.02
CA GLY H 12 19.17 35.44 -39.60
C GLY H 12 18.80 34.14 -38.91
N ASN H 13 18.87 34.15 -37.60
CA ASN H 13 18.54 33.00 -36.81
C ASN H 13 17.73 33.35 -35.57
N LEU H 14 16.67 32.57 -35.41
CA LEU H 14 15.82 32.55 -34.25
C LEU H 14 15.68 31.08 -33.89
N GLY H 15 15.47 30.79 -32.62
CA GLY H 15 15.22 29.40 -32.26
C GLY H 15 14.02 28.84 -33.01
N THR H 16 12.98 29.66 -33.14
CA THR H 16 11.78 29.20 -33.83
C THR H 16 12.00 28.99 -35.33
N SER H 17 12.74 29.89 -35.98
CA SER H 17 12.91 29.77 -37.43
C SER H 17 13.83 28.60 -37.78
N MET H 18 14.75 28.32 -36.87
CA MET H 18 15.68 27.21 -37.02
C MET H 18 14.95 25.85 -37.06
N MET H 19 13.90 25.74 -36.28
CA MET H 19 13.21 24.46 -36.11
C MET H 19 11.85 24.34 -36.79
N MET H 20 11.35 25.43 -37.30
CA MET H 20 9.95 25.50 -37.69
C MET H 20 9.49 24.42 -38.67
N ASP H 21 10.27 24.17 -39.73
CA ASP H 21 9.90 23.14 -40.72
C ASP H 21 9.99 21.73 -40.11
N MET H 22 11.03 21.51 -39.32
CA MET H 22 11.28 20.17 -38.77
C MET H 22 10.23 19.74 -37.76
N LEU H 23 9.59 20.71 -37.10
CA LEU H 23 8.53 20.44 -36.17
C LEU H 23 7.35 19.84 -36.84
N LEU H 24 7.26 19.98 -38.16
CA LEU H 24 6.10 19.53 -38.90
C LEU H 24 6.21 18.12 -39.44
N ASP H 25 7.39 17.50 -39.34
CA ASP H 25 7.59 16.17 -39.93
C ASP H 25 8.76 15.49 -39.24
N GLU H 26 8.57 15.22 -37.95
CA GLU H 26 9.64 14.90 -37.02
C GLU H 26 10.34 13.56 -37.30
N ARG H 27 9.67 12.68 -38.06
CA ARG H 27 10.33 11.43 -38.49
C ARG H 27 10.45 11.29 -40.00
N ALA H 28 10.17 12.35 -40.75
CA ALA H 28 10.24 12.33 -42.19
C ALA H 28 9.29 11.31 -42.80
N ASP H 29 8.22 10.95 -42.10
CA ASP H 29 7.27 9.96 -42.64
C ASP H 29 5.94 10.53 -43.10
N ARG H 30 5.76 11.84 -43.01
CA ARG H 30 4.53 12.44 -43.57
C ARG H 30 4.49 12.37 -45.10
N GLU H 31 3.38 11.86 -45.60
CA GLU H 31 3.14 11.72 -47.05
C GLU H 31 2.30 12.88 -47.56
N ASP H 32 1.84 13.76 -46.68
CA ASP H 32 0.93 14.83 -47.09
C ASP H 32 1.59 16.19 -47.16
N VAL H 33 2.91 16.25 -47.04
CA VAL H 33 3.63 17.53 -47.13
C VAL H 33 4.90 17.40 -47.91
N GLU H 34 5.34 18.51 -48.52
CA GLU H 34 6.63 18.56 -49.15
C GLU H 34 7.10 20.00 -49.01
N PHE H 35 8.32 20.18 -48.50
CA PHE H 35 8.84 21.50 -48.23
C PHE H 35 10.14 21.75 -48.98
N ARG H 36 10.36 23.04 -49.25
CA ARG H 36 11.61 23.54 -49.70
C ARG H 36 12.04 24.59 -48.69
N VAL H 37 13.33 24.62 -48.42
CA VAL H 37 13.89 25.56 -47.48
C VAL H 37 15.00 26.28 -48.20
N VAL H 38 14.97 27.61 -48.14
CA VAL H 38 16.04 28.46 -48.76
C VAL H 38 16.40 29.58 -47.79
N GLY H 39 17.60 30.11 -47.94
CA GLY H 39 17.99 31.32 -47.22
C GLY H 39 19.41 31.78 -47.53
N THR H 40 19.82 32.77 -46.74
CA THR H 40 21.12 33.41 -46.87
C THR H 40 21.90 33.27 -45.54
N SER H 41 21.57 32.23 -44.80
CA SER H 41 22.24 31.95 -43.53
C SER H 41 21.98 33.09 -42.55
N VAL H 42 22.98 33.50 -41.80
CA VAL H 42 22.78 34.50 -40.72
C VAL H 42 22.52 35.91 -41.23
N LYS H 43 22.85 36.19 -42.49
CA LYS H 43 22.76 37.54 -43.04
C LYS H 43 21.32 37.95 -43.37
N MET H 44 20.89 39.07 -42.81
CA MET H 44 19.52 39.56 -42.98
C MET H 44 19.39 41.07 -43.33
N ASP H 45 20.44 41.64 -43.93
CA ASP H 45 20.38 42.97 -44.57
CA ASP H 45 20.32 42.97 -44.51
C ASP H 45 19.44 42.88 -45.75
N PRO H 46 18.84 44.02 -46.16
CA PRO H 46 17.91 44.07 -47.30
C PRO H 46 18.34 43.32 -48.58
N GLU H 47 19.56 43.48 -49.04
CA GLU H 47 19.99 42.78 -50.25
C GLU H 47 19.99 41.27 -50.10
N CYS H 48 20.43 40.77 -48.94
CA CYS H 48 20.41 39.33 -48.67
C CYS H 48 19.00 38.74 -48.60
N VAL H 49 18.11 39.42 -47.90
CA VAL H 49 16.72 38.97 -47.76
C VAL H 49 16.02 39.00 -49.10
N GLU H 50 16.32 40.03 -49.85
CA GLU H 50 15.78 40.12 -51.20
C GLU H 50 16.20 38.89 -52.02
N ALA H 51 17.50 38.59 -52.02
CA ALA H 51 18.02 37.44 -52.75
C ALA H 51 17.37 36.16 -52.22
N ALA H 52 17.13 36.09 -50.91
CA ALA H 52 16.53 34.90 -50.34
C ALA H 52 15.10 34.77 -50.82
N VAL H 53 14.36 35.88 -50.83
CA VAL H 53 12.95 35.81 -51.26
C VAL H 53 12.89 35.48 -52.75
N GLU H 54 13.78 36.07 -53.53
CA GLU H 54 13.91 35.76 -54.93
C GLU H 54 14.16 34.29 -55.17
N MET H 55 15.05 33.69 -54.36
CA MET H 55 15.31 32.26 -54.47
C MET H 55 14.01 31.49 -54.34
N ALA H 56 13.24 31.85 -53.32
CA ALA H 56 11.94 31.22 -53.05
C ALA H 56 10.97 31.40 -54.21
N LEU H 57 10.79 32.63 -54.67
CA LEU H 57 9.84 32.89 -55.76
C LEU H 57 10.28 32.20 -57.05
N ASP H 58 11.59 32.17 -57.34
CA ASP H 58 12.07 31.41 -58.51
C ASP H 58 11.67 29.96 -58.43
N ILE H 59 11.95 29.33 -57.29
CA ILE H 59 11.54 27.95 -57.05
C ILE H 59 10.01 27.75 -57.09
N ALA H 60 9.26 28.75 -56.60
CA ALA H 60 7.79 28.67 -56.49
C ALA H 60 7.13 28.43 -57.83
N GLU H 61 7.70 29.05 -58.87
CA GLU H 61 7.20 28.94 -60.26
C GLU H 61 6.87 27.47 -60.60
N ASP H 62 7.86 26.59 -60.36
CA ASP H 62 7.68 25.16 -60.62
C ASP H 62 7.12 24.39 -59.42
N PHE H 63 7.49 24.78 -58.22
CA PHE H 63 7.11 24.04 -57.01
C PHE H 63 5.61 24.23 -56.65
N GLU H 64 5.07 25.42 -56.89
CA GLU H 64 3.67 25.72 -56.61
C GLU H 64 3.32 25.48 -55.16
N PRO H 65 4.00 26.20 -54.24
CA PRO H 65 3.63 26.09 -52.84
C PRO H 65 2.23 26.66 -52.55
N ASP H 66 1.59 26.13 -51.51
CA ASP H 66 0.32 26.64 -51.02
C ASP H 66 0.55 27.86 -50.16
N PHE H 67 1.68 27.87 -49.47
CA PHE H 67 2.11 29.10 -48.75
C PHE H 67 3.61 29.21 -48.64
N ILE H 68 4.05 30.40 -48.27
CA ILE H 68 5.46 30.70 -47.99
C ILE H 68 5.60 31.25 -46.56
N VAL H 69 6.67 30.79 -45.89
CA VAL H 69 7.01 31.19 -44.55
C VAL H 69 8.38 31.89 -44.60
N TYR H 70 8.45 33.10 -44.05
CA TYR H 70 9.72 33.78 -43.81
C TYR H 70 9.98 33.85 -42.32
N GLY H 71 11.14 33.37 -41.89
CA GLY H 71 11.46 33.33 -40.49
C GLY H 71 12.80 33.97 -40.24
N GLY H 72 12.82 34.86 -39.27
CA GLY H 72 14.07 35.35 -38.73
C GLY H 72 13.82 36.46 -37.73
N PRO H 73 14.91 37.02 -37.17
CA PRO H 73 14.79 38.12 -36.24
C PRO H 73 14.08 39.35 -36.82
N ASN H 74 13.42 40.08 -35.93
CA ASN H 74 12.89 41.42 -36.12
C ASN H 74 12.22 41.73 -37.46
N PRO H 75 10.96 41.31 -37.59
CA PRO H 75 10.14 41.70 -38.75
C PRO H 75 10.15 43.21 -39.08
N ALA H 76 10.43 44.08 -38.10
CA ALA H 76 10.40 45.53 -38.31
C ALA H 76 11.70 46.08 -38.90
N ALA H 77 12.76 45.30 -38.86
CA ALA H 77 14.05 45.75 -39.40
C ALA H 77 14.03 45.83 -40.96
N PRO H 78 15.00 46.54 -41.56
CA PRO H 78 14.97 46.79 -43.02
C PRO H 78 14.93 45.53 -43.88
N GLY H 79 15.71 44.51 -43.56
CA GLY H 79 15.73 43.30 -44.39
C GLY H 79 14.40 42.58 -44.37
N PRO H 80 13.95 42.21 -43.17
CA PRO H 80 12.64 41.58 -43.01
C PRO H 80 11.49 42.40 -43.55
N SER H 81 11.60 43.74 -43.50
CA SER H 81 10.54 44.60 -44.07
C SER H 81 10.43 44.47 -45.59
N LYS H 82 11.58 44.26 -46.25
CA LYS H 82 11.63 43.99 -47.67
C LYS H 82 10.96 42.66 -47.97
N ALA H 83 11.20 41.65 -47.14
CA ALA H 83 10.55 40.36 -47.29
C ALA H 83 9.04 40.47 -47.20
N ARG H 84 8.60 41.21 -46.20
CA ARG H 84 7.17 41.42 -45.95
C ARG H 84 6.49 42.08 -47.13
N GLU H 85 7.12 43.13 -47.62
CA GLU H 85 6.68 43.84 -48.83
C GLU H 85 6.62 42.90 -50.04
N MET H 86 7.69 42.15 -50.28
CA MET H 86 7.74 41.22 -51.42
C MET H 86 6.70 40.13 -51.32
N LEU H 87 6.60 39.51 -50.15
CA LEU H 87 5.69 38.40 -49.95
C LEU H 87 4.24 38.91 -50.02
N ALA H 88 3.98 40.05 -49.40
CA ALA H 88 2.63 40.62 -49.42
C ALA H 88 2.19 40.90 -50.85
N ASP H 89 3.12 41.41 -51.66
CA ASP H 89 2.86 41.71 -53.06
C ASP H 89 2.77 40.47 -53.95
N SER H 90 3.23 39.31 -53.47
CA SER H 90 3.15 38.08 -54.25
C SER H 90 1.74 37.47 -54.20
N GLU H 91 1.50 36.49 -55.06
CA GLU H 91 0.22 35.78 -55.08
C GLU H 91 0.18 34.68 -54.00
N TYR H 92 1.27 34.48 -53.27
CA TYR H 92 1.35 33.38 -52.30
C TYR H 92 0.96 33.83 -50.89
N PRO H 93 0.02 33.11 -50.26
CA PRO H 93 -0.20 33.33 -48.84
C PRO H 93 1.11 33.18 -48.08
N ALA H 94 1.35 34.07 -47.12
CA ALA H 94 2.64 34.09 -46.44
C ALA H 94 2.54 34.36 -44.93
N VAL H 95 3.43 33.72 -44.19
CA VAL H 95 3.46 33.82 -42.73
C VAL H 95 4.84 34.31 -42.29
N ILE H 96 4.85 35.29 -41.40
CA ILE H 96 6.09 35.82 -40.86
C ILE H 96 6.36 35.30 -39.43
N ILE H 97 7.46 34.59 -39.26
CA ILE H 97 7.86 34.10 -37.96
C ILE H 97 8.89 35.06 -37.47
N GLY H 98 8.64 35.60 -36.28
CA GLY H 98 9.56 36.56 -35.67
C GLY H 98 9.57 36.52 -34.16
N ASP H 99 10.16 37.56 -33.62
CA ASP H 99 10.43 37.73 -32.20
C ASP H 99 9.66 38.99 -31.70
N ALA H 100 9.91 39.40 -30.46
CA ALA H 100 9.17 40.48 -29.79
C ALA H 100 9.22 41.80 -30.52
N PRO H 101 10.40 42.19 -31.03
CA PRO H 101 10.47 43.44 -31.85
C PRO H 101 9.45 43.50 -33.00
N GLY H 102 9.07 42.34 -33.53
CA GLY H 102 7.98 42.25 -34.52
C GLY H 102 6.66 42.89 -34.14
N LEU H 103 6.38 42.99 -32.84
CA LEU H 103 5.15 43.60 -32.33
C LEU H 103 4.95 45.03 -32.83
N LYS H 104 6.05 45.74 -33.11
CA LYS H 104 6.01 47.08 -33.68
C LYS H 104 5.36 47.18 -35.09
N VAL H 105 5.42 46.10 -35.87
CA VAL H 105 4.80 46.07 -37.22
C VAL H 105 3.63 45.07 -37.34
N LYS H 106 3.02 44.74 -36.21
CA LYS H 106 1.94 43.76 -36.14
C LYS H 106 0.74 44.23 -36.93
N ASP H 107 0.31 45.48 -36.74
CA ASP H 107 -0.81 46.04 -37.50
C ASP H 107 -0.49 46.18 -38.98
N GLU H 108 0.74 46.57 -39.26
CA GLU H 108 1.20 46.67 -40.61
C GLU H 108 1.09 45.33 -41.33
N MET H 109 1.57 44.28 -40.67
CA MET H 109 1.46 42.91 -41.19
C MET H 109 0.02 42.49 -41.50
N GLU H 110 -0.90 42.87 -40.62
CA GLU H 110 -2.32 42.58 -40.82
C GLU H 110 -2.82 43.34 -42.03
N GLU H 111 -2.40 44.58 -42.18
CA GLU H 111 -2.78 45.41 -43.33
C GLU H 111 -2.13 44.86 -44.60
N GLN H 112 -0.93 44.28 -44.49
CA GLN H 112 -0.27 43.64 -45.65
C GLN H 112 -0.88 42.30 -46.04
N GLY H 113 -1.83 41.76 -45.28
CA GLY H 113 -2.43 40.43 -45.57
C GLY H 113 -1.55 39.23 -45.18
N LEU H 114 -0.60 39.46 -44.26
CA LEU H 114 0.37 38.47 -43.84
C LEU H 114 -0.06 37.84 -42.55
N GLY H 115 0.25 36.56 -42.41
CA GLY H 115 0.17 35.87 -41.14
C GLY H 115 1.44 36.13 -40.38
N TYR H 116 1.38 35.89 -39.07
CA TYR H 116 2.56 36.00 -38.23
C TYR H 116 2.46 35.10 -37.00
N ILE H 117 3.64 34.71 -36.53
CA ILE H 117 3.78 34.05 -35.24
C ILE H 117 4.98 34.73 -34.63
N LEU H 118 4.72 35.56 -33.62
CA LEU H 118 5.75 36.31 -32.93
C LEU H 118 6.03 35.65 -31.59
N VAL H 119 7.25 35.21 -31.38
CA VAL H 119 7.62 34.43 -30.19
C VAL H 119 8.48 35.29 -29.30
N LYS H 120 7.86 35.90 -28.32
CA LYS H 120 8.57 36.82 -27.41
C LYS H 120 9.73 36.21 -26.58
N PRO H 121 9.60 34.98 -26.10
CA PRO H 121 10.77 34.40 -25.48
C PRO H 121 11.92 34.00 -26.42
N ASP H 122 11.77 34.19 -27.73
CA ASP H 122 12.81 33.84 -28.71
C ASP H 122 13.79 35.01 -28.75
N ALA H 123 14.61 35.08 -27.72
CA ALA H 123 15.31 36.32 -27.36
C ALA H 123 16.62 36.47 -28.10
N MET H 124 16.92 37.69 -28.49
CA MET H 124 18.23 38.04 -29.03
C MET H 124 19.36 37.68 -28.11
N LEU H 125 20.42 37.11 -28.70
CA LEU H 125 21.55 36.76 -27.90
C LEU H 125 22.53 37.91 -27.71
N GLY H 126 23.61 37.62 -26.97
CA GLY H 126 24.60 38.64 -26.56
C GLY H 126 25.70 38.87 -27.59
N ALA H 127 25.33 39.54 -28.68
CA ALA H 127 26.13 39.55 -29.89
C ALA H 127 27.29 40.58 -29.85
N ARG H 128 28.25 40.37 -28.95
CA ARG H 128 29.43 41.24 -28.85
C ARG H 128 30.61 40.33 -29.16
N ARG H 129 31.51 40.77 -30.04
CA ARG H 129 32.67 39.94 -30.44
C ARG H 129 33.52 39.40 -29.29
N GLU H 130 33.63 40.17 -28.21
CA GLU H 130 34.43 39.79 -27.05
C GLU H 130 33.85 38.63 -26.28
N PHE H 131 32.58 38.34 -26.53
CA PHE H 131 31.86 37.30 -25.82
C PHE H 131 31.35 36.18 -26.76
N LEU H 132 30.72 36.55 -27.85
CA LEU H 132 30.04 35.62 -28.71
C LEU H 132 30.92 35.07 -29.83
N ASP H 133 31.45 33.87 -29.66
CA ASP H 133 32.07 33.14 -30.73
C ASP H 133 31.09 32.06 -31.15
N PRO H 134 31.45 31.28 -32.15
CA PRO H 134 30.53 30.24 -32.65
C PRO H 134 30.04 29.26 -31.62
N VAL H 135 30.94 28.79 -30.79
CA VAL H 135 30.58 27.88 -29.70
C VAL H 135 29.58 28.51 -28.79
N GLU H 136 29.84 29.74 -28.29
CA GLU H 136 28.90 30.40 -27.35
C GLU H 136 27.56 30.63 -28.02
N MET H 137 27.59 30.95 -29.30
CA MET H 137 26.36 31.11 -30.08
C MET H 137 25.54 29.82 -30.12
N ALA H 138 26.21 28.70 -30.38
CA ALA H 138 25.58 27.36 -30.34
C ALA H 138 25.05 26.96 -28.97
N ILE H 139 25.81 27.25 -27.94
CA ILE H 139 25.44 26.92 -26.52
C ILE H 139 24.15 27.72 -26.17
N TYR H 140 24.11 28.96 -26.57
CA TYR H 140 22.90 29.74 -26.38
C TYR H 140 21.69 29.14 -27.06
N ASN H 141 21.90 28.75 -28.32
CA ASN H 141 20.83 28.16 -29.09
C ASN H 141 20.35 26.88 -28.52
N ALA H 142 21.25 26.10 -27.92
CA ALA H 142 20.87 24.84 -27.28
C ALA H 142 19.97 25.11 -26.10
N ASP H 143 20.34 26.06 -25.27
CA ASP H 143 19.53 26.44 -24.10
C ASP H 143 18.18 26.98 -24.56
N LEU H 144 18.20 27.86 -25.56
CA LEU H 144 16.96 28.42 -26.06
C LEU H 144 16.04 27.37 -26.65
N MET H 145 16.59 26.43 -27.41
CA MET H 145 15.79 25.37 -27.99
C MET H 145 15.16 24.48 -26.94
N LYS H 146 15.91 24.19 -25.87
CA LYS H 146 15.38 23.45 -24.76
C LYS H 146 14.20 24.20 -24.13
N VAL H 147 14.37 25.51 -23.96
CA VAL H 147 13.27 26.30 -23.41
C VAL H 147 12.04 26.25 -24.31
N LEU H 148 12.22 26.51 -25.60
CA LEU H 148 11.05 26.61 -26.47
C LEU H 148 10.34 25.27 -26.63
N ALA H 149 11.12 24.18 -26.56
CA ALA H 149 10.57 22.84 -26.76
C ALA H 149 9.89 22.38 -25.48
N ALA H 150 10.65 22.36 -24.38
CA ALA H 150 10.12 21.75 -23.16
C ALA H 150 9.01 22.57 -22.50
N THR H 151 8.92 23.88 -22.79
CA THR H 151 7.81 24.66 -22.23
C THR H 151 6.50 24.50 -23.02
N GLY H 152 6.59 23.87 -24.20
CA GLY H 152 5.47 23.69 -25.08
C GLY H 152 5.28 24.76 -26.16
N VAL H 153 6.15 25.76 -26.21
CA VAL H 153 6.08 26.79 -27.26
C VAL H 153 6.13 26.19 -28.65
N PHE H 154 7.04 25.26 -28.88
CA PHE H 154 7.12 24.63 -30.18
C PHE H 154 5.87 23.83 -30.55
N ARG H 155 5.16 23.31 -29.55
CA ARG H 155 3.85 22.68 -29.82
C ARG H 155 2.78 23.68 -30.32
N VAL H 156 2.77 24.87 -29.75
CA VAL H 156 1.90 25.96 -30.22
C VAL H 156 2.17 26.25 -31.69
N VAL H 157 3.43 26.37 -32.04
CA VAL H 157 3.84 26.67 -33.43
C VAL H 157 3.50 25.48 -34.35
N GLN H 158 3.79 24.24 -33.89
CA GLN H 158 3.42 23.02 -34.63
C GLN H 158 1.93 23.04 -34.94
N GLU H 159 1.11 23.37 -33.95
CA GLU H 159 -0.34 23.34 -34.11
C GLU H 159 -0.81 24.43 -35.09
N ALA H 160 -0.19 25.60 -35.07
CA ALA H 160 -0.59 26.69 -35.99
C ALA H 160 -0.32 26.29 -37.44
N PHE H 161 0.89 25.80 -37.72
CA PHE H 161 1.20 25.33 -39.08
C PHE H 161 0.36 24.10 -39.52
N ASP H 162 0.09 23.17 -38.63
CA ASP H 162 -0.68 22.02 -39.02
C ASP H 162 -2.09 22.45 -39.40
N GLU H 163 -2.63 23.43 -38.67
CA GLU H 163 -3.94 24.01 -39.00
C GLU H 163 -3.92 24.64 -40.39
N LEU H 164 -2.89 25.43 -40.64
CA LEU H 164 -2.71 26.04 -41.92
C LEU H 164 -2.62 25.01 -43.05
N ILE H 165 -1.87 23.95 -42.80
CA ILE H 165 -1.63 22.92 -43.77
C ILE H 165 -2.94 22.27 -44.12
N GLU H 166 -3.80 22.00 -43.14
CA GLU H 166 -5.14 21.44 -43.44
C GLU H 166 -5.92 22.36 -44.36
N LYS H 167 -5.90 23.66 -44.07
CA LYS H 167 -6.59 24.63 -44.93
C LYS H 167 -6.02 24.64 -46.33
N ALA H 168 -4.70 24.51 -46.46
CA ALA H 168 -4.06 24.41 -47.78
C ALA H 168 -4.50 23.16 -48.58
N LYS H 169 -4.89 22.08 -47.91
CA LYS H 169 -5.33 20.86 -48.60
C LYS H 169 -6.72 21.00 -49.25
N GLU H 170 -7.40 22.09 -48.93
CA GLU H 170 -8.44 22.61 -49.84
C GLU H 170 -8.22 24.06 -50.38
N ASP H 171 -7.28 24.36 -51.30
CA ASP H 171 -7.19 25.67 -52.07
C ASP H 171 -7.36 26.99 -51.28
N GLU H 172 -8.42 27.09 -50.48
CA GLU H 172 -8.80 28.37 -49.88
C GLU H 172 -7.89 28.72 -48.71
N ILE H 173 -6.59 28.90 -48.89
CA ILE H 173 -5.95 29.65 -47.82
C ILE H 173 -6.36 31.10 -48.04
N SER H 174 -7.30 31.57 -47.23
CA SER H 174 -7.68 32.98 -47.22
C SER H 174 -6.91 33.71 -46.11
N GLU H 175 -6.93 35.04 -46.14
CA GLU H 175 -6.26 35.84 -45.10
C GLU H 175 -6.77 35.48 -43.72
N ASN H 176 -8.06 35.20 -43.60
CA ASN H 176 -8.62 34.84 -42.30
C ASN H 176 -8.14 33.50 -41.74
N ASP H 177 -7.53 32.66 -42.56
CA ASP H 177 -6.95 31.40 -42.14
C ASP H 177 -5.48 31.52 -41.74
N LEU H 178 -4.87 32.65 -42.03
CA LEU H 178 -3.44 32.84 -41.68
C LEU H 178 -3.25 33.02 -40.15
N PRO H 179 -2.26 32.36 -39.55
CA PRO H 179 -2.15 32.54 -38.09
C PRO H 179 -1.79 33.97 -37.72
N LYS H 180 -2.30 34.44 -36.59
CA LYS H 180 -1.92 35.73 -36.07
C LYS H 180 -1.65 35.55 -34.57
N LEU H 181 -0.48 34.97 -34.24
CA LEU H 181 -0.14 34.57 -32.87
C LEU H 181 0.99 35.37 -32.27
N VAL H 182 0.83 35.67 -30.98
CA VAL H 182 1.87 36.25 -30.17
C VAL H 182 2.03 35.33 -28.99
N ILE H 183 3.20 34.77 -28.84
CA ILE H 183 3.45 33.74 -27.87
C ILE H 183 4.33 34.30 -26.79
N ASP H 184 3.87 34.14 -25.55
CA ASP H 184 4.68 34.50 -24.38
C ASP H 184 4.31 33.63 -23.23
N ARG H 185 4.82 33.96 -22.04
CA ARG H 185 4.60 33.23 -20.82
C ARG H 185 3.13 32.89 -20.56
N ASN H 186 2.26 33.88 -20.76
CA ASN H 186 0.81 33.73 -20.57
C ASN H 186 0.10 32.82 -21.56
N THR H 187 0.75 32.53 -22.69
CA THR H 187 0.20 31.55 -23.65
C THR H 187 -0.08 30.19 -22.97
N LEU H 188 0.75 29.85 -21.97
CA LEU H 188 0.57 28.57 -21.27
C LEU H 188 -0.73 28.49 -20.51
N LEU H 189 -1.25 29.63 -20.08
CA LEU H 189 -2.50 29.66 -19.34
C LEU H 189 -3.73 29.25 -20.17
N GLU H 190 -3.65 29.26 -21.49
CA GLU H 190 -4.84 28.89 -22.28
C GLU H 190 -4.66 27.50 -22.82
N ARG H 191 -3.65 26.80 -22.37
CA ARG H 191 -3.31 25.51 -22.91
C ARG H 191 -3.45 24.45 -21.84
N GLU H 192 -3.25 23.20 -22.24
CA GLU H 192 -3.30 22.05 -21.36
C GLU H 192 -2.02 21.22 -21.53
N GLU H 193 -0.87 21.89 -21.72
CA GLU H 193 0.37 21.24 -21.96
C GLU H 193 0.77 20.33 -20.77
N PHE H 194 0.65 20.88 -19.56
CA PHE H 194 1.17 20.24 -18.34
C PHE H 194 0.06 19.68 -17.49
N GLU H 195 0.18 18.38 -17.19
CA GLU H 195 -0.70 17.70 -16.25
C GLU H 195 -0.46 18.25 -14.84
N ASN H 196 0.80 18.56 -14.53
CA ASN H 196 1.20 19.04 -13.23
C ASN H 196 1.27 20.59 -13.25
N PRO H 197 0.60 21.25 -12.29
CA PRO H 197 0.57 22.69 -12.20
C PRO H 197 1.92 23.31 -11.86
N TYR H 198 2.77 22.65 -11.06
CA TYR H 198 4.13 23.19 -10.86
C TYR H 198 5.00 23.11 -12.13
N ALA H 199 4.81 22.06 -12.94
CA ALA H 199 5.47 21.98 -14.24
C ALA H 199 5.08 23.18 -15.05
N MET H 200 3.80 23.50 -15.06
CA MET H 200 3.34 24.68 -15.80
C MET H 200 3.94 25.96 -15.30
N VAL H 201 3.95 26.16 -13.97
CA VAL H 201 4.47 27.44 -13.48
C VAL H 201 6.01 27.57 -13.63
N LYS H 202 6.72 26.44 -13.57
CA LYS H 202 8.16 26.42 -13.88
C LYS H 202 8.42 26.78 -15.35
N ALA H 203 7.59 26.25 -16.22
CA ALA H 203 7.65 26.57 -17.64
C ALA H 203 7.30 28.04 -17.93
N MET H 204 6.33 28.58 -17.22
CA MET H 204 6.05 30.02 -17.31
C MET H 204 7.24 30.85 -16.88
N ALA H 205 7.83 30.46 -15.76
CA ALA H 205 9.01 31.11 -15.24
C ALA H 205 10.14 31.11 -16.28
N ALA H 206 10.37 29.97 -16.92
CA ALA H 206 11.37 29.81 -17.95
C ALA H 206 11.07 30.76 -19.12
N LEU H 207 9.79 30.87 -19.53
CA LEU H 207 9.45 31.78 -20.64
C LEU H 207 9.59 33.23 -20.27
N GLU H 208 9.34 33.54 -19.00
CA GLU H 208 9.50 34.91 -18.54
C GLU H 208 10.97 35.30 -18.53
N ILE H 209 11.80 34.43 -17.98
CA ILE H 209 13.24 34.72 -17.95
C ILE H 209 13.77 34.86 -19.40
N ALA H 210 13.41 33.94 -20.28
CA ALA H 210 13.84 33.99 -21.68
C ALA H 210 13.39 35.26 -22.36
N GLU H 211 12.14 35.65 -22.11
CA GLU H 211 11.71 36.95 -22.59
C GLU H 211 12.55 38.09 -22.02
N ASN H 212 12.90 38.02 -20.75
CA ASN H 212 13.71 39.08 -20.15
C ASN H 212 15.14 39.16 -20.69
N VAL H 213 15.67 38.03 -21.17
CA VAL H 213 17.02 38.00 -21.79
C VAL H 213 17.16 39.03 -22.90
N ALA H 214 16.10 39.19 -23.69
CA ALA H 214 16.09 40.11 -24.83
C ALA H 214 16.51 41.51 -24.44
N ASP H 215 15.92 42.03 -23.36
CA ASP H 215 16.21 43.37 -22.93
C ASP H 215 17.65 43.51 -22.45
N VAL H 216 18.18 42.45 -21.83
CA VAL H 216 19.57 42.54 -21.35
C VAL H 216 20.49 42.54 -22.60
N SER H 217 20.21 41.66 -23.55
CA SER H 217 21.00 41.61 -24.79
C SER H 217 20.97 42.92 -25.54
N VAL H 218 19.79 43.49 -25.66
CA VAL H 218 19.63 44.79 -26.31
C VAL H 218 20.43 45.88 -25.63
N GLU H 219 20.37 45.93 -24.29
CA GLU H 219 21.17 46.91 -23.53
C GLU H 219 22.66 46.71 -23.81
N GLY H 220 23.09 45.47 -23.70
CA GLY H 220 24.52 45.14 -23.86
C GLY H 220 25.00 45.34 -25.28
N CYS H 221 24.12 45.12 -26.28
CA CYS H 221 24.49 45.27 -27.72
C CYS H 221 24.32 46.65 -28.30
N PHE H 222 23.31 47.38 -27.86
CA PHE H 222 22.90 48.63 -28.53
C PHE H 222 22.92 49.88 -27.67
N VAL H 223 22.99 49.74 -26.37
CA VAL H 223 22.92 50.96 -25.53
C VAL H 223 24.28 51.21 -24.82
N GLU H 224 24.75 50.20 -24.09
CA GLU H 224 26.01 50.29 -23.40
C GLU H 224 27.12 50.26 -24.42
N GLN H 225 28.03 51.20 -24.29
CA GLN H 225 29.15 51.44 -25.19
C GLN H 225 30.53 51.14 -24.58
N ASP H 226 30.58 50.98 -23.26
CA ASP H 226 31.83 50.68 -22.56
C ASP H 226 31.94 49.15 -22.46
N LYS H 227 32.98 48.59 -23.06
CA LYS H 227 33.17 47.15 -23.08
C LYS H 227 33.35 46.55 -21.69
N GLU H 228 33.91 47.32 -20.77
CA GLU H 228 34.07 46.88 -19.39
C GLU H 228 32.71 46.65 -18.74
N ARG H 229 31.67 47.29 -19.28
CA ARG H 229 30.29 47.04 -18.87
C ARG H 229 29.55 46.06 -19.84
N TYR H 230 29.63 46.30 -21.14
CA TYR H 230 28.78 45.54 -22.07
C TYR H 230 29.14 44.05 -22.13
N VAL H 231 30.43 43.70 -21.92
CA VAL H 231 30.78 42.29 -21.97
C VAL H 231 30.13 41.51 -20.80
N PRO H 232 30.33 41.96 -19.56
CA PRO H 232 29.56 41.38 -18.47
C PRO H 232 28.04 41.38 -18.69
N ILE H 233 27.48 42.46 -19.20
CA ILE H 233 26.05 42.47 -19.47
C ILE H 233 25.59 41.36 -20.41
N VAL H 234 26.20 41.27 -21.59
CA VAL H 234 25.76 40.22 -22.51
C VAL H 234 26.01 38.85 -21.94
N ALA H 235 27.09 38.66 -21.19
CA ALA H 235 27.35 37.34 -20.61
C ALA H 235 26.26 37.00 -19.58
N SER H 236 25.82 37.99 -18.81
CA SER H 236 24.72 37.76 -17.87
C SER H 236 23.43 37.29 -18.55
N ALA H 237 23.14 37.81 -19.75
CA ALA H 237 21.98 37.36 -20.53
C ALA H 237 22.08 35.86 -20.84
N HIS H 238 23.28 35.38 -21.15
CA HIS H 238 23.45 33.99 -21.50
C HIS H 238 23.30 33.14 -20.25
N GLU H 239 23.73 33.65 -19.10
CA GLU H 239 23.55 32.88 -17.84
C GLU H 239 22.08 32.74 -17.48
N MET H 240 21.29 33.78 -17.76
CA MET H 240 19.83 33.71 -17.58
C MET H 240 19.19 32.65 -18.44
N MET H 241 19.57 32.61 -19.70
CA MET H 241 19.03 31.62 -20.59
C MET H 241 19.36 30.21 -20.18
N ARG H 242 20.57 30.01 -19.72
CA ARG H 242 20.99 28.71 -19.18
C ARG H 242 20.04 28.24 -18.05
N LYS H 243 19.67 29.15 -17.16
CA LYS H 243 18.78 28.82 -16.08
C LYS H 243 17.34 28.67 -16.53
N ALA H 244 16.92 29.45 -17.51
CA ALA H 244 15.63 29.20 -18.14
C ALA H 244 15.52 27.75 -18.66
N ALA H 245 16.57 27.26 -19.29
CA ALA H 245 16.64 25.92 -19.81
C ALA H 245 16.58 24.86 -18.69
N GLU H 246 17.24 25.14 -17.57
CA GLU H 246 17.16 24.26 -16.43
C GLU H 246 15.75 24.22 -15.87
N LEU H 247 15.06 25.35 -15.83
CA LEU H 247 13.70 25.35 -15.37
C LEU H 247 12.80 24.50 -16.27
N ALA H 248 12.93 24.69 -17.58
CA ALA H 248 12.18 23.90 -18.55
C ALA H 248 12.42 22.38 -18.39
N ASP H 249 13.67 22.00 -18.14
CA ASP H 249 14.06 20.61 -17.88
C ASP H 249 13.37 20.10 -16.61
N GLU H 250 13.38 20.94 -15.58
CA GLU H 250 12.70 20.66 -14.35
C GLU H 250 11.23 20.40 -14.53
N ALA H 251 10.56 21.25 -15.32
CA ALA H 251 9.15 21.02 -15.65
C ALA H 251 8.96 19.67 -16.35
N ARG H 252 9.78 19.38 -17.35
CA ARG H 252 9.64 18.16 -18.06
C ARG H 252 9.85 16.94 -17.17
N GLU H 253 10.81 17.01 -16.26
CA GLU H 253 11.02 15.90 -15.33
C GLU H 253 9.85 15.69 -14.36
N LEU H 254 9.18 16.76 -13.93
CA LEU H 254 7.94 16.61 -13.17
C LEU H 254 6.88 15.84 -13.96
N GLU H 255 6.73 16.14 -15.24
CA GLU H 255 5.77 15.41 -16.10
C GLU H 255 6.16 13.93 -16.19
N LYS H 256 7.46 13.65 -16.27
CA LYS H 256 7.96 12.27 -16.25
C LYS H 256 7.60 11.53 -14.93
N SER H 257 7.69 12.24 -13.79
CA SER H 257 7.43 11.64 -12.51
C SER H 257 5.97 11.16 -12.39
N ASN H 258 5.10 11.82 -13.11
CA ASN H 258 3.66 11.48 -13.20
C ASN H 258 3.30 10.64 -14.43
N ASP H 259 4.28 10.24 -15.21
CA ASP H 259 4.02 9.50 -16.47
C ASP H 259 2.97 10.22 -17.29
N ALA H 260 3.19 11.53 -17.52
CA ALA H 260 2.17 12.40 -18.09
C ALA H 260 2.77 13.32 -19.10
N VAL H 261 3.85 12.89 -19.71
CA VAL H 261 4.50 13.72 -20.74
C VAL H 261 3.61 13.68 -22.00
N LEU H 262 3.08 14.85 -22.35
CA LEU H 262 2.34 15.01 -23.62
C LEU H 262 3.25 14.79 -24.83
N ARG H 263 2.80 13.93 -25.73
CA ARG H 263 3.43 13.72 -27.02
C ARG H 263 2.37 13.79 -28.09
N THR H 264 2.62 14.55 -29.15
CA THR H 264 1.66 14.71 -30.22
C THR H 264 2.36 14.49 -31.56
N PRO H 265 2.69 13.22 -31.84
CA PRO H 265 3.35 12.95 -33.15
C PRO H 265 2.37 12.97 -34.31
N HIS H 266 2.92 13.16 -35.49
CA HIS H 266 2.16 13.05 -36.70
C HIS H 266 2.12 11.62 -37.20
N ALA H 267 0.96 11.19 -37.71
CA ALA H 267 0.81 9.97 -38.51
C ALA H 267 1.28 10.21 -39.93
N PRO H 268 1.50 9.12 -40.72
CA PRO H 268 1.91 9.31 -42.13
C PRO H 268 0.97 10.15 -42.96
N ASP H 269 -0.32 10.13 -42.64
CA ASP H 269 -1.28 10.96 -43.39
C ASP H 269 -1.38 12.38 -42.85
N GLY H 270 -0.55 12.71 -41.87
CA GLY H 270 -0.48 14.06 -41.36
C GLY H 270 -1.29 14.33 -40.13
N LYS H 271 -2.24 13.47 -39.83
CA LYS H 271 -3.04 13.65 -38.60
C LYS H 271 -2.14 13.70 -37.35
N VAL H 272 -2.47 14.63 -36.46
CA VAL H 272 -1.74 14.81 -35.25
C VAL H 272 -2.35 13.94 -34.16
N LEU H 273 -1.54 13.02 -33.66
CA LEU H 273 -1.99 12.09 -32.67
C LEU H 273 -1.64 12.68 -31.30
N SER H 274 -2.09 12.02 -30.26
CA SER H 274 -1.76 12.44 -28.91
C SER H 274 -1.62 11.24 -27.98
N LYS H 275 -0.80 11.41 -26.96
CA LYS H 275 -0.72 10.48 -25.84
C LYS H 275 -0.10 11.16 -24.64
N ARG H 276 -0.27 10.53 -23.48
CA ARG H 276 0.38 10.97 -22.24
C ARG H 276 1.16 9.88 -21.53
N LYS H 277 0.61 8.70 -21.42
CA LYS H 277 1.31 7.60 -20.75
C LYS H 277 2.40 7.04 -21.65
N PHE H 278 3.56 6.79 -21.08
CA PHE H 278 4.73 6.37 -21.86
C PHE H 278 4.44 5.16 -22.75
N MET H 279 3.76 4.16 -22.20
CA MET H 279 3.50 2.91 -22.93
C MET H 279 2.17 2.94 -23.73
N GLU H 280 1.44 4.06 -23.74
CA GLU H 280 0.22 4.14 -24.53
C GLU H 280 0.52 4.53 -26.00
N ASP H 281 -0.14 3.87 -26.93
CA ASP H 281 -0.03 4.27 -28.35
C ASP H 281 -0.64 5.66 -28.53
N PRO H 282 0.00 6.51 -29.37
CA PRO H 282 -0.64 7.80 -29.67
C PRO H 282 -1.86 7.55 -30.55
N GLU H 283 -2.93 8.33 -30.33
CA GLU H 283 -4.22 8.17 -31.06
C GLU H 283 -4.80 9.53 -31.41
N THR I 2 15.87 -26.09 7.48
CA THR I 2 17.22 -26.53 7.06
C THR I 2 18.10 -25.30 6.79
N VAL I 3 19.39 -25.45 7.05
CA VAL I 3 20.33 -24.38 6.85
C VAL I 3 21.13 -24.70 5.60
N ALA I 4 21.04 -23.84 4.59
CA ALA I 4 21.85 -23.95 3.37
C ALA I 4 23.22 -23.34 3.64
N LYS I 5 24.24 -23.97 3.09
CA LYS I 5 25.63 -23.58 3.33
C LYS I 5 26.31 -23.36 1.98
N ALA I 6 27.10 -22.30 1.90
CA ALA I 6 27.87 -22.01 0.69
C ALA I 6 29.19 -21.34 1.04
N ILE I 7 30.16 -21.58 0.17
CA ILE I 7 31.43 -20.91 0.27
C ILE I 7 31.55 -19.96 -0.91
N PHE I 8 31.95 -18.72 -0.63
CA PHE I 8 32.19 -17.67 -1.65
C PHE I 8 33.66 -17.46 -1.78
N ILE I 9 34.17 -17.57 -3.00
CA ILE I 9 35.59 -17.34 -3.26
C ILE I 9 35.75 -16.09 -4.07
N LYS I 10 36.53 -15.16 -3.55
CA LYS I 10 36.71 -13.83 -4.15
C LYS I 10 38.17 -13.62 -4.55
N CYS I 11 38.45 -13.58 -5.84
CA CYS I 11 39.78 -13.22 -6.34
C CYS I 11 39.63 -12.13 -7.37
N GLY I 12 40.35 -11.03 -7.21
CA GLY I 12 40.11 -9.81 -7.97
C GLY I 12 38.88 -9.12 -7.39
N ASN I 13 38.39 -8.08 -8.05
CA ASN I 13 37.20 -7.39 -7.59
C ASN I 13 36.31 -6.96 -8.75
N LEU I 14 35.04 -7.26 -8.58
CA LEU I 14 33.95 -6.76 -9.36
C LEU I 14 32.93 -6.18 -8.38
N GLY I 15 32.06 -5.29 -8.85
CA GLY I 15 30.98 -4.78 -7.99
C GLY I 15 30.10 -5.91 -7.47
N THR I 16 29.82 -6.88 -8.32
CA THR I 16 28.92 -7.97 -7.95
C THR I 16 29.60 -8.92 -7.00
N SER I 17 30.86 -9.24 -7.23
CA SER I 17 31.51 -10.22 -6.38
C SER I 17 31.76 -9.61 -5.00
N MET I 18 31.98 -8.32 -4.93
CA MET I 18 32.10 -7.59 -3.70
C MET I 18 30.84 -7.69 -2.82
N MET I 19 29.67 -7.61 -3.44
CA MET I 19 28.40 -7.55 -2.72
C MET I 19 27.62 -8.86 -2.66
N MET I 20 28.00 -9.85 -3.47
CA MET I 20 27.12 -11.00 -3.70
C MET I 20 26.63 -11.72 -2.42
N ASP I 21 27.50 -12.03 -1.46
CA ASP I 21 27.07 -12.74 -0.24
C ASP I 21 26.17 -11.87 0.65
N MET I 22 26.53 -10.59 0.77
CA MET I 22 25.79 -9.66 1.66
C MET I 22 24.39 -9.35 1.17
N LEU I 23 24.17 -9.49 -0.12
CA LEU I 23 22.86 -9.31 -0.70
C LEU I 23 21.86 -10.36 -0.25
N LEU I 24 22.37 -11.50 0.24
CA LEU I 24 21.54 -12.60 0.63
C LEU I 24 21.13 -12.59 2.10
N ASP I 25 21.69 -11.70 2.92
CA ASP I 25 21.38 -11.66 4.35
C ASP I 25 21.64 -10.24 4.89
N GLU I 26 20.86 -9.30 4.38
CA GLU I 26 21.16 -7.88 4.51
C GLU I 26 21.11 -7.33 5.92
N ARG I 27 20.43 -8.02 6.82
CA ARG I 27 20.37 -7.62 8.22
C ARG I 27 20.97 -8.72 9.13
N ALA I 28 21.61 -9.74 8.56
CA ALA I 28 22.22 -10.85 9.31
C ALA I 28 21.24 -11.62 10.18
N ASP I 29 19.95 -11.60 9.83
CA ASP I 29 18.92 -12.26 10.66
C ASP I 29 18.36 -13.55 10.01
N ARG I 30 18.92 -13.98 8.87
CA ARG I 30 18.50 -15.25 8.29
C ARG I 30 18.99 -16.40 9.14
N GLU I 31 18.06 -17.31 9.42
CA GLU I 31 18.35 -18.49 10.17
C GLU I 31 18.61 -19.69 9.24
N ASP I 32 18.41 -19.49 7.93
CA ASP I 32 18.43 -20.62 7.00
C ASP I 32 19.68 -20.67 6.12
N VAL I 33 20.68 -19.83 6.41
CA VAL I 33 21.91 -19.83 5.64
C VAL I 33 23.10 -19.66 6.55
N GLU I 34 24.22 -20.22 6.09
CA GLU I 34 25.51 -20.02 6.75
C GLU I 34 26.55 -19.97 5.64
N PHE I 35 27.36 -18.91 5.61
CA PHE I 35 28.33 -18.74 4.58
C PHE I 35 29.75 -18.66 5.11
N ARG I 36 30.69 -19.08 4.28
CA ARG I 36 32.11 -18.80 4.48
C ARG I 36 32.59 -18.08 3.24
N VAL I 37 33.48 -17.11 3.46
CA VAL I 37 34.04 -16.28 2.38
C VAL I 37 35.55 -16.35 2.52
N VAL I 38 36.21 -16.71 1.41
CA VAL I 38 37.67 -16.81 1.35
C VAL I 38 38.17 -16.18 0.07
N GLY I 39 39.40 -15.72 0.07
CA GLY I 39 39.97 -15.14 -1.12
C GLY I 39 41.43 -14.70 -0.96
N THR I 40 41.94 -14.21 -2.09
CA THR I 40 43.28 -13.69 -2.18
C THR I 40 43.29 -12.18 -2.48
N SER I 41 42.22 -11.50 -2.05
CA SER I 41 42.07 -10.08 -2.27
C SER I 41 42.07 -9.81 -3.78
N VAL I 42 42.81 -8.80 -4.23
CA VAL I 42 42.72 -8.35 -5.62
C VAL I 42 43.47 -9.27 -6.59
N LYS I 43 44.33 -10.14 -6.07
CA LYS I 43 45.21 -10.94 -6.90
C LYS I 43 44.46 -12.12 -7.51
N MET I 44 44.52 -12.22 -8.82
CA MET I 44 43.81 -13.29 -9.54
C MET I 44 44.66 -14.02 -10.60
N ASP I 45 45.98 -14.07 -10.38
CA ASP I 45 46.87 -14.90 -11.17
C ASP I 45 46.60 -16.38 -10.85
N PRO I 46 47.00 -17.31 -11.76
CA PRO I 46 46.68 -18.71 -11.51
C PRO I 46 47.18 -19.25 -10.15
N GLU I 47 48.37 -18.82 -9.69
CA GLU I 47 48.88 -19.35 -8.40
C GLU I 47 48.00 -18.85 -7.23
N CYS I 48 47.57 -17.59 -7.26
CA CYS I 48 46.67 -17.06 -6.23
C CYS I 48 45.31 -17.71 -6.25
N VAL I 49 44.73 -17.83 -7.43
CA VAL I 49 43.39 -18.41 -7.56
C VAL I 49 43.41 -19.87 -7.09
N GLU I 50 44.44 -20.62 -7.50
CA GLU I 50 44.57 -22.01 -7.05
C GLU I 50 44.63 -22.06 -5.54
N ALA I 51 45.38 -21.14 -4.93
CA ALA I 51 45.46 -21.05 -3.47
C ALA I 51 44.11 -20.70 -2.83
N ALA I 52 43.37 -19.79 -3.45
CA ALA I 52 42.05 -19.42 -2.97
C ALA I 52 41.12 -20.64 -3.02
N VAL I 53 41.11 -21.33 -4.16
CA VAL I 53 40.20 -22.44 -4.36
C VAL I 53 40.57 -23.58 -3.39
N GLU I 54 41.87 -23.78 -3.18
CA GLU I 54 42.31 -24.80 -2.23
C GLU I 54 41.91 -24.46 -0.82
N MET I 55 41.93 -23.17 -0.46
CA MET I 55 41.39 -22.75 0.85
C MET I 55 39.95 -23.21 0.98
N ALA I 56 39.15 -22.89 -0.02
CA ALA I 56 37.72 -23.22 -0.05
C ALA I 56 37.50 -24.73 0.09
N LEU I 57 38.24 -25.51 -0.71
CA LEU I 57 38.06 -26.94 -0.71
C LEU I 57 38.53 -27.55 0.59
N ASP I 58 39.58 -26.98 1.20
CA ASP I 58 40.02 -27.42 2.53
C ASP I 58 38.94 -27.16 3.56
N ILE I 59 38.37 -25.96 3.54
CA ILE I 59 37.26 -25.64 4.45
C ILE I 59 36.03 -26.51 4.15
N ALA I 60 35.82 -26.85 2.90
CA ALA I 60 34.63 -27.57 2.47
C ALA I 60 34.50 -28.93 3.14
N GLU I 61 35.66 -29.56 3.33
CA GLU I 61 35.80 -30.87 3.91
C GLU I 61 34.94 -30.97 5.17
N ASP I 62 35.11 -30.01 6.06
CA ASP I 62 34.35 -29.98 7.32
C ASP I 62 33.05 -29.17 7.24
N PHE I 63 33.06 -28.10 6.43
CA PHE I 63 31.90 -27.19 6.33
C PHE I 63 30.72 -27.81 5.56
N GLU I 64 31.02 -28.61 4.55
CA GLU I 64 29.99 -29.30 3.78
C GLU I 64 29.01 -28.35 3.12
N PRO I 65 29.49 -27.42 2.28
CA PRO I 65 28.61 -26.48 1.58
C PRO I 65 27.76 -27.18 0.53
N ASP I 66 26.58 -26.61 0.29
CA ASP I 66 25.70 -27.06 -0.77
C ASP I 66 26.15 -26.61 -2.16
N PHE I 67 26.82 -25.47 -2.19
CA PHE I 67 27.44 -25.02 -3.42
C PHE I 67 28.56 -24.06 -3.08
N ILE I 68 29.35 -23.76 -4.10
CA ILE I 68 30.44 -22.86 -4.00
C ILE I 68 30.33 -21.84 -5.12
N VAL I 69 30.62 -20.57 -4.79
CA VAL I 69 30.60 -19.50 -5.73
C VAL I 69 32.02 -18.94 -5.89
N TYR I 70 32.41 -18.71 -7.14
CA TYR I 70 33.65 -18.03 -7.45
C TYR I 70 33.28 -16.77 -8.13
N GLY I 71 33.74 -15.65 -7.59
CA GLY I 71 33.42 -14.37 -8.10
C GLY I 71 34.67 -13.53 -8.35
N GLY I 72 34.73 -12.96 -9.55
CA GLY I 72 35.78 -12.02 -9.88
C GLY I 72 35.81 -11.73 -11.36
N PRO I 73 36.69 -10.82 -11.78
CA PRO I 73 36.75 -10.45 -13.19
C PRO I 73 37.17 -11.60 -14.10
N ASN I 74 36.72 -11.49 -15.34
CA ASN I 74 37.07 -12.33 -16.47
C ASN I 74 37.25 -13.83 -16.25
N PRO I 75 36.12 -14.56 -16.17
CA PRO I 75 36.18 -16.03 -16.15
C PRO I 75 37.05 -16.69 -17.25
N ALA I 76 37.33 -16.00 -18.36
CA ALA I 76 38.17 -16.55 -19.43
C ALA I 76 39.68 -16.37 -19.17
N ALA I 77 40.05 -15.52 -18.22
CA ALA I 77 41.47 -15.28 -17.93
C ALA I 77 42.15 -16.49 -17.27
N PRO I 78 43.49 -16.58 -17.30
CA PRO I 78 44.17 -17.76 -16.78
C PRO I 78 43.83 -18.18 -15.33
N GLY I 79 43.80 -17.23 -14.41
CA GLY I 79 43.49 -17.55 -13.01
C GLY I 79 42.10 -18.13 -12.89
N PRO I 80 41.08 -17.34 -13.29
CA PRO I 80 39.68 -17.83 -13.25
C PRO I 80 39.46 -19.16 -13.98
N SER I 81 40.16 -19.39 -15.09
CA SER I 81 40.03 -20.64 -15.83
C SER I 81 40.50 -21.80 -14.97
N LYS I 82 41.53 -21.56 -14.16
CA LYS I 82 42.01 -22.58 -13.23
C LYS I 82 40.94 -22.87 -12.20
N ALA I 83 40.27 -21.81 -11.71
CA ALA I 83 39.22 -22.00 -10.72
C ALA I 83 38.08 -22.83 -11.30
N ARG I 84 37.69 -22.51 -12.52
CA ARG I 84 36.60 -23.21 -13.21
C ARG I 84 36.93 -24.69 -13.34
N GLU I 85 38.15 -24.96 -13.78
CA GLU I 85 38.63 -26.37 -13.88
C GLU I 85 38.60 -27.09 -12.52
N MET I 86 39.17 -26.47 -11.49
CA MET I 86 39.15 -27.08 -10.14
C MET I 86 37.72 -27.25 -9.59
N LEU I 87 36.85 -26.25 -9.79
CA LEU I 87 35.50 -26.33 -9.24
C LEU I 87 34.67 -27.33 -9.99
N ALA I 88 34.80 -27.33 -11.33
CA ALA I 88 34.10 -28.32 -12.17
C ALA I 88 34.47 -29.74 -11.81
N ASP I 89 35.75 -29.96 -11.53
CA ASP I 89 36.22 -31.27 -11.12
C ASP I 89 35.83 -31.67 -9.70
N SER I 90 35.48 -30.70 -8.84
CA SER I 90 35.10 -31.04 -7.45
C SER I 90 33.71 -31.66 -7.43
N GLU I 91 33.37 -32.19 -6.27
CA GLU I 91 32.04 -32.70 -5.97
C GLU I 91 30.97 -31.60 -5.69
N TYR I 92 31.36 -30.34 -5.66
CA TYR I 92 30.45 -29.29 -5.20
C TYR I 92 29.85 -28.60 -6.42
N PRO I 93 28.51 -28.45 -6.44
CA PRO I 93 27.92 -27.54 -7.38
C PRO I 93 28.57 -26.16 -7.26
N ALA I 94 28.80 -25.51 -8.39
CA ALA I 94 29.47 -24.21 -8.35
C ALA I 94 28.95 -23.24 -9.41
N VAL I 95 29.06 -21.96 -9.08
CA VAL I 95 28.57 -20.85 -9.87
C VAL I 95 29.73 -19.88 -10.06
N ILE I 96 29.88 -19.38 -11.27
CA ILE I 96 30.87 -18.38 -11.58
C ILE I 96 30.20 -17.03 -11.76
N ILE I 97 30.61 -16.06 -10.94
CA ILE I 97 30.17 -14.66 -11.11
C ILE I 97 31.26 -13.92 -11.85
N GLY I 98 30.89 -13.28 -12.95
CA GLY I 98 31.85 -12.52 -13.74
C GLY I 98 31.21 -11.38 -14.53
N ASP I 99 31.98 -10.92 -15.52
CA ASP I 99 31.71 -9.71 -16.26
C ASP I 99 31.60 -10.11 -17.74
N ALA I 100 31.50 -9.13 -18.64
CA ALA I 100 31.27 -9.42 -20.05
C ALA I 100 32.34 -10.27 -20.72
N PRO I 101 33.64 -10.06 -20.39
CA PRO I 101 34.65 -10.95 -20.96
C PRO I 101 34.37 -12.46 -20.71
N GLY I 102 33.61 -12.78 -19.67
CA GLY I 102 33.13 -14.13 -19.43
C GLY I 102 32.31 -14.75 -20.55
N LEU I 103 31.72 -13.92 -21.39
CA LEU I 103 30.88 -14.46 -22.47
C LEU I 103 31.66 -15.34 -23.42
N LYS I 104 32.97 -15.08 -23.53
CA LYS I 104 33.87 -15.89 -24.37
C LYS I 104 33.98 -17.34 -23.91
N VAL I 105 33.68 -17.62 -22.64
CA VAL I 105 33.76 -19.00 -22.13
C VAL I 105 32.42 -19.54 -21.63
N LYS I 106 31.35 -18.89 -22.05
CA LYS I 106 30.01 -19.24 -21.60
C LYS I 106 29.70 -20.70 -21.97
N ASP I 107 29.91 -21.08 -23.23
CA ASP I 107 29.63 -22.44 -23.64
C ASP I 107 30.57 -23.42 -22.94
N GLU I 108 31.82 -23.03 -22.76
CA GLU I 108 32.77 -23.82 -21.98
C GLU I 108 32.29 -24.09 -20.56
N MET I 109 31.76 -23.06 -19.90
CA MET I 109 31.21 -23.22 -18.56
C MET I 109 30.04 -24.22 -18.53
N GLU I 110 29.18 -24.12 -19.54
CA GLU I 110 28.02 -25.02 -19.64
C GLU I 110 28.47 -26.47 -19.74
N GLU I 111 29.50 -26.69 -20.55
CA GLU I 111 30.10 -28.02 -20.74
C GLU I 111 30.92 -28.48 -19.55
N GLN I 112 31.44 -27.53 -18.77
CA GLN I 112 31.97 -27.85 -17.43
C GLN I 112 30.93 -28.21 -16.36
N GLY I 113 29.65 -27.93 -16.57
CA GLY I 113 28.63 -28.16 -15.54
C GLY I 113 28.57 -27.06 -14.50
N LEU I 114 29.10 -25.88 -14.83
CA LEU I 114 29.11 -24.73 -13.90
C LEU I 114 27.95 -23.81 -14.19
N GLY I 115 27.40 -23.21 -13.13
CA GLY I 115 26.51 -22.09 -13.30
C GLY I 115 27.32 -20.82 -13.53
N TYR I 116 26.64 -19.79 -14.01
CA TYR I 116 27.28 -18.48 -14.16
C TYR I 116 26.24 -17.37 -14.09
N ILE I 117 26.72 -16.23 -13.61
CA ILE I 117 26.04 -14.96 -13.68
C ILE I 117 27.03 -13.94 -14.19
N LEU I 118 26.85 -13.53 -15.44
CA LEU I 118 27.74 -12.60 -16.09
C LEU I 118 27.08 -11.23 -16.18
N VAL I 119 27.73 -10.24 -15.58
CA VAL I 119 27.13 -8.90 -15.37
C VAL I 119 27.89 -7.98 -16.29
N LYS I 120 27.32 -7.73 -17.46
CA LYS I 120 27.93 -6.87 -18.48
C LYS I 120 28.22 -5.43 -18.00
N PRO I 121 27.29 -4.77 -17.27
CA PRO I 121 27.56 -3.46 -16.67
C PRO I 121 28.60 -3.39 -15.51
N ASP I 122 29.08 -4.53 -15.02
CA ASP I 122 30.12 -4.58 -13.99
C ASP I 122 31.47 -4.37 -14.67
N ALA I 123 31.69 -3.11 -15.04
CA ALA I 123 32.74 -2.72 -15.96
C ALA I 123 34.13 -2.62 -15.30
N MET I 124 35.16 -3.05 -16.01
CA MET I 124 36.53 -2.82 -15.59
C MET I 124 36.82 -1.34 -15.48
N LEU I 125 37.54 -0.98 -14.42
CA LEU I 125 37.91 0.41 -14.18
C LEU I 125 39.21 0.76 -14.91
N GLY I 126 39.61 2.02 -14.73
CA GLY I 126 40.71 2.63 -15.44
C GLY I 126 42.05 2.45 -14.74
N ALA I 127 42.56 1.22 -14.86
CA ALA I 127 43.70 0.77 -14.07
C ALA I 127 45.07 1.08 -14.66
N ARG I 128 45.38 2.37 -14.68
CA ARG I 128 46.69 2.90 -14.99
C ARG I 128 47.21 3.60 -13.74
N ARG I 129 48.50 3.34 -13.39
CA ARG I 129 49.07 3.91 -12.16
C ARG I 129 48.98 5.43 -12.06
N GLU I 130 49.02 6.12 -13.20
CA GLU I 130 49.03 7.60 -13.22
C GLU I 130 47.69 8.18 -12.82
N PHE I 131 46.67 7.33 -12.82
CA PHE I 131 45.31 7.76 -12.52
C PHE I 131 44.68 7.01 -11.33
N LEU I 132 44.85 5.69 -11.31
CA LEU I 132 44.09 4.89 -10.35
C LEU I 132 44.90 4.64 -9.08
N ASP I 133 44.64 5.45 -8.07
CA ASP I 133 45.16 5.20 -6.74
C ASP I 133 44.04 4.58 -5.90
N PRO I 134 44.34 4.24 -4.64
CA PRO I 134 43.28 3.58 -3.85
C PRO I 134 41.99 4.36 -3.69
N VAL I 135 42.10 5.66 -3.47
CA VAL I 135 40.92 6.52 -3.39
C VAL I 135 40.06 6.51 -4.68
N GLU I 136 40.69 6.71 -5.84
CA GLU I 136 39.95 6.67 -7.10
C GLU I 136 39.27 5.31 -7.32
N MET I 137 40.01 4.24 -7.00
CA MET I 137 39.46 2.91 -7.12
CA MET I 137 39.49 2.89 -7.08
C MET I 137 38.22 2.77 -6.24
N ALA I 138 38.25 3.33 -5.03
CA ALA I 138 37.07 3.26 -4.14
C ALA I 138 35.93 4.16 -4.64
N ILE I 139 36.29 5.32 -5.13
CA ILE I 139 35.25 6.21 -5.74
C ILE I 139 34.53 5.55 -6.91
N TYR I 140 35.27 4.93 -7.81
CA TYR I 140 34.69 4.18 -8.89
C TYR I 140 33.76 3.06 -8.40
N ASN I 141 34.23 2.27 -7.42
CA ASN I 141 33.44 1.25 -6.83
C ASN I 141 32.14 1.76 -6.19
N ALA I 142 32.20 2.92 -5.59
CA ALA I 142 31.01 3.53 -5.00
C ALA I 142 30.01 3.85 -6.07
N ASP I 143 30.49 4.47 -7.15
CA ASP I 143 29.58 4.77 -8.27
C ASP I 143 29.03 3.49 -8.93
N LEU I 144 29.89 2.49 -9.16
CA LEU I 144 29.42 1.24 -9.78
C LEU I 144 28.40 0.54 -8.91
N MET I 145 28.64 0.50 -7.60
CA MET I 145 27.73 -0.10 -6.64
C MET I 145 26.37 0.61 -6.66
N LYS I 146 26.37 1.92 -6.67
CA LYS I 146 25.11 2.66 -6.80
C LYS I 146 24.35 2.28 -8.10
N VAL I 147 25.09 2.16 -9.21
CA VAL I 147 24.49 1.76 -10.45
C VAL I 147 23.88 0.38 -10.34
N LEU I 148 24.68 -0.60 -9.90
CA LEU I 148 24.21 -1.97 -9.85
C LEU I 148 23.07 -2.16 -8.85
N ALA I 149 23.08 -1.38 -7.77
CA ALA I 149 21.98 -1.41 -6.79
C ALA I 149 20.73 -0.73 -7.30
N ALA I 150 20.83 0.54 -7.60
CA ALA I 150 19.62 1.34 -7.87
C ALA I 150 18.93 1.02 -9.21
N THR I 151 19.65 0.36 -10.12
CA THR I 151 19.03 -0.09 -11.36
C THR I 151 18.26 -1.43 -11.18
N GLY I 152 18.51 -2.14 -10.07
CA GLY I 152 17.86 -3.41 -9.83
C GLY I 152 18.71 -4.62 -10.26
N VAL I 153 19.94 -4.41 -10.75
CA VAL I 153 20.83 -5.54 -11.10
C VAL I 153 21.10 -6.46 -9.90
N PHE I 154 21.36 -5.86 -8.74
CA PHE I 154 21.57 -6.63 -7.53
C PHE I 154 20.35 -7.46 -7.12
N ARG I 155 19.15 -6.98 -7.41
CA ARG I 155 17.98 -7.77 -7.11
C ARG I 155 17.92 -9.02 -8.01
N VAL I 156 18.28 -8.91 -9.28
CA VAL I 156 18.34 -10.04 -10.17
C VAL I 156 19.32 -11.08 -9.63
N VAL I 157 20.45 -10.63 -9.07
CA VAL I 157 21.49 -11.52 -8.52
C VAL I 157 20.96 -12.16 -7.26
N GLN I 158 20.36 -11.33 -6.39
CA GLN I 158 19.72 -11.80 -5.17
C GLN I 158 18.74 -12.93 -5.48
N GLU I 159 17.85 -12.69 -6.42
CA GLU I 159 16.81 -13.70 -6.71
C GLU I 159 17.43 -15.01 -7.23
N ALA I 160 18.50 -14.90 -7.99
CA ALA I 160 19.10 -16.08 -8.59
C ALA I 160 19.71 -16.95 -7.50
N PHE I 161 20.40 -16.35 -6.57
CA PHE I 161 20.95 -17.09 -5.46
C PHE I 161 19.89 -17.58 -4.48
N ASP I 162 18.85 -16.78 -4.24
CA ASP I 162 17.77 -17.20 -3.35
C ASP I 162 17.05 -18.47 -3.89
N GLU I 163 16.89 -18.51 -5.19
CA GLU I 163 16.32 -19.69 -5.87
C GLU I 163 17.24 -20.90 -5.64
N LEU I 164 18.54 -20.68 -5.81
CA LEU I 164 19.50 -21.78 -5.66
C LEU I 164 19.51 -22.29 -4.25
N ILE I 165 19.43 -21.35 -3.29
CA ILE I 165 19.40 -21.69 -1.86
C ILE I 165 18.21 -22.57 -1.52
N GLU I 166 17.04 -22.22 -2.07
CA GLU I 166 15.85 -23.08 -1.87
C GLU I 166 16.04 -24.49 -2.39
N LYS I 167 16.63 -24.61 -3.57
CA LYS I 167 16.97 -25.92 -4.13
C LYS I 167 17.97 -26.67 -3.25
N ALA I 168 18.92 -25.94 -2.69
CA ALA I 168 19.88 -26.53 -1.75
C ALA I 168 19.19 -27.11 -0.50
N LYS I 169 18.11 -26.46 -0.07
CA LYS I 169 17.38 -26.88 1.11
C LYS I 169 16.62 -28.18 0.92
N GLU I 170 16.41 -28.59 -0.33
CA GLU I 170 15.91 -29.92 -0.66
C GLU I 170 17.02 -30.77 -1.23
N ASP I 171 18.25 -30.55 -0.76
CA ASP I 171 19.35 -31.42 -1.15
C ASP I 171 19.65 -31.48 -2.67
N GLU I 172 18.65 -31.66 -3.52
CA GLU I 172 18.91 -32.00 -4.91
C GLU I 172 19.35 -30.80 -5.77
N ILE I 173 20.54 -30.19 -5.55
CA ILE I 173 21.04 -29.24 -6.58
C ILE I 173 21.62 -29.98 -7.76
N SER I 174 20.91 -29.96 -8.88
CA SER I 174 21.43 -30.52 -10.12
C SER I 174 21.95 -29.41 -11.04
N GLU I 175 22.65 -29.80 -12.10
CA GLU I 175 23.13 -28.92 -13.16
C GLU I 175 22.04 -28.00 -13.62
N ASN I 176 20.86 -28.57 -13.80
CA ASN I 176 19.69 -27.85 -14.29
C ASN I 176 19.26 -26.68 -13.42
N ASP I 177 19.57 -26.77 -12.13
CA ASP I 177 19.18 -25.76 -11.15
C ASP I 177 20.18 -24.56 -11.10
N LEU I 178 21.36 -24.74 -11.68
CA LEU I 178 22.40 -23.74 -11.60
C LEU I 178 22.06 -22.57 -12.49
N PRO I 179 22.22 -21.33 -11.97
CA PRO I 179 21.91 -20.14 -12.77
C PRO I 179 22.77 -20.05 -14.02
N LYS I 180 22.17 -19.61 -15.11
CA LYS I 180 22.89 -19.32 -16.33
C LYS I 180 22.43 -17.96 -16.85
N LEU I 181 22.92 -16.89 -16.23
CA LEU I 181 22.41 -15.55 -16.46
C LEU I 181 23.45 -14.67 -17.09
N VAL I 182 22.98 -13.86 -18.04
CA VAL I 182 23.74 -12.77 -18.62
C VAL I 182 22.87 -11.53 -18.38
N ILE I 183 23.37 -10.59 -17.58
CA ILE I 183 22.64 -9.38 -17.21
C ILE I 183 23.23 -8.16 -17.95
N ASP I 184 22.33 -7.40 -18.57
CA ASP I 184 22.67 -6.15 -19.23
C ASP I 184 21.47 -5.20 -19.20
N ARG I 185 21.59 -4.09 -19.92
CA ARG I 185 20.54 -3.08 -19.99
C ARG I 185 19.17 -3.68 -20.26
N ASN I 186 19.13 -4.60 -21.22
CA ASN I 186 17.84 -5.15 -21.66
C ASN I 186 17.20 -6.10 -20.66
N THR I 187 17.98 -6.55 -19.67
CA THR I 187 17.42 -7.36 -18.57
C THR I 187 16.26 -6.62 -17.89
N LEU I 188 16.36 -5.30 -17.80
CA LEU I 188 15.30 -4.54 -17.16
C LEU I 188 14.00 -4.62 -17.87
N LEU I 189 13.99 -4.92 -19.16
CA LEU I 189 12.75 -5.04 -19.92
C LEU I 189 11.87 -6.25 -19.50
N GLU I 190 12.48 -7.25 -18.85
CA GLU I 190 11.77 -8.45 -18.45
C GLU I 190 11.42 -8.42 -16.97
N ARG I 191 11.62 -7.27 -16.33
CA ARG I 191 11.38 -7.16 -14.90
C ARG I 191 10.31 -6.14 -14.65
N GLU I 192 9.87 -6.07 -13.42
CA GLU I 192 8.89 -5.07 -13.02
C GLU I 192 9.45 -4.35 -11.80
N GLU I 193 10.73 -4.02 -11.88
CA GLU I 193 11.45 -3.28 -10.87
C GLU I 193 10.79 -1.88 -10.65
N PHE I 194 10.58 -1.16 -11.75
CA PHE I 194 10.20 0.24 -11.68
C PHE I 194 8.74 0.44 -11.93
N GLU I 195 8.06 1.16 -11.02
CA GLU I 195 6.65 1.52 -11.25
C GLU I 195 6.57 2.62 -12.35
N ASN I 196 7.53 3.51 -12.35
CA ASN I 196 7.49 4.63 -13.27
C ASN I 196 8.34 4.26 -14.52
N PRO I 197 7.78 4.47 -15.72
CA PRO I 197 8.50 4.09 -16.97
C PRO I 197 9.77 4.87 -17.23
N TYR I 198 9.79 6.13 -16.78
CA TYR I 198 11.00 6.95 -16.93
C TYR I 198 12.12 6.54 -15.99
N ALA I 199 11.76 5.99 -14.82
CA ALA I 199 12.77 5.49 -13.92
C ALA I 199 13.41 4.27 -14.59
N MET I 200 12.58 3.42 -15.17
CA MET I 200 13.15 2.31 -15.93
C MET I 200 14.07 2.74 -17.03
N VAL I 201 13.68 3.74 -17.80
CA VAL I 201 14.48 4.11 -18.97
C VAL I 201 15.74 4.89 -18.58
N LYS I 202 15.71 5.60 -17.46
CA LYS I 202 16.95 6.16 -16.83
C LYS I 202 17.90 5.08 -16.32
N ALA I 203 17.34 4.02 -15.73
CA ALA I 203 18.12 2.86 -15.29
C ALA I 203 18.74 2.10 -16.44
N MET I 204 18.02 1.95 -17.55
CA MET I 204 18.56 1.34 -18.75
C MET I 204 19.72 2.14 -19.32
N ALA I 205 19.55 3.47 -19.37
CA ALA I 205 20.62 4.37 -19.74
C ALA I 205 21.87 4.24 -18.85
N ALA I 206 21.66 4.13 -17.51
CA ALA I 206 22.71 3.99 -16.60
C ALA I 206 23.49 2.70 -16.89
N LEU I 207 22.75 1.60 -17.13
CA LEU I 207 23.42 0.32 -17.45
C LEU I 207 24.11 0.32 -18.78
N GLU I 208 23.54 1.04 -19.75
CA GLU I 208 24.18 1.15 -21.03
C GLU I 208 25.52 1.90 -20.90
N ILE I 209 25.47 3.02 -20.22
CA ILE I 209 26.69 3.77 -19.93
C ILE I 209 27.73 2.91 -19.16
N ALA I 210 27.31 2.24 -18.09
CA ALA I 210 28.24 1.36 -17.34
C ALA I 210 28.87 0.27 -18.21
N GLU I 211 28.06 -0.35 -19.07
CA GLU I 211 28.60 -1.34 -20.00
C GLU I 211 29.61 -0.72 -20.99
N ASN I 212 29.32 0.48 -21.49
CA ASN I 212 30.20 1.20 -22.39
C ASN I 212 31.53 1.62 -21.70
N VAL I 213 31.51 1.82 -20.39
CA VAL I 213 32.75 2.13 -19.64
C VAL I 213 33.85 1.05 -19.88
N ALA I 214 33.45 -0.24 -19.95
CA ALA I 214 34.40 -1.35 -20.09
C ALA I 214 35.25 -1.23 -21.32
N ASP I 215 34.64 -0.83 -22.42
CA ASP I 215 35.36 -0.65 -23.65
C ASP I 215 36.37 0.50 -23.60
N VAL I 216 36.00 1.58 -22.91
CA VAL I 216 36.90 2.70 -22.73
C VAL I 216 38.11 2.35 -21.86
N SER I 217 37.85 1.71 -20.73
CA SER I 217 38.91 1.17 -19.86
C SER I 217 39.82 0.23 -20.59
N VAL I 218 39.24 -0.68 -21.38
CA VAL I 218 40.05 -1.65 -22.11
C VAL I 218 40.95 -0.92 -23.07
N GLU I 219 40.40 0.08 -23.76
CA GLU I 219 41.19 0.83 -24.73
C GLU I 219 42.34 1.50 -24.00
N GLY I 220 42.04 2.13 -22.87
CA GLY I 220 43.02 2.86 -22.10
C GLY I 220 44.07 2.00 -21.40
N CYS I 221 43.71 0.78 -21.04
CA CYS I 221 44.61 -0.10 -20.28
C CYS I 221 45.41 -1.07 -21.17
N PHE I 222 44.81 -1.51 -22.27
CA PHE I 222 45.39 -2.59 -23.10
C PHE I 222 45.69 -2.21 -24.54
N VAL I 223 45.17 -1.11 -25.07
CA VAL I 223 45.39 -0.77 -26.49
C VAL I 223 46.27 0.46 -26.61
N GLU I 224 45.81 1.58 -26.05
CA GLU I 224 46.56 2.81 -26.13
C GLU I 224 47.83 2.71 -25.30
N GLN I 225 48.98 3.03 -25.90
CA GLN I 225 50.31 2.88 -25.26
C GLN I 225 50.95 4.22 -24.86
N ASP I 226 50.39 5.32 -25.34
CA ASP I 226 50.93 6.64 -25.10
C ASP I 226 50.19 7.23 -23.91
N LYS I 227 50.91 7.49 -22.83
CA LYS I 227 50.32 7.99 -21.60
C LYS I 227 49.57 9.32 -21.71
N GLU I 228 50.04 10.19 -22.61
CA GLU I 228 49.33 11.45 -22.94
C GLU I 228 47.93 11.21 -23.45
N ARG I 229 47.70 10.02 -24.00
CA ARG I 229 46.38 9.61 -24.46
C ARG I 229 45.70 8.67 -23.47
N TYR I 230 46.41 7.67 -22.95
CA TYR I 230 45.73 6.70 -22.07
C TYR I 230 45.24 7.21 -20.73
N VAL I 231 45.94 8.19 -20.17
CA VAL I 231 45.53 8.77 -18.88
C VAL I 231 44.18 9.50 -19.02
N PRO I 232 44.06 10.46 -19.95
CA PRO I 232 42.71 11.01 -20.19
C PRO I 232 41.63 9.94 -20.52
N ILE I 233 42.00 8.92 -21.28
CA ILE I 233 41.01 7.92 -21.72
C ILE I 233 40.48 7.19 -20.53
N VAL I 234 41.35 6.68 -19.65
CA VAL I 234 40.84 5.98 -18.45
C VAL I 234 40.08 6.90 -17.52
N ALA I 235 40.50 8.15 -17.41
CA ALA I 235 39.75 9.10 -16.58
C ALA I 235 38.34 9.40 -17.14
N SER I 236 38.20 9.44 -18.47
CA SER I 236 36.89 9.69 -19.08
C SER I 236 35.93 8.55 -18.77
N ALA I 237 36.45 7.33 -18.61
CA ALA I 237 35.64 6.17 -18.26
C ALA I 237 35.05 6.31 -16.86
N HIS I 238 35.84 6.88 -15.95
CA HIS I 238 35.34 7.15 -14.60
C HIS I 238 34.36 8.28 -14.60
N GLU I 239 34.56 9.32 -15.41
CA GLU I 239 33.53 10.37 -15.51
C GLU I 239 32.19 9.83 -16.03
N MET I 240 32.24 8.88 -16.96
CA MET I 240 31.05 8.14 -17.41
C MET I 240 30.35 7.37 -16.29
N MET I 241 31.12 6.61 -15.50
CA MET I 241 30.54 5.82 -14.41
C MET I 241 29.89 6.72 -13.35
N ARG I 242 30.49 7.87 -13.10
CA ARG I 242 29.92 8.87 -12.20
C ARG I 242 28.54 9.34 -12.69
N LYS I 243 28.40 9.57 -13.98
CA LYS I 243 27.11 9.98 -14.49
C LYS I 243 26.09 8.84 -14.60
N ALA I 244 26.55 7.61 -14.87
CA ALA I 244 25.69 6.45 -14.80
C ALA I 244 25.07 6.32 -13.37
N ALA I 245 25.88 6.59 -12.34
CA ALA I 245 25.39 6.57 -10.96
C ALA I 245 24.38 7.69 -10.72
N GLU I 246 24.58 8.84 -11.31
CA GLU I 246 23.60 9.91 -11.18
C GLU I 246 22.28 9.56 -11.84
N LEU I 247 22.31 8.88 -12.97
CA LEU I 247 21.10 8.41 -13.60
C LEU I 247 20.35 7.40 -12.74
N ALA I 248 21.09 6.47 -12.16
CA ALA I 248 20.50 5.47 -11.26
C ALA I 248 19.89 6.18 -10.07
N ASP I 249 20.58 7.14 -9.51
CA ASP I 249 20.02 7.94 -8.43
C ASP I 249 18.74 8.68 -8.84
N GLU I 250 18.76 9.31 -10.01
CA GLU I 250 17.58 9.96 -10.54
C GLU I 250 16.38 9.00 -10.70
N ALA I 251 16.61 7.79 -11.21
CA ALA I 251 15.58 6.79 -11.31
C ALA I 251 14.98 6.47 -9.94
N ARG I 252 15.84 6.25 -8.96
CA ARG I 252 15.36 5.92 -7.64
C ARG I 252 14.54 7.05 -7.00
N GLU I 253 14.94 8.28 -7.21
CA GLU I 253 14.16 9.41 -6.73
C GLU I 253 12.79 9.55 -7.41
N LEU I 254 12.67 9.15 -8.69
CA LEU I 254 11.36 9.10 -9.32
C LEU I 254 10.48 8.11 -8.63
N GLU I 255 11.00 6.95 -8.26
CA GLU I 255 10.20 5.95 -7.54
C GLU I 255 9.76 6.50 -6.18
N LYS I 256 10.66 7.17 -5.47
CA LYS I 256 10.33 7.90 -4.23
C LYS I 256 9.18 8.88 -4.47
N SER I 257 9.19 9.59 -5.56
CA SER I 257 8.18 10.63 -5.77
C SER I 257 6.77 10.04 -5.90
N ASN I 258 6.68 8.76 -6.25
CA ASN I 258 5.41 8.02 -6.38
C ASN I 258 5.17 7.07 -5.22
N ASP I 259 6.03 7.14 -4.20
CA ASP I 259 5.98 6.21 -3.09
C ASP I 259 5.86 4.77 -3.65
N ALA I 260 6.81 4.39 -4.49
CA ALA I 260 6.75 3.13 -5.20
C ALA I 260 8.09 2.41 -5.25
N VAL I 261 8.95 2.62 -4.24
CA VAL I 261 10.25 1.99 -4.17
C VAL I 261 10.04 0.55 -3.82
N LEU I 262 10.34 -0.33 -4.78
CA LEU I 262 10.32 -1.75 -4.50
C LEU I 262 11.37 -2.08 -3.44
N ARG I 263 10.93 -2.80 -2.42
CA ARG I 263 11.80 -3.37 -1.38
C ARG I 263 11.47 -4.85 -1.24
N THR I 264 12.49 -5.68 -1.34
CA THR I 264 12.34 -7.10 -1.23
C THR I 264 13.27 -7.66 -0.13
N PRO I 265 12.96 -7.39 1.15
CA PRO I 265 13.76 -7.93 2.28
C PRO I 265 13.56 -9.40 2.58
N HIS I 266 14.57 -10.05 3.18
CA HIS I 266 14.41 -11.42 3.63
C HIS I 266 13.77 -11.47 5.01
N ALA I 267 12.86 -12.44 5.21
CA ALA I 267 12.39 -12.79 6.57
C ALA I 267 13.44 -13.69 7.25
N PRO I 268 13.33 -13.89 8.59
CA PRO I 268 14.27 -14.78 9.28
C PRO I 268 14.35 -16.19 8.73
N ASP I 269 13.24 -16.69 8.19
CA ASP I 269 13.19 -18.01 7.58
C ASP I 269 13.70 -18.07 6.15
N GLY I 270 14.19 -16.95 5.65
CA GLY I 270 14.73 -16.91 4.32
C GLY I 270 13.81 -16.41 3.23
N LYS I 271 12.49 -16.44 3.49
CA LYS I 271 11.51 -16.03 2.49
C LYS I 271 11.79 -14.60 2.07
N VAL I 272 11.64 -14.35 0.80
CA VAL I 272 11.82 -13.02 0.26
C VAL I 272 10.45 -12.32 0.26
N LEU I 273 10.37 -11.23 1.01
CA LEU I 273 9.14 -10.47 1.16
C LEU I 273 9.15 -9.34 0.17
N SER I 274 8.07 -8.59 0.12
CA SER I 274 7.98 -7.55 -0.86
C SER I 274 7.04 -6.44 -0.41
N LYS I 275 7.38 -5.21 -0.80
CA LYS I 275 6.50 -4.04 -0.61
C LYS I 275 6.89 -2.92 -1.61
N ARG I 276 5.98 -1.94 -1.77
CA ARG I 276 6.25 -0.70 -2.51
C ARG I 276 6.02 0.56 -1.73
N LYS I 277 4.94 0.63 -0.97
CA LYS I 277 4.62 1.81 -0.22
C LYS I 277 5.50 1.88 1.04
N PHE I 278 5.99 3.08 1.33
CA PHE I 278 6.98 3.28 2.39
C PHE I 278 6.50 2.70 3.74
N MET I 279 5.25 3.01 4.06
CA MET I 279 4.66 2.61 5.32
C MET I 279 3.97 1.23 5.32
N GLU I 280 4.02 0.47 4.23
CA GLU I 280 3.40 -0.84 4.24
C GLU I 280 4.44 -1.90 4.69
N ASP I 281 3.95 -2.89 5.43
CA ASP I 281 4.79 -3.98 5.87
C ASP I 281 5.17 -4.87 4.71
N PRO I 282 6.42 -5.31 4.66
CA PRO I 282 6.77 -6.27 3.60
C PRO I 282 6.12 -7.63 3.87
N GLU I 283 5.62 -8.26 2.80
CA GLU I 283 4.88 -9.50 2.90
C GLU I 283 5.22 -10.48 1.77
N THR J 2 33.75 56.89 20.20
CA THR J 2 32.34 57.33 20.34
C THR J 2 31.41 56.21 19.91
N VAL J 3 30.20 56.25 20.43
CA VAL J 3 29.17 55.27 20.12
C VAL J 3 28.15 56.00 19.29
N ALA J 4 27.98 55.54 18.05
CA ALA J 4 26.93 56.02 17.16
C ALA J 4 25.64 55.29 17.53
N LYS J 5 24.53 56.03 17.46
CA LYS J 5 23.21 55.51 17.81
C LYS J 5 22.26 55.71 16.62
N ALA J 6 21.41 54.73 16.39
CA ALA J 6 20.41 54.86 15.34
C ALA J 6 19.17 54.07 15.69
N ILE J 7 18.02 54.54 15.24
CA ILE J 7 16.80 53.77 15.35
C ILE J 7 16.38 53.23 13.97
N PHE J 8 15.97 51.97 13.93
CA PHE J 8 15.48 51.35 12.70
C PHE J 8 13.99 51.15 12.86
N ILE J 9 13.22 51.64 11.87
CA ILE J 9 11.78 51.48 11.85
C ILE J 9 11.41 50.53 10.72
N LYS J 10 10.69 49.46 11.05
CA LYS J 10 10.35 48.41 10.09
C LYS J 10 8.85 48.25 9.96
N CYS J 11 8.32 48.67 8.81
CA CYS J 11 6.90 48.53 8.53
C CYS J 11 6.76 47.81 7.20
N GLY J 12 6.06 46.68 7.21
CA GLY J 12 6.03 45.83 6.04
C GLY J 12 7.33 45.04 6.03
N ASN J 13 7.56 44.29 4.96
CA ASN J 13 8.77 43.51 4.88
C ASN J 13 9.40 43.56 3.50
N LEU J 14 10.70 43.83 3.51
CA LEU J 14 11.61 43.74 2.37
C LEU J 14 12.78 42.90 2.82
N GLY J 15 13.42 42.17 1.91
CA GLY J 15 14.64 41.46 2.31
C GLY J 15 15.67 42.37 2.94
N THR J 16 15.77 43.61 2.45
CA THR J 16 16.79 44.53 2.93
C THR J 16 16.44 45.06 4.29
N SER J 17 15.17 45.41 4.50
CA SER J 17 14.77 46.00 5.78
C SER J 17 14.83 44.94 6.88
N MET J 18 14.56 43.70 6.49
CA MET J 18 14.65 42.61 7.42
C MET J 18 16.08 42.42 8.00
N MET J 19 17.08 42.65 7.17
CA MET J 19 18.47 42.38 7.56
C MET J 19 19.30 43.63 7.89
N MET J 20 18.79 44.82 7.56
CA MET J 20 19.63 46.00 7.50
C MET J 20 20.45 46.27 8.77
N ASP J 21 19.83 46.18 9.94
CA ASP J 21 20.54 46.49 11.21
C ASP J 21 21.59 45.41 11.56
N MET J 22 21.26 44.15 11.27
CA MET J 22 22.11 43.01 11.60
C MET J 22 23.37 42.96 10.74
N LEU J 23 23.29 43.50 9.53
CA LEU J 23 24.44 43.60 8.66
C LEU J 23 25.53 44.50 9.21
N LEU J 24 25.18 45.34 10.20
CA LEU J 24 26.11 46.28 10.77
C LEU J 24 26.84 45.76 12.03
N ASP J 25 26.44 44.61 12.56
CA ASP J 25 27.07 44.08 13.76
C ASP J 25 26.93 42.57 13.83
N GLU J 26 27.52 41.90 12.86
CA GLU J 26 27.21 40.51 12.54
C GLU J 26 27.49 39.51 13.68
N ARG J 27 28.38 39.89 14.59
CA ARG J 27 28.71 39.06 15.75
C ARG J 27 28.39 39.74 17.07
N ALA J 28 27.67 40.87 17.04
CA ALA J 28 27.33 41.60 18.25
C ALA J 28 28.52 42.10 19.05
N ASP J 29 29.70 42.24 18.45
CA ASP J 29 30.89 42.64 19.23
C ASP J 29 31.36 44.06 18.96
N ARG J 30 30.60 44.85 18.20
CA ARG J 30 30.94 46.26 18.00
C ARG J 30 30.67 47.02 19.27
N GLU J 31 31.65 47.83 19.65
CA GLU J 31 31.55 48.68 20.82
C GLU J 31 31.23 50.13 20.44
N ASP J 32 31.09 50.40 19.13
CA ASP J 32 30.90 51.77 18.66
C ASP J 32 29.48 52.04 18.17
N VAL J 33 28.56 51.10 18.35
CA VAL J 33 27.20 51.28 17.87
C VAL J 33 26.20 50.78 18.90
N GLU J 34 25.03 51.43 18.93
CA GLU J 34 23.89 51.02 19.74
C GLU J 34 22.65 51.31 18.89
N PHE J 35 21.80 50.31 18.72
CA PHE J 35 20.62 50.43 17.87
C PHE J 35 19.36 50.12 18.65
N ARG J 36 18.29 50.77 18.25
CA ARG J 36 16.95 50.35 18.62
C ARG J 36 16.19 50.05 17.33
N VAL J 37 15.32 49.05 17.42
CA VAL J 37 14.50 48.62 16.28
C VAL J 37 13.06 48.58 16.76
N VAL J 38 12.18 49.22 16.01
CA VAL J 38 10.76 49.27 16.35
C VAL J 38 9.93 49.10 15.09
N GLY J 39 8.71 48.65 15.23
CA GLY J 39 7.87 48.50 14.08
C GLY J 39 6.50 47.97 14.36
N THR J 40 5.74 47.84 13.27
CA THR J 40 4.36 47.37 13.34
C THR J 40 4.26 46.05 12.59
N SER J 41 5.36 45.34 12.51
CA SER J 41 5.41 44.07 11.78
C SER J 41 4.98 44.34 10.33
N VAL J 42 4.16 43.46 9.74
CA VAL J 42 3.88 43.49 8.30
C VAL J 42 3.00 44.66 7.89
N LYS J 43 2.32 45.29 8.84
CA LYS J 43 1.31 46.32 8.50
C LYS J 43 1.97 47.68 8.22
N MET J 44 1.67 48.24 7.04
CA MET J 44 2.25 49.50 6.59
C MET J 44 1.21 50.50 6.01
N ASP J 45 -0.05 50.41 6.47
CA ASP J 45 -1.06 51.46 6.21
C ASP J 45 -0.68 52.72 7.00
N PRO J 46 -1.18 53.92 6.59
CA PRO J 46 -0.83 55.17 7.26
C PRO J 46 -0.92 55.17 8.80
N GLU J 47 -1.98 54.55 9.33
CA GLU J 47 -2.22 54.54 10.78
C GLU J 47 -1.11 53.75 11.51
N CYS J 48 -0.77 52.59 10.97
CA CYS J 48 0.31 51.78 11.54
C CYS J 48 1.66 52.44 11.43
N VAL J 49 1.94 52.98 10.24
CA VAL J 49 3.22 53.63 9.99
C VAL J 49 3.38 54.85 10.91
N GLU J 50 2.33 55.64 11.05
CA GLU J 50 2.37 56.78 11.97
C GLU J 50 2.67 56.31 13.41
N ALA J 51 2.02 55.23 13.82
CA ALA J 51 2.25 54.65 15.13
C ALA J 51 3.69 54.14 15.29
N ALA J 52 4.23 53.57 14.22
CA ALA J 52 5.62 53.09 14.23
C ALA J 52 6.57 54.29 14.42
N VAL J 53 6.37 55.32 13.60
CA VAL J 53 7.27 56.46 13.62
C VAL J 53 7.14 57.22 14.93
N GLU J 54 5.92 57.31 15.48
CA GLU J 54 5.74 57.92 16.80
C GLU J 54 6.45 57.10 17.91
N MET J 55 6.41 55.78 17.87
CA MET J 55 7.22 54.97 18.80
C MET J 55 8.68 55.39 18.71
N ALA J 56 9.20 55.46 17.47
CA ALA J 56 10.59 55.82 17.19
C ALA J 56 10.94 57.20 17.75
N LEU J 57 10.10 58.17 17.46
CA LEU J 57 10.35 59.53 17.92
C LEU J 57 10.23 59.63 19.44
N ASP J 58 9.30 58.86 20.03
CA ASP J 58 9.18 58.78 21.50
C ASP J 58 10.50 58.26 22.09
N ILE J 59 10.98 57.15 21.54
CA ILE J 59 12.24 56.55 22.00
C ILE J 59 13.42 57.48 21.75
N ALA J 60 13.35 58.24 20.67
CA ALA J 60 14.44 59.15 20.28
C ALA J 60 14.74 60.27 21.27
N GLU J 61 13.69 60.75 21.96
CA GLU J 61 13.79 61.83 22.95
C GLU J 61 14.88 61.52 23.97
N ASP J 62 14.88 60.27 24.43
CA ASP J 62 15.80 59.78 25.47
C ASP J 62 17.03 59.07 24.87
N PHE J 63 16.82 58.38 23.76
CA PHE J 63 17.89 57.63 23.12
C PHE J 63 18.91 58.50 22.36
N GLU J 64 18.42 59.61 21.79
CA GLU J 64 19.26 60.59 21.07
C GLU J 64 20.05 59.94 19.92
N PRO J 65 19.34 59.29 18.98
CA PRO J 65 20.05 58.69 17.85
C PRO J 65 20.66 59.72 16.90
N ASP J 66 21.75 59.32 16.26
CA ASP J 66 22.40 60.14 15.23
C ASP J 66 21.64 60.15 13.91
N PHE J 67 20.96 59.05 13.62
CA PHE J 67 20.09 59.00 12.47
C PHE J 67 19.01 57.95 12.68
N ILE J 68 17.99 58.04 11.84
CA ILE J 68 16.87 57.11 11.87
C ILE J 68 16.70 56.51 10.48
N VAL J 69 16.42 55.21 10.44
CA VAL J 69 16.23 54.47 9.19
C VAL J 69 14.80 53.91 9.16
N TYR J 70 14.08 54.21 8.08
CA TYR J 70 12.77 53.66 7.84
C TYR J 70 12.93 52.67 6.69
N GLY J 71 12.54 51.43 6.93
CA GLY J 71 12.67 50.39 5.93
C GLY J 71 11.36 49.71 5.70
N GLY J 72 11.01 49.56 4.44
CA GLY J 72 9.86 48.77 4.06
C GLY J 72 9.50 48.97 2.61
N PRO J 73 8.49 48.23 2.15
CA PRO J 73 8.07 48.33 0.76
C PRO J 73 7.55 49.70 0.36
N ASN J 74 7.73 50.00 -0.93
CA ASN J 74 7.15 51.15 -1.61
C ASN J 74 7.08 52.50 -0.87
N PRO J 75 8.20 53.26 -0.82
CA PRO J 75 8.25 54.62 -0.28
C PRO J 75 7.18 55.60 -0.81
N ALA J 76 6.65 55.31 -2.01
CA ALA J 76 5.63 56.12 -2.66
C ALA J 76 4.19 55.80 -2.17
N ALA J 77 4.00 54.68 -1.45
CA ALA J 77 2.66 54.31 -0.95
C ALA J 77 2.23 55.25 0.20
N PRO J 78 0.92 55.29 0.53
CA PRO J 78 0.39 56.16 1.58
C PRO J 78 1.09 56.10 2.93
N GLY J 79 1.26 54.88 3.46
CA GLY J 79 1.89 54.71 4.77
C GLY J 79 3.30 55.27 4.78
N PRO J 80 4.17 54.73 3.94
CA PRO J 80 5.54 55.22 3.83
C PRO J 80 5.67 56.70 3.53
N SER J 81 4.75 57.24 2.74
CA SER J 81 4.75 58.68 2.47
C SER J 81 4.55 59.50 3.76
N LYS J 82 3.74 58.95 4.67
CA LYS J 82 3.52 59.61 5.95
C LYS J 82 4.81 59.55 6.73
N ALA J 83 5.50 58.42 6.73
CA ALA J 83 6.76 58.32 7.50
C ALA J 83 7.79 59.30 6.94
N ARG J 84 7.85 59.41 5.61
CA ARG J 84 8.80 60.31 4.95
C ARG J 84 8.53 61.74 5.43
N GLU J 85 7.24 62.11 5.43
CA GLU J 85 6.77 63.44 5.93
C GLU J 85 7.17 63.68 7.40
N MET J 86 6.85 62.73 8.27
CA MET J 86 7.20 62.86 9.71
C MET J 86 8.72 62.89 9.91
N LEU J 87 9.45 62.05 9.19
CA LEU J 87 10.90 61.96 9.38
C LEU J 87 11.62 63.19 8.84
N ALA J 88 11.16 63.65 7.69
CA ALA J 88 11.70 64.85 7.07
C ALA J 88 11.50 66.09 7.94
N ASP J 89 10.32 66.15 8.58
CA ASP J 89 9.98 67.20 9.53
C ASP J 89 10.72 67.15 10.87
N SER J 90 11.21 65.98 11.25
CA SER J 90 11.90 65.83 12.53
C SER J 90 13.30 66.40 12.44
N GLU J 91 13.94 66.53 13.60
CA GLU J 91 15.31 67.01 13.67
C GLU J 91 16.37 65.94 13.35
N TYR J 92 15.95 64.71 13.11
CA TYR J 92 16.90 63.62 12.95
C TYR J 92 17.18 63.35 11.47
N PRO J 93 18.47 63.28 11.07
CA PRO J 93 18.71 62.78 9.72
C PRO J 93 18.11 61.39 9.56
N ALA J 94 17.61 61.13 8.36
CA ALA J 94 16.89 59.90 8.12
C ALA J 94 17.16 59.33 6.74
N VAL J 95 17.03 58.02 6.66
CA VAL J 95 17.28 57.26 5.46
C VAL J 95 16.09 56.32 5.19
N ILE J 96 15.65 56.30 3.95
CA ILE J 96 14.54 55.46 3.56
C ILE J 96 15.11 54.25 2.77
N ILE J 97 14.84 53.06 3.27
CA ILE J 97 15.17 51.80 2.56
C ILE J 97 13.93 51.34 1.88
N GLY J 98 14.01 51.17 0.57
CA GLY J 98 12.87 50.75 -0.22
C GLY J 98 13.24 49.89 -1.40
N ASP J 99 12.26 49.74 -2.28
CA ASP J 99 12.34 48.89 -3.45
C ASP J 99 12.12 49.77 -4.72
N ALA J 100 11.98 49.14 -5.90
CA ALA J 100 11.92 49.88 -7.17
C ALA J 100 10.79 50.89 -7.23
N PRO J 101 9.59 50.55 -6.72
CA PRO J 101 8.51 51.54 -6.67
C PRO J 101 8.92 52.89 -6.03
N GLY J 102 9.90 52.86 -5.14
CA GLY J 102 10.43 54.09 -4.54
C GLY J 102 11.03 55.07 -5.52
N LEU J 103 11.41 54.59 -6.70
CA LEU J 103 11.97 55.45 -7.71
C LEU J 103 11.02 56.58 -8.13
N LYS J 104 9.71 56.34 -8.01
CA LYS J 104 8.69 57.37 -8.28
C LYS J 104 8.79 58.61 -7.39
N VAL J 105 9.35 58.46 -6.19
CA VAL J 105 9.45 59.58 -5.25
C VAL J 105 10.88 59.94 -4.88
N LYS J 106 11.80 59.56 -5.76
CA LYS J 106 13.21 59.78 -5.52
C LYS J 106 13.51 61.27 -5.40
N ASP J 107 13.02 62.05 -6.36
CA ASP J 107 13.27 63.49 -6.34
C ASP J 107 12.55 64.17 -5.16
N GLU J 108 11.37 63.65 -4.83
CA GLU J 108 10.62 64.06 -3.64
C GLU J 108 11.46 63.83 -2.38
N MET J 109 12.05 62.64 -2.24
CA MET J 109 12.92 62.35 -1.07
C MET J 109 14.12 63.29 -0.99
N GLU J 110 14.71 63.58 -2.16
CA GLU J 110 15.84 64.51 -2.25
C GLU J 110 15.50 65.88 -1.73
N GLU J 111 14.35 66.44 -2.07
CA GLU J 111 14.08 67.69 -1.34
C GLU J 111 12.99 67.66 -0.33
N GLN J 112 12.62 66.51 0.22
CA GLN J 112 12.64 66.27 1.67
C GLN J 112 13.90 66.27 2.53
N GLY J 113 15.07 66.17 1.93
CA GLY J 113 16.31 66.08 2.71
C GLY J 113 16.55 64.69 3.30
N LEU J 114 15.89 63.68 2.74
CA LEU J 114 16.02 62.30 3.20
C LEU J 114 17.05 61.58 2.37
N GLY J 115 17.77 60.66 2.99
CA GLY J 115 18.58 59.72 2.24
C GLY J 115 17.69 58.59 1.77
N TYR J 116 18.21 57.79 0.84
CA TYR J 116 17.51 56.58 0.45
C TYR J 116 18.47 55.52 -0.05
N ILE J 117 18.07 54.27 0.13
CA ILE J 117 18.67 53.15 -0.54
C ILE J 117 17.53 52.32 -1.15
N LEU J 118 17.41 52.41 -2.47
CA LEU J 118 16.37 51.71 -3.21
C LEU J 118 16.92 50.47 -3.90
N VAL J 119 16.38 49.31 -3.55
CA VAL J 119 16.95 48.03 -3.95
C VAL J 119 15.99 47.38 -4.93
N LYS J 120 16.32 47.53 -6.20
CA LYS J 120 15.41 47.10 -7.26
C LYS J 120 15.17 45.59 -7.25
N PRO J 121 16.22 44.77 -7.02
CA PRO J 121 16.02 43.33 -6.87
C PRO J 121 15.23 42.87 -5.63
N ASP J 122 14.92 43.78 -4.70
CA ASP J 122 14.17 43.41 -3.49
C ASP J 122 12.70 43.38 -3.87
N ALA J 123 12.32 42.31 -4.59
CA ALA J 123 11.05 42.27 -5.34
C ALA J 123 9.85 41.86 -4.46
N MET J 124 8.70 42.47 -4.74
CA MET J 124 7.46 42.06 -4.12
C MET J 124 7.12 40.62 -4.45
N LEU J 125 6.68 39.89 -3.44
CA LEU J 125 6.31 38.48 -3.60
C LEU J 125 4.85 38.35 -4.12
N GLY J 126 4.43 37.11 -4.30
CA GLY J 126 3.20 36.74 -4.96
C GLY J 126 2.05 36.61 -3.97
N ALA J 127 1.58 37.76 -3.50
CA ALA J 127 0.69 37.87 -2.35
C ALA J 127 -0.81 37.69 -2.71
N ARG J 128 -1.15 36.46 -3.08
CA ARG J 128 -2.52 36.02 -3.25
C ARG J 128 -2.80 34.90 -2.25
N ARG J 129 -3.94 34.97 -1.57
CA ARG J 129 -4.28 34.01 -0.50
C ARG J 129 -4.20 32.55 -0.96
N GLU J 130 -4.57 32.30 -2.21
CA GLU J 130 -4.62 30.92 -2.73
C GLU J 130 -3.24 30.30 -2.84
N PHE J 131 -2.20 31.14 -2.79
CA PHE J 131 -0.83 30.71 -3.01
C PHE J 131 0.07 31.02 -1.82
N LEU J 132 0.02 32.25 -1.31
CA LEU J 132 0.97 32.68 -0.32
C LEU J 132 0.47 32.45 1.11
N ASP J 133 0.91 31.35 1.73
CA ASP J 133 0.70 31.13 3.16
C ASP J 133 2.01 31.51 3.89
N PRO J 134 2.03 31.42 5.22
CA PRO J 134 3.26 31.73 5.95
C PRO J 134 4.53 31.02 5.48
N VAL J 135 4.42 29.74 5.21
CA VAL J 135 5.54 28.92 4.77
C VAL J 135 6.09 29.39 3.47
N GLU J 136 5.21 29.58 2.46
CA GLU J 136 5.61 30.04 1.15
C GLU J 136 6.25 31.44 1.22
N MET J 137 5.67 32.30 2.04
CA MET J 137 6.24 33.62 2.28
C MET J 137 7.67 33.53 2.86
N ALA J 138 7.88 32.61 3.79
CA ALA J 138 9.20 32.38 4.34
C ALA J 138 10.20 31.77 3.35
N ILE J 139 9.75 30.81 2.56
CA ILE J 139 10.58 30.20 1.51
C ILE J 139 11.02 31.29 0.54
N TYR J 140 10.09 32.17 0.16
CA TYR J 140 10.44 33.26 -0.76
C TYR J 140 11.52 34.14 -0.12
N ASN J 141 11.31 34.51 1.13
CA ASN J 141 12.30 35.35 1.84
C ASN J 141 13.67 34.74 1.93
N ALA J 142 13.72 33.42 2.10
CA ALA J 142 15.01 32.68 2.16
C ALA J 142 15.75 32.75 0.82
N ASP J 143 14.99 32.52 -0.24
CA ASP J 143 15.53 32.67 -1.60
C ASP J 143 15.99 34.11 -1.88
N LEU J 144 15.17 35.08 -1.54
CA LEU J 144 15.53 36.48 -1.76
C LEU J 144 16.74 36.88 -0.96
N MET J 145 16.80 36.45 0.31
CA MET J 145 17.93 36.72 1.17
C MET J 145 19.25 36.16 0.60
N LYS J 146 19.19 34.94 0.08
CA LYS J 146 20.34 34.32 -0.57
C LYS J 146 20.79 35.18 -1.72
N VAL J 147 19.85 35.63 -2.53
CA VAL J 147 20.17 36.48 -3.66
C VAL J 147 20.85 37.77 -3.23
N LEU J 148 20.26 38.48 -2.28
CA LEU J 148 20.81 39.75 -1.84
C LEU J 148 22.17 39.64 -1.16
N ALA J 149 22.36 38.57 -0.41
CA ALA J 149 23.63 38.30 0.25
C ALA J 149 24.74 37.84 -0.73
N ALA J 150 24.50 36.74 -1.44
CA ALA J 150 25.56 36.12 -2.22
C ALA J 150 25.95 36.95 -3.46
N THR J 151 25.06 37.83 -3.94
CA THR J 151 25.40 38.71 -5.08
C THR J 151 26.25 39.90 -4.61
N GLY J 152 26.25 40.17 -3.31
CA GLY J 152 26.97 41.31 -2.77
C GLY J 152 26.17 42.58 -2.56
N VAL J 153 24.85 42.50 -2.74
CA VAL J 153 23.98 43.68 -2.53
C VAL J 153 24.01 44.12 -1.07
N PHE J 154 23.96 43.16 -0.17
CA PHE J 154 24.03 43.48 1.22
C PHE J 154 25.36 44.16 1.62
N ARG J 155 26.46 43.84 0.94
CA ARG J 155 27.74 44.51 1.23
C ARG J 155 27.67 45.97 0.81
N VAL J 156 26.93 46.28 -0.25
CA VAL J 156 26.73 47.68 -0.68
C VAL J 156 25.99 48.44 0.44
N VAL J 157 24.97 47.78 0.99
CA VAL J 157 24.12 48.38 2.00
C VAL J 157 24.94 48.53 3.29
N GLN J 158 25.66 47.46 3.65
CA GLN J 158 26.60 47.50 4.78
C GLN J 158 27.52 48.69 4.68
N GLU J 159 28.18 48.85 3.53
CA GLU J 159 29.15 49.91 3.34
C GLU J 159 28.51 51.29 3.43
N ALA J 160 27.30 51.44 2.92
CA ALA J 160 26.62 52.75 2.96
C ALA J 160 26.41 53.18 4.39
N PHE J 161 25.88 52.27 5.20
CA PHE J 161 25.62 52.59 6.61
C PHE J 161 26.88 52.74 7.42
N ASP J 162 27.92 51.98 7.11
CA ASP J 162 29.20 52.11 7.82
C ASP J 162 29.82 53.48 7.57
N GLU J 163 29.70 53.97 6.35
CA GLU J 163 30.10 55.34 6.01
C GLU J 163 29.30 56.40 6.81
N LEU J 164 28.00 56.21 6.89
CA LEU J 164 27.16 57.14 7.63
C LEU J 164 27.45 57.12 9.13
N ILE J 165 27.72 55.92 9.65
CA ILE J 165 28.08 55.75 11.07
C ILE J 165 29.38 56.48 11.40
N GLU J 166 30.35 56.37 10.52
CA GLU J 166 31.60 57.08 10.73
C GLU J 166 31.41 58.58 10.73
N LYS J 167 30.55 59.09 9.85
CA LYS J 167 30.19 60.53 9.88
C LYS J 167 29.44 60.93 11.17
N ALA J 168 28.57 60.05 11.68
CA ALA J 168 27.86 60.28 12.95
C ALA J 168 28.84 60.45 14.08
N LYS J 169 29.94 59.69 14.03
CA LYS J 169 30.93 59.72 15.12
C LYS J 169 31.64 61.06 15.23
N GLU J 170 31.55 61.89 14.20
CA GLU J 170 31.95 63.31 14.33
C GLU J 170 30.81 64.33 14.07
N ASP J 171 29.61 64.14 14.65
CA ASP J 171 28.53 65.14 14.62
C ASP J 171 27.94 65.55 13.24
N GLU J 172 28.79 65.89 12.28
CA GLU J 172 28.30 66.56 11.06
C GLU J 172 27.61 65.55 10.15
N ILE J 173 26.52 64.90 10.61
CA ILE J 173 25.67 64.28 9.60
C ILE J 173 24.83 65.37 8.94
N SER J 174 25.29 65.82 7.78
CA SER J 174 24.56 66.76 6.96
C SER J 174 23.81 66.02 5.85
N GLU J 175 22.91 66.74 5.18
CA GLU J 175 22.17 66.19 4.02
C GLU J 175 23.13 65.55 3.02
N ASN J 176 24.26 66.21 2.77
CA ASN J 176 25.27 65.74 1.82
C ASN J 176 25.84 64.35 2.15
N ASP J 177 25.80 63.98 3.42
CA ASP J 177 26.34 62.71 3.87
C ASP J 177 25.34 61.57 3.71
N LEU J 178 24.06 61.89 3.58
CA LEU J 178 23.04 60.85 3.53
C LEU J 178 23.12 60.03 2.24
N PRO J 179 23.06 58.70 2.37
CA PRO J 179 23.13 57.89 1.13
C PRO J 179 21.98 58.18 0.14
N LYS J 180 22.30 58.14 -1.13
CA LYS J 180 21.31 58.24 -2.19
C LYS J 180 21.63 57.17 -3.24
N LEU J 181 21.21 55.95 -2.95
CA LEU J 181 21.61 54.80 -3.74
C LEU J 181 20.43 54.12 -4.39
N VAL J 182 20.64 53.71 -5.64
CA VAL J 182 19.74 52.82 -6.34
C VAL J 182 20.54 51.60 -6.79
N ILE J 183 20.15 50.45 -6.28
CA ILE J 183 20.91 49.24 -6.45
C ILE J 183 20.17 48.32 -7.42
N ASP J 184 20.88 47.88 -8.44
CA ASP J 184 20.37 46.87 -9.32
C ASP J 184 21.51 46.00 -9.90
N ARG J 185 21.19 45.21 -10.90
CA ARG J 185 22.16 44.36 -11.57
C ARG J 185 23.48 45.08 -11.88
N ASN J 186 23.36 46.26 -12.49
CA ASN J 186 24.53 47.01 -12.97
C ASN J 186 25.41 47.60 -11.85
N THR J 187 24.89 47.64 -10.64
CA THR J 187 25.71 48.01 -9.47
C THR J 187 26.98 47.19 -9.38
N LEU J 188 26.89 45.92 -9.75
CA LEU J 188 28.03 45.03 -9.63
C LEU J 188 29.16 45.44 -10.55
N LEU J 189 28.85 46.11 -11.65
CA LEU J 189 29.86 46.55 -12.60
C LEU J 189 30.82 47.57 -11.99
N GLU J 190 30.43 48.24 -10.92
CA GLU J 190 31.28 49.27 -10.32
C GLU J 190 31.97 48.79 -9.07
N ARG J 191 31.90 47.49 -8.82
CA ARG J 191 32.44 46.93 -7.60
C ARG J 191 33.50 45.88 -7.90
N GLU J 192 34.19 45.42 -6.88
CA GLU J 192 35.18 44.36 -7.07
C GLU J 192 34.81 43.23 -6.13
N GLU J 193 33.53 42.93 -6.07
CA GLU J 193 33.02 41.92 -5.21
C GLU J 193 33.61 40.53 -5.58
N PHE J 194 33.63 40.22 -6.88
CA PHE J 194 33.98 38.92 -7.36
C PHE J 194 35.33 38.91 -7.99
N GLU J 195 36.17 37.97 -7.57
CA GLU J 195 37.43 37.72 -8.27
C GLU J 195 37.19 37.00 -9.63
N ASN J 196 36.25 36.07 -9.69
CA ASN J 196 35.96 35.31 -10.94
C ASN J 196 34.89 36.06 -11.72
N PRO J 197 35.17 36.39 -13.00
CA PRO J 197 34.22 37.14 -13.79
C PRO J 197 32.90 36.39 -14.06
N TYR J 198 32.93 35.07 -14.11
CA TYR J 198 31.68 34.33 -14.33
C TYR J 198 30.81 34.35 -13.06
N ALA J 199 31.45 34.40 -11.90
CA ALA J 199 30.71 34.57 -10.63
C ALA J 199 29.97 35.90 -10.68
N MET J 200 30.67 36.95 -11.12
CA MET J 200 30.02 38.27 -11.29
C MET J 200 28.84 38.23 -12.28
N VAL J 201 28.98 37.59 -13.43
CA VAL J 201 27.90 37.63 -14.40
C VAL J 201 26.75 36.74 -13.98
N LYS J 202 27.05 35.69 -13.22
CA LYS J 202 25.99 34.85 -12.63
C LYS J 202 25.23 35.64 -11.60
N ALA J 203 25.96 36.43 -10.81
CA ALA J 203 25.36 37.34 -9.82
C ALA J 203 24.51 38.42 -10.45
N MET J 204 24.98 38.98 -11.58
CA MET J 204 24.17 39.90 -12.37
C MET J 204 22.88 39.30 -12.90
N ALA J 205 22.98 38.09 -13.46
CA ALA J 205 21.82 37.37 -13.91
C ALA J 205 20.82 37.15 -12.77
N ALA J 206 21.31 36.76 -11.58
CA ALA J 206 20.47 36.58 -10.40
C ALA J 206 19.73 37.83 -10.04
N LEU J 207 20.43 38.95 -10.02
CA LEU J 207 19.81 40.25 -9.75
C LEU J 207 18.83 40.71 -10.83
N GLU J 208 19.10 40.36 -12.08
CA GLU J 208 18.18 40.66 -13.13
C GLU J 208 16.88 39.89 -12.93
N ILE J 209 17.03 38.60 -12.66
CA ILE J 209 15.86 37.74 -12.48
C ILE J 209 15.04 38.20 -11.30
N ALA J 210 15.72 38.50 -10.20
CA ALA J 210 15.05 39.02 -8.99
C ALA J 210 14.24 40.29 -9.26
N GLU J 211 14.88 41.23 -9.94
CA GLU J 211 14.20 42.45 -10.35
C GLU J 211 12.99 42.18 -11.23
N ASN J 212 13.13 41.26 -12.18
CA ASN J 212 12.03 40.85 -13.05
C ASN J 212 10.84 40.18 -12.29
N VAL J 213 11.14 39.52 -11.17
CA VAL J 213 10.10 38.94 -10.32
C VAL J 213 9.02 39.98 -9.95
N ALA J 214 9.45 41.21 -9.62
CA ALA J 214 8.50 42.25 -9.22
C ALA J 214 7.36 42.48 -10.22
N ASP J 215 7.70 42.50 -11.50
CA ASP J 215 6.69 42.77 -12.50
C ASP J 215 5.71 41.60 -12.60
N VAL J 216 6.20 40.40 -12.38
CA VAL J 216 5.31 39.25 -12.45
C VAL J 216 4.36 39.26 -11.26
N SER J 217 4.90 39.50 -10.07
CA SER J 217 4.10 39.60 -8.85
C SER J 217 3.04 40.70 -8.97
N VAL J 218 3.46 41.85 -9.49
CA VAL J 218 2.54 42.98 -9.67
C VAL J 218 1.42 42.62 -10.65
N GLU J 219 1.78 41.97 -11.75
CA GLU J 219 0.76 41.54 -12.69
C GLU J 219 -0.22 40.63 -11.99
N GLY J 220 0.28 39.67 -11.24
CA GLY J 220 -0.60 38.69 -10.61
C GLY J 220 -1.41 39.22 -9.46
N CYS J 221 -0.89 40.22 -8.76
CA CYS J 221 -1.54 40.75 -7.55
C CYS J 221 -2.47 41.92 -7.83
N PHE J 222 -2.13 42.73 -8.83
CA PHE J 222 -2.81 43.99 -9.08
C PHE J 222 -3.44 44.14 -10.46
N VAL J 223 -3.10 43.29 -11.43
CA VAL J 223 -3.66 43.46 -12.74
C VAL J 223 -4.57 42.30 -13.08
N GLU J 224 -4.04 41.07 -13.08
CA GLU J 224 -4.87 39.91 -13.42
C GLU J 224 -5.93 39.66 -12.35
N GLN J 225 -7.18 39.51 -12.78
CA GLN J 225 -8.33 39.36 -11.87
C GLN J 225 -8.95 37.97 -11.84
N ASP J 226 -8.56 37.13 -12.79
CA ASP J 226 -9.05 35.78 -12.87
C ASP J 226 -8.06 34.83 -12.16
N LYS J 227 -8.52 34.19 -11.09
CA LYS J 227 -7.66 33.34 -10.25
C LYS J 227 -7.04 32.17 -11.00
N GLU J 228 -7.71 31.71 -12.06
CA GLU J 228 -7.22 30.63 -12.92
C GLU J 228 -5.98 31.10 -13.66
N ARG J 229 -5.80 32.42 -13.74
CA ARG J 229 -4.63 33.02 -14.32
C ARG J 229 -3.67 33.55 -13.25
N TYR J 230 -4.19 34.27 -12.24
CA TYR J 230 -3.27 34.93 -11.28
C TYR J 230 -2.56 33.97 -10.31
N VAL J 231 -3.15 32.82 -10.01
CA VAL J 231 -2.46 31.89 -9.12
C VAL J 231 -1.19 31.32 -9.78
N PRO J 232 -1.32 30.77 -11.00
CA PRO J 232 -0.11 30.35 -11.74
C PRO J 232 0.90 31.47 -11.91
N ILE J 233 0.41 32.69 -12.18
CA ILE J 233 1.29 33.83 -12.39
C ILE J 233 2.13 34.14 -11.16
N VAL J 234 1.51 34.30 -10.00
CA VAL J 234 2.29 34.55 -8.76
C VAL J 234 3.22 33.40 -8.42
N ALA J 235 2.80 32.16 -8.67
CA ALA J 235 3.66 31.01 -8.38
C ALA J 235 4.88 30.96 -9.28
N SER J 236 4.72 31.41 -10.54
CA SER J 236 5.86 31.45 -11.45
C SER J 236 6.87 32.48 -10.98
N ALA J 237 6.43 33.55 -10.37
CA ALA J 237 7.37 34.55 -9.84
C ALA J 237 8.26 33.92 -8.76
N HIS J 238 7.66 33.08 -7.93
CA HIS J 238 8.41 32.40 -6.91
C HIS J 238 9.38 31.34 -7.48
N GLU J 239 8.98 30.67 -8.55
CA GLU J 239 9.92 29.77 -9.22
C GLU J 239 11.14 30.56 -9.74
N MET J 240 10.89 31.77 -10.22
CA MET J 240 11.95 32.62 -10.73
C MET J 240 12.92 32.98 -9.62
N MET J 241 12.40 33.35 -8.46
CA MET J 241 13.24 33.75 -7.33
C MET J 241 14.07 32.56 -6.79
N ARG J 242 13.50 31.36 -6.82
CA ARG J 242 14.24 30.15 -6.51
C ARG J 242 15.46 29.96 -7.39
N LYS J 243 15.32 30.19 -8.69
CA LYS J 243 16.45 30.04 -9.61
C LYS J 243 17.46 31.16 -9.49
N ALA J 244 16.98 32.35 -9.20
CA ALA J 244 17.89 33.46 -8.92
C ALA J 244 18.81 33.10 -7.73
N ALA J 245 18.24 32.50 -6.68
CA ALA J 245 19.00 32.03 -5.52
C ALA J 245 20.03 31.00 -5.90
N GLU J 246 19.65 30.09 -6.81
CA GLU J 246 20.60 29.12 -7.30
C GLU J 246 21.75 29.74 -8.04
N LEU J 247 21.47 30.76 -8.87
CA LEU J 247 22.53 31.47 -9.56
C LEU J 247 23.48 32.18 -8.62
N ALA J 248 22.92 32.80 -7.60
CA ALA J 248 23.70 33.45 -6.52
C ALA J 248 24.58 32.39 -5.78
N ASP J 249 24.02 31.24 -5.51
CA ASP J 249 24.78 30.12 -4.92
C ASP J 249 25.92 29.67 -5.82
N GLU J 250 25.62 29.47 -7.10
CA GLU J 250 26.62 29.10 -8.09
C GLU J 250 27.78 30.07 -8.15
N ALA J 251 27.47 31.35 -8.08
CA ALA J 251 28.47 32.38 -8.09
C ALA J 251 29.38 32.28 -6.88
N ARG J 252 28.77 32.11 -5.70
CA ARG J 252 29.57 31.99 -4.49
C ARG J 252 30.45 30.74 -4.51
N GLU J 253 29.95 29.63 -5.05
CA GLU J 253 30.74 28.42 -5.19
C GLU J 253 31.91 28.58 -6.13
N LEU J 254 31.80 29.43 -7.15
CA LEU J 254 32.93 29.74 -8.01
C LEU J 254 34.02 30.51 -7.29
N GLU J 255 33.63 31.45 -6.43
CA GLU J 255 34.60 32.11 -5.58
C GLU J 255 35.30 31.13 -4.64
N LYS J 256 34.54 30.24 -4.03
CA LYS J 256 35.12 29.15 -3.23
C LYS J 256 36.17 28.34 -4.02
N SER J 257 35.90 28.04 -5.28
CA SER J 257 36.78 27.21 -6.07
C SER J 257 38.12 27.88 -6.28
N ASN J 258 38.14 29.22 -6.21
CA ASN J 258 39.40 30.02 -6.33
C ASN J 258 39.91 30.51 -4.99
N ASP J 259 39.32 30.01 -3.90
CA ASP J 259 39.66 30.51 -2.54
C ASP J 259 39.73 32.04 -2.52
N ALA J 260 38.67 32.67 -2.96
CA ALA J 260 38.67 34.09 -3.22
C ALA J 260 37.39 34.74 -2.71
N VAL J 261 36.71 34.10 -1.76
CA VAL J 261 35.49 34.65 -1.19
C VAL J 261 35.81 35.90 -0.37
N LEU J 262 35.31 37.04 -0.81
CA LEU J 262 35.47 38.24 -0.08
C LEU J 262 34.69 38.20 1.23
N ARG J 263 35.38 38.54 2.31
CA ARG J 263 34.80 38.71 3.63
C ARG J 263 35.25 40.07 4.17
N THR J 264 34.28 40.84 4.65
CA THR J 264 34.54 42.16 5.20
C THR J 264 33.90 42.30 6.58
N PRO J 265 34.45 41.58 7.59
CA PRO J 265 33.90 41.64 8.93
C PRO J 265 34.27 42.92 9.70
N HIS J 266 33.46 43.27 10.69
CA HIS J 266 33.77 44.42 11.56
C HIS J 266 34.73 44.03 12.71
N ALA J 267 35.67 44.91 13.01
CA ALA J 267 36.42 44.85 14.28
C ALA J 267 35.55 45.40 15.41
N PRO J 268 35.93 45.11 16.66
CA PRO J 268 35.22 45.65 17.84
C PRO J 268 35.07 47.18 17.86
N ASP J 269 36.05 47.89 17.30
CA ASP J 269 35.99 49.35 17.20
C ASP J 269 35.24 49.84 15.97
N GLY J 270 34.62 48.93 15.22
CA GLY J 270 33.77 49.32 14.10
C GLY J 270 34.47 49.31 12.75
N LYS J 271 35.80 49.29 12.74
CA LYS J 271 36.54 49.25 11.49
C LYS J 271 36.14 48.04 10.64
N VAL J 272 35.98 48.25 9.33
CA VAL J 272 35.63 47.18 8.42
C VAL J 272 36.93 46.56 7.95
N LEU J 273 37.10 45.28 8.22
CA LEU J 273 38.28 44.56 7.79
C LEU J 273 38.00 43.86 6.47
N SER J 274 39.03 43.22 5.91
CA SER J 274 38.93 42.63 4.60
C SER J 274 39.86 41.42 4.45
N LYS J 275 39.37 40.39 3.77
CA LYS J 275 40.17 39.25 3.36
C LYS J 275 39.54 38.54 2.16
N ARG J 276 40.32 37.71 1.48
CA ARG J 276 39.89 36.85 0.40
C ARG J 276 40.21 35.37 0.64
N LYS J 277 41.44 35.10 1.05
CA LYS J 277 41.86 33.71 1.27
C LYS J 277 41.28 33.18 2.60
N PHE J 278 40.81 31.93 2.58
CA PHE J 278 40.07 31.36 3.71
C PHE J 278 40.85 31.44 5.03
N MET J 279 42.14 31.15 4.95
CA MET J 279 43.02 31.09 6.11
C MET J 279 43.74 32.40 6.42
N GLU J 280 43.46 33.46 5.66
CA GLU J 280 44.07 34.78 5.88
C GLU J 280 43.28 35.55 6.95
N ASP J 281 43.99 36.18 7.88
CA ASP J 281 43.35 37.03 8.88
C ASP J 281 42.79 38.27 8.21
N PRO J 282 41.58 38.68 8.57
CA PRO J 282 41.03 39.88 8.00
C PRO J 282 41.78 41.10 8.55
N GLU J 283 42.03 42.08 7.69
CA GLU J 283 42.81 43.27 8.06
C GLU J 283 42.26 44.50 7.41
N THR K 2 61.12 -8.96 2.23
CA THR K 2 60.66 -8.66 0.87
C THR K 2 59.18 -8.74 0.57
N VAL K 3 58.48 -9.80 0.95
CA VAL K 3 57.02 -9.83 0.81
C VAL K 3 56.40 -9.81 2.21
N ALA K 4 55.54 -8.81 2.49
CA ALA K 4 54.69 -8.81 3.69
C ALA K 4 53.41 -9.61 3.47
N LYS K 5 53.03 -10.39 4.46
CA LYS K 5 51.85 -11.25 4.34
C LYS K 5 50.88 -10.91 5.45
N ALA K 6 49.59 -10.87 5.13
CA ALA K 6 48.57 -10.58 6.09
C ALA K 6 47.27 -11.34 5.82
N ILE K 7 46.55 -11.67 6.89
CA ILE K 7 45.24 -12.23 6.78
C ILE K 7 44.26 -11.19 7.24
N PHE K 8 43.23 -10.97 6.45
CA PHE K 8 42.11 -10.04 6.76
C PHE K 8 40.91 -10.92 7.10
N ILE K 9 40.26 -10.63 8.23
CA ILE K 9 39.09 -11.34 8.72
C ILE K 9 37.98 -10.34 8.75
N LYS K 10 36.88 -10.71 8.08
CA LYS K 10 35.74 -9.82 7.90
C LYS K 10 34.47 -10.50 8.42
N CYS K 11 33.90 -9.95 9.49
CA CYS K 11 32.62 -10.48 10.01
C CYS K 11 31.72 -9.28 10.21
N GLY K 12 30.53 -9.30 9.66
CA GLY K 12 29.65 -8.13 9.65
C GLY K 12 30.15 -7.25 8.50
N ASN K 13 29.60 -6.07 8.34
CA ASN K 13 30.14 -5.18 7.31
C ASN K 13 30.25 -3.72 7.76
N LEU K 14 31.39 -3.10 7.45
CA LEU K 14 31.59 -1.70 7.57
C LEU K 14 32.16 -1.25 6.23
N GLY K 15 32.02 0.03 5.92
CA GLY K 15 32.64 0.56 4.70
C GLY K 15 34.14 0.32 4.70
N THR K 16 34.79 0.51 5.85
CA THR K 16 36.25 0.40 5.86
C THR K 16 36.69 -1.06 5.77
N SER K 17 35.92 -1.96 6.39
CA SER K 17 36.32 -3.35 6.46
C SER K 17 36.12 -3.98 5.10
N MET K 18 35.17 -3.44 4.36
CA MET K 18 34.87 -3.90 3.01
C MET K 18 36.03 -3.59 2.01
N MET K 19 36.62 -2.43 2.16
CA MET K 19 37.65 -1.97 1.26
C MET K 19 39.11 -2.18 1.72
N MET K 20 39.31 -2.51 3.00
CA MET K 20 40.60 -2.34 3.62
C MET K 20 41.74 -3.02 2.87
N ASP K 21 41.53 -4.27 2.45
CA ASP K 21 42.62 -4.98 1.76
C ASP K 21 42.90 -4.41 0.38
N MET K 22 41.83 -3.99 -0.30
CA MET K 22 41.91 -3.54 -1.69
C MET K 22 42.57 -2.20 -1.82
N LEU K 23 42.43 -1.38 -0.80
CA LEU K 23 43.09 -0.09 -0.67
C LEU K 23 44.61 -0.19 -0.68
N LEU K 24 45.11 -1.39 -0.42
CA LEU K 24 46.55 -1.63 -0.39
C LEU K 24 47.15 -2.17 -1.66
N ASP K 25 46.36 -2.54 -2.64
CA ASP K 25 46.92 -3.07 -3.90
C ASP K 25 45.93 -2.82 -5.02
N GLU K 26 45.71 -1.56 -5.29
CA GLU K 26 44.58 -1.08 -6.13
C GLU K 26 44.60 -1.53 -7.59
N ARG K 27 45.79 -1.87 -8.11
CA ARG K 27 45.87 -2.48 -9.44
C ARG K 27 46.45 -3.89 -9.45
N ALA K 28 46.55 -4.53 -8.27
CA ALA K 28 47.07 -5.89 -8.15
C ALA K 28 48.48 -6.04 -8.69
N ASP K 29 49.28 -5.00 -8.64
CA ASP K 29 50.60 -5.09 -9.24
C ASP K 29 51.71 -4.97 -8.19
N ARG K 30 51.34 -4.94 -6.92
CA ARG K 30 52.32 -4.98 -5.84
C ARG K 30 52.93 -6.36 -5.73
N GLU K 31 54.24 -6.36 -5.83
CA GLU K 31 55.05 -7.55 -5.70
C GLU K 31 55.51 -7.80 -4.25
N ASP K 32 55.19 -6.89 -3.33
CA ASP K 32 55.72 -6.96 -1.99
C ASP K 32 54.66 -7.33 -0.95
N VAL K 33 53.49 -7.74 -1.38
CA VAL K 33 52.43 -8.17 -0.46
C VAL K 33 51.77 -9.44 -0.96
N GLU K 34 51.20 -10.17 -0.02
CA GLU K 34 50.32 -11.26 -0.34
C GLU K 34 49.31 -11.39 0.80
N PHE K 35 48.04 -11.41 0.44
CA PHE K 35 46.99 -11.41 1.43
C PHE K 35 46.08 -12.61 1.23
N ARG K 36 45.46 -13.01 2.33
CA ARG K 36 44.37 -13.93 2.37
C ARG K 36 43.28 -13.19 3.11
N VAL K 37 42.06 -13.43 2.68
CA VAL K 37 40.86 -12.82 3.24
C VAL K 37 39.92 -13.95 3.57
N VAL K 38 39.44 -13.99 4.79
CA VAL K 38 38.49 -15.01 5.21
C VAL K 38 37.38 -14.33 6.00
N GLY K 39 36.22 -14.97 6.14
CA GLY K 39 35.11 -14.37 6.87
C GLY K 39 33.83 -15.21 6.84
N THR K 40 32.84 -14.67 7.54
CA THR K 40 31.58 -15.36 7.74
C THR K 40 30.44 -14.48 7.21
N SER K 41 30.79 -13.66 6.24
CA SER K 41 29.89 -12.70 5.62
C SER K 41 29.32 -11.77 6.71
N VAL K 42 28.04 -11.49 6.65
CA VAL K 42 27.45 -10.47 7.49
C VAL K 42 27.33 -10.93 8.95
N LYS K 43 27.51 -12.23 9.22
CA LYS K 43 27.25 -12.72 10.58
C LYS K 43 28.43 -12.50 11.50
N MET K 44 28.15 -11.88 12.64
CA MET K 44 29.19 -11.53 13.63
C MET K 44 28.79 -11.89 15.10
N ASP K 45 27.94 -12.90 15.25
CA ASP K 45 27.70 -13.48 16.55
C ASP K 45 28.96 -14.27 16.95
N PRO K 46 29.15 -14.47 18.26
CA PRO K 46 30.36 -15.12 18.78
C PRO K 46 30.72 -16.45 18.10
N GLU K 47 29.71 -17.27 17.85
CA GLU K 47 29.91 -18.54 17.19
C GLU K 47 30.57 -18.28 15.83
N CYS K 48 30.00 -17.36 15.06
CA CYS K 48 30.49 -17.06 13.69
C CYS K 48 31.88 -16.45 13.70
N VAL K 49 32.09 -15.53 14.63
CA VAL K 49 33.38 -14.86 14.74
C VAL K 49 34.46 -15.87 15.10
N GLU K 50 34.17 -16.75 16.03
CA GLU K 50 35.15 -17.73 16.44
C GLU K 50 35.54 -18.62 15.23
N ALA K 51 34.53 -19.06 14.48
CA ALA K 51 34.75 -19.84 13.23
C ALA K 51 35.63 -19.06 12.23
N ALA K 52 35.39 -17.76 12.10
CA ALA K 52 36.20 -16.91 11.22
C ALA K 52 37.65 -16.84 11.69
N VAL K 53 37.83 -16.58 12.99
CA VAL K 53 39.18 -16.42 13.51
C VAL K 53 39.91 -17.78 13.45
N GLU K 54 39.17 -18.87 13.66
CA GLU K 54 39.71 -20.21 13.51
C GLU K 54 40.18 -20.50 12.10
N MET K 55 39.40 -20.08 11.09
CA MET K 55 39.80 -20.22 9.67
C MET K 55 41.12 -19.54 9.43
N ALA K 56 41.22 -18.30 9.88
CA ALA K 56 42.42 -17.48 9.75
C ALA K 56 43.62 -18.16 10.44
N LEU K 57 43.43 -18.59 11.69
CA LEU K 57 44.51 -19.20 12.43
C LEU K 57 44.91 -20.55 11.81
N ASP K 58 43.95 -21.28 11.26
CA ASP K 58 44.27 -22.48 10.50
C ASP K 58 45.14 -22.19 9.30
N ILE K 59 44.76 -21.18 8.54
CA ILE K 59 45.54 -20.79 7.37
C ILE K 59 46.91 -20.27 7.79
N ALA K 60 46.97 -19.59 8.94
CA ALA K 60 48.19 -18.90 9.36
C ALA K 60 49.32 -19.89 9.67
N GLU K 61 48.95 -21.11 10.04
CA GLU K 61 49.93 -22.17 10.30
C GLU K 61 50.86 -22.36 9.11
N ASP K 62 50.30 -22.40 7.91
CA ASP K 62 51.09 -22.58 6.69
C ASP K 62 51.44 -21.24 6.04
N PHE K 63 50.55 -20.26 6.16
CA PHE K 63 50.75 -18.97 5.53
C PHE K 63 51.82 -18.08 6.23
N GLU K 64 51.89 -18.18 7.54
CA GLU K 64 52.83 -17.40 8.34
C GLU K 64 52.74 -15.88 8.08
N PRO K 65 51.55 -15.28 8.34
CA PRO K 65 51.36 -13.85 8.15
C PRO K 65 52.18 -13.02 9.10
N ASP K 66 52.55 -11.83 8.66
CA ASP K 66 53.23 -10.90 9.56
C ASP K 66 52.27 -10.21 10.51
N PHE K 67 51.02 -10.02 10.07
CA PHE K 67 49.96 -9.54 10.94
C PHE K 67 48.61 -10.03 10.46
N ILE K 68 47.60 -9.84 11.31
CA ILE K 68 46.22 -10.24 11.05
C ILE K 68 45.36 -9.04 11.32
N VAL K 69 44.40 -8.78 10.41
CA VAL K 69 43.44 -7.67 10.56
C VAL K 69 42.04 -8.25 10.73
N TYR K 70 41.33 -7.82 11.78
CA TYR K 70 39.95 -8.15 11.96
C TYR K 70 39.17 -6.87 11.75
N GLY K 71 38.18 -6.94 10.88
CA GLY K 71 37.41 -5.75 10.58
C GLY K 71 35.95 -6.03 10.59
N GLY K 72 35.22 -5.17 11.28
CA GLY K 72 33.76 -5.21 11.21
C GLY K 72 33.23 -4.30 12.28
N PRO K 73 31.88 -4.20 12.38
CA PRO K 73 31.20 -3.35 13.34
C PRO K 73 31.47 -3.69 14.83
N ASN K 74 31.43 -2.64 15.64
CA ASN K 74 31.42 -2.69 17.09
C ASN K 74 32.35 -3.70 17.75
N PRO K 75 33.63 -3.33 17.90
CA PRO K 75 34.62 -4.12 18.61
C PRO K 75 34.20 -4.47 20.04
N ALA K 76 33.25 -3.73 20.61
CA ALA K 76 32.82 -3.96 21.98
C ALA K 76 31.73 -5.04 22.06
N ALA K 77 31.19 -5.47 20.92
CA ALA K 77 30.08 -6.45 20.92
C ALA K 77 30.63 -7.83 21.18
N PRO K 78 29.75 -8.78 21.59
CA PRO K 78 30.22 -10.10 22.04
C PRO K 78 31.08 -10.85 21.02
N GLY K 79 30.67 -10.86 19.75
CA GLY K 79 31.45 -11.56 18.74
C GLY K 79 32.81 -10.92 18.55
N PRO K 80 32.84 -9.64 18.20
CA PRO K 80 34.13 -8.98 18.06
C PRO K 80 35.01 -9.02 19.31
N SER K 81 34.41 -9.05 20.48
CA SER K 81 35.20 -9.21 21.71
C SER K 81 35.90 -10.56 21.74
N LYS K 82 35.22 -11.61 21.29
CA LYS K 82 35.84 -12.95 21.18
CA LYS K 82 35.84 -12.92 21.17
C LYS K 82 37.01 -12.86 20.20
N ALA K 83 36.84 -12.19 19.05
CA ALA K 83 37.95 -12.11 18.08
C ALA K 83 39.21 -11.37 18.67
N ARG K 84 38.94 -10.28 19.37
CA ARG K 84 40.00 -9.47 20.00
C ARG K 84 40.81 -10.32 20.96
N GLU K 85 40.14 -11.07 21.79
CA GLU K 85 40.87 -11.88 22.77
C GLU K 85 41.62 -13.02 22.05
N MET K 86 40.94 -13.67 21.10
CA MET K 86 41.56 -14.78 20.38
C MET K 86 42.81 -14.30 19.65
N LEU K 87 42.71 -13.14 19.01
CA LEU K 87 43.85 -12.54 18.30
C LEU K 87 44.89 -11.99 19.23
N ALA K 88 44.45 -11.39 20.33
CA ALA K 88 45.40 -10.91 21.38
C ALA K 88 46.22 -12.06 21.96
N ASP K 89 45.56 -13.20 22.15
CA ASP K 89 46.22 -14.37 22.68
C ASP K 89 47.05 -15.16 21.65
N SER K 90 46.94 -14.82 20.37
CA SER K 90 47.75 -15.51 19.35
C SER K 90 49.16 -14.95 19.27
N GLU K 91 50.00 -15.66 18.53
CA GLU K 91 51.36 -15.18 18.27
C GLU K 91 51.45 -14.08 17.20
N TYR K 92 50.32 -13.69 16.60
CA TYR K 92 50.33 -12.75 15.48
C TYR K 92 49.91 -11.35 15.87
N PRO K 93 50.75 -10.35 15.54
CA PRO K 93 50.32 -8.98 15.75
C PRO K 93 48.99 -8.78 15.04
N ALA K 94 48.07 -8.05 15.66
CA ALA K 94 46.76 -7.86 15.08
C ALA K 94 46.21 -6.45 15.24
N VAL K 95 45.40 -6.07 14.24
CA VAL K 95 44.73 -4.79 14.12
C VAL K 95 43.21 -4.94 14.01
N ILE K 96 42.48 -4.12 14.77
CA ILE K 96 41.03 -4.13 14.79
C ILE K 96 40.53 -2.89 14.10
N ILE K 97 39.80 -3.09 13.02
CA ILE K 97 39.12 -2.00 12.30
C ILE K 97 37.69 -2.02 12.74
N GLY K 98 37.24 -0.89 13.23
CA GLY K 98 35.88 -0.79 13.66
C GLY K 98 35.35 0.60 13.55
N ASP K 99 34.25 0.84 14.23
CA ASP K 99 33.48 2.09 14.15
C ASP K 99 33.46 2.82 15.51
N ALA K 100 32.62 3.84 15.67
CA ALA K 100 32.56 4.64 16.93
C ALA K 100 32.29 3.87 18.22
N PRO K 101 31.36 2.90 18.21
CA PRO K 101 31.14 2.13 19.43
C PRO K 101 32.40 1.36 19.94
N GLY K 102 33.38 1.11 19.07
CA GLY K 102 34.66 0.58 19.51
C GLY K 102 35.41 1.45 20.54
N LEU K 103 35.12 2.76 20.58
CA LEU K 103 35.68 3.69 21.58
C LEU K 103 35.58 3.18 23.01
N LYS K 104 34.45 2.51 23.30
CA LYS K 104 34.18 1.89 24.59
C LYS K 104 35.23 0.87 25.06
N VAL K 105 35.95 0.21 24.15
CA VAL K 105 36.95 -0.79 24.48
C VAL K 105 38.35 -0.38 24.03
N LYS K 106 38.53 0.91 23.79
CA LYS K 106 39.81 1.43 23.33
C LYS K 106 40.94 1.08 24.28
N ASP K 107 40.78 1.36 25.56
CA ASP K 107 41.83 1.05 26.56
C ASP K 107 41.99 -0.44 26.76
N GLU K 108 40.87 -1.17 26.66
CA GLU K 108 40.90 -2.62 26.66
C GLU K 108 41.80 -3.17 25.54
N MET K 109 41.64 -2.61 24.35
CA MET K 109 42.44 -3.01 23.19
C MET K 109 43.90 -2.74 23.37
N GLU K 110 44.20 -1.59 23.93
CA GLU K 110 45.57 -1.25 24.25
C GLU K 110 46.17 -2.22 25.26
N GLU K 111 45.38 -2.60 26.26
CA GLU K 111 45.84 -3.56 27.28
C GLU K 111 46.01 -4.94 26.67
N GLN K 112 45.17 -5.25 25.68
CA GLN K 112 45.29 -6.48 24.87
C GLN K 112 46.48 -6.52 23.90
N GLY K 113 47.17 -5.40 23.73
CA GLY K 113 48.30 -5.33 22.82
C GLY K 113 47.88 -5.34 21.36
N LEU K 114 46.64 -4.93 21.10
CA LEU K 114 46.09 -4.82 19.74
C LEU K 114 46.22 -3.42 19.18
N GLY K 115 46.50 -3.35 17.89
CA GLY K 115 46.27 -2.14 17.11
C GLY K 115 44.79 -1.92 16.86
N TYR K 116 44.42 -0.67 16.58
CA TYR K 116 43.08 -0.38 16.07
C TYR K 116 43.04 0.84 15.16
N ILE K 117 42.02 0.84 14.35
CA ILE K 117 41.59 2.00 13.54
C ILE K 117 40.09 2.06 13.66
N LEU K 118 39.63 3.05 14.39
CA LEU K 118 38.24 3.27 14.64
C LEU K 118 37.75 4.43 13.82
N VAL K 119 36.83 4.17 12.93
CA VAL K 119 36.40 5.18 11.98
C VAL K 119 35.01 5.64 12.39
N LYS K 120 34.93 6.79 13.01
CA LYS K 120 33.63 7.31 13.54
C LYS K 120 32.56 7.53 12.46
N PRO K 121 32.92 8.09 11.31
CA PRO K 121 31.92 8.22 10.23
C PRO K 121 31.49 6.92 9.55
N ASP K 122 32.06 5.78 9.92
CA ASP K 122 31.69 4.52 9.29
C ASP K 122 30.41 4.08 10.02
N ALA K 123 29.32 4.78 9.73
CA ALA K 123 28.12 4.70 10.53
C ALA K 123 27.26 3.47 10.23
N MET K 124 26.68 2.89 11.28
CA MET K 124 25.62 1.88 11.14
C MET K 124 24.42 2.38 10.30
N LEU K 125 23.96 1.50 9.45
CA LEU K 125 22.80 1.80 8.63
C LEU K 125 21.51 1.50 9.39
N GLY K 126 20.40 1.79 8.70
CA GLY K 126 19.03 1.71 9.19
C GLY K 126 18.43 0.32 9.00
N ALA K 127 18.84 -0.58 9.89
CA ALA K 127 18.64 -1.98 9.76
C ALA K 127 17.29 -2.43 10.38
N ARG K 128 16.20 -1.98 9.75
CA ARG K 128 14.85 -2.45 10.05
C ARG K 128 14.34 -3.13 8.77
N ARG K 129 13.73 -4.29 8.92
CA ARG K 129 13.25 -5.04 7.74
C ARG K 129 12.29 -4.25 6.82
N GLU K 130 11.51 -3.33 7.39
CA GLU K 130 10.53 -2.57 6.60
C GLU K 130 11.15 -1.60 5.62
N PHE K 131 12.44 -1.28 5.83
CA PHE K 131 13.18 -0.29 5.04
C PHE K 131 14.41 -0.94 4.34
N LEU K 132 15.18 -1.72 5.09
CA LEU K 132 16.46 -2.19 4.58
C LEU K 132 16.32 -3.52 3.85
N ASP K 133 16.20 -3.46 2.51
CA ASP K 133 16.36 -4.69 1.72
C ASP K 133 17.81 -4.71 1.16
N PRO K 134 18.16 -5.74 0.39
CA PRO K 134 19.52 -5.81 -0.19
C PRO K 134 19.92 -4.62 -1.01
N VAL K 135 19.00 -4.14 -1.86
CA VAL K 135 19.23 -2.96 -2.66
C VAL K 135 19.48 -1.71 -1.80
N GLU K 136 18.60 -1.44 -0.85
CA GLU K 136 18.84 -0.27 0.02
C GLU K 136 20.19 -0.40 0.81
N MET K 137 20.51 -1.60 1.25
CA MET K 137 21.78 -1.86 1.94
C MET K 137 22.95 -1.50 0.99
N ALA K 138 22.82 -1.87 -0.28
CA ALA K 138 23.88 -1.61 -1.22
C ALA K 138 23.98 -0.14 -1.53
N ILE K 139 22.83 0.53 -1.60
CA ILE K 139 22.78 1.94 -1.92
C ILE K 139 23.49 2.73 -0.82
N TYR K 140 23.19 2.38 0.42
CA TYR K 140 23.81 3.02 1.57
C TYR K 140 25.33 2.84 1.53
N ASN K 141 25.77 1.61 1.29
CA ASN K 141 27.17 1.30 1.17
C ASN K 141 27.86 2.08 0.08
N ALA K 142 27.15 2.33 -1.04
CA ALA K 142 27.73 3.15 -2.10
C ALA K 142 27.96 4.58 -1.66
N ASP K 143 26.96 5.16 -1.00
CA ASP K 143 27.11 6.52 -0.51
C ASP K 143 28.21 6.64 0.57
N LEU K 144 28.23 5.69 1.48
CA LEU K 144 29.23 5.67 2.51
C LEU K 144 30.64 5.51 1.94
N MET K 145 30.82 4.62 0.96
CA MET K 145 32.11 4.41 0.33
C MET K 145 32.58 5.69 -0.34
N LYS K 146 31.65 6.37 -0.99
CA LYS K 146 31.95 7.64 -1.59
C LYS K 146 32.42 8.68 -0.57
N VAL K 147 31.72 8.75 0.53
CA VAL K 147 32.13 9.65 1.63
C VAL K 147 33.53 9.26 2.16
N LEU K 148 33.76 8.00 2.48
CA LEU K 148 35.06 7.59 3.08
C LEU K 148 36.22 7.73 2.08
N ALA K 149 35.93 7.49 0.83
CA ALA K 149 36.92 7.70 -0.24
C ALA K 149 37.21 9.20 -0.50
N ALA K 150 36.18 9.96 -0.90
CA ALA K 150 36.43 11.30 -1.41
C ALA K 150 36.82 12.32 -0.32
N THR K 151 36.51 12.02 0.94
CA THR K 151 36.93 12.89 2.03
C THR K 151 38.40 12.63 2.44
N GLY K 152 39.02 11.54 1.99
CA GLY K 152 40.36 11.22 2.40
C GLY K 152 40.48 10.24 3.55
N VAL K 153 39.38 9.79 4.10
CA VAL K 153 39.45 8.78 5.20
C VAL K 153 40.21 7.53 4.77
N PHE K 154 39.88 7.02 3.60
CA PHE K 154 40.55 5.82 3.09
C PHE K 154 42.02 6.00 2.89
N ARG K 155 42.44 7.23 2.58
CA ARG K 155 43.86 7.51 2.49
C ARG K 155 44.54 7.43 3.83
N VAL K 156 43.86 7.86 4.91
CA VAL K 156 44.36 7.67 6.27
C VAL K 156 44.59 6.19 6.61
N VAL K 157 43.61 5.37 6.27
CA VAL K 157 43.66 3.94 6.48
C VAL K 157 44.76 3.30 5.62
N GLN K 158 44.80 3.66 4.34
CA GLN K 158 45.85 3.20 3.43
C GLN K 158 47.25 3.46 3.99
N GLU K 159 47.47 4.68 4.44
CA GLU K 159 48.75 5.07 5.01
C GLU K 159 49.13 4.27 6.25
N ALA K 160 48.18 4.03 7.13
CA ALA K 160 48.45 3.33 8.40
C ALA K 160 48.88 1.92 8.09
N PHE K 161 48.20 1.26 7.15
CA PHE K 161 48.60 -0.09 6.76
C PHE K 161 49.88 -0.13 5.93
N ASP K 162 50.10 0.83 5.06
CA ASP K 162 51.35 0.87 4.31
C ASP K 162 52.53 1.02 5.27
N GLU K 163 52.36 1.80 6.33
CA GLU K 163 53.42 1.92 7.34
C GLU K 163 53.69 0.61 8.04
N LEU K 164 52.61 -0.08 8.39
CA LEU K 164 52.70 -1.37 9.07
C LEU K 164 53.38 -2.43 8.18
N ILE K 165 53.04 -2.40 6.90
CA ILE K 165 53.60 -3.32 5.92
C ILE K 165 55.09 -3.09 5.74
N GLU K 166 55.52 -1.83 5.75
CA GLU K 166 56.93 -1.52 5.71
C GLU K 166 57.67 -2.06 6.93
N LYS K 167 57.08 -1.99 8.12
CA LYS K 167 57.64 -2.59 9.34
C LYS K 167 57.73 -4.09 9.18
N ALA K 168 56.64 -4.71 8.72
CA ALA K 168 56.57 -6.17 8.55
C ALA K 168 57.69 -6.66 7.68
N LYS K 169 58.10 -5.87 6.68
CA LYS K 169 59.11 -6.33 5.73
C LYS K 169 60.51 -6.34 6.36
N GLU K 170 60.63 -5.75 7.57
CA GLU K 170 61.83 -5.94 8.39
C GLU K 170 61.44 -6.59 9.70
N ASP K 171 60.43 -7.47 9.63
CA ASP K 171 60.26 -8.44 10.68
C ASP K 171 59.83 -7.91 12.07
N GLU K 172 60.37 -6.81 12.52
CA GLU K 172 60.18 -6.47 13.93
C GLU K 172 58.80 -5.84 14.17
N ILE K 173 57.65 -6.48 13.87
CA ILE K 173 56.39 -5.80 14.26
C ILE K 173 56.20 -5.91 15.77
N SER K 174 56.47 -4.82 16.48
CA SER K 174 56.22 -4.76 17.90
C SER K 174 54.90 -4.03 18.14
N GLU K 175 54.42 -4.07 19.38
CA GLU K 175 53.18 -3.41 19.81
C GLU K 175 53.16 -1.93 19.47
N ASN K 176 54.32 -1.28 19.64
CA ASN K 176 54.50 0.15 19.32
C ASN K 176 54.30 0.51 17.86
N ASP K 177 54.54 -0.47 17.00
CA ASP K 177 54.32 -0.30 15.57
C ASP K 177 52.85 -0.38 15.20
N LEU K 178 51.99 -0.93 16.06
CA LEU K 178 50.61 -1.18 15.61
C LEU K 178 49.83 0.12 15.65
N PRO K 179 49.02 0.38 14.60
CA PRO K 179 48.24 1.63 14.60
C PRO K 179 47.28 1.72 15.77
N LYS K 180 47.08 2.94 16.24
CA LYS K 180 46.10 3.26 17.25
C LYS K 180 45.42 4.55 16.83
N LEU K 181 44.50 4.43 15.90
CA LEU K 181 43.86 5.60 15.26
C LEU K 181 42.35 5.69 15.51
N VAL K 182 41.91 6.90 15.74
CA VAL K 182 40.51 7.24 15.80
C VAL K 182 40.27 8.34 14.74
N ILE K 183 39.48 8.03 13.73
CA ILE K 183 39.33 8.93 12.59
C ILE K 183 37.95 9.56 12.67
N ASP K 184 37.92 10.88 12.60
CA ASP K 184 36.69 11.62 12.50
C ASP K 184 36.88 12.88 11.66
N ARG K 185 35.85 13.71 11.61
CA ARG K 185 35.86 14.95 10.91
C ARG K 185 37.17 15.76 11.15
N ASN K 186 37.57 15.86 12.41
CA ASN K 186 38.72 16.68 12.76
C ASN K 186 40.04 16.08 12.31
N THR K 187 40.06 14.81 11.90
CA THR K 187 41.26 14.18 11.38
C THR K 187 41.77 14.98 10.16
N LEU K 188 40.86 15.55 9.38
CA LEU K 188 41.24 16.28 8.22
C LEU K 188 42.05 17.50 8.53
N LEU K 189 41.92 18.03 9.75
CA LEU K 189 42.65 19.22 10.14
C LEU K 189 44.15 18.99 10.31
N GLU K 190 44.60 17.76 10.43
CA GLU K 190 46.05 17.49 10.61
C GLU K 190 46.61 16.92 9.31
N ARG K 191 45.86 17.03 8.21
CA ARG K 191 46.29 16.48 6.95
C ARG K 191 46.41 17.58 5.93
N GLU K 192 46.91 17.17 4.79
CA GLU K 192 47.04 18.03 3.68
C GLU K 192 46.32 17.47 2.48
N GLU K 193 45.19 16.82 2.68
CA GLU K 193 44.47 16.16 1.64
C GLU K 193 44.08 17.17 0.53
N PHE K 194 43.52 18.30 0.92
CA PHE K 194 42.87 19.21 -0.02
C PHE K 194 43.71 20.44 -0.26
N GLU K 195 43.96 20.76 -1.53
CA GLU K 195 44.60 22.02 -1.93
C GLU K 195 43.62 23.18 -1.66
N ASN K 196 42.34 22.98 -1.91
CA ASN K 196 41.36 24.03 -1.72
C ASN K 196 40.71 23.94 -0.34
N PRO K 197 40.67 25.06 0.41
CA PRO K 197 40.18 25.03 1.79
C PRO K 197 38.65 24.73 1.91
N TYR K 198 37.89 25.07 0.86
CA TYR K 198 36.46 24.79 0.83
C TYR K 198 36.17 23.36 0.55
N ALA K 199 37.01 22.74 -0.27
CA ALA K 199 36.95 21.30 -0.42
C ALA K 199 37.16 20.62 0.95
N MET K 200 38.18 21.02 1.68
CA MET K 200 38.38 20.48 3.05
C MET K 200 37.17 20.65 3.96
N VAL K 201 36.55 21.82 3.98
CA VAL K 201 35.44 22.06 4.90
C VAL K 201 34.17 21.40 4.47
N LYS K 202 34.00 21.23 3.17
CA LYS K 202 32.91 20.36 2.66
C LYS K 202 33.12 18.94 3.08
N ALA K 203 34.36 18.45 2.98
CA ALA K 203 34.65 17.10 3.34
C ALA K 203 34.45 16.88 4.85
N MET K 204 34.81 17.87 5.68
CA MET K 204 34.61 17.80 7.12
C MET K 204 33.09 17.78 7.44
N ALA K 205 32.32 18.61 6.74
CA ALA K 205 30.86 18.56 6.83
C ALA K 205 30.30 17.18 6.46
N ALA K 206 30.81 16.54 5.41
CA ALA K 206 30.38 15.22 5.01
C ALA K 206 30.63 14.26 6.12
N LEU K 207 31.82 14.35 6.73
CA LEU K 207 32.19 13.43 7.77
C LEU K 207 31.40 13.64 9.06
N GLU K 208 31.04 14.91 9.33
CA GLU K 208 30.22 15.21 10.46
C GLU K 208 28.83 14.58 10.28
N ILE K 209 28.25 14.75 9.09
CA ILE K 209 26.93 14.20 8.82
C ILE K 209 27.00 12.69 8.91
N ALA K 210 27.99 12.04 8.28
CA ALA K 210 28.15 10.58 8.35
C ALA K 210 28.23 10.07 9.78
N GLU K 211 29.05 10.73 10.61
CA GLU K 211 29.11 10.39 12.03
C GLU K 211 27.74 10.55 12.74
N ASN K 212 27.01 11.62 12.40
CA ASN K 212 25.68 11.83 12.96
C ASN K 212 24.66 10.76 12.51
N VAL K 213 24.88 10.18 11.35
CA VAL K 213 23.98 9.10 10.89
C VAL K 213 23.86 7.96 11.91
N ALA K 214 24.98 7.59 12.53
CA ALA K 214 25.02 6.50 13.53
C ALA K 214 23.99 6.67 14.61
N ASP K 215 23.93 7.88 15.19
CA ASP K 215 23.00 8.17 16.25
C ASP K 215 21.56 8.03 15.83
N VAL K 216 21.26 8.45 14.61
CA VAL K 216 19.91 8.29 14.05
C VAL K 216 19.59 6.82 13.82
N SER K 217 20.49 6.09 13.16
CA SER K 217 20.27 4.64 12.96
C SER K 217 20.08 3.90 14.32
N VAL K 218 20.90 4.22 15.30
CA VAL K 218 20.83 3.57 16.65
C VAL K 218 19.48 3.91 17.30
N GLU K 219 19.05 5.17 17.19
CA GLU K 219 17.75 5.49 17.70
C GLU K 219 16.65 4.66 17.02
N GLY K 220 16.69 4.57 15.71
CA GLY K 220 15.67 3.85 15.00
C GLY K 220 15.73 2.37 15.14
N CYS K 221 16.92 1.81 15.36
CA CYS K 221 17.05 0.36 15.44
C CYS K 221 16.96 -0.17 16.86
N PHE K 222 17.36 0.62 17.83
CA PHE K 222 17.56 0.12 19.21
C PHE K 222 16.76 0.83 20.30
N VAL K 223 16.17 1.98 20.00
CA VAL K 223 15.46 2.77 20.99
C VAL K 223 14.00 2.88 20.65
N GLU K 224 13.68 3.45 19.48
CA GLU K 224 12.29 3.63 19.08
C GLU K 224 11.68 2.28 18.74
N GLN K 225 10.48 2.02 19.27
CA GLN K 225 9.84 0.71 19.17
C GLN K 225 8.57 0.69 18.30
N ASP K 226 8.07 1.89 17.95
CA ASP K 226 6.88 2.06 17.13
C ASP K 226 7.28 2.23 15.65
N LYS K 227 6.81 1.33 14.80
CA LYS K 227 7.27 1.29 13.42
C LYS K 227 6.84 2.52 12.61
N GLU K 228 5.74 3.15 13.04
CA GLU K 228 5.33 4.41 12.44
C GLU K 228 6.38 5.47 12.70
N ARG K 229 7.22 5.30 13.73
CA ARG K 229 8.29 6.25 14.02
C ARG K 229 9.60 5.69 13.57
N TYR K 230 9.91 4.43 13.88
CA TYR K 230 11.25 3.94 13.53
C TYR K 230 11.53 3.82 12.03
N VAL K 231 10.53 3.53 11.18
CA VAL K 231 10.78 3.43 9.77
C VAL K 231 11.18 4.81 9.14
N PRO K 232 10.38 5.85 9.37
CA PRO K 232 10.88 7.17 9.01
C PRO K 232 12.26 7.53 9.57
N ILE K 233 12.52 7.19 10.84
CA ILE K 233 13.76 7.59 11.44
C ILE K 233 14.91 6.92 10.70
N VAL K 234 14.84 5.61 10.47
CA VAL K 234 15.95 4.96 9.78
C VAL K 234 16.12 5.49 8.38
N ALA K 235 14.98 5.76 7.72
CA ALA K 235 15.04 6.27 6.33
C ALA K 235 15.64 7.66 6.30
N SER K 236 15.37 8.48 7.31
CA SER K 236 16.00 9.79 7.44
C SER K 236 17.54 9.67 7.54
N ALA K 237 18.02 8.64 8.23
CA ALA K 237 19.47 8.43 8.32
C ALA K 237 20.14 8.17 6.93
N HIS K 238 19.46 7.41 6.09
CA HIS K 238 19.92 7.15 4.74
C HIS K 238 19.91 8.33 3.83
N GLU K 239 18.91 9.20 4.00
CA GLU K 239 18.92 10.47 3.27
C GLU K 239 20.08 11.38 3.69
N MET K 240 20.40 11.37 4.98
CA MET K 240 21.59 12.13 5.44
C MET K 240 22.85 11.56 4.81
N MET K 241 23.04 10.25 4.74
CA MET K 241 24.25 9.69 4.14
C MET K 241 24.34 10.07 2.66
N ARG K 242 23.22 10.03 1.96
CA ARG K 242 23.12 10.45 0.56
C ARG K 242 23.63 11.87 0.33
N LYS K 243 23.25 12.80 1.20
CA LYS K 243 23.76 14.16 1.12
C LYS K 243 25.22 14.30 1.57
N ALA K 244 25.66 13.47 2.52
CA ALA K 244 27.05 13.46 2.87
C ALA K 244 27.89 13.03 1.67
N ALA K 245 27.40 12.04 0.87
CA ALA K 245 28.10 11.62 -0.35
C ALA K 245 28.17 12.75 -1.35
N GLU K 246 27.09 13.50 -1.46
CA GLU K 246 27.04 14.67 -2.33
CA GLU K 246 27.08 14.60 -2.39
C GLU K 246 28.08 15.70 -1.97
N LEU K 247 28.18 15.99 -0.68
CA LEU K 247 29.16 16.96 -0.20
C LEU K 247 30.55 16.51 -0.50
N ALA K 248 30.84 15.23 -0.28
CA ALA K 248 32.15 14.64 -0.60
C ALA K 248 32.45 14.74 -2.12
N ASP K 249 31.47 14.46 -2.95
CA ASP K 249 31.60 14.64 -4.42
C ASP K 249 31.93 16.08 -4.78
N GLU K 250 31.20 16.99 -4.21
CA GLU K 250 31.42 18.40 -4.37
C GLU K 250 32.85 18.80 -3.94
N ALA K 251 33.37 18.24 -2.87
CA ALA K 251 34.71 18.58 -2.43
C ALA K 251 35.65 18.08 -3.54
N ARG K 252 35.40 16.90 -4.05
CA ARG K 252 36.30 16.34 -5.07
C ARG K 252 36.28 17.11 -6.35
N GLU K 253 35.11 17.63 -6.74
CA GLU K 253 35.02 18.46 -7.91
C GLU K 253 35.76 19.78 -7.76
N LEU K 254 35.75 20.38 -6.58
CA LEU K 254 36.59 21.57 -6.35
C LEU K 254 38.06 21.28 -6.55
N GLU K 255 38.55 20.15 -6.08
CA GLU K 255 39.95 19.78 -6.35
C GLU K 255 40.23 19.59 -7.86
N LYS K 256 39.30 18.96 -8.56
CA LYS K 256 39.35 18.89 -10.04
C LYS K 256 39.42 20.26 -10.69
N SER K 257 38.64 21.24 -10.19
CA SER K 257 38.62 22.54 -10.78
C SER K 257 39.98 23.26 -10.65
N ASN K 258 40.77 22.89 -9.66
CA ASN K 258 42.12 23.47 -9.54
C ASN K 258 43.20 22.55 -10.02
N ASP K 259 42.80 21.46 -10.68
CA ASP K 259 43.73 20.38 -11.09
C ASP K 259 44.69 19.98 -9.94
N ALA K 260 44.10 19.60 -8.82
CA ALA K 260 44.85 19.40 -7.61
C ALA K 260 44.41 18.19 -6.87
N VAL K 261 43.86 17.21 -7.58
CA VAL K 261 43.41 15.99 -7.00
C VAL K 261 44.60 15.14 -6.54
N LEU K 262 44.75 15.01 -5.23
CA LEU K 262 45.76 14.14 -4.68
C LEU K 262 45.56 12.65 -5.07
N ARG K 263 46.62 12.05 -5.63
CA ARG K 263 46.60 10.63 -5.92
C ARG K 263 47.86 10.04 -5.34
N THR K 264 47.73 8.92 -4.63
CA THR K 264 48.87 8.29 -4.00
C THR K 264 48.90 6.78 -4.31
N PRO K 265 49.22 6.43 -5.55
CA PRO K 265 49.22 5.03 -5.90
C PRO K 265 50.48 4.31 -5.47
N HIS K 266 50.40 2.99 -5.48
CA HIS K 266 51.55 2.13 -5.14
C HIS K 266 52.34 1.83 -6.39
N ALA K 267 53.66 1.83 -6.27
CA ALA K 267 54.53 1.27 -7.27
C ALA K 267 54.58 -0.25 -7.05
N PRO K 268 55.08 -1.01 -8.03
CA PRO K 268 55.17 -2.47 -7.92
C PRO K 268 55.97 -2.97 -6.72
N ASP K 269 56.96 -2.19 -6.30
CA ASP K 269 57.75 -2.52 -5.12
C ASP K 269 57.12 -2.02 -3.85
N GLY K 270 55.91 -1.47 -3.93
CA GLY K 270 55.17 -1.10 -2.74
C GLY K 270 55.21 0.37 -2.37
N LYS K 271 56.23 1.07 -2.87
CA LYS K 271 56.43 2.46 -2.53
C LYS K 271 55.16 3.23 -2.83
N VAL K 272 54.78 4.10 -1.91
CA VAL K 272 53.63 4.95 -2.12
C VAL K 272 54.10 6.19 -2.90
N LEU K 273 53.58 6.37 -4.10
CA LEU K 273 53.93 7.53 -4.90
C LEU K 273 52.90 8.64 -4.65
N SER K 274 53.15 9.82 -5.20
CA SER K 274 52.26 10.95 -5.02
C SER K 274 52.27 11.82 -6.24
N LYS K 275 51.13 12.47 -6.47
CA LYS K 275 50.99 13.49 -7.50
C LYS K 275 49.76 14.30 -7.20
N ARG K 276 49.69 15.48 -7.81
CA ARG K 276 48.53 16.35 -7.74
C ARG K 276 47.97 16.75 -9.11
N LYS K 277 48.82 17.10 -10.06
CA LYS K 277 48.36 17.48 -11.38
C LYS K 277 47.97 16.24 -12.21
N PHE K 278 46.92 16.37 -13.01
CA PHE K 278 46.39 15.25 -13.76
C PHE K 278 47.47 14.58 -14.65
N MET K 279 48.27 15.38 -15.31
CA MET K 279 49.29 14.86 -16.23
C MET K 279 50.67 14.60 -15.59
N GLU K 280 50.80 14.82 -14.31
CA GLU K 280 52.03 14.60 -13.56
C GLU K 280 52.25 13.08 -13.31
N ASP K 281 53.44 12.58 -13.61
CA ASP K 281 53.76 11.19 -13.25
C ASP K 281 53.83 11.09 -11.74
N PRO K 282 53.24 10.05 -11.13
CA PRO K 282 53.40 9.96 -9.68
C PRO K 282 54.84 9.59 -9.25
N GLU K 283 55.32 10.20 -8.16
CA GLU K 283 56.69 10.03 -7.72
C GLU K 283 56.77 9.84 -6.21
N THR L 2 38.88 39.36 -50.98
CA THR L 2 37.93 38.55 -51.56
C THR L 2 36.77 38.16 -50.69
N VAL L 3 35.65 37.89 -51.36
CA VAL L 3 34.48 37.30 -50.73
C VAL L 3 34.41 35.87 -51.21
N ALA L 4 34.52 34.93 -50.27
CA ALA L 4 34.32 33.51 -50.54
C ALA L 4 32.83 33.24 -50.56
N LYS L 5 32.43 32.35 -51.47
CA LYS L 5 31.04 32.00 -51.60
C LYS L 5 30.81 30.48 -51.51
N ALA L 6 29.76 30.09 -50.82
CA ALA L 6 29.44 28.67 -50.69
C ALA L 6 27.96 28.46 -50.63
N ILE L 7 27.55 27.29 -51.11
CA ILE L 7 26.17 26.86 -50.96
C ILE L 7 26.15 25.70 -50.02
N PHE L 8 25.25 25.75 -49.05
CA PHE L 8 25.03 24.65 -48.11
C PHE L 8 23.71 23.96 -48.49
N ILE L 9 23.76 22.64 -48.58
CA ILE L 9 22.57 21.84 -48.88
C ILE L 9 22.28 21.00 -47.64
N LYS L 10 21.04 21.08 -47.17
CA LYS L 10 20.61 20.39 -45.98
C LYS L 10 19.43 19.45 -46.27
N CYS L 11 19.66 18.16 -46.16
CA CYS L 11 18.57 17.14 -46.34
C CYS L 11 18.65 16.19 -45.15
N GLY L 12 17.53 16.04 -44.45
CA GLY L 12 17.55 15.34 -43.18
C GLY L 12 18.11 16.31 -42.17
N ASN L 13 18.38 15.82 -40.97
CA ASN L 13 18.94 16.67 -39.92
C ASN L 13 19.95 15.99 -39.04
N LEU L 14 21.07 16.66 -38.85
CA LEU L 14 22.13 16.29 -37.92
C LEU L 14 22.39 17.54 -37.12
N GLY L 15 22.92 17.41 -35.91
CA GLY L 15 23.31 18.59 -35.16
C GLY L 15 24.31 19.45 -35.92
N THR L 16 25.24 18.81 -36.60
CA THR L 16 26.31 19.53 -37.26
C THR L 16 25.77 20.21 -38.54
N SER L 17 24.89 19.56 -39.27
CA SER L 17 24.39 20.15 -40.50
C SER L 17 23.44 21.30 -40.19
N MET L 18 22.77 21.20 -39.06
CA MET L 18 21.87 22.27 -38.63
C MET L 18 22.65 23.59 -38.35
N MET L 19 23.85 23.49 -37.83
CA MET L 19 24.61 24.65 -37.35
C MET L 19 25.75 25.08 -38.28
N MET L 20 26.11 24.23 -39.24
CA MET L 20 27.38 24.36 -39.93
C MET L 20 27.66 25.73 -40.54
N ASP L 21 26.67 26.29 -41.24
CA ASP L 21 26.84 27.62 -41.86
C ASP L 21 26.99 28.74 -40.80
N MET L 22 26.18 28.66 -39.76
CA MET L 22 26.11 29.71 -38.72
C MET L 22 27.34 29.78 -37.83
N LEU L 23 28.06 28.68 -37.71
CA LEU L 23 29.29 28.62 -37.03
C LEU L 23 30.36 29.45 -37.71
N LEU L 24 30.14 29.78 -38.97
CA LEU L 24 31.15 30.51 -39.75
C LEU L 24 30.94 32.02 -39.73
N ASP L 25 29.83 32.49 -39.15
CA ASP L 25 29.55 33.96 -39.12
C ASP L 25 28.58 34.33 -38.01
N GLU L 26 29.06 34.12 -36.82
CA GLU L 26 28.22 34.04 -35.61
C GLU L 26 27.52 35.35 -35.26
N ARG L 27 28.05 36.47 -35.73
CA ARG L 27 27.40 37.78 -35.55
C ARG L 27 26.98 38.45 -36.86
N ALA L 28 27.03 37.71 -37.96
CA ALA L 28 26.68 38.24 -39.28
C ALA L 28 27.52 39.43 -39.69
N ASP L 29 28.73 39.56 -39.15
CA ASP L 29 29.56 40.74 -39.45
C ASP L 29 30.77 40.43 -40.36
N ARG L 30 30.89 39.20 -40.82
CA ARG L 30 31.93 38.89 -41.80
C ARG L 30 31.63 39.52 -43.15
N GLU L 31 32.62 40.22 -43.69
CA GLU L 31 32.52 40.86 -44.97
C GLU L 31 33.21 40.01 -46.06
N ASP L 32 33.76 38.85 -45.69
CA ASP L 32 34.52 38.04 -46.64
C ASP L 32 33.79 36.78 -47.05
N VAL L 33 32.55 36.62 -46.67
CA VAL L 33 31.80 35.42 -47.02
C VAL L 33 30.40 35.78 -47.45
N GLU L 34 29.84 34.94 -48.31
CA GLU L 34 28.43 35.05 -48.67
C GLU L 34 27.91 33.62 -48.91
N PHE L 35 26.85 33.25 -48.22
CA PHE L 35 26.34 31.90 -48.28
C PHE L 35 24.92 31.87 -48.80
N ARG L 36 24.60 30.77 -49.47
CA ARG L 36 23.23 30.39 -49.75
C ARG L 36 22.99 28.99 -49.15
N VAL L 37 21.78 28.81 -48.63
CA VAL L 37 21.41 27.59 -47.96
C VAL L 37 20.11 27.12 -48.57
N VAL L 38 20.10 25.86 -49.01
CA VAL L 38 18.91 25.26 -49.64
C VAL L 38 18.67 23.86 -49.09
N GLY L 39 17.45 23.38 -49.21
CA GLY L 39 17.19 22.02 -48.81
C GLY L 39 15.74 21.65 -48.89
N THR L 40 15.49 20.39 -48.49
CA THR L 40 14.19 19.76 -48.56
C THR L 40 13.77 19.39 -47.13
N SER L 41 14.25 20.14 -46.15
CA SER L 41 13.92 19.92 -44.76
C SER L 41 14.34 18.50 -44.34
N VAL L 42 13.49 17.78 -43.61
CA VAL L 42 13.88 16.50 -43.04
C VAL L 42 13.94 15.35 -44.07
N LYS L 43 13.38 15.56 -45.26
CA LYS L 43 13.29 14.47 -46.23
C LYS L 43 14.63 14.27 -47.00
N MET L 44 15.13 13.04 -46.97
CA MET L 44 16.40 12.71 -47.60
C MET L 44 16.37 11.39 -48.45
N ASP L 45 15.19 11.04 -48.98
CA ASP L 45 15.07 10.00 -50.01
C ASP L 45 15.69 10.56 -51.30
N PRO L 46 16.06 9.67 -52.26
CA PRO L 46 16.76 10.08 -53.47
C PRO L 46 16.07 11.19 -54.23
N GLU L 47 14.74 11.11 -54.34
CA GLU L 47 13.99 12.08 -55.13
C GLU L 47 14.17 13.49 -54.49
N CYS L 48 14.05 13.57 -53.18
CA CYS L 48 14.23 14.86 -52.47
C CYS L 48 15.66 15.38 -52.52
N VAL L 49 16.61 14.50 -52.33
CA VAL L 49 18.00 14.88 -52.32
C VAL L 49 18.36 15.39 -53.72
N GLU L 50 17.93 14.70 -54.77
CA GLU L 50 18.18 15.17 -56.11
C GLU L 50 17.59 16.59 -56.32
N ALA L 51 16.36 16.80 -55.90
CA ALA L 51 15.73 18.10 -55.99
C ALA L 51 16.54 19.15 -55.26
N ALA L 52 17.05 18.81 -54.07
CA ALA L 52 17.84 19.74 -53.29
C ALA L 52 19.12 20.10 -54.00
N VAL L 53 19.81 19.10 -54.55
CA VAL L 53 21.08 19.35 -55.21
C VAL L 53 20.88 20.11 -56.52
N GLU L 54 19.79 19.81 -57.22
CA GLU L 54 19.37 20.57 -58.40
C GLU L 54 19.11 22.05 -58.06
N MET L 55 18.44 22.32 -56.95
CA MET L 55 18.24 23.72 -56.50
C MET L 55 19.58 24.41 -56.37
N ALA L 56 20.50 23.74 -55.66
CA ALA L 56 21.83 24.26 -55.43
C ALA L 56 22.57 24.54 -56.74
N LEU L 57 22.58 23.56 -57.64
CA LEU L 57 23.27 23.71 -58.92
C LEU L 57 22.61 24.76 -59.81
N ASP L 58 21.29 24.91 -59.73
CA ASP L 58 20.62 26.01 -60.45
C ASP L 58 21.08 27.36 -59.92
N ILE L 59 21.10 27.51 -58.60
CA ILE L 59 21.57 28.75 -58.00
C ILE L 59 23.04 29.01 -58.32
N ALA L 60 23.83 27.94 -58.37
CA ALA L 60 25.29 28.07 -58.56
C ALA L 60 25.67 28.71 -59.86
N GLU L 61 24.84 28.50 -60.88
CA GLU L 61 25.01 29.09 -62.21
C GLU L 61 25.30 30.57 -62.11
N ASP L 62 24.46 31.26 -61.35
CA ASP L 62 24.59 32.71 -61.17
C ASP L 62 25.42 33.07 -59.95
N PHE L 63 25.35 32.27 -58.89
CA PHE L 63 26.02 32.60 -57.64
C PHE L 63 27.53 32.38 -57.72
N GLU L 64 27.95 31.35 -58.44
CA GLU L 64 29.37 31.02 -58.60
C GLU L 64 30.09 30.74 -57.28
N PRO L 65 29.62 29.73 -56.53
CA PRO L 65 30.25 29.40 -55.25
C PRO L 65 31.62 28.76 -55.44
N ASP L 66 32.49 28.99 -54.47
CA ASP L 66 33.81 28.40 -54.46
C ASP L 66 33.74 26.93 -54.06
N PHE L 67 32.78 26.61 -53.20
CA PHE L 67 32.51 25.21 -52.84
C PHE L 67 31.09 25.02 -52.41
N ILE L 68 30.68 23.75 -52.41
CA ILE L 68 29.34 23.34 -52.00
C ILE L 68 29.45 22.31 -50.87
N VAL L 69 28.60 22.45 -49.87
CA VAL L 69 28.56 21.55 -48.72
C VAL L 69 27.20 20.87 -48.70
N TYR L 70 27.24 19.54 -48.61
CA TYR L 70 26.03 18.77 -48.39
C TYR L 70 26.11 18.20 -46.98
N GLY L 71 25.06 18.42 -46.22
CA GLY L 71 25.04 18.00 -44.86
C GLY L 71 23.76 17.27 -44.50
N GLY L 72 23.93 16.12 -43.86
CA GLY L 72 22.82 15.41 -43.23
C GLY L 72 23.20 14.00 -42.91
N PRO L 73 22.24 13.23 -42.40
CA PRO L 73 22.50 11.87 -41.99
C PRO L 73 23.00 10.93 -43.11
N ASN L 74 23.79 9.94 -42.69
CA ASN L 74 24.21 8.78 -43.47
C ASN L 74 24.59 8.97 -44.92
N PRO L 75 25.82 9.46 -45.18
CA PRO L 75 26.34 9.59 -46.56
C PRO L 75 26.25 8.30 -47.39
N ALA L 76 26.14 7.14 -46.74
CA ALA L 76 26.03 5.84 -47.44
C ALA L 76 24.62 5.51 -47.88
N ALA L 77 23.62 6.22 -47.38
CA ALA L 77 22.24 5.90 -47.68
C ALA L 77 21.91 6.36 -49.13
N PRO L 78 20.81 5.84 -49.72
CA PRO L 78 20.49 6.08 -51.13
C PRO L 78 20.37 7.56 -51.56
N GLY L 79 19.67 8.38 -50.79
CA GLY L 79 19.57 9.80 -51.14
C GLY L 79 20.92 10.52 -51.09
N PRO L 80 21.61 10.45 -49.95
CA PRO L 80 22.94 11.05 -49.86
C PRO L 80 23.97 10.51 -50.83
N SER L 81 23.86 9.25 -51.20
CA SER L 81 24.70 8.70 -52.26
C SER L 81 24.46 9.42 -53.61
N LYS L 82 23.21 9.77 -53.88
CA LYS L 82 22.88 10.50 -55.12
C LYS L 82 23.56 11.87 -55.01
N ALA L 83 23.49 12.50 -53.83
CA ALA L 83 24.11 13.84 -53.71
C ALA L 83 25.63 13.78 -53.95
N ARG L 84 26.26 12.75 -53.39
CA ARG L 84 27.70 12.56 -53.58
C ARG L 84 28.05 12.38 -55.07
N GLU L 85 27.29 11.54 -55.74
CA GLU L 85 27.40 11.34 -57.19
C GLU L 85 27.27 12.66 -57.96
N MET L 86 26.17 13.37 -57.72
CA MET L 86 25.92 14.64 -58.43
C MET L 86 26.99 15.68 -58.15
N LEU L 87 27.38 15.80 -56.88
CA LEU L 87 28.36 16.82 -56.49
C LEU L 87 29.76 16.44 -56.98
N ALA L 88 30.11 15.16 -56.91
CA ALA L 88 31.41 14.70 -57.45
C ALA L 88 31.49 14.97 -58.98
N ASP L 89 30.38 14.78 -59.69
CA ASP L 89 30.31 15.02 -61.12
C ASP L 89 30.31 16.49 -61.49
N SER L 90 29.99 17.36 -60.54
CA SER L 90 29.91 18.81 -60.84
C SER L 90 31.31 19.41 -60.95
N GLU L 91 31.37 20.64 -61.44
CA GLU L 91 32.65 21.34 -61.42
C GLU L 91 32.97 22.02 -60.07
N TYR L 92 32.11 21.88 -59.07
CA TYR L 92 32.31 22.56 -57.79
C TYR L 92 32.97 21.66 -56.76
N PRO L 93 34.05 22.13 -56.11
CA PRO L 93 34.55 21.42 -54.96
C PRO L 93 33.43 21.24 -53.93
N ALA L 94 33.36 20.07 -53.30
CA ALA L 94 32.28 19.78 -52.38
C ALA L 94 32.71 18.96 -51.18
N VAL L 95 32.03 19.22 -50.09
CA VAL L 95 32.31 18.62 -48.77
C VAL L 95 31.05 17.97 -48.27
N ILE L 96 31.20 16.75 -47.76
CA ILE L 96 30.08 16.01 -47.19
C ILE L 96 30.15 15.99 -45.68
N ILE L 97 29.15 16.56 -45.02
CA ILE L 97 29.01 16.54 -43.58
C ILE L 97 28.08 15.37 -43.25
N GLY L 98 28.56 14.47 -42.40
CA GLY L 98 27.80 13.30 -42.02
C GLY L 98 28.12 12.79 -40.64
N ASP L 99 27.64 11.59 -40.38
CA ASP L 99 27.69 10.91 -39.09
C ASP L 99 28.50 9.62 -39.22
N ALA L 100 28.52 8.79 -38.17
CA ALA L 100 29.32 7.55 -38.16
C ALA L 100 29.05 6.59 -39.31
N PRO L 101 27.76 6.36 -39.65
CA PRO L 101 27.49 5.49 -40.80
C PRO L 101 28.21 5.92 -42.10
N GLY L 102 28.56 7.20 -42.22
CA GLY L 102 29.37 7.68 -43.34
C GLY L 102 30.71 7.00 -43.50
N LEU L 103 31.23 6.43 -42.40
CA LEU L 103 32.52 5.74 -42.44
C LEU L 103 32.54 4.59 -43.47
N LYS L 104 31.38 4.01 -43.74
CA LYS L 104 31.24 2.92 -44.74
C LYS L 104 31.58 3.36 -46.16
N VAL L 105 31.44 4.66 -46.46
CA VAL L 105 31.75 5.20 -47.81
C VAL L 105 32.89 6.20 -47.81
N LYS L 106 33.74 6.11 -46.80
CA LYS L 106 34.86 7.04 -46.67
C LYS L 106 35.83 6.95 -47.84
N ASP L 107 36.20 5.72 -48.18
CA ASP L 107 37.12 5.50 -49.31
C ASP L 107 36.46 5.86 -50.63
N GLU L 108 35.18 5.55 -50.74
CA GLU L 108 34.37 5.95 -51.91
C GLU L 108 34.40 7.47 -52.07
N MET L 109 34.18 8.19 -50.98
CA MET L 109 34.22 9.67 -51.03
C MET L 109 35.58 10.20 -51.49
N GLU L 110 36.66 9.59 -51.00
CA GLU L 110 37.99 10.01 -51.40
C GLU L 110 38.24 9.77 -52.90
N GLU L 111 37.71 8.68 -53.42
CA GLU L 111 37.82 8.35 -54.82
C GLU L 111 36.88 9.17 -55.67
N GLN L 112 35.76 9.62 -55.09
CA GLN L 112 34.92 10.65 -55.72
C GLN L 112 35.51 12.06 -55.73
N GLY L 113 36.61 12.29 -55.04
CA GLY L 113 37.24 13.61 -54.96
C GLY L 113 36.48 14.57 -54.07
N LEU L 114 35.72 14.01 -53.11
CA LEU L 114 34.91 14.82 -52.16
C LEU L 114 35.63 14.96 -50.86
N GLY L 115 35.42 16.11 -50.19
CA GLY L 115 35.79 16.26 -48.80
C GLY L 115 34.71 15.69 -47.90
N TYR L 116 35.08 15.44 -46.65
CA TYR L 116 34.11 15.00 -45.71
C TYR L 116 34.48 15.41 -44.29
N ILE L 117 33.44 15.62 -43.49
CA ILE L 117 33.57 15.75 -42.05
C ILE L 117 32.52 14.85 -41.45
N LEU L 118 32.97 13.73 -40.86
CA LEU L 118 32.09 12.75 -40.25
C LEU L 118 32.15 12.85 -38.73
N VAL L 119 31.03 13.14 -38.12
CA VAL L 119 30.96 13.44 -36.71
C VAL L 119 30.31 12.28 -36.01
N LYS L 120 31.13 11.40 -35.44
CA LYS L 120 30.62 10.18 -34.81
C LYS L 120 29.65 10.44 -33.65
N PRO L 121 29.91 11.45 -32.81
CA PRO L 121 28.95 11.79 -31.77
C PRO L 121 27.63 12.43 -32.22
N ASP L 122 27.48 12.72 -33.51
CA ASP L 122 26.25 13.32 -34.03
C ASP L 122 25.25 12.17 -34.24
N ALA L 123 24.71 11.68 -33.13
CA ALA L 123 24.01 10.40 -33.10
C ALA L 123 22.56 10.49 -33.56
N MET L 124 22.11 9.45 -34.29
CA MET L 124 20.70 9.31 -34.63
C MET L 124 19.83 9.24 -33.37
N LEU L 125 18.72 9.94 -33.43
CA LEU L 125 17.80 9.92 -32.31
C LEU L 125 16.84 8.70 -32.39
N GLY L 126 15.93 8.65 -31.43
CA GLY L 126 15.01 7.53 -31.19
C GLY L 126 13.71 7.72 -31.94
N ALA L 127 13.77 7.47 -33.25
CA ALA L 127 12.72 7.83 -34.17
C ALA L 127 11.63 6.74 -34.31
N ARG L 128 10.87 6.56 -33.22
CA ARG L 128 9.67 5.74 -33.22
C ARG L 128 8.51 6.67 -32.86
N ARG L 129 7.42 6.52 -33.59
CA ARG L 129 6.26 7.40 -33.43
C ARG L 129 5.69 7.43 -32.02
N GLU L 130 5.79 6.32 -31.29
CA GLU L 130 5.26 6.22 -29.93
C GLU L 130 6.05 7.11 -28.95
N PHE L 131 7.27 7.50 -29.35
CA PHE L 131 8.16 8.31 -28.49
C PHE L 131 8.47 9.69 -29.06
N LEU L 132 8.86 9.74 -30.32
CA LEU L 132 9.40 10.97 -30.88
C LEU L 132 8.33 11.81 -31.53
N ASP L 133 7.84 12.80 -30.80
CA ASP L 133 7.02 13.84 -31.37
C ASP L 133 7.93 15.05 -31.62
N PRO L 134 7.38 16.13 -32.19
CA PRO L 134 8.21 17.28 -32.49
C PRO L 134 8.96 17.88 -31.32
N VAL L 135 8.28 17.99 -30.18
CA VAL L 135 8.91 18.48 -28.96
C VAL L 135 10.07 17.59 -28.52
N GLU L 136 9.86 16.28 -28.44
CA GLU L 136 10.98 15.38 -28.06
C GLU L 136 12.16 15.49 -29.05
N MET L 137 11.81 15.60 -30.34
CA MET L 137 12.80 15.81 -31.39
C MET L 137 13.66 17.06 -31.09
N ALA L 138 12.97 18.13 -30.73
CA ALA L 138 13.65 19.36 -30.44
C ALA L 138 14.47 19.29 -29.16
N ILE L 139 13.96 18.64 -28.12
CA ILE L 139 14.69 18.48 -26.86
C ILE L 139 15.98 17.70 -27.12
N TYR L 140 15.90 16.64 -27.92
CA TYR L 140 17.09 15.86 -28.25
C TYR L 140 18.14 16.72 -28.94
N ASN L 141 17.69 17.48 -29.94
CA ASN L 141 18.53 18.36 -30.67
C ASN L 141 19.16 19.44 -29.78
N ALA L 142 18.45 19.94 -28.78
CA ALA L 142 19.03 20.91 -27.83
C ALA L 142 20.17 20.29 -27.03
N ASP L 143 19.94 19.09 -26.52
CA ASP L 143 20.97 18.36 -25.78
C ASP L 143 22.16 18.01 -26.70
N LEU L 144 21.91 17.51 -27.90
CA LEU L 144 23.02 17.22 -28.81
C LEU L 144 23.85 18.48 -29.15
N MET L 145 23.15 19.58 -29.40
CA MET L 145 23.81 20.82 -29.73
C MET L 145 24.69 21.28 -28.59
N LYS L 146 24.19 21.17 -27.37
CA LYS L 146 25.01 21.49 -26.20
C LYS L 146 26.28 20.60 -26.17
N VAL L 147 26.11 19.33 -26.42
CA VAL L 147 27.28 18.43 -26.44
C VAL L 147 28.29 18.85 -27.50
N LEU L 148 27.83 19.04 -28.74
CA LEU L 148 28.72 19.33 -29.84
C LEU L 148 29.39 20.70 -29.69
N ALA L 149 28.66 21.63 -29.11
CA ALA L 149 29.23 22.99 -28.83
C ALA L 149 30.21 22.98 -27.67
N ALA L 150 29.75 22.58 -26.50
CA ALA L 150 30.55 22.73 -25.28
C ALA L 150 31.76 21.79 -25.22
N THR L 151 31.74 20.66 -25.96
CA THR L 151 32.93 19.79 -25.98
C THR L 151 33.98 20.29 -26.92
N GLY L 152 33.65 21.25 -27.79
CA GLY L 152 34.58 21.73 -28.80
C GLY L 152 34.47 21.10 -30.19
N VAL L 153 33.53 20.19 -30.40
CA VAL L 153 33.41 19.56 -31.70
C VAL L 153 33.09 20.63 -32.77
N PHE L 154 32.19 21.55 -32.45
CA PHE L 154 31.84 22.61 -33.37
C PHE L 154 33.03 23.51 -33.70
N ARG L 155 33.98 23.66 -32.80
CA ARG L 155 35.17 24.46 -33.12
C ARG L 155 36.06 23.73 -34.12
N VAL L 156 36.10 22.39 -34.02
CA VAL L 156 36.85 21.59 -35.03
C VAL L 156 36.25 21.81 -36.43
N VAL L 157 34.92 21.84 -36.50
CA VAL L 157 34.20 22.04 -37.73
C VAL L 157 34.39 23.49 -38.27
N GLN L 158 34.24 24.47 -37.39
CA GLN L 158 34.52 25.87 -37.66
C GLN L 158 35.93 26.02 -38.26
N GLU L 159 36.93 25.43 -37.61
CA GLU L 159 38.29 25.57 -38.12
C GLU L 159 38.48 24.96 -39.50
N ALA L 160 37.82 23.83 -39.76
CA ALA L 160 38.01 23.12 -41.02
C ALA L 160 37.47 23.95 -42.17
N PHE L 161 36.27 24.52 -41.98
CA PHE L 161 35.69 25.42 -43.01
C PHE L 161 36.40 26.73 -43.13
N ASP L 162 36.89 27.30 -42.03
CA ASP L 162 37.64 28.56 -42.14
C ASP L 162 38.95 28.38 -42.92
N GLU L 163 39.60 27.22 -42.75
CA GLU L 163 40.77 26.87 -43.55
C GLU L 163 40.40 26.78 -45.04
N LEU L 164 39.31 26.09 -45.35
CA LEU L 164 38.83 25.97 -46.70
C LEU L 164 38.46 27.31 -47.32
N ILE L 165 37.82 28.16 -46.54
CA ILE L 165 37.44 29.49 -47.01
C ILE L 165 38.68 30.29 -47.36
N GLU L 166 39.72 30.21 -46.54
CA GLU L 166 40.98 30.90 -46.86
C GLU L 166 41.57 30.43 -48.18
N LYS L 167 41.56 29.13 -48.43
CA LYS L 167 42.00 28.58 -49.70
C LYS L 167 41.13 29.09 -50.85
N ALA L 168 39.82 29.17 -50.65
CA ALA L 168 38.89 29.69 -51.66
C ALA L 168 39.22 31.11 -52.04
N LYS L 169 39.70 31.89 -51.08
CA LYS L 169 39.98 33.30 -51.34
C LYS L 169 41.23 33.49 -52.22
N GLU L 170 41.98 32.41 -52.44
CA GLU L 170 42.91 32.36 -53.57
C GLU L 170 42.49 31.30 -54.59
N ASP L 171 41.16 31.19 -54.95
CA ASP L 171 40.93 30.75 -56.30
C ASP L 171 41.12 29.23 -56.60
N GLU L 172 42.08 28.57 -55.94
CA GLU L 172 42.51 27.24 -56.39
C GLU L 172 41.62 26.05 -55.98
N ILE L 173 40.71 26.02 -55.04
CA ILE L 173 40.63 24.93 -54.03
C ILE L 173 40.86 23.62 -54.80
N SER L 174 41.91 22.87 -54.45
CA SER L 174 42.17 21.56 -55.05
C SER L 174 41.67 20.45 -54.12
N GLU L 175 41.62 19.22 -54.63
CA GLU L 175 41.19 18.06 -53.86
C GLU L 175 41.95 17.94 -52.54
N ASN L 176 43.25 18.23 -52.59
CA ASN L 176 44.15 18.19 -51.43
C ASN L 176 43.78 19.17 -50.32
N ASP L 177 43.06 20.23 -50.66
CA ASP L 177 42.62 21.22 -49.68
C ASP L 177 41.30 20.83 -48.99
N LEU L 178 40.58 19.86 -49.55
CA LEU L 178 39.29 19.50 -49.00
C LEU L 178 39.45 18.75 -47.66
N PRO L 179 38.63 19.12 -46.66
CA PRO L 179 38.77 18.39 -45.38
C PRO L 179 38.47 16.91 -45.51
N LYS L 180 39.17 16.10 -44.72
CA LYS L 180 38.91 14.70 -44.60
C LYS L 180 39.00 14.35 -43.11
N LEU L 181 37.92 14.65 -42.36
CA LEU L 181 37.91 14.58 -40.92
C LEU L 181 36.93 13.55 -40.41
N VAL L 182 37.36 12.82 -39.39
CA VAL L 182 36.50 11.95 -38.61
C VAL L 182 36.65 12.38 -37.18
N ILE L 183 35.57 12.84 -36.59
CA ILE L 183 35.60 13.47 -35.27
C ILE L 183 34.94 12.52 -34.29
N ASP L 184 35.63 12.23 -33.21
CA ASP L 184 35.07 11.47 -32.09
C ASP L 184 35.71 11.91 -30.79
N ARG L 185 35.46 11.16 -29.72
CA ARG L 185 35.97 11.41 -28.39
C ARG L 185 37.46 11.70 -28.39
N ASN L 186 38.22 10.88 -29.08
CA ASN L 186 39.65 10.97 -29.09
C ASN L 186 40.20 12.18 -29.85
N THR L 187 39.38 12.85 -30.66
CA THR L 187 39.74 14.10 -31.30
C THR L 187 40.22 15.13 -30.28
N LEU L 188 39.62 15.11 -29.09
CA LEU L 188 39.99 16.10 -28.08
C LEU L 188 41.41 15.96 -27.64
N LEU L 189 41.99 14.77 -27.77
CA LEU L 189 43.34 14.51 -27.33
C LEU L 189 44.39 15.24 -28.18
N GLU L 190 44.04 15.67 -29.39
CA GLU L 190 45.01 16.35 -30.26
C GLU L 190 44.78 17.85 -30.21
N ARG L 191 43.90 18.33 -29.32
CA ARG L 191 43.54 19.71 -29.29
C ARG L 191 43.94 20.33 -27.97
N GLU L 192 43.79 21.66 -27.89
CA GLU L 192 44.05 22.35 -26.66
C GLU L 192 42.80 23.15 -26.31
N GLU L 193 41.63 22.52 -26.42
CA GLU L 193 40.38 23.17 -26.18
C GLU L 193 40.27 23.61 -24.71
N PHE L 194 40.64 22.72 -23.82
CA PHE L 194 40.39 22.84 -22.41
C PHE L 194 41.66 23.14 -21.65
N GLU L 195 41.63 24.20 -20.89
CA GLU L 195 42.68 24.51 -19.93
C GLU L 195 42.75 23.50 -18.77
N ASN L 196 41.58 23.07 -18.31
CA ASN L 196 41.51 22.16 -17.17
C ASN L 196 41.40 20.70 -17.69
N PRO L 197 42.25 19.78 -17.21
CA PRO L 197 42.23 18.42 -17.72
C PRO L 197 40.93 17.65 -17.39
N TYR L 198 40.27 17.98 -16.29
CA TYR L 198 39.02 17.31 -15.95
C TYR L 198 37.89 17.79 -16.83
N ALA L 199 37.95 19.04 -17.24
CA ALA L 199 37.00 19.55 -18.25
C ALA L 199 37.18 18.78 -19.58
N MET L 200 38.42 18.51 -19.96
CA MET L 200 38.67 17.69 -21.15
C MET L 200 38.11 16.28 -21.02
N VAL L 201 38.38 15.61 -19.88
CA VAL L 201 37.92 14.25 -19.72
C VAL L 201 36.42 14.11 -19.57
N LYS L 202 35.79 15.12 -18.99
CA LYS L 202 34.33 15.19 -18.93
C LYS L 202 33.76 15.35 -20.33
N ALA L 203 34.37 16.22 -21.10
CA ALA L 203 34.00 16.40 -22.49
C ALA L 203 34.18 15.11 -23.32
N MET L 204 35.29 14.37 -23.12
CA MET L 204 35.49 13.07 -23.75
C MET L 204 34.38 12.08 -23.39
N ALA L 205 34.03 12.03 -22.11
CA ALA L 205 32.95 11.21 -21.61
C ALA L 205 31.64 11.56 -22.28
N ALA L 206 31.37 12.86 -22.42
CA ALA L 206 30.18 13.31 -23.14
C ALA L 206 30.14 12.80 -24.59
N LEU L 207 31.27 12.90 -25.28
CA LEU L 207 31.35 12.49 -26.66
C LEU L 207 31.28 10.97 -26.80
N GLU L 208 31.78 10.24 -25.81
CA GLU L 208 31.64 8.81 -25.83
C GLU L 208 30.18 8.41 -25.64
N ILE L 209 29.52 9.03 -24.66
CA ILE L 209 28.11 8.71 -24.42
C ILE L 209 27.30 9.04 -25.69
N ALA L 210 27.53 10.21 -26.28
CA ALA L 210 26.78 10.63 -27.48
C ALA L 210 26.99 9.68 -28.64
N GLU L 211 28.22 9.27 -28.84
CA GLU L 211 28.51 8.25 -29.84
C GLU L 211 27.79 6.93 -29.52
N ASN L 212 27.76 6.54 -28.24
CA ASN L 212 27.05 5.31 -27.86
C ASN L 212 25.52 5.39 -28.06
N VAL L 213 24.97 6.61 -27.99
CA VAL L 213 23.54 6.79 -28.25
C VAL L 213 23.08 6.20 -29.62
N ALA L 214 23.90 6.35 -30.65
CA ALA L 214 23.56 5.91 -32.01
C ALA L 214 23.25 4.43 -32.03
N ASP L 215 24.05 3.61 -31.36
CA ASP L 215 23.84 2.17 -31.33
C ASP L 215 22.54 1.83 -30.65
N VAL L 216 22.19 2.57 -29.59
CA VAL L 216 20.92 2.32 -28.90
C VAL L 216 19.75 2.70 -29.82
N SER L 217 19.81 3.86 -30.43
CA SER L 217 18.78 4.30 -31.39
C SER L 217 18.60 3.31 -32.54
N VAL L 218 19.71 2.84 -33.09
CA VAL L 218 19.68 1.91 -34.20
C VAL L 218 19.01 0.60 -33.75
N GLU L 219 19.37 0.13 -32.57
CA GLU L 219 18.75 -1.06 -32.05
C GLU L 219 17.24 -0.86 -31.93
N GLY L 220 16.85 0.27 -31.35
CA GLY L 220 15.45 0.54 -31.12
C GLY L 220 14.64 0.83 -32.35
N CYS L 221 15.27 1.40 -33.40
CA CYS L 221 14.56 1.75 -34.63
C CYS L 221 14.57 0.68 -35.70
N PHE L 222 15.65 -0.10 -35.76
CA PHE L 222 15.90 -1.01 -36.90
C PHE L 222 16.03 -2.48 -36.56
N VAL L 223 16.23 -2.83 -35.29
CA VAL L 223 16.45 -4.22 -34.93
C VAL L 223 15.27 -4.74 -34.10
N GLU L 224 15.03 -4.11 -32.98
CA GLU L 224 13.95 -4.52 -32.10
C GLU L 224 12.59 -4.20 -32.78
N GLN L 225 11.71 -5.19 -32.81
CA GLN L 225 10.42 -5.07 -33.49
C GLN L 225 9.22 -5.05 -32.53
N ASP L 226 9.46 -5.40 -31.27
CA ASP L 226 8.39 -5.41 -30.26
C ASP L 226 8.37 -4.05 -29.52
N LYS L 227 7.23 -3.35 -29.64
CA LYS L 227 7.10 -2.02 -29.14
C LYS L 227 7.24 -1.92 -27.63
N GLU L 228 6.92 -2.99 -26.92
CA GLU L 228 7.13 -3.02 -25.47
C GLU L 228 8.61 -2.98 -25.12
N ARG L 229 9.45 -3.34 -26.09
CA ARG L 229 10.89 -3.22 -25.91
C ARG L 229 11.43 -1.99 -26.61
N TYR L 230 11.02 -1.74 -27.86
CA TYR L 230 11.67 -0.64 -28.58
C TYR L 230 11.38 0.76 -28.06
N VAL L 231 10.20 0.98 -27.49
CA VAL L 231 9.89 2.33 -26.97
C VAL L 231 10.80 2.68 -25.75
N PRO L 232 10.86 1.80 -24.75
CA PRO L 232 11.86 2.00 -23.72
C PRO L 232 13.27 2.15 -24.23
N ILE L 233 13.65 1.35 -25.23
CA ILE L 233 15.01 1.39 -25.76
C ILE L 233 15.32 2.78 -26.33
N VAL L 234 14.46 3.28 -27.23
CA VAL L 234 14.71 4.59 -27.82
C VAL L 234 14.69 5.71 -26.79
N ALA L 235 13.81 5.60 -25.81
CA ALA L 235 13.77 6.60 -24.70
C ALA L 235 15.02 6.56 -23.84
N SER L 236 15.59 5.36 -23.64
CA SER L 236 16.85 5.28 -22.90
C SER L 236 17.97 6.03 -23.65
N ALA L 237 17.92 6.03 -24.98
CA ALA L 237 18.93 6.70 -25.76
C ALA L 237 18.88 8.23 -25.49
N HIS L 238 17.67 8.77 -25.39
CA HIS L 238 17.47 10.20 -25.13
C HIS L 238 17.86 10.57 -23.72
N GLU L 239 17.63 9.67 -22.76
CA GLU L 239 18.16 9.91 -21.43
C GLU L 239 19.70 9.98 -21.41
N MET L 240 20.36 9.11 -22.19
CA MET L 240 21.81 9.21 -22.35
C MET L 240 22.27 10.54 -22.88
N MET L 241 21.62 11.02 -23.94
CA MET L 241 22.01 12.28 -24.54
C MET L 241 21.86 13.43 -23.57
N ARG L 242 20.79 13.42 -22.80
CA ARG L 242 20.57 14.42 -21.76
C ARG L 242 21.70 14.45 -20.72
N LYS L 243 22.20 13.30 -20.29
CA LYS L 243 23.36 13.29 -19.41
C LYS L 243 24.66 13.66 -20.10
N ALA L 244 24.85 13.29 -21.37
CA ALA L 244 26.03 13.74 -22.10
C ALA L 244 26.03 15.30 -22.13
N ALA L 245 24.86 15.93 -22.35
CA ALA L 245 24.76 17.39 -22.31
C ALA L 245 25.15 18.00 -20.94
N GLU L 246 24.73 17.34 -19.87
CA GLU L 246 25.08 17.75 -18.52
C GLU L 246 26.57 17.61 -18.30
N LEU L 247 27.22 16.55 -18.79
CA LEU L 247 28.69 16.48 -18.70
C LEU L 247 29.41 17.58 -19.42
N ALA L 248 28.94 17.88 -20.63
CA ALA L 248 29.46 19.00 -21.45
C ALA L 248 29.30 20.36 -20.75
N ASP L 249 28.14 20.57 -20.14
CA ASP L 249 27.89 21.78 -19.33
C ASP L 249 28.84 21.83 -18.09
N GLU L 250 29.04 20.69 -17.45
CA GLU L 250 29.96 20.60 -16.30
C GLU L 250 31.41 20.95 -16.73
N ALA L 251 31.83 20.46 -17.89
CA ALA L 251 33.13 20.76 -18.43
C ALA L 251 33.26 22.28 -18.61
N ARG L 252 32.26 22.88 -19.24
CA ARG L 252 32.31 24.32 -19.51
C ARG L 252 32.34 25.13 -18.23
N GLU L 253 31.61 24.70 -17.20
CA GLU L 253 31.65 25.39 -15.90
C GLU L 253 33.01 25.29 -15.23
N LEU L 254 33.72 24.17 -15.38
CA LEU L 254 35.06 24.08 -14.89
C LEU L 254 35.95 25.12 -15.58
N GLU L 255 35.79 25.31 -16.88
CA GLU L 255 36.57 26.33 -17.58
C GLU L 255 36.27 27.71 -17.01
N LYS L 256 34.99 27.98 -16.75
CA LYS L 256 34.57 29.24 -16.13
C LYS L 256 35.21 29.41 -14.78
N SER L 257 35.33 28.35 -13.97
CA SER L 257 35.91 28.49 -12.64
C SER L 257 37.38 28.92 -12.70
N ASN L 258 38.04 28.65 -13.79
CA ASN L 258 39.42 29.06 -14.00
C ASN L 258 39.56 30.25 -14.92
N ASP L 259 38.44 30.86 -15.29
CA ASP L 259 38.43 31.99 -16.24
C ASP L 259 39.29 31.66 -17.45
N ALA L 260 38.97 30.54 -18.09
CA ALA L 260 39.79 29.99 -19.15
C ALA L 260 38.93 29.46 -20.28
N VAL L 261 37.74 30.01 -20.42
CA VAL L 261 36.85 29.60 -21.51
C VAL L 261 37.45 30.09 -22.84
N LEU L 262 37.83 29.16 -23.71
CA LEU L 262 38.31 29.52 -25.04
C LEU L 262 37.19 30.13 -25.90
N ARG L 263 37.49 31.29 -26.48
CA ARG L 263 36.59 31.91 -27.44
C ARG L 263 37.36 32.25 -28.68
N THR L 264 36.85 31.82 -29.83
CA THR L 264 37.50 32.07 -31.09
C THR L 264 36.55 32.75 -32.05
N PRO L 265 36.25 34.04 -31.79
CA PRO L 265 35.35 34.76 -32.72
C PRO L 265 36.01 35.19 -34.04
N HIS L 266 35.19 35.44 -35.05
CA HIS L 266 35.68 36.00 -36.30
C HIS L 266 35.73 37.52 -36.21
N ALA L 267 36.78 38.09 -36.79
CA ALA L 267 36.81 39.53 -37.11
C ALA L 267 36.00 39.78 -38.41
N PRO L 268 35.64 41.04 -38.69
CA PRO L 268 34.92 41.38 -39.90
C PRO L 268 35.61 40.95 -41.21
N ASP L 269 36.94 40.88 -41.22
CA ASP L 269 37.67 40.41 -42.40
C ASP L 269 37.85 38.90 -42.42
N GLY L 270 37.23 38.20 -41.47
CA GLY L 270 37.21 36.75 -41.46
C GLY L 270 38.24 36.09 -40.58
N LYS L 271 39.27 36.85 -40.19
CA LYS L 271 40.29 36.31 -39.33
C LYS L 271 39.69 35.73 -38.06
N VAL L 272 40.20 34.58 -37.66
CA VAL L 272 39.74 33.93 -36.46
C VAL L 272 40.62 34.40 -35.30
N LEU L 273 39.98 35.04 -34.32
CA LEU L 273 40.64 35.59 -33.19
C LEU L 273 40.61 34.57 -32.06
N SER L 274 41.25 34.87 -30.95
CA SER L 274 41.25 33.98 -29.81
CA SER L 274 41.17 34.00 -29.79
C SER L 274 41.43 34.74 -28.51
N LYS L 275 40.82 34.19 -27.47
CA LYS L 275 41.00 34.67 -26.11
C LYS L 275 40.64 33.55 -25.16
N ARG L 276 41.07 33.69 -23.91
CA ARG L 276 40.70 32.82 -22.83
C ARG L 276 40.10 33.52 -21.62
N LYS L 277 40.68 34.64 -21.23
CA LYS L 277 40.21 35.38 -20.08
C LYS L 277 39.00 36.24 -20.45
N PHE L 278 38.00 36.25 -19.57
CA PHE L 278 36.71 36.89 -19.84
C PHE L 278 36.86 38.31 -20.33
N MET L 279 37.71 39.07 -19.65
CA MET L 279 37.88 40.50 -19.91
C MET L 279 38.98 40.82 -20.94
N GLU L 280 39.64 39.80 -21.49
CA GLU L 280 40.70 39.91 -22.51
C GLU L 280 40.05 40.15 -23.89
N ASP L 281 40.50 41.15 -24.65
CA ASP L 281 40.04 41.30 -26.04
C ASP L 281 40.55 40.13 -26.87
N PRO L 282 39.71 39.63 -27.78
CA PRO L 282 40.21 38.59 -28.67
C PRO L 282 41.25 39.17 -29.63
N GLU L 283 42.30 38.40 -29.91
CA GLU L 283 43.41 38.80 -30.79
C GLU L 283 43.77 37.66 -31.76
N1 E4M M . -34.72 1.16 21.08
C2 E4M M . -33.98 1.66 20.07
N3 E4M M . -34.58 2.36 19.06
C4 E4M M . -35.92 2.57 19.04
N5 E4M M . -38.08 2.17 20.18
C6 E4M M . -38.66 2.30 21.52
C7 E4M M . -38.25 1.00 22.23
N8 E4M M . -36.79 0.80 22.10
C9 E4M M . -40.17 2.54 21.28
PA E4M M . -55.66 -1.28 15.62
C10 E4M M . -38.92 3.02 19.38
N10 E4M M . -40.21 3.27 20.00
C11 E4M M . -43.59 4.43 17.75
C12 E4M M . -43.75 3.73 18.94
C13 E4M M . -42.64 3.34 19.67
C14 E4M M . -41.35 3.67 19.24
C15 E4M M . -41.18 4.39 18.04
C16 E4M M . -42.30 4.75 17.30
O2A E4M M . -55.59 -0.97 17.12
C1J E4M M . -50.48 0.80 16.60
O1A E4M M . -56.16 -2.68 15.23
C2J E4M M . -50.24 -0.52 17.34
O2J E4M M . -48.88 -0.67 17.73
O3A E4M M . -56.17 -0.16 14.75
C3J E4M M . -50.74 -1.59 16.40
O3J E4M M . -49.76 -2.02 15.49
C4A E4M M . -36.70 2.03 20.09
C4J E4M M . -51.81 -0.86 15.59
O4J E4M M . -51.48 0.52 15.62
C5J E4M M . -53.16 -1.03 16.24
O5J E4M M . -54.09 -1.36 15.23
C7M E4M M . -38.63 0.98 23.72
C8A E4M M . -36.07 1.33 21.10
C9M E4M M . -40.81 3.35 22.43
NA2 E4M M . -32.64 1.47 20.10
OH4 E4M M . -36.48 3.20 18.09
CX1 E4M M . -44.81 4.84 16.94
CX2 E4M M . -45.68 3.67 16.53
OX2 E4M M . -45.06 2.91 15.48
CX3 E4M M . -47.03 4.14 15.99
OX3 E4M M . -47.80 4.86 16.96
CX4 E4M M . -47.82 2.94 15.50
OX4 E4M M . -48.74 3.39 14.53
CX5 E4M M . -48.54 2.19 16.60
OX5 E4M M . -49.32 1.23 15.91
N1 E4M N . -17.56 -41.34 24.59
C2 E4M N . -16.95 -40.27 25.16
N3 E4M N . -17.25 -39.88 26.42
C4 E4M N . -18.18 -40.51 27.13
N5 E4M N . -19.79 -42.39 27.18
C6 E4M N . -19.77 -43.83 26.89
C7 E4M N . -20.09 -43.85 25.40
N8 E4M N . -19.09 -43.06 24.68
C9 E4M N . -20.83 -44.42 27.85
PA E4M N . -35.60 -46.88 33.01
C10 E4M N . -20.07 -42.39 28.61
N10 E4M N . -20.82 -43.54 29.00
C11 E4M N . -23.59 -43.56 32.20
C12 E4M N . -23.68 -44.50 31.18
C13 E4M N . -22.78 -44.49 30.13
C14 E4M N . -21.75 -43.54 30.09
C15 E4M N . -21.64 -42.60 31.14
C16 E4M N . -22.59 -42.60 32.19
O2A E4M N . -34.58 -47.94 33.45
C1J E4M N . -31.38 -44.67 32.79
O1A E4M N . -36.36 -47.26 31.74
C2J E4M N . -31.77 -44.82 31.32
O2J E4M N . -30.67 -44.58 30.42
O3A E4M N . -36.47 -46.20 34.08
C3J E4M N . -32.89 -43.81 31.15
O3J E4M N . -32.39 -42.55 30.69
C4A E4M N . -18.82 -41.60 26.56
C4J E4M N . -33.46 -43.61 32.56
O4J E4M N . -32.51 -44.20 33.44
C5J E4M N . -34.82 -44.29 32.78
O5J E4M N . -34.63 -45.67 32.48
C7M E4M N . -20.03 -45.27 24.83
C8A E4M N . -18.48 -42.01 25.26
C9M E4M N . -20.54 -45.85 28.26
NA2 E4M N . -16.01 -39.59 24.47
OH4 E4M N . -18.44 -40.03 28.27
CX1 E4M N . -24.57 -43.64 33.34
CX2 E4M N . -25.98 -43.36 32.97
OX2 E4M N . -26.05 -41.97 32.68
CX3 E4M N . -26.85 -43.61 34.22
OX3 E4M N . -26.91 -45.01 34.62
CX4 E4M N . -28.26 -43.12 33.90
OX4 E4M N . -29.00 -42.95 35.10
CX5 E4M N . -29.04 -44.10 33.03
OX5 E4M N . -30.41 -43.62 33.02
CA CA O . 6.03 -49.67 43.72
N1 E4M P . -26.86 -23.74 -16.78
C2 E4M P . -25.63 -24.26 -16.51
N3 E4M P . -25.39 -25.58 -16.75
C4 E4M P . -26.37 -26.38 -17.28
N5 E4M P . -28.65 -26.59 -18.13
C6 E4M P . -29.57 -25.92 -19.03
C7 E4M P . -30.16 -24.80 -18.20
N8 E4M P . -29.07 -24.01 -17.59
C9 E4M P . -30.59 -27.00 -19.50
PA E4M P . -41.80 -39.04 -18.11
C10 E4M P . -28.52 -27.88 -18.80
N10 E4M P . -29.79 -28.23 -19.42
C11 E4M P . -31.04 -32.19 -20.05
C12 E4M P . -32.00 -31.16 -20.09
C13 E4M P . -31.58 -29.84 -19.87
C14 E4M P . -30.23 -29.56 -19.62
C15 E4M P . -29.28 -30.59 -19.59
C16 E4M P . -29.71 -31.91 -19.80
O2A E4M P . -41.62 -38.51 -19.54
C1J E4M P . -37.55 -35.73 -18.14
O1A E4M P . -42.96 -38.40 -17.36
C2J E4M P . -38.36 -34.68 -17.38
O2J E4M P . -37.63 -33.49 -17.09
O3A E4M P . -41.50 -40.51 -17.94
C3J E4M P . -38.80 -35.42 -16.11
O3J E4M P . -37.82 -35.37 -15.06
C4A E4M P . -27.61 -25.86 -17.59
C4J E4M P . -38.93 -36.86 -16.62
O4J E4M P . -38.04 -37.01 -17.73
C5J E4M P . -40.39 -37.08 -17.00
O5J E4M P . -40.50 -38.46 -17.32
C7M E4M P . -31.04 -23.90 -19.08
C8A E4M P . -27.84 -24.53 -17.31
C9M E4M P . -31.08 -26.72 -20.92
NA2 E4M P . -24.65 -23.46 -15.98
OH4 E4M P . -26.13 -27.59 -17.51
CX1 E4M P . -31.46 -33.63 -20.30
CX2 E4M P . -32.50 -34.16 -19.32
OX2 E4M P . -31.91 -34.24 -17.98
CX3 E4M P . -32.98 -35.56 -19.81
OX3 E4M P . -33.56 -35.55 -21.15
CX4 E4M P . -33.95 -36.16 -18.79
OX4 E4M P . -33.91 -37.55 -18.94
CX5 E4M P . -35.36 -35.66 -19.00
OX5 E4M P . -36.15 -35.67 -17.82
N1 E4M Q . -21.91 -4.61 31.78
C2 E4M Q . -22.39 -5.81 32.04
N3 E4M Q . -21.80 -6.61 33.01
C4 E4M Q . -20.72 -6.14 33.66
N5 E4M Q . -19.10 -4.30 33.99
C6 E4M Q . -19.06 -2.85 34.12
C7 E4M Q . -19.15 -2.37 32.68
N8 E4M Q . -20.38 -2.90 32.14
C9 E4M Q . -17.74 -2.55 34.84
PA E4M Q . -1.25 -2.51 37.34
C10 E4M Q . -18.50 -4.71 35.23
N10 E4M Q . -17.50 -3.76 35.62
C11 E4M Q . -14.08 -4.75 37.92
C12 E4M Q . -14.12 -3.51 37.23
C13 E4M Q . -15.25 -3.17 36.47
C14 E4M Q . -16.32 -4.06 36.38
C15 E4M Q . -16.26 -5.30 37.06
C16 E4M Q . -15.14 -5.62 37.81
O2A E4M Q . -2.02 -1.24 37.74
C1J E4M Q . -6.45 -3.46 36.98
O1A E4M Q . -0.31 -2.38 36.16
C2J E4M Q . -6.51 -2.81 35.59
O2J E4M Q . -7.79 -2.88 34.99
O3A E4M Q . -0.70 -3.38 38.46
C3J E4M Q . -5.54 -3.60 34.75
O3J E4M Q . -6.25 -4.70 34.17
C4A E4M Q . -20.23 -4.88 33.37
C4J E4M Q . -4.51 -4.01 35.78
O4J E4M Q . -5.15 -4.02 37.06
C5J E4M Q . -3.40 -2.97 35.89
O5J E4M Q . -2.44 -3.47 36.80
C7M E4M Q . -19.18 -0.84 32.61
C8A E4M Q . -20.85 -4.13 32.43
C9M E4M Q . -17.85 -1.30 35.71
NA2 E4M Q . -23.49 -6.22 31.37
OH4 E4M Q . -20.10 -6.88 34.48
CX1 E4M Q . -12.89 -5.15 38.79
CX2 E4M Q . -11.59 -5.25 37.99
OX2 E4M Q . -11.53 -6.43 37.17
CX3 E4M Q . -10.45 -5.34 38.98
OX3 E4M Q . -10.36 -4.13 39.75
CX4 E4M Q . -9.18 -5.52 38.22
OX4 E4M Q . -8.24 -5.92 39.19
CX5 E4M Q . -8.65 -4.27 37.51
OX5 E4M Q . -7.32 -4.56 37.10
N1 E4M R . -23.77 -6.62 -14.15
C2 E4M R . -24.81 -6.32 -13.37
N3 E4M R . -25.07 -5.03 -13.04
C4 E4M R . -24.32 -4.03 -13.51
N5 E4M R . -22.37 -3.40 -14.88
C6 E4M R . -21.66 -3.72 -16.12
C7 E4M R . -20.95 -5.07 -15.86
N8 E4M R . -21.93 -6.02 -15.38
C9 E4M R . -20.81 -2.47 -16.38
PA E4M R . -8.40 7.44 -14.03
C10 E4M R . -22.59 -1.98 -15.00
N10 E4M R . -21.51 -1.37 -15.71
C11 E4M R . -20.17 2.54 -15.20
C12 E4M R . -19.38 1.64 -15.89
C13 E4M R . -19.83 0.34 -16.03
C14 E4M R . -21.06 -0.06 -15.51
C15 E4M R . -21.86 0.85 -14.83
C16 E4M R . -21.40 2.16 -14.66
O2A E4M R . -8.85 7.30 -15.49
C1J E4M R . -13.31 5.65 -13.88
O1A E4M R . -7.12 6.70 -13.63
C2J E4M R . -12.42 4.44 -13.70
O2J E4M R . -13.17 3.21 -13.73
O3A E4M R . -8.53 8.81 -13.38
C3J E4M R . -11.64 4.75 -12.43
O3J E4M R . -12.24 4.16 -11.30
C4A E4M R . -23.24 -4.33 -14.33
C4J E4M R . -11.74 6.26 -12.25
O4J E4M R . -12.69 6.73 -13.21
C5J E4M R . -10.47 7.08 -12.44
O5J E4M R . -9.61 6.51 -13.38
C7M E4M R . -20.28 -5.70 -17.09
C8A E4M R . -22.95 -5.66 -14.61
C9M E4M R . -20.71 -2.25 -17.87
NA2 E4M R . -25.60 -7.33 -12.88
OH4 E4M R . -24.60 -2.87 -13.16
CX1 E4M R . -19.71 3.97 -15.06
CX2 E4M R . -18.52 4.16 -14.19
OX2 E4M R . -18.91 3.94 -12.84
CX3 E4M R . -18.12 5.60 -14.37
OX3 E4M R . -17.79 5.81 -15.73
CX4 E4M R . -16.90 5.93 -13.54
OX4 E4M R . -16.85 7.33 -13.46
CX5 E4M R . -15.66 5.44 -14.23
OX5 E4M R . -14.60 5.50 -13.29
CA CA S . -26.46 5.32 -35.70
N1 E4M T . -8.02 -42.53 9.87
C2 E4M T . -9.01 -42.65 8.93
N3 E4M T . -8.75 -42.95 7.64
C4 E4M T . -7.48 -43.15 7.23
N5 E4M T . -5.11 -43.28 7.84
C6 E4M T . -4.21 -43.73 8.86
C7 E4M T . -4.33 -42.75 10.01
N8 E4M T . -5.73 -42.62 10.38
C9 E4M T . -2.84 -43.80 8.16
PA E4M T . 10.74 -38.32 1.72
C10 E4M T . -4.57 -43.69 6.58
N10 E4M T . -3.15 -43.96 6.74
C11 E4M T . -0.30 -43.98 3.61
C12 E4M T . 0.09 -43.77 4.95
C13 E4M T . -0.86 -43.76 5.96
C14 E4M T . -2.21 -43.96 5.68
C15 E4M T . -2.61 -44.18 4.35
C16 E4M T . -1.64 -44.17 3.31
O2A E4M T . 11.17 -39.51 2.58
C1J E4M T . 6.12 -40.03 2.00
O1A E4M T . 11.05 -36.95 2.31
C2J E4M T . 6.18 -39.02 3.12
O2J E4M T . 5.04 -39.10 3.94
O3A E4M T . 11.00 -38.42 0.20
C3J E4M T . 6.29 -37.66 2.43
O3J E4M T . 5.01 -37.05 2.16
C4A E4M T . -6.46 -43.07 8.17
C4J E4M T . 6.91 -38.00 1.09
O4J E4M T . 6.86 -39.41 0.95
C5J E4M T . 8.35 -37.57 0.96
O5J E4M T . 9.09 -38.39 1.82
C7M E4M T . -3.59 -43.20 11.24
C8A E4M T . -6.74 -42.74 9.49
C9M E4M T . -2.01 -44.91 8.76
NA2 E4M T . -10.28 -42.42 9.31
OH4 E4M T . -7.23 -43.37 6.03
CX1 E4M T . 0.75 -44.03 2.53
CX2 E4M T . 1.32 -42.69 2.13
OX2 E4M T . 0.30 -41.82 1.62
CX3 E4M T . 2.39 -42.96 1.08
OX3 E4M T . 3.33 -43.90 1.66
CX4 E4M T . 3.13 -41.69 0.72
OX4 E4M T . 3.90 -42.02 -0.42
CX5 E4M T . 4.10 -41.31 1.81
OX5 E4M T . 4.80 -40.15 1.44
NA NA U . -39.48 -43.78 12.15
N1 E4M V . 21.42 34.50 13.17
C2 E4M V . 20.95 33.27 13.41
N3 E4M V . 21.56 32.51 14.35
C4 E4M V . 22.62 32.97 15.02
N5 E4M V . 24.17 34.81 15.45
C6 E4M V . 24.19 36.28 15.58
C7 E4M V . 24.09 36.81 14.16
N8 E4M V . 22.92 36.24 13.55
C9 E4M V . 25.49 36.59 16.35
PA E4M V . 41.53 37.74 18.84
C10 E4M V . 24.67 34.43 16.75
N10 E4M V . 25.70 35.36 17.12
C11 E4M V . 29.12 34.59 19.39
C12 E4M V . 29.03 35.75 18.65
C13 E4M V . 27.91 35.99 17.89
C14 E4M V . 26.86 35.06 17.87
C15 E4M V . 26.93 33.90 18.65
C16 E4M V . 28.08 33.66 19.41
O2A E4M V . 40.85 38.65 19.87
C1J E4M V . 36.73 36.13 18.70
O1A E4M V . 42.20 38.42 17.66
C2J E4M V . 36.77 36.77 17.31
O2J E4M V . 35.52 36.76 16.68
O3A E4M V . 42.33 36.58 19.36
C3J E4M V . 37.80 35.95 16.57
O3J E4M V . 37.19 34.87 15.84
C4A E4M V . 23.09 34.22 14.78
C4J E4M V . 38.67 35.34 17.67
O4J E4M V . 38.03 35.59 18.91
C5J E4M V . 40.10 35.83 17.69
O5J E4M V . 40.15 37.13 18.18
C7M E4M V . 23.99 38.32 14.13
C8A E4M V . 22.48 34.99 13.81
C9M E4M V . 25.37 37.82 17.24
NA2 E4M V . 19.87 32.75 12.73
OH4 E4M V . 23.15 32.23 15.86
CX1 E4M V . 30.35 34.36 20.24
CX2 E4M V . 31.67 34.27 19.49
OX2 E4M V . 31.63 33.05 18.74
CX3 E4M V . 32.79 34.14 20.51
OX3 E4M V . 32.89 35.29 21.38
CX4 E4M V . 34.11 33.93 19.80
OX4 E4M V . 35.06 33.51 20.77
CX5 E4M V . 34.60 35.21 19.20
OX5 E4M V . 35.92 34.98 18.77
N1 E4M W . 20.46 32.64 -32.75
C2 E4M W . 19.36 32.93 -32.04
N3 E4M W . 19.03 34.18 -31.71
C4 E4M W . 19.82 35.20 -32.11
N5 E4M W . 21.82 35.92 -33.28
C6 E4M W . 22.54 35.67 -34.53
C7 E4M W . 23.32 34.39 -34.32
N8 E4M W . 22.39 33.36 -33.83
C9 E4M W . 23.35 36.95 -34.75
PA E4M W . 35.27 47.62 -32.28
C10 E4M W . 21.53 37.34 -33.32
N10 E4M W . 22.54 38.01 -34.13
C11 E4M W . 23.87 41.96 -33.66
C12 E4M W . 24.63 41.02 -34.33
C13 E4M W . 24.20 39.72 -34.47
C14 E4M W . 22.96 39.33 -33.95
C15 E4M W . 22.16 40.24 -33.28
C16 E4M W . 22.63 41.56 -33.12
O2A E4M W . 34.59 47.90 -33.66
C1J E4M W . 30.67 45.28 -32.23
O1A E4M W . 36.58 46.84 -32.34
C2J E4M W . 31.64 44.15 -32.01
O2J E4M W . 30.94 42.93 -32.00
O3A E4M W . 35.27 48.86 -31.37
C3J E4M W . 32.33 44.48 -30.68
O3J E4M W . 31.65 43.84 -29.59
C4A E4M W . 20.96 34.94 -32.82
C4J E4M W . 32.14 45.99 -30.56
O4J E4M W . 31.25 46.39 -31.63
C5J E4M W . 33.40 46.85 -30.60
O5J E4M W . 34.25 46.49 -31.66
C7M E4M W . 23.99 33.86 -35.56
C8A E4M W . 21.28 33.65 -33.15
C9M E4M W . 23.51 37.22 -36.24
NA2 E4M W . 18.54 31.93 -31.64
OH4 E4M W . 19.52 36.38 -31.79
CX1 E4M W . 24.40 43.38 -33.56
CX2 E4M W . 25.56 43.60 -32.60
OX2 E4M W . 25.20 43.35 -31.23
CX3 E4M W . 25.91 45.09 -32.62
OX3 E4M W . 26.19 45.49 -33.95
CX4 E4M W . 27.13 45.38 -31.75
OX4 E4M W . 27.36 46.74 -31.69
CX5 E4M W . 28.37 44.82 -32.37
OX5 E4M W . 29.45 45.09 -31.51
N1 E4M X . 36.91 -2.92 -8.80
C2 E4M X . 35.93 -3.04 -9.75
N3 E4M X . 36.24 -3.33 -11.03
C4 E4M X . 37.54 -3.46 -11.43
N5 E4M X . 39.91 -3.47 -10.72
C6 E4M X . 40.73 -4.04 -9.66
C7 E4M X . 40.55 -3.04 -8.50
N8 E4M X . 39.16 -2.89 -8.19
C9 E4M X . 42.14 -4.12 -10.27
PA E4M X . 55.79 1.91 -17.03
C10 E4M X . 40.52 -3.98 -11.93
N10 E4M X . 41.91 -4.15 -11.75
C11 E4M X . 44.72 -4.19 -14.90
C12 E4M X . 45.13 -3.95 -13.60
C13 E4M X . 44.21 -3.94 -12.55
C14 E4M X . 42.85 -4.15 -12.80
C15 E4M X . 42.44 -4.39 -14.12
C16 E4M X . 43.35 -4.37 -15.16
O2A E4M X . 55.69 0.95 -15.82
C1J E4M X . 50.98 0.01 -16.36
O1A E4M X . 56.34 3.27 -16.64
C2J E4M X . 50.96 0.96 -15.15
O2J E4M X . 49.85 0.84 -14.32
O3A E4M X . 56.29 1.32 -18.35
C3J E4M X . 51.08 2.33 -15.77
O3J E4M X . 49.81 2.88 -16.09
C4A E4M X . 38.55 -3.34 -10.47
C4J E4M X . 51.91 2.09 -17.00
O4J E4M X . 51.75 0.71 -17.34
C5J E4M X . 53.30 2.42 -16.53
O5J E4M X . 54.25 2.19 -17.53
C7M E4M X . 41.28 -3.52 -7.25
C8A E4M X . 38.21 -3.03 -9.14
C9M E4M X . 42.91 -5.30 -9.72
NA2 E4M X . 34.66 -2.89 -9.38
OH4 E4M X . 37.84 -3.66 -12.65
CX1 E4M X . 45.69 -4.24 -16.06
CX2 E4M X . 46.42 -2.94 -16.31
OX2 E4M X . 45.50 -1.95 -16.77
CX3 E4M X . 47.55 -3.18 -17.30
OX3 E4M X . 48.57 -4.01 -16.65
CX4 E4M X . 48.16 -1.82 -17.67
OX4 E4M X . 49.15 -2.03 -18.63
CX5 E4M X . 48.88 -1.20 -16.48
OX5 E4M X . 49.71 -0.16 -16.96
CA CA Y . 47.23 7.50 -9.24
N1 E4M Z . 8.66 39.85 2.15
C2 E4M Z . 9.40 40.34 1.15
N3 E4M Z . 8.82 41.03 0.10
C4 E4M Z . 7.47 41.20 0.10
N5 E4M Z . 5.30 40.85 1.23
C6 E4M Z . 4.72 40.91 2.57
C7 E4M Z . 5.14 39.61 3.25
N8 E4M Z . 6.61 39.48 3.19
C9 E4M Z . 3.19 41.05 2.30
PA E4M Z . -11.92 37.35 -3.11
C10 E4M Z . 4.50 41.85 0.54
N10 E4M Z . 3.13 41.78 1.02
C11 E4M Z . -0.32 42.73 -1.19
C12 E4M Z . -0.44 42.01 -0.01
C13 E4M Z . 0.70 41.67 0.71
C14 E4M Z . 1.97 42.09 0.29
C15 E4M Z . 2.07 42.81 -0.88
C16 E4M Z . 0.93 43.13 -1.61
O2A E4M Z . -11.61 37.43 -1.60
C1J E4M Z . -7.00 38.93 -2.59
O1A E4M Z . -12.65 36.11 -3.54
C2J E4M Z . -6.68 37.65 -1.81
O2J E4M Z . -5.35 37.53 -1.29
O3A E4M Z . -12.41 38.67 -3.71
C3J E4M Z . -7.05 36.56 -2.82
O3J E4M Z . -5.99 36.17 -3.69
C4A E4M Z . 6.70 40.70 1.13
C4J E4M Z . -8.13 37.17 -3.67
O4J E4M Z . -8.01 38.60 -3.55
C5J E4M Z . -9.44 36.61 -3.16
O5J E4M Z . -10.50 37.17 -3.87
C7M E4M Z . 4.65 39.52 4.70
C8A E4M Z . 7.32 40.01 2.17
C9M E4M Z . 2.48 41.80 3.43
NA2 E4M Z . 10.74 40.15 1.18
OH4 E4M Z . 6.93 41.81 -0.85
CX1 E4M Z . -1.53 43.14 -2.02
CX2 E4M Z . -2.31 41.93 -2.50
OX2 E4M Z . -1.55 41.32 -3.55
CX3 E4M Z . -3.69 42.40 -2.99
OX3 E4M Z . -4.46 42.93 -1.91
CX4 E4M Z . -4.43 41.25 -3.66
OX4 E4M Z . -5.50 41.74 -4.47
CX5 E4M Z . -4.98 40.25 -2.65
OX5 E4M Z . -5.88 39.40 -3.32
CA CA AA . 39.01 26.97 -9.80
N1 E4M BA . 27.07 -2.20 5.80
C2 E4M BA . 27.59 -1.07 6.36
N3 E4M BA . 27.24 -0.70 7.59
C4 E4M BA . 26.35 -1.41 8.34
N5 E4M BA . 24.89 -3.41 8.40
C6 E4M BA . 24.87 -4.83 8.02
C7 E4M BA . 24.66 -4.84 6.51
N8 E4M BA . 25.68 -4.02 5.90
C9 E4M BA . 23.77 -5.46 8.89
PA E4M BA . 8.65 -7.97 14.08
C10 E4M BA . 24.52 -3.39 9.79
N10 E4M BA . 23.74 -4.59 10.09
C11 E4M BA . 21.03 -4.74 13.25
C12 E4M BA . 20.93 -5.69 12.22
C13 E4M BA . 21.82 -5.64 11.15
C14 E4M BA . 22.83 -4.67 11.13
C15 E4M BA . 22.93 -3.75 12.19
C16 E4M BA . 22.05 -3.78 13.26
O2A E4M BA . 9.32 -8.82 15.15
C1J E4M BA . 13.40 -6.07 13.79
O1A E4M BA . 8.22 -8.75 12.84
C2J E4M BA . 13.09 -6.28 12.31
O2J E4M BA . 14.19 -5.89 11.45
O3A E4M BA . 7.65 -6.96 14.66
C3J E4M BA . 11.88 -5.39 12.09
O3J E4M BA . 12.34 -4.15 11.60
C4A E4M BA . 25.80 -2.56 7.77
C4J E4M BA . 11.29 -5.11 13.47
O4J E4M BA . 12.17 -5.71 14.39
C5J E4M BA . 9.88 -5.64 13.70
O5J E4M BA . 9.89 -7.04 13.50
C7M E4M BA . 24.83 -6.21 5.88
C8A E4M BA . 26.16 -2.92 6.49
C9M E4M BA . 24.05 -6.94 9.19
NA2 E4M BA . 28.49 -0.29 5.70
OH4 E4M BA . 26.04 -0.94 9.47
CX1 E4M BA . 20.10 -4.76 14.43
CX2 E4M BA . 18.64 -4.50 14.14
OX2 E4M BA . 18.45 -3.12 13.91
CX3 E4M BA . 17.80 -4.86 15.37
OX3 E4M BA . 17.86 -6.27 15.65
CX4 E4M BA . 16.35 -4.46 15.15
OX4 E4M BA . 15.75 -4.50 16.42
CX5 E4M BA . 15.63 -5.43 14.21
OX5 E4M BA . 14.31 -4.97 13.94
CA CA CA . 43.09 -14.39 26.79
CA CA DA . 44.49 16.85 -10.61
N1 E4M EA . 17.86 15.47 -35.53
C2 E4M EA . 19.09 14.99 -35.25
N3 E4M EA . 19.41 13.70 -35.52
C4 E4M EA . 18.50 12.86 -36.06
N5 E4M EA . 16.26 12.56 -36.97
C6 E4M EA . 15.36 13.22 -37.92
C7 E4M EA . 14.68 14.32 -37.09
N8 E4M EA . 15.68 15.14 -36.43
C9 E4M EA . 14.46 12.09 -38.44
PA E4M EA . 3.05 0.77 -37.20
C10 E4M EA . 16.46 11.25 -37.59
N10 E4M EA . 15.25 10.88 -38.29
C11 E4M EA . 14.02 6.92 -38.98
C12 E4M EA . 13.10 7.97 -39.09
C13 E4M EA . 13.48 9.28 -38.87
C14 E4M EA . 14.82 9.57 -38.52
C15 E4M EA . 15.73 8.51 -38.41
C16 E4M EA . 15.33 7.19 -38.63
O2A E4M EA . 3.00 1.51 -38.56
C1J E4M EA . 7.62 3.01 -37.38
O1A E4M EA . 1.86 1.06 -36.28
C2J E4M EA . 6.81 4.02 -36.54
O2J E4M EA . 7.56 5.22 -36.27
O3A E4M EA . 3.59 -0.67 -37.19
C3J E4M EA . 6.43 3.23 -35.30
O3J E4M EA . 7.36 3.48 -34.27
C4A E4M EA . 17.25 13.33 -36.38
C4J E4M EA . 6.55 1.76 -35.76
O4J E4M EA . 7.03 1.75 -37.12
C5J E4M EA . 5.25 0.97 -35.74
O5J E4M EA . 4.26 1.65 -36.49
C7M E4M EA . 13.79 15.22 -37.90
C8A E4M EA . 16.93 14.67 -36.12
C9M E4M EA . 14.12 12.28 -39.91
NA2 E4M EA . 20.04 15.81 -34.69
OH4 E4M EA . 18.81 11.67 -36.24
CX1 E4M EA . 13.63 5.48 -39.27
CX2 E4M EA . 12.60 4.91 -38.30
OX2 E4M EA . 13.17 4.73 -37.01
CX3 E4M EA . 12.10 3.54 -38.84
OX3 E4M EA . 11.37 3.71 -40.05
CX4 E4M EA . 11.18 2.91 -37.82
OX4 E4M EA . 10.77 1.66 -38.32
CX5 E4M EA . 9.91 3.70 -37.63
OX5 E4M EA . 8.98 2.88 -36.96
CA CA FA . 37.08 32.82 -19.57
#